data_1NQ4
#
_entry.id   1NQ4
#
_entity_poly.entity_id   1
_entity_poly.type   'polypeptide(L)'
_entity_poly.pdbx_seq_one_letter_code
;MTLLTLSDLLTLLRECAGEEESIDLGGDVEDVAFDALGYDSLALLNTVGRIERDYGVQLGDDAVEKATTPRALIEMTNAS
LTGASPSAGGAARDK
;
_entity_poly.pdbx_strand_id   A
#
# COMPACT_ATOMS: atom_id res chain seq x y z
N MET A 1 -10.61 -3.94 9.33
CA MET A 1 -10.68 -2.52 8.88
C MET A 1 -11.05 -2.46 7.40
N THR A 2 -11.08 -1.25 6.86
CA THR A 2 -11.42 -1.07 5.46
C THR A 2 -10.22 -1.41 4.57
N LEU A 3 -10.50 -2.03 3.43
CA LEU A 3 -9.44 -2.41 2.49
C LEU A 3 -8.67 -1.18 2.03
N LEU A 4 -7.91 -1.32 0.94
CA LEU A 4 -7.13 -0.20 0.43
C LEU A 4 -7.37 -0.01 -1.07
N THR A 5 -6.94 1.14 -1.58
CA THR A 5 -7.10 1.45 -2.99
C THR A 5 -5.85 2.10 -3.56
N LEU A 6 -5.81 2.23 -4.89
CA LEU A 6 -4.68 2.85 -5.55
C LEU A 6 -4.52 4.30 -5.12
N SER A 7 -5.66 5.00 -5.04
CA SER A 7 -5.66 6.40 -4.64
C SER A 7 -5.07 6.55 -3.24
N ASP A 8 -5.23 5.53 -2.41
CA ASP A 8 -4.72 5.57 -1.06
C ASP A 8 -3.21 5.48 -1.05
N LEU A 9 -2.69 4.34 -1.50
CA LEU A 9 -1.24 4.11 -1.54
C LEU A 9 -0.51 5.23 -2.27
N LEU A 10 -1.18 5.83 -3.25
CA LEU A 10 -0.58 6.90 -4.03
C LEU A 10 -0.39 8.16 -3.18
N THR A 11 -1.48 8.61 -2.56
CA THR A 11 -1.44 9.80 -1.72
C THR A 11 -0.41 9.65 -0.61
N LEU A 12 -0.53 8.57 0.17
CA LEU A 12 0.41 8.34 1.27
C LEU A 12 1.84 8.35 0.74
N LEU A 13 2.01 7.86 -0.49
CA LEU A 13 3.33 7.87 -1.11
C LEU A 13 3.67 9.30 -1.48
N ARG A 14 2.65 10.01 -1.97
CA ARG A 14 2.81 11.40 -2.35
C ARG A 14 3.22 12.24 -1.13
N GLU A 15 2.54 11.99 -0.01
CA GLU A 15 2.83 12.72 1.23
C GLU A 15 4.26 12.46 1.65
N CYS A 16 4.66 11.20 1.51
CA CYS A 16 6.02 10.78 1.87
C CYS A 16 7.05 11.55 1.04
N ALA A 17 6.94 11.42 -0.27
CA ALA A 17 7.86 12.10 -1.18
C ALA A 17 7.77 13.62 -0.99
N GLY A 18 6.55 14.10 -0.75
CA GLY A 18 6.35 15.54 -0.55
C GLY A 18 5.86 16.20 -1.84
N GLU A 19 5.15 15.43 -2.66
CA GLU A 19 4.63 15.96 -3.91
C GLU A 19 3.37 16.78 -3.67
N GLU A 20 2.78 17.28 -4.75
CA GLU A 20 1.56 18.08 -4.64
C GLU A 20 0.43 17.43 -5.42
N GLU A 21 0.41 16.10 -5.40
CA GLU A 21 -0.62 15.35 -6.11
C GLU A 21 -0.41 13.85 -5.90
N SER A 22 -1.40 13.20 -5.27
CA SER A 22 -1.35 11.76 -4.99
C SER A 22 -0.81 10.98 -6.19
N ILE A 23 -1.23 11.39 -7.38
CA ILE A 23 -0.80 10.73 -8.60
C ILE A 23 -0.16 11.75 -9.54
N ASP A 24 1.08 12.10 -9.22
CA ASP A 24 1.81 13.07 -10.03
C ASP A 24 2.31 12.42 -11.31
N LEU A 25 2.63 11.13 -11.23
CA LEU A 25 3.12 10.39 -12.39
C LEU A 25 2.13 10.48 -13.55
N GLY A 26 0.85 10.60 -13.22
CA GLY A 26 -0.18 10.69 -14.25
C GLY A 26 -1.29 9.68 -13.99
N GLY A 27 -0.93 8.40 -13.94
CA GLY A 27 -1.90 7.36 -13.70
C GLY A 27 -1.37 6.00 -14.16
N ASP A 28 -0.53 6.02 -15.18
CA ASP A 28 0.04 4.80 -15.73
C ASP A 28 1.26 4.35 -14.90
N VAL A 29 1.02 4.12 -13.61
CA VAL A 29 2.09 3.69 -12.72
C VAL A 29 1.56 2.71 -11.68
N GLU A 30 0.52 1.98 -12.05
CA GLU A 30 -0.08 1.00 -11.14
C GLU A 30 0.64 -0.34 -11.26
N ASP A 31 1.24 -0.59 -12.43
CA ASP A 31 1.95 -1.84 -12.66
C ASP A 31 3.42 -1.55 -13.03
N VAL A 32 3.92 -0.42 -12.54
CA VAL A 32 5.31 -0.03 -12.79
C VAL A 32 6.08 -0.09 -11.48
N ALA A 33 7.27 -0.72 -11.52
CA ALA A 33 8.09 -0.86 -10.31
C ALA A 33 8.35 0.50 -9.67
N PHE A 34 8.49 0.49 -8.34
CA PHE A 34 8.74 1.71 -7.58
C PHE A 34 9.97 2.45 -8.12
N ASP A 35 11.00 1.68 -8.47
CA ASP A 35 12.22 2.26 -9.00
C ASP A 35 12.01 2.76 -10.43
N ALA A 36 11.00 2.20 -11.10
CA ALA A 36 10.71 2.58 -12.48
C ALA A 36 9.96 3.90 -12.54
N LEU A 37 9.26 4.25 -11.47
CA LEU A 37 8.49 5.50 -11.46
C LEU A 37 9.29 6.62 -10.80
N GLY A 38 10.20 6.26 -9.89
CA GLY A 38 11.01 7.28 -9.22
C GLY A 38 11.19 7.01 -7.74
N TYR A 39 10.49 5.99 -7.20
CA TYR A 39 10.62 5.69 -5.78
C TYR A 39 11.86 4.84 -5.52
N ASP A 40 12.47 5.05 -4.36
CA ASP A 40 13.68 4.30 -4.01
C ASP A 40 13.33 3.14 -3.09
N SER A 41 13.03 3.48 -1.84
CA SER A 41 12.67 2.47 -0.84
C SER A 41 12.46 3.14 0.50
N LEU A 42 13.34 4.10 0.79
CA LEU A 42 13.26 4.85 2.05
C LEU A 42 11.88 5.48 2.21
N ALA A 43 11.37 6.07 1.14
CA ALA A 43 10.06 6.69 1.17
C ALA A 43 8.99 5.63 1.32
N LEU A 44 9.17 4.52 0.61
CA LEU A 44 8.22 3.42 0.67
C LEU A 44 8.20 2.84 2.07
N LEU A 45 9.38 2.72 2.65
CA LEU A 45 9.52 2.20 4.02
C LEU A 45 8.65 3.02 4.98
N ASN A 46 8.68 4.33 4.81
CA ASN A 46 7.89 5.22 5.64
C ASN A 46 6.40 5.04 5.34
N THR A 47 6.06 5.08 4.05
CA THR A 47 4.65 4.93 3.65
C THR A 47 4.09 3.60 4.14
N VAL A 48 4.83 2.53 3.90
CA VAL A 48 4.39 1.20 4.32
C VAL A 48 4.19 1.16 5.84
N GLY A 49 5.00 1.92 6.55
CA GLY A 49 4.89 1.98 8.01
C GLY A 49 3.55 2.57 8.43
N ARG A 50 3.16 3.65 7.77
CA ARG A 50 1.90 4.31 8.08
C ARG A 50 0.72 3.40 7.74
N ILE A 51 0.86 2.63 6.67
CA ILE A 51 -0.20 1.72 6.24
C ILE A 51 -0.37 0.59 7.25
N GLU A 52 0.75 -0.04 7.62
CA GLU A 52 0.69 -1.15 8.57
C GLU A 52 0.11 -0.69 9.91
N ARG A 53 0.25 0.61 10.20
CA ARG A 53 -0.27 1.13 11.46
C ARG A 53 -1.67 1.69 11.29
N ASP A 54 -1.89 2.35 10.15
CA ASP A 54 -3.20 2.93 9.86
C ASP A 54 -4.21 1.85 9.50
N TYR A 55 -3.76 0.87 8.74
CA TYR A 55 -4.63 -0.23 8.33
C TYR A 55 -4.51 -1.41 9.29
N GLY A 56 -3.37 -1.52 9.95
CA GLY A 56 -3.15 -2.62 10.90
C GLY A 56 -2.94 -3.94 10.17
N VAL A 57 -2.24 -3.87 9.05
CA VAL A 57 -1.97 -5.07 8.25
C VAL A 57 -0.71 -5.77 8.76
N GLN A 58 -0.63 -7.08 8.53
CA GLN A 58 0.54 -7.84 8.98
C GLN A 58 0.50 -9.28 8.46
N LEU A 59 0.42 -9.43 7.14
CA LEU A 59 0.38 -10.75 6.54
C LEU A 59 1.80 -11.34 6.48
N GLY A 60 2.76 -10.48 6.17
CA GLY A 60 4.15 -10.91 6.06
C GLY A 60 5.08 -9.70 5.97
N ASP A 61 6.07 -9.67 6.86
CA ASP A 61 7.04 -8.57 6.87
C ASP A 61 7.77 -8.46 5.52
N ASP A 62 7.89 -9.59 4.84
CA ASP A 62 8.57 -9.59 3.55
C ASP A 62 7.68 -9.08 2.42
N ALA A 63 6.43 -8.71 2.76
CA ALA A 63 5.51 -8.18 1.75
C ALA A 63 6.12 -6.94 1.10
N VAL A 64 6.88 -6.20 1.89
CA VAL A 64 7.53 -4.99 1.39
C VAL A 64 8.63 -5.36 0.39
N GLU A 65 9.20 -6.54 0.56
CA GLU A 65 10.27 -7.00 -0.33
C GLU A 65 9.71 -7.28 -1.72
N LYS A 66 8.77 -8.23 -1.79
CA LYS A 66 8.16 -8.59 -3.06
C LYS A 66 7.42 -7.39 -3.66
N ALA A 67 6.91 -6.52 -2.79
CA ALA A 67 6.18 -5.34 -3.24
C ALA A 67 7.06 -4.47 -4.13
N THR A 68 6.88 -4.61 -5.45
CA THR A 68 7.64 -3.83 -6.41
C THR A 68 6.75 -2.76 -7.04
N THR A 69 5.46 -3.07 -7.15
CA THR A 69 4.49 -2.14 -7.71
C THR A 69 3.50 -1.71 -6.63
N PRO A 70 2.64 -0.72 -6.90
CA PRO A 70 1.66 -0.28 -5.89
C PRO A 70 0.59 -1.34 -5.69
N ARG A 71 0.20 -1.99 -6.79
CA ARG A 71 -0.79 -3.06 -6.72
C ARG A 71 -0.33 -4.16 -5.76
N ALA A 72 0.98 -4.26 -5.55
CA ALA A 72 1.54 -5.26 -4.66
C ALA A 72 1.19 -4.92 -3.21
N LEU A 73 1.62 -3.73 -2.79
CA LEU A 73 1.36 -3.25 -1.44
C LEU A 73 -0.14 -3.24 -1.16
N ILE A 74 -0.89 -2.68 -2.10
CA ILE A 74 -2.35 -2.61 -1.96
C ILE A 74 -2.93 -4.02 -1.87
N GLU A 75 -2.37 -4.92 -2.67
CA GLU A 75 -2.83 -6.30 -2.68
C GLU A 75 -2.58 -6.95 -1.31
N MET A 76 -1.38 -6.73 -0.80
CA MET A 76 -1.01 -7.28 0.50
C MET A 76 -1.93 -6.73 1.58
N THR A 77 -2.28 -5.46 1.44
CA THR A 77 -3.15 -4.80 2.41
C THR A 77 -4.59 -5.32 2.24
N ASN A 78 -5.11 -5.23 1.02
CA ASN A 78 -6.47 -5.69 0.74
C ASN A 78 -6.64 -7.15 1.13
N ALA A 79 -5.56 -7.91 0.95
CA ALA A 79 -5.58 -9.32 1.29
C ALA A 79 -5.65 -9.51 2.80
N SER A 80 -5.02 -8.57 3.51
CA SER A 80 -5.00 -8.62 4.95
C SER A 80 -6.38 -8.24 5.51
N LEU A 81 -6.95 -7.17 4.95
CA LEU A 81 -8.26 -6.72 5.40
C LEU A 81 -9.33 -7.77 5.08
N THR A 82 -9.32 -8.26 3.84
CA THR A 82 -10.29 -9.27 3.44
C THR A 82 -10.08 -10.56 4.22
N GLY A 83 -8.82 -10.83 4.56
CA GLY A 83 -8.49 -12.04 5.30
C GLY A 83 -9.19 -12.05 6.66
N ALA A 84 -9.42 -10.86 7.20
CA ALA A 84 -10.09 -10.73 8.50
C ALA A 84 -9.25 -11.40 9.59
N SER A 85 -7.97 -11.01 9.66
CA SER A 85 -7.06 -11.58 10.66
C SER A 85 -6.91 -13.09 10.45
N PRO A 86 -5.79 -13.67 10.91
CA PRO A 86 -5.55 -15.12 10.76
C PRO A 86 -6.23 -15.94 11.85
N SER A 87 -5.86 -17.21 11.94
CA SER A 87 -6.44 -18.10 12.94
C SER A 87 -5.63 -19.38 13.05
N ALA A 88 -4.31 -19.25 12.85
CA ALA A 88 -3.41 -20.39 12.93
C ALA A 88 -3.73 -21.42 11.83
N GLY A 89 -4.76 -22.22 12.07
CA GLY A 89 -5.16 -23.23 11.08
C GLY A 89 -6.27 -24.11 11.64
N GLY A 90 -6.47 -25.26 11.00
CA GLY A 90 -7.51 -26.19 11.43
C GLY A 90 -7.54 -27.43 10.53
N ALA A 91 -6.53 -28.28 10.69
CA ALA A 91 -6.44 -29.49 9.89
C ALA A 91 -7.62 -30.41 10.18
N ALA A 92 -7.74 -31.48 9.41
CA ALA A 92 -8.83 -32.44 9.59
C ALA A 92 -8.28 -33.81 9.94
N ARG A 93 -8.17 -34.07 11.24
CA ARG A 93 -7.66 -35.36 11.71
C ARG A 93 -8.23 -35.69 13.09
N ASP A 94 -9.46 -35.24 13.33
CA ASP A 94 -10.11 -35.49 14.60
C ASP A 94 -11.58 -35.86 14.35
N LYS A 95 -12.43 -35.67 15.35
CA LYS A 95 -13.84 -35.99 15.21
C LYS A 95 -14.71 -34.88 15.80
N MET A 1 -14.11 -3.65 9.01
CA MET A 1 -12.74 -3.59 8.41
C MET A 1 -12.85 -3.15 6.95
N THR A 2 -11.88 -2.34 6.51
CA THR A 2 -11.88 -1.84 5.14
C THR A 2 -10.62 -2.32 4.42
N LEU A 3 -10.65 -2.25 3.09
CA LEU A 3 -9.52 -2.68 2.28
C LEU A 3 -8.69 -1.47 1.84
N LEU A 4 -7.83 -1.64 0.84
CA LEU A 4 -6.99 -0.54 0.37
C LEU A 4 -7.22 -0.27 -1.10
N THR A 5 -6.66 0.83 -1.59
CA THR A 5 -6.82 1.20 -3.00
C THR A 5 -5.58 1.90 -3.51
N LEU A 6 -5.61 2.24 -4.80
CA LEU A 6 -4.49 2.94 -5.43
C LEU A 6 -4.30 4.30 -4.78
N SER A 7 -5.42 5.00 -4.62
CA SER A 7 -5.42 6.33 -4.01
C SER A 7 -4.76 6.31 -2.65
N ASP A 8 -5.14 5.33 -1.86
CA ASP A 8 -4.61 5.16 -0.51
C ASP A 8 -3.09 5.09 -0.53
N LEU A 9 -2.56 4.17 -1.32
CA LEU A 9 -1.12 4.00 -1.41
C LEU A 9 -0.47 5.19 -2.12
N LEU A 10 -1.16 5.71 -3.13
CA LEU A 10 -0.64 6.83 -3.90
C LEU A 10 -0.52 8.10 -3.04
N THR A 11 -1.61 8.45 -2.36
CA THR A 11 -1.62 9.65 -1.52
C THR A 11 -0.53 9.57 -0.44
N LEU A 12 -0.48 8.43 0.25
CA LEU A 12 0.52 8.23 1.29
C LEU A 12 1.92 8.33 0.71
N LEU A 13 2.12 7.60 -0.39
CA LEU A 13 3.41 7.62 -1.07
C LEU A 13 3.71 9.06 -1.52
N ARG A 14 2.66 9.74 -1.96
CA ARG A 14 2.81 11.12 -2.39
C ARG A 14 3.17 11.98 -1.18
N GLU A 15 2.52 11.69 -0.05
CA GLU A 15 2.79 12.43 1.18
C GLU A 15 4.25 12.23 1.59
N CYS A 16 4.70 10.98 1.55
CA CYS A 16 6.08 10.65 1.91
C CYS A 16 7.06 11.40 1.02
N ALA A 17 6.77 11.38 -0.29
CA ALA A 17 7.62 12.06 -1.26
C ALA A 17 7.81 13.53 -0.90
N GLY A 18 6.83 14.09 -0.19
CA GLY A 18 6.90 15.49 0.22
C GLY A 18 5.97 16.37 -0.61
N GLU A 19 4.92 15.76 -1.16
CA GLU A 19 3.96 16.50 -1.96
C GLU A 19 2.59 16.53 -1.30
N GLU A 20 1.86 17.62 -1.48
CA GLU A 20 0.54 17.77 -0.89
C GLU A 20 -0.53 17.44 -1.93
N GLU A 21 -0.54 16.18 -2.37
CA GLU A 21 -1.52 15.74 -3.35
C GLU A 21 -1.64 14.21 -3.31
N SER A 22 -2.29 13.65 -4.33
CA SER A 22 -2.47 12.21 -4.40
C SER A 22 -1.58 11.61 -5.48
N ILE A 23 -1.94 11.85 -6.73
CA ILE A 23 -1.16 11.34 -7.86
C ILE A 23 -0.70 12.51 -8.73
N ASP A 24 0.31 13.21 -8.25
CA ASP A 24 0.86 14.36 -8.96
C ASP A 24 1.49 13.93 -10.29
N LEU A 25 1.91 12.66 -10.37
CA LEU A 25 2.54 12.15 -11.58
C LEU A 25 1.63 12.35 -12.80
N GLY A 26 0.32 12.16 -12.57
CA GLY A 26 -0.66 12.33 -13.65
C GLY A 26 -0.31 11.48 -14.87
N GLY A 27 -0.09 10.19 -14.64
CA GLY A 27 0.25 9.29 -15.73
C GLY A 27 -0.35 7.91 -15.50
N ASP A 28 0.51 6.92 -15.27
CA ASP A 28 0.06 5.55 -15.03
C ASP A 28 1.25 4.64 -14.75
N VAL A 29 1.46 4.35 -13.47
CA VAL A 29 2.56 3.48 -13.07
C VAL A 29 2.11 2.52 -11.98
N GLU A 30 0.85 2.11 -12.05
CA GLU A 30 0.30 1.20 -11.06
C GLU A 30 0.96 -0.17 -11.16
N ASP A 31 1.37 -0.54 -12.37
CA ASP A 31 2.02 -1.82 -12.61
C ASP A 31 3.47 -1.62 -13.04
N VAL A 32 4.06 -0.51 -12.57
CA VAL A 32 5.44 -0.22 -12.88
C VAL A 32 6.26 -0.24 -11.59
N ALA A 33 7.48 -0.78 -11.67
CA ALA A 33 8.34 -0.88 -10.49
C ALA A 33 8.51 0.49 -9.83
N PHE A 34 8.65 0.47 -8.50
CA PHE A 34 8.82 1.72 -7.74
C PHE A 34 9.97 2.55 -8.31
N ASP A 35 11.11 1.90 -8.50
CA ASP A 35 12.28 2.58 -9.04
C ASP A 35 12.06 3.00 -10.50
N ALA A 36 11.06 2.40 -11.15
CA ALA A 36 10.77 2.72 -12.53
C ALA A 36 9.89 3.97 -12.66
N LEU A 37 9.14 4.28 -11.61
CA LEU A 37 8.27 5.45 -11.64
C LEU A 37 8.91 6.63 -10.91
N GLY A 38 9.76 6.32 -9.93
CA GLY A 38 10.42 7.38 -9.17
C GLY A 38 10.60 7.02 -7.69
N TYR A 39 9.90 5.97 -7.24
CA TYR A 39 10.01 5.55 -5.85
C TYR A 39 11.27 4.71 -5.65
N ASP A 40 12.02 5.01 -4.60
CA ASP A 40 13.26 4.27 -4.33
C ASP A 40 12.97 3.08 -3.42
N SER A 41 12.70 3.38 -2.16
CA SER A 41 12.41 2.35 -1.17
C SER A 41 12.27 3.01 0.19
N LEU A 42 13.15 3.97 0.47
CA LEU A 42 13.13 4.68 1.74
C LEU A 42 11.76 5.31 1.97
N ALA A 43 11.23 5.95 0.93
CA ALA A 43 9.93 6.58 1.03
C ALA A 43 8.87 5.51 1.19
N LEU A 44 9.04 4.41 0.46
CA LEU A 44 8.09 3.31 0.53
C LEU A 44 8.08 2.72 1.94
N LEU A 45 9.29 2.51 2.47
CA LEU A 45 9.45 1.96 3.82
C LEU A 45 8.61 2.77 4.82
N ASN A 46 8.63 4.08 4.67
CA ASN A 46 7.87 4.95 5.56
C ASN A 46 6.38 4.83 5.28
N THR A 47 6.00 4.97 4.00
CA THR A 47 4.59 4.88 3.62
C THR A 47 3.98 3.55 4.08
N VAL A 48 4.72 2.47 3.90
CA VAL A 48 4.25 1.15 4.30
C VAL A 48 4.01 1.11 5.80
N GLY A 49 4.93 1.72 6.56
CA GLY A 49 4.80 1.76 8.01
C GLY A 49 3.54 2.51 8.40
N ARG A 50 3.21 3.53 7.61
CA ARG A 50 2.02 4.33 7.87
C ARG A 50 0.75 3.50 7.65
N ILE A 51 0.81 2.63 6.65
CA ILE A 51 -0.35 1.78 6.35
C ILE A 51 -0.55 0.76 7.46
N GLU A 52 0.50 0.00 7.75
CA GLU A 52 0.42 -1.01 8.81
C GLU A 52 0.04 -0.37 10.15
N ARG A 53 0.27 0.94 10.27
CA ARG A 53 -0.06 1.63 11.52
C ARG A 53 -1.45 2.25 11.45
N ASP A 54 -1.72 2.92 10.33
CA ASP A 54 -3.02 3.56 10.14
C ASP A 54 -4.12 2.53 9.91
N TYR A 55 -3.77 1.48 9.18
CA TYR A 55 -4.73 0.41 8.90
C TYR A 55 -4.64 -0.67 9.98
N GLY A 56 -3.46 -0.79 10.58
CA GLY A 56 -3.26 -1.80 11.63
C GLY A 56 -3.33 -3.20 11.05
N VAL A 57 -2.76 -3.37 9.87
CA VAL A 57 -2.78 -4.68 9.22
C VAL A 57 -1.45 -4.99 8.54
N GLN A 58 -1.13 -6.29 8.53
CA GLN A 58 0.11 -6.76 7.92
C GLN A 58 0.24 -8.27 8.09
N LEU A 59 -0.07 -9.01 7.04
CA LEU A 59 0.00 -10.48 7.12
C LEU A 59 1.28 -11.03 6.47
N GLY A 60 2.15 -10.13 6.01
CA GLY A 60 3.39 -10.57 5.38
C GLY A 60 4.50 -9.54 5.56
N ASP A 61 5.45 -9.86 6.43
CA ASP A 61 6.57 -8.95 6.69
C ASP A 61 7.38 -8.74 5.41
N ASP A 62 7.52 -9.82 4.65
CA ASP A 62 8.25 -9.76 3.39
C ASP A 62 7.40 -9.14 2.27
N ALA A 63 6.15 -8.80 2.59
CA ALA A 63 5.25 -8.18 1.60
C ALA A 63 5.90 -6.92 1.03
N VAL A 64 6.67 -6.24 1.88
CA VAL A 64 7.35 -5.03 1.46
C VAL A 64 8.49 -5.36 0.50
N GLU A 65 9.03 -6.57 0.62
CA GLU A 65 10.12 -7.01 -0.25
C GLU A 65 9.61 -7.28 -1.66
N LYS A 66 8.71 -8.25 -1.78
CA LYS A 66 8.15 -8.62 -3.07
C LYS A 66 7.45 -7.43 -3.72
N ALA A 67 6.94 -6.52 -2.88
CA ALA A 67 6.25 -5.33 -3.38
C ALA A 67 7.18 -4.51 -4.27
N THR A 68 7.07 -4.72 -5.58
CA THR A 68 7.87 -3.97 -6.54
C THR A 68 7.03 -2.85 -7.17
N THR A 69 5.72 -3.08 -7.22
CA THR A 69 4.78 -2.11 -7.77
C THR A 69 3.89 -1.60 -6.64
N PRO A 70 3.17 -0.48 -6.84
CA PRO A 70 2.28 0.04 -5.79
C PRO A 70 1.08 -0.86 -5.61
N ARG A 71 0.66 -1.47 -6.72
CA ARG A 71 -0.46 -2.40 -6.69
C ARG A 71 -0.09 -3.63 -5.86
N ALA A 72 1.22 -3.93 -5.78
CA ALA A 72 1.68 -5.08 -5.01
C ALA A 72 1.34 -4.87 -3.54
N LEU A 73 1.74 -3.71 -3.02
CA LEU A 73 1.47 -3.37 -1.63
C LEU A 73 -0.03 -3.41 -1.36
N ILE A 74 -0.79 -2.82 -2.28
CA ILE A 74 -2.26 -2.80 -2.15
C ILE A 74 -2.78 -4.24 -2.08
N GLU A 75 -2.17 -5.11 -2.88
CA GLU A 75 -2.60 -6.51 -2.90
C GLU A 75 -2.29 -7.18 -1.57
N MET A 76 -1.05 -7.06 -1.14
CA MET A 76 -0.62 -7.64 0.13
C MET A 76 -1.41 -7.02 1.28
N THR A 77 -1.64 -5.71 1.17
CA THR A 77 -2.40 -5.00 2.18
C THR A 77 -3.85 -5.47 2.16
N ASN A 78 -4.46 -5.42 0.98
CA ASN A 78 -5.86 -5.86 0.82
C ASN A 78 -6.01 -7.27 1.36
N ALA A 79 -4.97 -8.07 1.17
CA ALA A 79 -4.96 -9.44 1.65
C ALA A 79 -5.03 -9.44 3.17
N SER A 80 -4.39 -8.43 3.76
CA SER A 80 -4.38 -8.29 5.21
C SER A 80 -5.73 -7.77 5.68
N LEU A 81 -6.22 -6.75 4.98
CA LEU A 81 -7.52 -6.16 5.32
C LEU A 81 -8.63 -7.19 5.16
N THR A 82 -8.66 -7.83 3.99
CA THR A 82 -9.69 -8.84 3.73
C THR A 82 -9.55 -10.01 4.70
N GLY A 83 -8.32 -10.30 5.10
CA GLY A 83 -8.06 -11.40 6.02
C GLY A 83 -7.89 -10.89 7.45
N ALA A 84 -8.56 -9.78 7.75
CA ALA A 84 -8.48 -9.20 9.09
C ALA A 84 -9.16 -10.10 10.11
N SER A 85 -10.20 -10.80 9.66
CA SER A 85 -10.93 -11.70 10.53
C SER A 85 -10.70 -13.16 10.12
N PRO A 86 -9.71 -13.85 10.74
CA PRO A 86 -9.42 -15.25 10.39
C PRO A 86 -10.38 -16.23 11.08
N SER A 87 -10.95 -17.13 10.28
CA SER A 87 -11.88 -18.12 10.81
C SER A 87 -13.10 -17.43 11.44
N ALA A 88 -14.03 -17.03 10.58
CA ALA A 88 -15.24 -16.35 11.04
C ALA A 88 -16.33 -17.38 11.38
N GLY A 89 -17.52 -16.87 11.69
CA GLY A 89 -18.64 -17.74 12.02
C GLY A 89 -19.92 -17.28 11.32
N GLY A 90 -20.18 -17.85 10.15
CA GLY A 90 -21.36 -17.50 9.39
C GLY A 90 -21.38 -18.23 8.05
N ALA A 91 -22.20 -19.28 7.97
CA ALA A 91 -22.31 -20.05 6.74
C ALA A 91 -23.48 -19.56 5.89
N ALA A 92 -23.16 -19.13 4.68
CA ALA A 92 -24.19 -18.63 3.77
C ALA A 92 -23.76 -18.81 2.32
N ARG A 93 -22.52 -18.39 2.04
CA ARG A 93 -21.96 -18.50 0.69
C ARG A 93 -22.65 -17.52 -0.25
N ASP A 94 -23.94 -17.78 -0.52
CA ASP A 94 -24.73 -16.91 -1.41
C ASP A 94 -24.25 -17.06 -2.85
N LYS A 95 -23.03 -16.60 -3.12
CA LYS A 95 -22.48 -16.69 -4.47
C LYS A 95 -20.95 -16.54 -4.42
N MET A 1 -8.83 0.36 9.03
CA MET A 1 -10.08 1.01 8.52
C MET A 1 -10.27 0.65 7.05
N THR A 2 -11.37 -0.06 6.78
CA THR A 2 -11.72 -0.51 5.41
C THR A 2 -10.51 -1.07 4.67
N LEU A 3 -10.68 -1.34 3.38
CA LEU A 3 -9.60 -1.87 2.56
C LEU A 3 -8.74 -0.73 2.02
N LEU A 4 -7.93 -1.02 1.00
CA LEU A 4 -7.05 0.01 0.45
C LEU A 4 -7.23 0.15 -1.07
N THR A 5 -6.61 1.18 -1.63
CA THR A 5 -6.70 1.42 -3.07
C THR A 5 -5.44 2.11 -3.59
N LEU A 6 -5.42 2.32 -4.90
CA LEU A 6 -4.27 2.97 -5.53
C LEU A 6 -4.19 4.44 -5.10
N SER A 7 -5.35 5.08 -5.01
CA SER A 7 -5.41 6.48 -4.60
C SER A 7 -4.85 6.64 -3.20
N ASP A 8 -5.05 5.62 -2.37
CA ASP A 8 -4.58 5.64 -1.00
C ASP A 8 -3.06 5.59 -0.95
N LEU A 9 -2.49 4.49 -1.44
CA LEU A 9 -1.04 4.32 -1.44
C LEU A 9 -0.34 5.50 -2.11
N LEU A 10 -0.99 6.07 -3.11
CA LEU A 10 -0.43 7.19 -3.84
C LEU A 10 -0.24 8.42 -2.94
N THR A 11 -1.35 8.98 -2.47
CA THR A 11 -1.30 10.16 -1.59
C THR A 11 -0.26 10.00 -0.49
N LEU A 12 -0.22 8.80 0.07
CA LEU A 12 0.75 8.48 1.12
C LEU A 12 2.16 8.63 0.56
N LEU A 13 2.35 8.05 -0.62
CA LEU A 13 3.64 8.15 -1.29
C LEU A 13 3.91 9.62 -1.61
N ARG A 14 2.84 10.34 -1.95
CA ARG A 14 2.94 11.76 -2.23
C ARG A 14 3.34 12.50 -0.95
N GLU A 15 2.74 12.09 0.15
CA GLU A 15 3.03 12.72 1.44
C GLU A 15 4.50 12.51 1.81
N CYS A 16 4.98 11.30 1.56
CA CYS A 16 6.36 10.95 1.88
C CYS A 16 7.33 11.51 0.85
N ALA A 17 7.11 11.17 -0.41
CA ALA A 17 7.99 11.62 -1.50
C ALA A 17 7.66 13.05 -1.92
N GLY A 18 6.39 13.26 -2.24
CA GLY A 18 5.95 14.58 -2.68
C GLY A 18 5.26 14.49 -4.04
N GLU A 19 6.04 14.18 -5.07
CA GLU A 19 5.53 14.04 -6.44
C GLU A 19 4.52 15.14 -6.81
N GLU A 20 4.70 16.31 -6.17
CA GLU A 20 3.83 17.49 -6.40
C GLU A 20 2.37 17.13 -6.68
N GLU A 21 1.90 16.03 -6.07
CA GLU A 21 0.49 15.57 -6.24
C GLU A 21 0.42 14.05 -6.02
N SER A 22 -0.78 13.57 -5.68
CA SER A 22 -0.99 12.14 -5.47
C SER A 22 -0.59 11.35 -6.70
N ILE A 23 -1.14 11.75 -7.84
CA ILE A 23 -0.85 11.11 -9.11
C ILE A 23 -0.35 12.16 -10.12
N ASP A 24 0.91 12.51 -9.97
CA ASP A 24 1.52 13.52 -10.85
C ASP A 24 2.35 12.86 -11.95
N LEU A 25 2.68 11.58 -11.77
CA LEU A 25 3.48 10.87 -12.77
C LEU A 25 2.59 10.11 -13.76
N GLY A 26 1.49 10.74 -14.16
CA GLY A 26 0.56 10.12 -15.10
C GLY A 26 -0.61 9.47 -14.37
N GLY A 27 -0.32 8.35 -13.72
CA GLY A 27 -1.36 7.64 -12.98
C GLY A 27 -1.45 6.19 -13.45
N ASP A 28 -1.18 5.99 -14.74
CA ASP A 28 -1.22 4.65 -15.31
C ASP A 28 0.10 3.92 -15.08
N VAL A 29 0.45 3.77 -13.80
CA VAL A 29 1.69 3.09 -13.44
C VAL A 29 1.47 2.16 -12.24
N GLU A 30 0.24 1.66 -12.12
CA GLU A 30 -0.08 0.75 -11.03
C GLU A 30 0.70 -0.55 -11.16
N ASP A 31 1.03 -0.91 -12.39
CA ASP A 31 1.78 -2.13 -12.65
C ASP A 31 3.23 -1.81 -13.04
N VAL A 32 3.70 -0.63 -12.62
CA VAL A 32 5.06 -0.21 -12.92
C VAL A 32 5.89 -0.15 -11.64
N ALA A 33 6.94 -0.96 -11.58
CA ALA A 33 7.82 -1.02 -10.39
C ALA A 33 8.15 0.37 -9.84
N PHE A 34 8.34 0.43 -8.53
CA PHE A 34 8.67 1.69 -7.86
C PHE A 34 9.89 2.36 -8.49
N ASP A 35 10.84 1.53 -8.93
CA ASP A 35 12.06 2.05 -9.55
C ASP A 35 11.74 2.90 -10.76
N ALA A 36 10.66 2.56 -11.45
CA ALA A 36 10.25 3.31 -12.63
C ALA A 36 9.45 4.55 -12.24
N LEU A 37 8.65 4.42 -11.18
CA LEU A 37 7.83 5.54 -10.71
C LEU A 37 8.72 6.70 -10.28
N GLY A 38 9.89 6.36 -9.74
CA GLY A 38 10.83 7.38 -9.29
C GLY A 38 11.01 7.35 -7.77
N TYR A 39 10.71 6.20 -7.15
CA TYR A 39 10.85 6.08 -5.70
C TYR A 39 12.18 5.40 -5.37
N ASP A 40 12.62 5.56 -4.12
CA ASP A 40 13.87 4.96 -3.69
C ASP A 40 13.60 3.69 -2.88
N SER A 41 13.13 3.91 -1.65
CA SER A 41 12.82 2.80 -0.75
C SER A 41 12.50 3.35 0.63
N LEU A 42 13.32 4.30 1.06
CA LEU A 42 13.14 4.93 2.37
C LEU A 42 11.75 5.54 2.48
N ALA A 43 11.27 6.11 1.38
CA ALA A 43 9.95 6.72 1.37
C ALA A 43 8.89 5.64 1.40
N LEU A 44 9.11 4.57 0.64
CA LEU A 44 8.17 3.46 0.60
C LEU A 44 8.08 2.82 1.98
N LEU A 45 9.24 2.67 2.61
CA LEU A 45 9.32 2.09 3.95
C LEU A 45 8.43 2.86 4.91
N ASN A 46 8.48 4.19 4.80
CA ASN A 46 7.66 5.03 5.66
C ASN A 46 6.18 4.85 5.32
N THR A 47 5.86 4.93 4.03
CA THR A 47 4.48 4.78 3.57
C THR A 47 3.90 3.45 4.06
N VAL A 48 4.61 2.36 3.77
CA VAL A 48 4.18 1.03 4.18
C VAL A 48 3.93 0.96 5.68
N GLY A 49 4.73 1.72 6.43
CA GLY A 49 4.59 1.75 7.89
C GLY A 49 3.22 2.31 8.26
N ARG A 50 2.78 3.31 7.52
CA ARG A 50 1.49 3.93 7.76
C ARG A 50 0.37 2.93 7.45
N ILE A 51 0.59 2.12 6.42
CA ILE A 51 -0.39 1.12 6.03
C ILE A 51 -0.57 0.09 7.13
N GLU A 52 0.54 -0.54 7.51
CA GLU A 52 0.52 -1.56 8.54
C GLU A 52 -0.03 -1.02 9.86
N ARG A 53 0.03 0.30 10.04
CA ARG A 53 -0.46 0.91 11.28
C ARG A 53 -1.91 1.35 11.12
N ASP A 54 -2.19 2.08 10.05
CA ASP A 54 -3.53 2.59 9.79
C ASP A 54 -4.48 1.45 9.41
N TYR A 55 -3.94 0.46 8.71
CA TYR A 55 -4.76 -0.66 8.27
C TYR A 55 -4.56 -1.88 9.19
N GLY A 56 -3.42 -1.94 9.86
CA GLY A 56 -3.13 -3.06 10.75
C GLY A 56 -2.73 -4.30 9.97
N VAL A 57 -2.10 -4.09 8.82
CA VAL A 57 -1.66 -5.20 7.98
C VAL A 57 -0.63 -6.05 8.73
N GLN A 58 -0.67 -7.35 8.49
CA GLN A 58 0.28 -8.26 9.15
C GLN A 58 0.25 -9.64 8.51
N LEU A 59 0.36 -9.66 7.19
CA LEU A 59 0.37 -10.93 6.45
C LEU A 59 1.78 -11.51 6.42
N GLY A 60 2.75 -10.65 6.11
CA GLY A 60 4.13 -11.09 6.04
C GLY A 60 5.07 -9.88 5.99
N ASP A 61 6.03 -9.86 6.90
CA ASP A 61 7.00 -8.77 6.97
C ASP A 61 7.76 -8.62 5.65
N ASP A 62 7.91 -9.74 4.93
CA ASP A 62 8.62 -9.72 3.66
C ASP A 62 7.76 -9.18 2.52
N ALA A 63 6.51 -8.80 2.83
CA ALA A 63 5.61 -8.25 1.81
C ALA A 63 6.24 -7.00 1.20
N VAL A 64 7.01 -6.27 2.01
CA VAL A 64 7.66 -5.07 1.54
C VAL A 64 8.79 -5.42 0.56
N GLU A 65 9.35 -6.62 0.72
CA GLU A 65 10.42 -7.06 -0.16
C GLU A 65 9.88 -7.35 -1.56
N LYS A 66 8.80 -8.12 -1.61
CA LYS A 66 8.18 -8.47 -2.88
C LYS A 66 7.48 -7.27 -3.50
N ALA A 67 6.99 -6.37 -2.62
CA ALA A 67 6.28 -5.18 -3.09
C ALA A 67 7.15 -4.36 -4.03
N THR A 68 7.00 -4.60 -5.33
CA THR A 68 7.76 -3.87 -6.34
C THR A 68 6.88 -2.79 -6.97
N THR A 69 5.58 -3.05 -7.02
CA THR A 69 4.63 -2.10 -7.59
C THR A 69 3.69 -1.60 -6.47
N PRO A 70 2.92 -0.54 -6.72
CA PRO A 70 2.00 -0.02 -5.69
C PRO A 70 0.84 -0.97 -5.47
N ARG A 71 0.47 -1.70 -6.53
CA ARG A 71 -0.60 -2.67 -6.44
C ARG A 71 -0.21 -3.78 -5.46
N ALA A 72 1.10 -4.02 -5.34
CA ALA A 72 1.59 -5.05 -4.43
C ALA A 72 1.24 -4.68 -3.00
N LEU A 73 1.70 -3.51 -2.58
CA LEU A 73 1.43 -3.02 -1.22
C LEU A 73 -0.07 -2.99 -0.96
N ILE A 74 -0.82 -2.51 -1.95
CA ILE A 74 -2.27 -2.44 -1.84
C ILE A 74 -2.85 -3.85 -1.77
N GLU A 75 -2.22 -4.76 -2.50
CA GLU A 75 -2.68 -6.15 -2.52
C GLU A 75 -2.45 -6.83 -1.18
N MET A 76 -1.23 -6.69 -0.66
CA MET A 76 -0.90 -7.31 0.63
C MET A 76 -1.79 -6.73 1.72
N THR A 77 -2.12 -5.45 1.58
CA THR A 77 -2.98 -4.79 2.55
C THR A 77 -4.40 -5.33 2.42
N ASN A 78 -4.97 -5.18 1.22
CA ASN A 78 -6.34 -5.64 0.97
C ASN A 78 -6.48 -7.11 1.34
N ALA A 79 -5.44 -7.87 1.08
CA ALA A 79 -5.43 -9.29 1.41
C ALA A 79 -5.53 -9.46 2.92
N SER A 80 -4.91 -8.53 3.64
CA SER A 80 -4.92 -8.56 5.09
C SER A 80 -6.27 -8.09 5.60
N LEU A 81 -6.76 -6.99 5.02
CA LEU A 81 -8.05 -6.45 5.43
C LEU A 81 -9.16 -7.44 5.09
N THR A 82 -9.18 -7.91 3.84
CA THR A 82 -10.21 -8.87 3.42
C THR A 82 -10.14 -10.15 4.26
N GLY A 83 -8.92 -10.49 4.69
CA GLY A 83 -8.72 -11.68 5.50
C GLY A 83 -9.10 -11.44 6.95
N ALA A 84 -8.41 -10.49 7.58
CA ALA A 84 -8.67 -10.16 8.97
C ALA A 84 -10.11 -9.69 9.16
N SER A 85 -10.63 -9.00 8.14
CA SER A 85 -11.99 -8.48 8.18
C SER A 85 -12.20 -7.56 9.39
N PRO A 86 -13.28 -6.76 9.39
CA PRO A 86 -13.56 -5.83 10.51
C PRO A 86 -14.27 -6.52 11.67
N SER A 87 -14.09 -5.98 12.87
CA SER A 87 -14.72 -6.54 14.06
C SER A 87 -15.80 -5.61 14.57
N ALA A 88 -16.96 -6.19 14.89
CA ALA A 88 -18.08 -5.41 15.39
C ALA A 88 -17.73 -4.79 16.76
N GLY A 89 -18.00 -3.50 16.89
CA GLY A 89 -17.72 -2.80 18.14
C GLY A 89 -17.15 -1.41 17.86
N GLY A 90 -18.03 -0.49 17.50
CA GLY A 90 -17.60 0.89 17.22
C GLY A 90 -18.78 1.85 17.34
N ALA A 91 -18.54 3.10 16.95
CA ALA A 91 -19.59 4.12 17.02
C ALA A 91 -19.09 5.44 16.44
N ALA A 92 -17.84 5.77 16.76
CA ALA A 92 -17.25 7.01 16.27
C ALA A 92 -16.33 6.71 15.08
N ARG A 93 -15.50 5.69 15.23
CA ARG A 93 -14.56 5.30 14.19
C ARG A 93 -13.56 6.42 13.92
N ASP A 94 -12.27 6.06 13.93
CA ASP A 94 -11.21 7.03 13.68
C ASP A 94 -11.24 8.13 14.74
N LYS A 95 -10.23 8.14 15.59
CA LYS A 95 -10.13 9.15 16.65
C LYS A 95 -11.34 9.05 17.58
N MET A 1 -10.94 -2.53 9.79
CA MET A 1 -12.36 -2.12 9.56
C MET A 1 -12.47 -1.42 8.22
N THR A 2 -11.67 -1.87 7.26
CA THR A 2 -11.67 -1.29 5.91
C THR A 2 -10.52 -1.86 5.10
N LEU A 3 -10.53 -1.60 3.80
CA LEU A 3 -9.47 -2.09 2.92
C LEU A 3 -8.64 -0.91 2.40
N LEU A 4 -7.84 -1.16 1.35
CA LEU A 4 -7.00 -0.08 0.80
C LEU A 4 -7.30 0.12 -0.67
N THR A 5 -6.96 1.31 -1.17
CA THR A 5 -7.19 1.62 -2.58
C THR A 5 -5.96 2.27 -3.22
N LEU A 6 -5.98 2.34 -4.54
CA LEU A 6 -4.88 2.94 -5.29
C LEU A 6 -4.71 4.40 -4.91
N SER A 7 -5.83 5.06 -4.69
CA SER A 7 -5.82 6.47 -4.32
C SER A 7 -5.16 6.66 -2.96
N ASP A 8 -5.30 5.65 -2.10
CA ASP A 8 -4.72 5.71 -0.77
C ASP A 8 -3.20 5.68 -0.84
N LEU A 9 -2.66 4.57 -1.36
CA LEU A 9 -1.21 4.43 -1.48
C LEU A 9 -0.61 5.57 -2.31
N LEU A 10 -1.40 6.05 -3.27
CA LEU A 10 -0.95 7.14 -4.14
C LEU A 10 -0.57 8.38 -3.33
N THR A 11 -1.57 8.96 -2.66
CA THR A 11 -1.35 10.17 -1.87
C THR A 11 -0.21 9.99 -0.86
N LEU A 12 -0.21 8.84 -0.21
CA LEU A 12 0.82 8.55 0.79
C LEU A 12 2.20 8.57 0.15
N LEU A 13 2.30 7.90 -0.99
CA LEU A 13 3.56 7.84 -1.71
C LEU A 13 4.01 9.23 -2.15
N ARG A 14 3.10 9.97 -2.78
CA ARG A 14 3.44 11.31 -3.25
C ARG A 14 3.62 12.25 -2.06
N GLU A 15 2.91 11.98 -0.97
CA GLU A 15 3.04 12.82 0.23
C GLU A 15 4.48 12.79 0.73
N CYS A 16 4.97 11.58 0.95
CA CYS A 16 6.35 11.39 1.41
C CYS A 16 7.30 11.83 0.32
N ALA A 17 6.91 11.55 -0.93
CA ALA A 17 7.71 11.91 -2.09
C ALA A 17 8.04 13.40 -2.10
N GLY A 18 7.21 14.19 -1.42
CA GLY A 18 7.41 15.63 -1.37
C GLY A 18 6.19 16.40 -1.90
N GLU A 19 5.06 15.70 -2.07
CA GLU A 19 3.83 16.33 -2.57
C GLU A 19 3.92 16.62 -4.06
N GLU A 20 3.14 15.89 -4.83
CA GLU A 20 3.13 16.06 -6.29
C GLU A 20 1.95 15.28 -6.88
N GLU A 21 0.78 15.45 -6.27
CA GLU A 21 -0.42 14.75 -6.74
C GLU A 21 -0.24 13.23 -6.63
N SER A 22 -1.31 12.50 -6.90
CA SER A 22 -1.26 11.04 -6.81
C SER A 22 -0.18 10.48 -7.74
N ILE A 23 -0.49 10.41 -9.03
CA ILE A 23 0.46 9.90 -10.01
C ILE A 23 0.74 10.96 -11.07
N ASP A 24 1.52 11.96 -10.69
CA ASP A 24 1.87 13.04 -11.60
C ASP A 24 3.27 12.86 -12.15
N LEU A 25 4.14 12.23 -11.37
CA LEU A 25 5.51 11.99 -11.80
C LEU A 25 5.54 11.16 -13.08
N GLY A 26 4.59 10.25 -13.20
CA GLY A 26 4.52 9.38 -14.38
C GLY A 26 3.20 9.55 -15.11
N GLY A 27 2.14 9.81 -14.35
CA GLY A 27 0.81 9.97 -14.94
C GLY A 27 0.00 8.68 -14.81
N ASP A 28 0.70 7.54 -14.83
CA ASP A 28 0.05 6.24 -14.71
C ASP A 28 1.10 5.15 -14.59
N VAL A 29 1.38 4.76 -13.35
CA VAL A 29 2.39 3.73 -13.10
C VAL A 29 1.93 2.79 -11.98
N GLU A 30 0.72 2.25 -12.13
CA GLU A 30 0.17 1.34 -11.14
C GLU A 30 0.79 -0.06 -11.29
N ASP A 31 1.26 -0.36 -12.50
CA ASP A 31 1.87 -1.66 -12.76
C ASP A 31 3.37 -1.52 -13.07
N VAL A 32 3.97 -0.41 -12.63
CA VAL A 32 5.39 -0.19 -12.85
C VAL A 32 6.13 -0.27 -11.52
N ALA A 33 7.29 -0.93 -11.52
CA ALA A 33 8.08 -1.09 -10.30
C ALA A 33 8.42 0.27 -9.68
N PHE A 34 8.56 0.27 -8.36
CA PHE A 34 8.90 1.50 -7.62
C PHE A 34 10.19 2.12 -8.16
N ASP A 35 11.13 1.26 -8.56
CA ASP A 35 12.40 1.72 -9.08
C ASP A 35 12.20 2.57 -10.33
N ALA A 36 11.29 2.13 -11.18
CA ALA A 36 10.99 2.85 -12.42
C ALA A 36 10.39 4.22 -12.11
N LEU A 37 9.52 4.25 -11.11
CA LEU A 37 8.88 5.51 -10.72
C LEU A 37 9.92 6.49 -10.20
N GLY A 38 10.92 5.96 -9.52
CA GLY A 38 11.99 6.79 -8.96
C GLY A 38 11.95 6.81 -7.43
N TYR A 39 11.32 5.79 -6.84
CA TYR A 39 11.23 5.71 -5.39
C TYR A 39 12.47 5.02 -4.83
N ASP A 40 12.98 5.55 -3.73
CA ASP A 40 14.17 4.97 -3.10
C ASP A 40 13.78 3.81 -2.20
N SER A 41 13.13 4.14 -1.09
CA SER A 41 12.68 3.13 -0.12
C SER A 41 12.11 3.83 1.10
N LEU A 42 12.73 4.93 1.48
CA LEU A 42 12.28 5.71 2.64
C LEU A 42 10.85 6.20 2.43
N ALA A 43 10.53 6.53 1.18
CA ALA A 43 9.19 7.03 0.85
C ALA A 43 8.17 5.90 0.94
N LEU A 44 8.59 4.71 0.52
CA LEU A 44 7.70 3.54 0.56
C LEU A 44 7.61 3.01 1.98
N LEU A 45 8.75 3.06 2.66
CA LEU A 45 8.84 2.59 4.05
C LEU A 45 7.86 3.36 4.93
N ASN A 46 7.96 4.69 4.88
CA ASN A 46 7.09 5.54 5.69
C ASN A 46 5.63 5.32 5.30
N THR A 47 5.39 5.28 3.98
CA THR A 47 4.03 5.08 3.48
C THR A 47 3.45 3.77 3.99
N VAL A 48 4.10 2.68 3.62
CA VAL A 48 3.64 1.35 4.03
C VAL A 48 3.54 1.24 5.55
N GLY A 49 4.46 1.90 6.24
CA GLY A 49 4.46 1.88 7.71
C GLY A 49 3.15 2.42 8.26
N ARG A 50 2.64 3.47 7.62
CA ARG A 50 1.39 4.07 8.06
C ARG A 50 0.23 3.13 7.79
N ILE A 51 0.31 2.41 6.67
CA ILE A 51 -0.75 1.47 6.31
C ILE A 51 -0.81 0.32 7.31
N GLU A 52 0.35 -0.29 7.56
CA GLU A 52 0.42 -1.41 8.48
C GLU A 52 -0.05 -1.01 9.88
N ARG A 53 0.09 0.28 10.20
CA ARG A 53 -0.32 0.75 11.52
C ARG A 53 -1.77 1.24 11.51
N ASP A 54 -2.11 2.02 10.49
CA ASP A 54 -3.46 2.55 10.38
C ASP A 54 -4.45 1.46 10.01
N TYR A 55 -4.01 0.51 9.21
CA TYR A 55 -4.89 -0.58 8.77
C TYR A 55 -4.62 -1.86 9.57
N GLY A 56 -3.41 -1.99 10.12
CA GLY A 56 -3.07 -3.17 10.90
C GLY A 56 -2.70 -4.34 10.00
N VAL A 57 -2.09 -4.04 8.85
CA VAL A 57 -1.69 -5.07 7.91
C VAL A 57 -0.27 -5.54 8.22
N GLN A 58 -0.10 -6.85 8.39
CA GLN A 58 1.24 -7.38 8.69
C GLN A 58 1.23 -8.92 8.76
N LEU A 59 0.98 -9.56 7.62
CA LEU A 59 0.99 -11.03 7.58
C LEU A 59 2.04 -11.55 6.60
N GLY A 60 3.01 -10.70 6.27
CA GLY A 60 4.06 -11.11 5.34
C GLY A 60 5.30 -10.24 5.52
N ASP A 61 6.32 -10.80 6.17
CA ASP A 61 7.56 -10.07 6.41
C ASP A 61 8.23 -9.70 5.09
N ASP A 62 8.42 -10.71 4.24
CA ASP A 62 9.03 -10.49 2.94
C ASP A 62 8.05 -9.90 1.93
N ALA A 63 6.80 -9.66 2.36
CA ALA A 63 5.80 -9.08 1.48
C ALA A 63 6.29 -7.73 0.95
N VAL A 64 7.05 -7.04 1.79
CA VAL A 64 7.60 -5.74 1.40
C VAL A 64 8.59 -5.93 0.25
N GLU A 65 9.25 -7.09 0.23
CA GLU A 65 10.22 -7.38 -0.81
C GLU A 65 9.51 -7.65 -2.14
N LYS A 66 8.45 -8.47 -2.06
CA LYS A 66 7.69 -8.81 -3.26
C LYS A 66 7.01 -7.56 -3.83
N ALA A 67 6.56 -6.69 -2.93
CA ALA A 67 5.91 -5.45 -3.35
C ALA A 67 6.83 -4.61 -4.24
N THR A 68 6.65 -4.75 -5.55
CA THR A 68 7.46 -3.99 -6.50
C THR A 68 6.64 -2.85 -7.09
N THR A 69 5.34 -3.08 -7.22
CA THR A 69 4.43 -2.08 -7.75
C THR A 69 3.51 -1.58 -6.63
N PRO A 70 2.78 -0.48 -6.86
CA PRO A 70 1.86 0.04 -5.83
C PRO A 70 0.69 -0.90 -5.62
N ARG A 71 0.25 -1.53 -6.71
CA ARG A 71 -0.85 -2.48 -6.64
C ARG A 71 -0.48 -3.65 -5.73
N ALA A 72 0.83 -3.92 -5.62
CA ALA A 72 1.29 -5.02 -4.78
C ALA A 72 1.01 -4.71 -3.32
N LEU A 73 1.50 -3.56 -2.87
CA LEU A 73 1.29 -3.13 -1.48
C LEU A 73 -0.20 -3.11 -1.15
N ILE A 74 -0.99 -2.56 -2.07
CA ILE A 74 -2.44 -2.50 -1.89
C ILE A 74 -3.00 -3.91 -1.77
N GLU A 75 -2.46 -4.82 -2.58
CA GLU A 75 -2.91 -6.21 -2.54
C GLU A 75 -2.66 -6.81 -1.16
N MET A 76 -1.43 -6.64 -0.69
CA MET A 76 -1.04 -7.12 0.63
C MET A 76 -1.87 -6.44 1.71
N THR A 77 -2.06 -5.14 1.55
CA THR A 77 -2.83 -4.37 2.52
C THR A 77 -4.29 -4.82 2.53
N ASN A 78 -4.81 -5.17 1.36
CA ASN A 78 -6.19 -5.60 1.24
C ASN A 78 -6.34 -7.04 1.70
N ALA A 79 -5.31 -7.84 1.42
CA ALA A 79 -5.33 -9.26 1.79
C ALA A 79 -5.42 -9.42 3.30
N SER A 80 -4.70 -8.58 4.02
CA SER A 80 -4.70 -8.64 5.47
C SER A 80 -6.02 -8.12 6.02
N LEU A 81 -6.46 -7.00 5.47
CA LEU A 81 -7.70 -6.39 5.90
C LEU A 81 -8.90 -7.26 5.54
N THR A 82 -8.94 -7.72 4.29
CA THR A 82 -10.04 -8.57 3.84
C THR A 82 -9.90 -9.98 4.41
N GLY A 83 -8.65 -10.39 4.64
CA GLY A 83 -8.39 -11.73 5.17
C GLY A 83 -8.61 -11.78 6.67
N ALA A 84 -8.40 -10.64 7.34
CA ALA A 84 -8.59 -10.57 8.78
C ALA A 84 -10.02 -10.93 9.17
N SER A 85 -10.94 -9.98 8.94
CA SER A 85 -12.36 -10.20 9.26
C SER A 85 -13.15 -8.90 9.06
N PRO A 86 -12.74 -7.79 9.71
CA PRO A 86 -13.44 -6.51 9.57
C PRO A 86 -13.04 -5.75 8.31
N SER A 87 -13.82 -5.95 7.25
CA SER A 87 -13.55 -5.28 5.98
C SER A 87 -14.52 -4.14 5.76
N ALA A 88 -15.75 -4.30 6.25
CA ALA A 88 -16.76 -3.28 6.11
C ALA A 88 -16.63 -2.23 7.22
N GLY A 89 -16.50 -2.72 8.46
CA GLY A 89 -16.37 -1.83 9.60
C GLY A 89 -17.74 -1.31 10.05
N GLY A 90 -17.72 -0.20 10.78
CA GLY A 90 -18.96 0.39 11.27
C GLY A 90 -19.09 1.84 10.81
N ALA A 91 -18.48 2.74 11.58
CA ALA A 91 -18.53 4.16 11.25
C ALA A 91 -17.24 4.59 10.56
N ALA A 92 -17.38 5.21 9.39
CA ALA A 92 -16.22 5.67 8.63
C ALA A 92 -15.88 7.12 9.00
N ARG A 93 -16.91 7.89 9.33
CA ARG A 93 -16.70 9.29 9.70
C ARG A 93 -15.92 9.39 11.00
N ASP A 94 -14.60 9.27 10.89
CA ASP A 94 -13.73 9.34 12.06
C ASP A 94 -14.06 8.23 13.05
N LYS A 95 -13.45 7.07 12.84
CA LYS A 95 -13.68 5.92 13.71
C LYS A 95 -15.15 5.52 13.68
N MET A 1 -11.89 -4.18 10.48
CA MET A 1 -11.01 -3.20 9.81
C MET A 1 -11.48 -2.99 8.36
N THR A 2 -10.89 -2.00 7.70
CA THR A 2 -11.25 -1.70 6.31
C THR A 2 -10.11 -2.08 5.37
N LEU A 3 -10.36 -1.96 4.08
CA LEU A 3 -9.34 -2.28 3.08
C LEU A 3 -8.63 -1.01 2.62
N LEU A 4 -7.73 -1.18 1.65
CA LEU A 4 -6.97 -0.04 1.13
C LEU A 4 -7.22 0.12 -0.36
N THR A 5 -6.94 1.31 -0.88
CA THR A 5 -7.16 1.57 -2.31
C THR A 5 -5.94 2.22 -2.95
N LEU A 6 -5.97 2.30 -4.28
CA LEU A 6 -4.87 2.90 -5.04
C LEU A 6 -4.70 4.36 -4.63
N SER A 7 -5.82 5.06 -4.55
CA SER A 7 -5.81 6.47 -4.18
C SER A 7 -5.15 6.68 -2.82
N ASP A 8 -5.25 5.66 -1.96
CA ASP A 8 -4.66 5.74 -0.63
C ASP A 8 -3.14 5.65 -0.70
N LEU A 9 -2.63 4.50 -1.14
CA LEU A 9 -1.18 4.31 -1.25
C LEU A 9 -0.53 5.41 -2.07
N LEU A 10 -1.27 5.92 -3.05
CA LEU A 10 -0.76 6.97 -3.93
C LEU A 10 -0.49 8.26 -3.15
N THR A 11 -1.56 8.84 -2.59
CA THR A 11 -1.44 10.10 -1.84
C THR A 11 -0.32 10.02 -0.79
N LEU A 12 -0.25 8.88 -0.12
CA LEU A 12 0.77 8.68 0.90
C LEU A 12 2.14 8.69 0.24
N LEU A 13 2.21 8.05 -0.91
CA LEU A 13 3.46 7.98 -1.65
C LEU A 13 3.88 9.35 -2.14
N ARG A 14 2.96 10.06 -2.79
CA ARG A 14 3.28 11.39 -3.28
C ARG A 14 3.49 12.33 -2.10
N GLU A 15 2.77 12.09 -1.01
CA GLU A 15 2.91 12.91 0.20
C GLU A 15 4.34 12.75 0.72
N CYS A 16 4.79 11.51 0.79
CA CYS A 16 6.14 11.22 1.26
C CYS A 16 7.13 11.79 0.27
N ALA A 17 6.80 11.67 -1.01
CA ALA A 17 7.65 12.19 -2.07
C ALA A 17 7.83 13.70 -1.90
N GLY A 18 6.74 14.36 -1.54
CA GLY A 18 6.76 15.80 -1.35
C GLY A 18 5.39 16.41 -1.62
N GLU A 19 4.90 16.21 -2.84
CA GLU A 19 3.58 16.75 -3.24
C GLU A 19 3.36 16.55 -4.74
N GLU A 20 2.28 17.17 -5.26
CA GLU A 20 1.91 17.09 -6.68
C GLU A 20 1.00 15.90 -6.97
N GLU A 21 -0.22 15.99 -6.43
CA GLU A 21 -1.23 14.93 -6.64
C GLU A 21 -0.68 13.53 -6.39
N SER A 22 -1.53 12.54 -6.62
CA SER A 22 -1.16 11.15 -6.44
C SER A 22 -0.06 10.74 -7.41
N ILE A 23 -0.42 10.62 -8.69
CA ILE A 23 0.54 10.25 -9.71
C ILE A 23 0.61 11.32 -10.79
N ASP A 24 1.27 12.42 -10.46
CA ASP A 24 1.41 13.53 -11.39
C ASP A 24 2.82 13.56 -11.99
N LEU A 25 3.80 13.19 -11.17
CA LEU A 25 5.19 13.18 -11.63
C LEU A 25 5.53 11.86 -12.35
N GLY A 26 4.67 10.86 -12.20
CA GLY A 26 4.92 9.57 -12.83
C GLY A 26 3.97 9.35 -14.01
N GLY A 27 2.73 9.81 -13.85
CA GLY A 27 1.73 9.65 -14.91
C GLY A 27 1.51 8.18 -15.24
N ASP A 28 0.48 7.60 -14.65
CA ASP A 28 0.18 6.18 -14.88
C ASP A 28 1.35 5.31 -14.43
N VAL A 29 1.35 4.96 -13.15
CA VAL A 29 2.43 4.14 -12.60
C VAL A 29 1.88 3.16 -11.56
N GLU A 30 0.88 2.39 -11.97
CA GLU A 30 0.27 1.41 -11.10
C GLU A 30 0.90 0.02 -11.28
N ASP A 31 1.46 -0.21 -12.46
CA ASP A 31 2.08 -1.49 -12.76
C ASP A 31 3.58 -1.32 -13.04
N VAL A 32 4.16 -0.24 -12.54
CA VAL A 32 5.59 0.01 -12.73
C VAL A 32 6.32 -0.11 -11.39
N ALA A 33 7.48 -0.74 -11.41
CA ALA A 33 8.26 -0.93 -10.19
C ALA A 33 8.56 0.41 -9.53
N PHE A 34 8.65 0.39 -8.20
CA PHE A 34 8.94 1.62 -7.45
C PHE A 34 10.23 2.27 -7.92
N ASP A 35 11.26 1.45 -8.10
CA ASP A 35 12.54 1.95 -8.57
C ASP A 35 12.44 2.46 -10.01
N ALA A 36 11.40 2.03 -10.73
CA ALA A 36 11.22 2.45 -12.11
C ALA A 36 10.41 3.73 -12.21
N LEU A 37 9.65 4.06 -11.17
CA LEU A 37 8.83 5.28 -11.20
C LEU A 37 9.56 6.45 -10.56
N GLY A 38 10.51 6.15 -9.67
CA GLY A 38 11.28 7.21 -9.00
C GLY A 38 11.39 6.98 -7.49
N TYR A 39 10.75 5.94 -6.97
CA TYR A 39 10.82 5.67 -5.53
C TYR A 39 11.99 4.77 -5.22
N ASP A 40 12.64 5.05 -4.08
CA ASP A 40 13.79 4.25 -3.66
C ASP A 40 13.34 3.13 -2.72
N SER A 41 12.87 3.53 -1.55
CA SER A 41 12.41 2.57 -0.54
C SER A 41 12.11 3.30 0.77
N LEU A 42 12.92 4.32 1.06
CA LEU A 42 12.75 5.09 2.28
C LEU A 42 11.36 5.76 2.28
N ALA A 43 11.00 6.33 1.14
CA ALA A 43 9.70 6.99 1.01
C ALA A 43 8.58 5.95 1.12
N LEU A 44 8.84 4.76 0.61
CA LEU A 44 7.86 3.68 0.66
C LEU A 44 7.76 3.17 2.09
N LEU A 45 8.91 3.09 2.74
CA LEU A 45 8.99 2.62 4.13
C LEU A 45 8.08 3.47 5.02
N ASN A 46 8.24 4.78 4.94
CA ASN A 46 7.44 5.70 5.74
C ASN A 46 5.95 5.53 5.40
N THR A 47 5.66 5.56 4.11
CA THR A 47 4.28 5.40 3.63
C THR A 47 3.67 4.12 4.19
N VAL A 48 4.35 3.01 3.96
CA VAL A 48 3.87 1.71 4.44
C VAL A 48 3.72 1.72 5.95
N GLY A 49 4.58 2.49 6.62
CA GLY A 49 4.54 2.59 8.07
C GLY A 49 3.17 3.05 8.56
N ARG A 50 2.67 4.13 7.96
CA ARG A 50 1.37 4.67 8.33
C ARG A 50 0.26 3.69 7.98
N ILE A 51 0.46 2.98 6.87
CA ILE A 51 -0.54 2.01 6.43
C ILE A 51 -0.59 0.82 7.38
N GLU A 52 0.59 0.28 7.71
CA GLU A 52 0.65 -0.87 8.61
C GLU A 52 0.06 -0.53 9.97
N ARG A 53 0.08 0.76 10.32
CA ARG A 53 -0.46 1.18 11.62
C ARG A 53 -1.92 1.63 11.48
N ASP A 54 -2.22 2.28 10.36
CA ASP A 54 -3.56 2.77 10.12
C ASP A 54 -4.50 1.63 9.71
N TYR A 55 -3.96 0.70 8.93
CA TYR A 55 -4.76 -0.44 8.47
C TYR A 55 -4.47 -1.69 9.30
N GLY A 56 -3.30 -1.75 9.93
CA GLY A 56 -2.95 -2.91 10.74
C GLY A 56 -2.65 -4.12 9.86
N VAL A 57 -1.94 -3.89 8.76
CA VAL A 57 -1.59 -4.97 7.84
C VAL A 57 -0.42 -5.78 8.40
N GLN A 58 -0.49 -7.10 8.23
CA GLN A 58 0.57 -7.98 8.72
C GLN A 58 0.29 -9.42 8.35
N LEU A 59 0.60 -9.78 7.10
CA LEU A 59 0.38 -11.15 6.62
C LEU A 59 1.63 -11.70 5.94
N GLY A 60 2.78 -11.09 6.22
CA GLY A 60 4.03 -11.55 5.62
C GLY A 60 5.09 -10.45 5.68
N ASP A 61 6.21 -10.76 6.34
CA ASP A 61 7.29 -9.80 6.48
C ASP A 61 7.95 -9.54 5.12
N ASP A 62 8.03 -10.59 4.30
CA ASP A 62 8.64 -10.46 2.99
C ASP A 62 7.69 -9.81 1.97
N ALA A 63 6.47 -9.47 2.42
CA ALA A 63 5.51 -8.83 1.53
C ALA A 63 6.09 -7.54 0.97
N VAL A 64 6.91 -6.89 1.78
CA VAL A 64 7.55 -5.65 1.37
C VAL A 64 8.59 -5.92 0.28
N GLU A 65 9.15 -7.13 0.30
CA GLU A 65 10.15 -7.50 -0.69
C GLU A 65 9.50 -7.73 -2.05
N LYS A 66 8.50 -8.62 -2.07
CA LYS A 66 7.78 -8.93 -3.32
C LYS A 66 7.11 -7.68 -3.87
N ALA A 67 6.67 -6.81 -2.96
CA ALA A 67 6.01 -5.57 -3.37
C ALA A 67 6.93 -4.71 -4.22
N THR A 68 6.77 -4.80 -5.54
CA THR A 68 7.59 -4.00 -6.44
C THR A 68 6.76 -2.87 -7.04
N THR A 69 5.46 -3.13 -7.21
CA THR A 69 4.55 -2.14 -7.76
C THR A 69 3.58 -1.69 -6.66
N PRO A 70 2.79 -0.63 -6.89
CA PRO A 70 1.82 -0.18 -5.88
C PRO A 70 0.70 -1.19 -5.70
N ARG A 71 0.27 -1.77 -6.81
CA ARG A 71 -0.79 -2.77 -6.77
C ARG A 71 -0.39 -3.95 -5.88
N ALA A 72 0.93 -4.13 -5.71
CA ALA A 72 1.42 -5.21 -4.86
C ALA A 72 1.12 -4.92 -3.40
N LEU A 73 1.58 -3.76 -2.94
CA LEU A 73 1.35 -3.33 -1.56
C LEU A 73 -0.14 -3.32 -1.25
N ILE A 74 -0.90 -2.72 -2.17
CA ILE A 74 -2.37 -2.66 -2.01
C ILE A 74 -2.93 -4.06 -1.93
N GLU A 75 -2.40 -4.96 -2.75
CA GLU A 75 -2.86 -6.34 -2.77
C GLU A 75 -2.59 -7.00 -1.43
N MET A 76 -1.39 -6.78 -0.92
CA MET A 76 -1.00 -7.35 0.37
C MET A 76 -1.75 -6.67 1.50
N THR A 77 -2.01 -5.37 1.34
CA THR A 77 -2.72 -4.61 2.36
C THR A 77 -4.20 -4.98 2.37
N ASN A 78 -4.76 -5.24 1.20
CA ASN A 78 -6.17 -5.60 1.11
C ASN A 78 -6.37 -7.07 1.43
N ALA A 79 -5.40 -7.88 1.00
CA ALA A 79 -5.47 -9.32 1.23
C ALA A 79 -5.46 -9.64 2.72
N SER A 80 -4.69 -8.87 3.47
CA SER A 80 -4.60 -9.08 4.91
C SER A 80 -5.85 -8.53 5.59
N LEU A 81 -6.27 -7.35 5.14
CA LEU A 81 -7.46 -6.72 5.70
C LEU A 81 -8.70 -7.53 5.39
N THR A 82 -8.85 -7.90 4.11
CA THR A 82 -10.01 -8.69 3.71
C THR A 82 -10.02 -10.04 4.41
N GLY A 83 -8.82 -10.57 4.68
CA GLY A 83 -8.70 -11.85 5.35
C GLY A 83 -8.99 -11.72 6.84
N ALA A 84 -8.12 -11.00 7.55
CA ALA A 84 -8.28 -10.81 8.99
C ALA A 84 -8.26 -12.15 9.71
N SER A 85 -7.47 -13.08 9.18
CA SER A 85 -7.36 -14.41 9.78
C SER A 85 -6.08 -15.10 9.29
N PRO A 86 -5.61 -16.15 10.00
CA PRO A 86 -4.40 -16.88 9.60
C PRO A 86 -4.65 -17.90 8.51
N SER A 87 -3.57 -18.56 8.06
CA SER A 87 -3.69 -19.57 7.01
C SER A 87 -4.20 -18.93 5.72
N ALA A 88 -3.89 -19.56 4.60
CA ALA A 88 -4.33 -19.05 3.30
C ALA A 88 -5.22 -20.07 2.61
N GLY A 89 -6.09 -19.57 1.72
CA GLY A 89 -7.01 -20.44 0.99
C GLY A 89 -7.19 -19.95 -0.44
N GLY A 90 -8.45 -19.89 -0.87
CA GLY A 90 -8.76 -19.43 -2.22
C GLY A 90 -8.34 -20.47 -3.26
N ALA A 91 -9.33 -21.12 -3.86
CA ALA A 91 -9.06 -22.14 -4.87
C ALA A 91 -8.24 -23.29 -4.27
N ALA A 92 -8.46 -23.55 -2.99
CA ALA A 92 -7.74 -24.61 -2.30
C ALA A 92 -8.42 -25.96 -2.56
N ARG A 93 -8.12 -26.57 -3.70
CA ARG A 93 -8.70 -27.86 -4.05
C ARG A 93 -10.22 -27.75 -4.14
N ASP A 94 -10.73 -27.67 -5.36
CA ASP A 94 -12.17 -27.56 -5.58
C ASP A 94 -12.66 -28.68 -6.47
N LYS A 95 -12.94 -29.83 -5.87
CA LYS A 95 -13.42 -30.99 -6.63
C LYS A 95 -14.31 -31.86 -5.76
N MET A 1 -13.18 -1.58 10.31
CA MET A 1 -12.12 -2.10 9.40
C MET A 1 -12.42 -1.65 7.97
N THR A 2 -11.43 -1.75 7.11
CA THR A 2 -11.60 -1.36 5.71
C THR A 2 -10.39 -1.78 4.88
N LEU A 3 -10.62 -1.99 3.59
CA LEU A 3 -9.55 -2.41 2.69
C LEU A 3 -8.74 -1.19 2.24
N LEU A 4 -7.96 -1.35 1.17
CA LEU A 4 -7.14 -0.25 0.67
C LEU A 4 -7.35 -0.07 -0.83
N THR A 5 -6.96 1.09 -1.34
CA THR A 5 -7.12 1.36 -2.77
C THR A 5 -5.86 2.00 -3.35
N LEU A 6 -5.82 2.08 -4.67
CA LEU A 6 -4.67 2.66 -5.36
C LEU A 6 -4.55 4.14 -5.02
N SER A 7 -5.71 4.78 -4.86
CA SER A 7 -5.73 6.20 -4.53
C SER A 7 -5.17 6.43 -3.13
N ASP A 8 -5.35 5.44 -2.26
CA ASP A 8 -4.85 5.53 -0.89
C ASP A 8 -3.34 5.48 -0.85
N LEU A 9 -2.78 4.35 -1.30
CA LEU A 9 -1.33 4.16 -1.31
C LEU A 9 -0.63 5.30 -2.04
N LEU A 10 -1.16 5.67 -3.21
CA LEU A 10 -0.57 6.74 -4.00
C LEU A 10 -0.47 8.03 -3.20
N THR A 11 -1.56 8.41 -2.55
CA THR A 11 -1.60 9.62 -1.74
C THR A 11 -0.51 9.58 -0.66
N LEU A 12 -0.43 8.46 0.04
CA LEU A 12 0.58 8.31 1.07
C LEU A 12 1.96 8.31 0.44
N LEU A 13 2.04 7.72 -0.75
CA LEU A 13 3.32 7.66 -1.47
C LEU A 13 3.75 9.05 -1.91
N ARG A 14 2.87 9.75 -2.62
CA ARG A 14 3.20 11.11 -3.08
C ARG A 14 3.42 12.02 -1.87
N GLU A 15 2.78 11.67 -0.75
CA GLU A 15 2.93 12.45 0.47
C GLU A 15 4.36 12.34 0.96
N CYS A 16 4.83 11.10 1.11
CA CYS A 16 6.19 10.84 1.55
C CYS A 16 7.17 11.41 0.53
N ALA A 17 6.81 11.25 -0.75
CA ALA A 17 7.65 11.74 -1.84
C ALA A 17 7.86 13.25 -1.70
N GLY A 18 6.86 13.93 -1.15
CA GLY A 18 6.94 15.38 -0.98
C GLY A 18 6.16 16.11 -2.07
N GLU A 19 5.10 15.47 -2.56
CA GLU A 19 4.27 16.07 -3.59
C GLU A 19 2.99 16.62 -2.99
N GLU A 20 2.23 17.35 -3.80
CA GLU A 20 0.98 17.95 -3.34
C GLU A 20 -0.19 17.48 -4.21
N GLU A 21 -0.29 16.17 -4.39
CA GLU A 21 -1.37 15.60 -5.19
C GLU A 21 -1.38 14.08 -5.08
N SER A 22 -2.58 13.52 -4.94
CA SER A 22 -2.75 12.07 -4.82
C SER A 22 -2.12 11.35 -6.01
N ILE A 23 -2.12 12.02 -7.16
CA ILE A 23 -1.56 11.43 -8.36
C ILE A 23 -0.63 12.42 -9.05
N ASP A 24 0.59 12.53 -8.53
CA ASP A 24 1.58 13.44 -9.11
C ASP A 24 2.28 12.77 -10.29
N LEU A 25 2.55 11.48 -10.15
CA LEU A 25 3.22 10.73 -11.21
C LEU A 25 2.41 10.78 -12.50
N GLY A 26 1.08 10.85 -12.35
CA GLY A 26 0.20 10.90 -13.51
C GLY A 26 -0.98 9.96 -13.33
N GLY A 27 -0.68 8.70 -13.00
CA GLY A 27 -1.72 7.70 -12.81
C GLY A 27 -1.37 6.41 -13.52
N ASP A 28 -0.67 6.53 -14.65
CA ASP A 28 -0.28 5.36 -15.42
C ASP A 28 1.02 4.76 -14.87
N VAL A 29 0.98 4.37 -13.61
CA VAL A 29 2.15 3.79 -12.97
C VAL A 29 1.73 2.79 -11.89
N GLU A 30 0.59 2.14 -12.10
CA GLU A 30 0.09 1.16 -11.14
C GLU A 30 0.81 -0.18 -11.32
N ASP A 31 1.26 -0.44 -12.55
CA ASP A 31 1.95 -1.69 -12.84
C ASP A 31 3.43 -1.42 -13.16
N VAL A 32 3.95 -0.32 -12.62
CA VAL A 32 5.35 0.04 -12.85
C VAL A 32 6.09 0.08 -11.51
N ALA A 33 7.10 -0.79 -11.39
CA ALA A 33 7.89 -0.88 -10.15
C ALA A 33 8.26 0.50 -9.60
N PHE A 34 8.34 0.58 -8.27
CA PHE A 34 8.68 1.84 -7.59
C PHE A 34 10.00 2.41 -8.12
N ASP A 35 10.92 1.52 -8.48
CA ASP A 35 12.22 1.94 -8.99
C ASP A 35 12.04 2.74 -10.29
N ALA A 36 11.08 2.32 -11.10
CA ALA A 36 10.81 2.98 -12.37
C ALA A 36 10.16 4.35 -12.13
N LEU A 37 9.26 4.40 -11.16
CA LEU A 37 8.56 5.64 -10.84
C LEU A 37 9.56 6.71 -10.39
N GLY A 38 10.62 6.26 -9.71
CA GLY A 38 11.64 7.18 -9.23
C GLY A 38 11.75 7.15 -7.70
N TYR A 39 11.12 6.17 -7.07
CA TYR A 39 11.18 6.06 -5.61
C TYR A 39 12.51 5.45 -5.18
N ASP A 40 12.98 5.87 -4.01
CA ASP A 40 14.25 5.36 -3.49
C ASP A 40 14.02 4.09 -2.69
N SER A 41 13.43 4.25 -1.51
CA SER A 41 13.13 3.14 -0.63
C SER A 41 12.65 3.68 0.70
N LEU A 42 13.42 4.64 1.24
CA LEU A 42 13.07 5.25 2.51
C LEU A 42 11.67 5.87 2.46
N ALA A 43 11.20 6.17 1.24
CA ALA A 43 9.87 6.74 1.07
C ALA A 43 8.83 5.66 1.29
N LEU A 44 8.99 4.55 0.58
CA LEU A 44 8.07 3.43 0.70
C LEU A 44 8.08 2.89 2.12
N LEU A 45 9.28 2.85 2.70
CA LEU A 45 9.45 2.36 4.07
C LEU A 45 8.54 3.14 5.03
N ASN A 46 8.58 4.46 4.91
CA ASN A 46 7.76 5.31 5.77
C ASN A 46 6.29 5.19 5.41
N THR A 47 6.00 5.30 4.11
CA THR A 47 4.62 5.22 3.65
C THR A 47 3.99 3.89 4.01
N VAL A 48 4.68 2.80 3.67
CA VAL A 48 4.17 1.46 3.97
C VAL A 48 4.03 1.27 5.48
N GLY A 49 4.91 1.92 6.24
CA GLY A 49 4.88 1.81 7.69
C GLY A 49 3.60 2.43 8.25
N ARG A 50 3.17 3.52 7.62
CA ARG A 50 1.96 4.21 8.06
C ARG A 50 0.72 3.37 7.78
N ILE A 51 0.75 2.67 6.65
CA ILE A 51 -0.38 1.82 6.27
C ILE A 51 -0.49 0.63 7.21
N GLU A 52 0.64 -0.05 7.43
CA GLU A 52 0.65 -1.21 8.30
C GLU A 52 0.19 -0.83 9.72
N ARG A 53 0.42 0.43 10.09
CA ARG A 53 0.02 0.89 11.42
C ARG A 53 -1.41 1.45 11.40
N ASP A 54 -1.70 2.24 10.38
CA ASP A 54 -3.02 2.85 10.25
C ASP A 54 -4.08 1.80 9.92
N TYR A 55 -3.70 0.86 9.05
CA TYR A 55 -4.62 -0.19 8.64
C TYR A 55 -4.46 -1.42 9.53
N GLY A 56 -3.25 -1.60 10.08
CA GLY A 56 -2.98 -2.75 10.94
C GLY A 56 -2.80 -4.01 10.10
N VAL A 57 -2.22 -3.85 8.93
CA VAL A 57 -1.98 -4.98 8.03
C VAL A 57 -0.57 -5.52 8.23
N GLN A 58 -0.43 -6.84 8.18
CA GLN A 58 0.87 -7.48 8.35
C GLN A 58 0.80 -9.00 8.18
N LEU A 59 0.17 -9.44 7.10
CA LEU A 59 0.07 -10.89 6.84
C LEU A 59 1.37 -11.44 6.24
N GLY A 60 2.36 -10.57 6.02
CA GLY A 60 3.62 -11.01 5.45
C GLY A 60 4.71 -9.96 5.65
N ASP A 61 5.71 -10.31 6.46
CA ASP A 61 6.82 -9.39 6.72
C ASP A 61 7.55 -9.06 5.43
N ASP A 62 7.78 -10.09 4.62
CA ASP A 62 8.47 -9.91 3.36
C ASP A 62 7.53 -9.34 2.28
N ALA A 63 6.26 -9.12 2.63
CA ALA A 63 5.30 -8.56 1.69
C ALA A 63 5.80 -7.21 1.17
N VAL A 64 6.51 -6.50 2.04
CA VAL A 64 7.06 -5.21 1.67
C VAL A 64 8.19 -5.38 0.66
N GLU A 65 8.86 -6.54 0.72
CA GLU A 65 9.96 -6.81 -0.20
C GLU A 65 9.43 -7.15 -1.59
N LYS A 66 8.52 -8.12 -1.65
CA LYS A 66 7.93 -8.53 -2.93
C LYS A 66 7.19 -7.36 -3.58
N ALA A 67 6.64 -6.49 -2.74
CA ALA A 67 5.90 -5.33 -3.24
C ALA A 67 6.81 -4.45 -4.09
N THR A 68 6.70 -4.61 -5.41
CA THR A 68 7.51 -3.81 -6.33
C THR A 68 6.67 -2.68 -6.91
N THR A 69 5.38 -2.94 -7.06
CA THR A 69 4.45 -1.94 -7.60
C THR A 69 3.45 -1.54 -6.52
N PRO A 70 2.64 -0.50 -6.74
CA PRO A 70 1.65 -0.08 -5.74
C PRO A 70 0.52 -1.11 -5.64
N ARG A 71 0.20 -1.73 -6.77
CA ARG A 71 -0.83 -2.75 -6.79
C ARG A 71 -0.43 -3.92 -5.88
N ALA A 72 0.88 -4.10 -5.68
CA ALA A 72 1.37 -5.18 -4.83
C ALA A 72 1.06 -4.87 -3.37
N LEU A 73 1.48 -3.68 -2.94
CA LEU A 73 1.24 -3.25 -1.55
C LEU A 73 -0.25 -3.30 -1.24
N ILE A 74 -1.04 -2.78 -2.16
CA ILE A 74 -2.50 -2.78 -1.99
C ILE A 74 -3.01 -4.21 -1.90
N GLU A 75 -2.41 -5.10 -2.69
CA GLU A 75 -2.79 -6.51 -2.68
C GLU A 75 -2.58 -7.11 -1.30
N MET A 76 -1.38 -6.92 -0.77
CA MET A 76 -1.06 -7.46 0.54
C MET A 76 -1.84 -6.72 1.63
N THR A 77 -2.07 -5.43 1.41
CA THR A 77 -2.82 -4.63 2.38
C THR A 77 -4.29 -4.99 2.35
N ASN A 78 -4.77 -5.39 1.17
CA ASN A 78 -6.17 -5.77 1.02
C ASN A 78 -6.37 -7.21 1.47
N ALA A 79 -5.35 -8.03 1.23
CA ALA A 79 -5.42 -9.44 1.62
C ALA A 79 -5.57 -9.58 3.12
N SER A 80 -4.85 -8.75 3.86
CA SER A 80 -4.92 -8.79 5.31
C SER A 80 -6.21 -8.15 5.80
N LEU A 81 -6.57 -7.05 5.19
CA LEU A 81 -7.79 -6.33 5.55
C LEU A 81 -9.01 -7.17 5.24
N THR A 82 -9.05 -7.72 4.02
CA THR A 82 -10.19 -8.54 3.62
C THR A 82 -10.29 -9.79 4.48
N GLY A 83 -9.13 -10.29 4.91
CA GLY A 83 -9.09 -11.50 5.74
C GLY A 83 -9.36 -11.15 7.20
N ALA A 84 -8.45 -10.39 7.80
CA ALA A 84 -8.61 -9.99 9.20
C ALA A 84 -8.67 -11.22 10.10
N SER A 85 -7.97 -12.28 9.71
CA SER A 85 -7.96 -13.51 10.48
C SER A 85 -7.12 -13.34 11.76
N PRO A 86 -5.85 -12.89 11.63
CA PRO A 86 -4.98 -12.69 12.80
C PRO A 86 -5.25 -11.37 13.52
N SER A 87 -5.20 -11.42 14.85
CA SER A 87 -5.44 -10.22 15.66
C SER A 87 -4.12 -9.62 16.12
N ALA A 88 -3.10 -9.75 15.29
CA ALA A 88 -1.78 -9.21 15.61
C ALA A 88 -1.80 -7.68 15.51
N GLY A 89 -2.54 -7.17 14.54
CA GLY A 89 -2.63 -5.73 14.35
C GLY A 89 -3.64 -5.11 15.32
N GLY A 90 -3.21 -4.93 16.57
CA GLY A 90 -4.08 -4.35 17.58
C GLY A 90 -3.25 -3.71 18.70
N ALA A 91 -2.45 -2.72 18.33
CA ALA A 91 -1.60 -2.03 19.30
C ALA A 91 -1.91 -0.54 19.30
N ALA A 92 -1.68 0.10 20.44
CA ALA A 92 -1.93 1.53 20.57
C ALA A 92 -0.62 2.28 20.82
N ARG A 93 -0.45 3.41 20.14
CA ARG A 93 0.76 4.20 20.29
C ARG A 93 0.47 5.47 21.09
N ASP A 94 -0.75 5.98 20.96
CA ASP A 94 -1.15 7.19 21.67
C ASP A 94 -0.28 8.37 21.26
N LYS A 95 -0.82 9.22 20.39
CA LYS A 95 -0.07 10.38 19.92
C LYS A 95 -0.97 11.62 19.91
N MET A 1 -16.45 -3.33 7.05
CA MET A 1 -14.99 -3.61 6.89
C MET A 1 -14.36 -2.52 6.02
N THR A 2 -13.05 -2.63 5.82
CA THR A 2 -12.33 -1.65 5.00
C THR A 2 -11.29 -2.36 4.14
N LEU A 3 -10.48 -1.55 3.44
CA LEU A 3 -9.44 -2.09 2.56
C LEU A 3 -8.59 -0.96 2.01
N LEU A 4 -7.80 -1.25 0.97
CA LEU A 4 -6.94 -0.23 0.38
C LEU A 4 -7.22 -0.07 -1.11
N THR A 5 -6.83 1.08 -1.66
CA THR A 5 -7.04 1.34 -3.08
C THR A 5 -5.80 1.97 -3.70
N LEU A 6 -5.80 2.03 -5.03
CA LEU A 6 -4.67 2.61 -5.76
C LEU A 6 -4.47 4.07 -5.36
N SER A 7 -5.58 4.74 -5.04
CA SER A 7 -5.51 6.14 -4.64
C SER A 7 -4.88 6.27 -3.26
N ASP A 8 -5.26 5.37 -2.36
CA ASP A 8 -4.71 5.39 -1.00
C ASP A 8 -3.21 5.23 -1.01
N LEU A 9 -2.72 4.40 -1.92
CA LEU A 9 -1.29 4.15 -2.03
C LEU A 9 -0.56 5.41 -2.51
N LEU A 10 -0.86 5.82 -3.74
CA LEU A 10 -0.23 6.99 -4.34
C LEU A 10 -0.28 8.22 -3.42
N THR A 11 -1.44 8.48 -2.83
CA THR A 11 -1.60 9.62 -1.95
C THR A 11 -0.62 9.55 -0.78
N LEU A 12 -0.64 8.43 -0.06
CA LEU A 12 0.26 8.25 1.08
C LEU A 12 1.71 8.34 0.60
N LEU A 13 2.00 7.58 -0.45
CA LEU A 13 3.33 7.57 -1.03
C LEU A 13 3.74 8.99 -1.43
N ARG A 14 2.76 9.74 -1.93
CA ARG A 14 2.97 11.12 -2.34
C ARG A 14 3.39 11.96 -1.12
N GLU A 15 2.54 11.95 -0.09
CA GLU A 15 2.82 12.71 1.12
C GLU A 15 4.12 12.24 1.77
N CYS A 16 4.26 10.92 1.86
CA CYS A 16 5.45 10.33 2.45
C CYS A 16 6.69 10.63 1.64
N ALA A 17 6.53 10.62 0.31
CA ALA A 17 7.64 10.90 -0.59
C ALA A 17 7.95 12.40 -0.60
N GLY A 18 6.91 13.20 -0.54
CA GLY A 18 7.07 14.65 -0.55
C GLY A 18 6.56 15.27 -1.85
N GLU A 19 5.58 14.60 -2.47
CA GLU A 19 5.02 15.09 -3.72
C GLU A 19 4.02 16.20 -3.45
N GLU A 20 3.31 16.64 -4.48
CA GLU A 20 2.33 17.70 -4.34
C GLU A 20 1.03 17.35 -5.05
N GLU A 21 0.67 16.07 -5.00
CA GLU A 21 -0.55 15.59 -5.65
C GLU A 21 -0.70 14.07 -5.46
N SER A 22 -1.86 13.67 -4.96
CA SER A 22 -2.14 12.24 -4.73
C SER A 22 -1.82 11.42 -5.98
N ILE A 23 -2.22 11.94 -7.13
CA ILE A 23 -1.97 11.26 -8.39
C ILE A 23 -1.36 12.22 -9.40
N ASP A 24 -0.06 12.46 -9.25
CA ASP A 24 0.65 13.36 -10.15
C ASP A 24 1.35 12.59 -11.27
N LEU A 25 1.71 11.35 -10.97
CA LEU A 25 2.39 10.50 -11.96
C LEU A 25 1.55 10.37 -13.23
N GLY A 26 0.23 10.41 -13.06
CA GLY A 26 -0.68 10.30 -14.20
C GLY A 26 -1.79 9.30 -13.92
N GLY A 27 -1.47 8.30 -13.09
CA GLY A 27 -2.45 7.28 -12.74
C GLY A 27 -2.13 5.96 -13.42
N ASP A 28 -1.52 6.04 -14.61
CA ASP A 28 -1.17 4.85 -15.37
C ASP A 28 0.17 4.30 -14.90
N VAL A 29 0.25 3.98 -13.62
CA VAL A 29 1.49 3.44 -13.04
C VAL A 29 1.18 2.45 -11.93
N GLU A 30 0.05 1.76 -12.08
CA GLU A 30 -0.35 0.77 -11.08
C GLU A 30 0.45 -0.52 -11.22
N ASP A 31 0.94 -0.77 -12.43
CA ASP A 31 1.73 -1.97 -12.70
C ASP A 31 3.17 -1.60 -13.04
N VAL A 32 3.61 -0.45 -12.54
CA VAL A 32 4.99 0.01 -12.80
C VAL A 32 5.80 -0.11 -11.51
N ALA A 33 6.96 -0.74 -11.59
CA ALA A 33 7.81 -0.93 -10.42
C ALA A 33 8.14 0.41 -9.76
N PHE A 34 8.34 0.37 -8.44
CA PHE A 34 8.66 1.57 -7.67
C PHE A 34 9.90 2.26 -8.24
N ASP A 35 10.83 1.45 -8.75
CA ASP A 35 12.07 1.99 -9.31
C ASP A 35 11.76 2.88 -10.50
N ALA A 36 10.76 2.48 -11.28
CA ALA A 36 10.37 3.26 -12.45
C ALA A 36 9.68 4.56 -12.03
N LEU A 37 8.84 4.46 -10.99
CA LEU A 37 8.13 5.63 -10.50
C LEU A 37 9.11 6.69 -10.00
N GLY A 38 10.24 6.21 -9.47
CA GLY A 38 11.26 7.11 -8.96
C GLY A 38 11.39 7.02 -7.44
N TYR A 39 10.99 5.87 -6.89
CA TYR A 39 11.07 5.67 -5.45
C TYR A 39 12.34 4.91 -5.10
N ASP A 40 13.01 5.36 -4.03
CA ASP A 40 14.25 4.71 -3.59
C ASP A 40 13.92 3.50 -2.73
N SER A 41 13.43 3.78 -1.53
CA SER A 41 13.07 2.73 -0.58
C SER A 41 12.68 3.37 0.74
N LEU A 42 13.45 4.38 1.14
CA LEU A 42 13.20 5.09 2.39
C LEU A 42 11.79 5.68 2.39
N ALA A 43 11.34 6.08 1.21
CA ALA A 43 10.00 6.66 1.08
C ALA A 43 8.95 5.57 1.25
N LEU A 44 9.19 4.44 0.61
CA LEU A 44 8.24 3.32 0.70
C LEU A 44 8.24 2.75 2.12
N LEU A 45 9.43 2.68 2.71
CA LEU A 45 9.59 2.17 4.07
C LEU A 45 8.69 2.95 5.03
N ASN A 46 8.71 4.27 4.88
CA ASN A 46 7.90 5.14 5.73
C ASN A 46 6.41 5.00 5.42
N THR A 47 6.07 5.16 4.13
CA THR A 47 4.67 5.06 3.71
C THR A 47 4.05 3.73 4.14
N VAL A 48 4.79 2.65 3.93
CA VAL A 48 4.29 1.32 4.31
C VAL A 48 4.09 1.25 5.82
N GLY A 49 4.97 1.92 6.55
CA GLY A 49 4.87 1.94 8.01
C GLY A 49 3.60 2.66 8.44
N ARG A 50 3.23 3.68 7.68
CA ARG A 50 2.02 4.43 7.99
C ARG A 50 0.78 3.63 7.65
N ILE A 51 0.86 2.87 6.56
CA ILE A 51 -0.27 2.04 6.15
C ILE A 51 -0.44 0.88 7.12
N GLU A 52 0.64 0.14 7.35
CA GLU A 52 0.58 -0.99 8.27
C GLU A 52 0.16 -0.54 9.68
N ARG A 53 0.38 0.74 9.99
CA ARG A 53 0.01 1.25 11.30
C ARG A 53 -1.39 1.85 11.27
N ASP A 54 -1.68 2.60 10.21
CA ASP A 54 -2.99 3.23 10.07
C ASP A 54 -4.05 2.20 9.74
N TYR A 55 -3.71 1.26 8.85
CA TYR A 55 -4.63 0.21 8.46
C TYR A 55 -4.48 -1.02 9.35
N GLY A 56 -3.29 -1.20 9.91
CA GLY A 56 -3.04 -2.35 10.76
C GLY A 56 -2.79 -3.60 9.93
N VAL A 57 -2.23 -3.40 8.74
CA VAL A 57 -1.94 -4.51 7.85
C VAL A 57 -0.51 -5.01 8.04
N GLN A 58 -0.35 -6.33 8.08
CA GLN A 58 0.97 -6.91 8.26
C GLN A 58 0.90 -8.44 8.25
N LEU A 59 0.61 -9.00 7.07
CA LEU A 59 0.51 -10.45 6.93
C LEU A 59 1.68 -10.98 6.10
N GLY A 60 2.82 -10.31 6.22
CA GLY A 60 4.02 -10.72 5.47
C GLY A 60 5.11 -9.67 5.59
N ASP A 61 6.18 -10.01 6.32
CA ASP A 61 7.29 -9.09 6.50
C ASP A 61 8.00 -8.82 5.19
N ASP A 62 8.06 -9.86 4.34
CA ASP A 62 8.72 -9.72 3.05
C ASP A 62 7.84 -9.01 2.02
N ALA A 63 6.63 -8.61 2.44
CA ALA A 63 5.73 -7.90 1.54
C ALA A 63 6.40 -6.64 1.01
N VAL A 64 7.24 -6.04 1.86
CA VAL A 64 7.96 -4.82 1.47
C VAL A 64 8.98 -5.15 0.38
N GLU A 65 9.48 -6.38 0.39
CA GLU A 65 10.47 -6.80 -0.59
C GLU A 65 9.79 -7.15 -1.92
N LYS A 66 8.82 -8.06 -1.85
CA LYS A 66 8.10 -8.47 -3.06
C LYS A 66 7.33 -7.31 -3.66
N ALA A 67 6.89 -6.39 -2.81
CA ALA A 67 6.13 -5.22 -3.27
C ALA A 67 6.97 -4.38 -4.23
N THR A 68 6.75 -4.61 -5.52
CA THR A 68 7.49 -3.86 -6.55
C THR A 68 6.58 -2.77 -7.14
N THR A 69 5.28 -3.07 -7.20
CA THR A 69 4.31 -2.13 -7.71
C THR A 69 3.37 -1.70 -6.58
N PRO A 70 2.53 -0.67 -6.81
CA PRO A 70 1.60 -0.22 -5.77
C PRO A 70 0.50 -1.24 -5.55
N ARG A 71 0.14 -1.93 -6.63
CA ARG A 71 -0.88 -2.98 -6.55
C ARG A 71 -0.43 -4.09 -5.60
N ALA A 72 0.89 -4.25 -5.48
CA ALA A 72 1.44 -5.29 -4.60
C ALA A 72 1.09 -4.95 -3.15
N LEU A 73 1.52 -3.77 -2.72
CA LEU A 73 1.25 -3.32 -1.35
C LEU A 73 -0.26 -3.32 -1.09
N ILE A 74 -1.00 -2.78 -2.04
CA ILE A 74 -2.47 -2.74 -1.93
C ILE A 74 -3.01 -4.17 -1.81
N GLU A 75 -2.43 -5.08 -2.60
CA GLU A 75 -2.88 -6.46 -2.58
C GLU A 75 -2.64 -7.08 -1.21
N MET A 76 -1.44 -6.91 -0.70
CA MET A 76 -1.10 -7.45 0.62
C MET A 76 -1.95 -6.77 1.69
N THR A 77 -2.20 -5.49 1.50
CA THR A 77 -3.01 -4.73 2.44
C THR A 77 -4.46 -5.21 2.40
N ASN A 78 -5.03 -5.25 1.20
CA ASN A 78 -6.41 -5.69 1.03
C ASN A 78 -6.58 -7.11 1.52
N ALA A 79 -5.54 -7.91 1.30
CA ALA A 79 -5.55 -9.31 1.72
C ALA A 79 -5.65 -9.39 3.24
N SER A 80 -5.02 -8.44 3.90
CA SER A 80 -5.05 -8.39 5.36
C SER A 80 -6.42 -7.97 5.85
N LEU A 81 -6.97 -6.92 5.23
CA LEU A 81 -8.27 -6.44 5.62
C LEU A 81 -9.34 -7.47 5.30
N THR A 82 -9.31 -7.99 4.08
CA THR A 82 -10.29 -9.00 3.67
C THR A 82 -10.12 -10.28 4.49
N GLY A 83 -8.87 -10.56 4.86
CA GLY A 83 -8.56 -11.76 5.63
C GLY A 83 -9.27 -11.73 6.98
N ALA A 84 -8.89 -10.75 7.81
CA ALA A 84 -9.49 -10.61 9.13
C ALA A 84 -9.23 -11.86 9.97
N SER A 85 -8.09 -12.50 9.72
CA SER A 85 -7.73 -13.71 10.47
C SER A 85 -6.31 -14.15 10.10
N PRO A 86 -5.69 -15.02 10.92
CA PRO A 86 -4.34 -15.50 10.66
C PRO A 86 -4.30 -16.66 9.67
N SER A 87 -4.08 -16.34 8.40
CA SER A 87 -4.04 -17.36 7.35
C SER A 87 -2.70 -17.31 6.63
N ALA A 88 -2.57 -18.15 5.60
CA ALA A 88 -1.33 -18.21 4.83
C ALA A 88 -0.16 -18.62 5.73
N GLY A 89 0.12 -19.92 5.76
CA GLY A 89 1.21 -20.43 6.58
C GLY A 89 0.67 -21.29 7.72
N GLY A 90 1.42 -22.36 8.05
CA GLY A 90 1.01 -23.26 9.12
C GLY A 90 0.20 -24.43 8.56
N ALA A 91 -1.12 -24.33 8.69
CA ALA A 91 -2.02 -25.38 8.20
C ALA A 91 -1.81 -26.68 8.98
N ALA A 92 -0.74 -27.39 8.64
CA ALA A 92 -0.44 -28.66 9.32
C ALA A 92 1.03 -29.02 9.12
N ARG A 93 1.49 -28.91 7.89
CA ARG A 93 2.88 -29.22 7.57
C ARG A 93 3.48 -28.16 6.66
N ASP A 94 3.07 -26.91 6.88
CA ASP A 94 3.57 -25.80 6.08
C ASP A 94 3.21 -25.99 4.61
N LYS A 95 2.07 -26.63 4.37
CA LYS A 95 1.62 -26.87 2.99
C LYS A 95 0.12 -26.65 2.88
N MET A 1 -15.30 -3.51 7.81
CA MET A 1 -14.07 -3.96 7.12
C MET A 1 -13.48 -2.82 6.30
N THR A 2 -12.15 -2.74 6.29
CA THR A 2 -11.47 -1.68 5.55
C THR A 2 -10.28 -2.25 4.78
N LEU A 3 -10.21 -1.91 3.49
CA LEU A 3 -9.13 -2.40 2.65
C LEU A 3 -8.30 -1.21 2.14
N LEU A 4 -7.49 -1.43 1.10
CA LEU A 4 -6.65 -0.35 0.58
C LEU A 4 -6.98 -0.05 -0.87
N THR A 5 -6.63 1.16 -1.32
CA THR A 5 -6.91 1.57 -2.68
C THR A 5 -5.67 2.20 -3.31
N LEU A 6 -5.71 2.35 -4.64
CA LEU A 6 -4.60 2.94 -5.37
C LEU A 6 -4.36 4.37 -4.91
N SER A 7 -5.44 5.07 -4.62
CA SER A 7 -5.35 6.45 -4.16
C SER A 7 -4.66 6.52 -2.80
N ASP A 8 -4.85 5.48 -2.00
CA ASP A 8 -4.25 5.44 -0.68
C ASP A 8 -2.72 5.33 -0.78
N LEU A 9 -2.26 4.26 -1.40
CA LEU A 9 -0.82 4.03 -1.56
C LEU A 9 -0.15 5.24 -2.21
N LEU A 10 -0.79 5.77 -3.25
CA LEU A 10 -0.24 6.92 -3.97
C LEU A 10 -0.07 8.15 -3.07
N THR A 11 -1.18 8.65 -2.53
CA THR A 11 -1.12 9.84 -1.66
C THR A 11 -0.09 9.67 -0.55
N LEU A 12 -0.11 8.49 0.07
CA LEU A 12 0.84 8.19 1.15
C LEU A 12 2.26 8.33 0.62
N LEU A 13 2.51 7.67 -0.51
CA LEU A 13 3.82 7.73 -1.15
C LEU A 13 4.12 9.18 -1.53
N ARG A 14 3.08 9.90 -1.91
CA ARG A 14 3.23 11.31 -2.26
C ARG A 14 3.64 12.11 -1.03
N GLU A 15 2.86 11.96 0.04
CA GLU A 15 3.13 12.66 1.29
C GLU A 15 4.56 12.39 1.76
N CYS A 16 4.97 11.13 1.67
CA CYS A 16 6.31 10.73 2.06
C CYS A 16 7.34 11.33 1.12
N ALA A 17 7.06 11.22 -0.18
CA ALA A 17 7.96 11.77 -1.19
C ALA A 17 8.12 13.27 -1.03
N GLY A 18 7.00 13.94 -0.74
CA GLY A 18 7.02 15.38 -0.56
C GLY A 18 6.43 16.11 -1.78
N GLU A 19 5.56 15.43 -2.51
CA GLU A 19 4.95 16.02 -3.69
C GLU A 19 3.72 16.85 -3.28
N GLU A 20 3.00 17.35 -4.28
CA GLU A 20 1.82 18.17 -4.00
C GLU A 20 0.63 17.69 -4.84
N GLU A 21 0.37 16.39 -4.79
CA GLU A 21 -0.74 15.81 -5.54
C GLU A 21 -0.85 14.31 -5.25
N SER A 22 -2.02 13.90 -4.75
CA SER A 22 -2.27 12.49 -4.42
C SER A 22 -1.88 11.59 -5.59
N ILE A 23 -2.21 12.02 -6.80
CA ILE A 23 -1.89 11.24 -7.98
C ILE A 23 -1.19 12.11 -9.02
N ASP A 24 0.09 12.34 -8.81
CA ASP A 24 0.88 13.16 -9.74
C ASP A 24 1.61 12.27 -10.72
N LEU A 25 2.25 11.24 -10.19
CA LEU A 25 2.99 10.29 -11.02
C LEU A 25 2.31 8.93 -11.00
N GLY A 26 0.99 8.94 -10.83
CA GLY A 26 0.22 7.70 -10.78
C GLY A 26 -0.93 7.71 -11.79
N GLY A 27 -0.79 8.54 -12.83
CA GLY A 27 -1.83 8.63 -13.85
C GLY A 27 -1.95 7.31 -14.61
N ASP A 28 -0.83 6.60 -14.72
CA ASP A 28 -0.83 5.32 -15.43
C ASP A 28 0.48 4.57 -15.17
N VAL A 29 0.63 4.06 -13.95
CA VAL A 29 1.83 3.33 -13.58
C VAL A 29 1.53 2.35 -12.44
N GLU A 30 0.30 1.85 -12.42
CA GLU A 30 -0.12 0.91 -11.38
C GLU A 30 0.59 -0.42 -11.54
N ASP A 31 1.04 -0.71 -12.76
CA ASP A 31 1.73 -1.96 -13.04
C ASP A 31 3.17 -1.69 -13.45
N VAL A 32 3.72 -0.56 -12.99
CA VAL A 32 5.10 -0.21 -13.30
C VAL A 32 5.94 -0.33 -12.02
N ALA A 33 7.14 -0.89 -12.17
CA ALA A 33 8.03 -1.08 -11.03
C ALA A 33 8.31 0.25 -10.32
N PHE A 34 8.54 0.17 -9.01
CA PHE A 34 8.83 1.37 -8.22
C PHE A 34 10.05 2.10 -8.77
N ASP A 35 10.97 1.35 -9.35
CA ASP A 35 12.18 1.94 -9.92
C ASP A 35 11.83 2.92 -11.03
N ALA A 36 10.82 2.55 -11.82
CA ALA A 36 10.38 3.41 -12.91
C ALA A 36 9.66 4.65 -12.37
N LEU A 37 8.89 4.45 -11.31
CA LEU A 37 8.16 5.56 -10.69
C LEU A 37 9.15 6.59 -10.15
N GLY A 38 10.25 6.10 -9.60
CA GLY A 38 11.28 6.98 -9.04
C GLY A 38 11.31 6.89 -7.52
N TYR A 39 10.88 5.74 -6.99
CA TYR A 39 10.88 5.55 -5.54
C TYR A 39 12.19 4.92 -5.08
N ASP A 40 12.65 5.33 -3.91
CA ASP A 40 13.90 4.80 -3.36
C ASP A 40 13.64 3.53 -2.58
N SER A 41 13.05 3.70 -1.40
CA SER A 41 12.73 2.58 -0.51
C SER A 41 12.11 3.12 0.76
N LEU A 42 12.78 4.11 1.31
CA LEU A 42 12.31 4.75 2.55
C LEU A 42 10.89 5.28 2.38
N ALA A 43 10.56 5.67 1.15
CA ALA A 43 9.22 6.18 0.88
C ALA A 43 8.20 5.06 1.00
N LEU A 44 8.51 3.94 0.36
CA LEU A 44 7.61 2.78 0.40
C LEU A 44 7.62 2.16 1.79
N LEU A 45 8.76 2.26 2.46
CA LEU A 45 8.90 1.71 3.80
C LEU A 45 8.00 2.48 4.78
N ASN A 46 8.16 3.80 4.78
CA ASN A 46 7.37 4.65 5.67
C ASN A 46 5.88 4.52 5.35
N THR A 47 5.56 4.49 4.05
CA THR A 47 4.17 4.38 3.61
C THR A 47 3.49 3.16 4.23
N VAL A 48 4.05 1.98 3.95
CA VAL A 48 3.49 0.73 4.49
C VAL A 48 3.39 0.79 6.01
N GLY A 49 4.33 1.51 6.63
CA GLY A 49 4.32 1.65 8.08
C GLY A 49 3.08 2.40 8.54
N ARG A 50 2.69 3.40 7.76
CA ARG A 50 1.52 4.19 8.08
C ARG A 50 0.27 3.34 7.93
N ILE A 51 0.30 2.40 6.98
CA ILE A 51 -0.85 1.53 6.76
C ILE A 51 -1.01 0.58 7.93
N GLU A 52 0.06 -0.13 8.25
CA GLU A 52 0.01 -1.08 9.36
C GLU A 52 -0.38 -0.39 10.67
N ARG A 53 -0.15 0.92 10.74
CA ARG A 53 -0.50 1.67 11.95
C ARG A 53 -1.89 2.28 11.84
N ASP A 54 -2.17 2.89 10.70
CA ASP A 54 -3.48 3.52 10.48
C ASP A 54 -4.57 2.46 10.31
N TYR A 55 -4.21 1.35 9.66
CA TYR A 55 -5.16 0.28 9.43
C TYR A 55 -5.06 -0.77 10.55
N GLY A 56 -3.87 -0.88 11.14
CA GLY A 56 -3.66 -1.85 12.21
C GLY A 56 -3.69 -3.27 11.64
N VAL A 57 -3.09 -3.45 10.46
CA VAL A 57 -3.06 -4.74 9.82
C VAL A 57 -1.63 -5.12 9.43
N GLN A 58 -1.39 -6.41 9.20
CA GLN A 58 -0.07 -6.88 8.81
C GLN A 58 -0.14 -8.33 8.33
N LEU A 59 0.56 -8.62 7.24
CA LEU A 59 0.55 -9.98 6.69
C LEU A 59 1.98 -10.53 6.57
N GLY A 60 2.91 -9.66 6.20
CA GLY A 60 4.31 -10.09 6.06
C GLY A 60 5.21 -8.89 5.82
N ASP A 61 6.26 -8.80 6.63
CA ASP A 61 7.23 -7.70 6.52
C ASP A 61 7.92 -7.74 5.17
N ASP A 62 8.02 -8.92 4.57
CA ASP A 62 8.68 -9.06 3.28
C ASP A 62 7.77 -8.63 2.12
N ALA A 63 6.54 -8.21 2.45
CA ALA A 63 5.62 -7.75 1.41
C ALA A 63 6.24 -6.59 0.63
N VAL A 64 7.03 -5.79 1.34
CA VAL A 64 7.71 -4.66 0.73
C VAL A 64 8.79 -5.14 -0.23
N GLU A 65 9.34 -6.32 0.05
CA GLU A 65 10.40 -6.88 -0.80
C GLU A 65 9.82 -7.26 -2.15
N LYS A 66 8.89 -8.20 -2.15
CA LYS A 66 8.27 -8.64 -3.39
C LYS A 66 7.52 -7.49 -4.07
N ALA A 67 7.05 -6.55 -3.25
CA ALA A 67 6.32 -5.39 -3.77
C ALA A 67 7.17 -4.60 -4.77
N THR A 68 6.93 -4.86 -6.05
CA THR A 68 7.66 -4.16 -7.11
C THR A 68 6.79 -3.04 -7.69
N THR A 69 5.47 -3.27 -7.68
CA THR A 69 4.53 -2.30 -8.19
C THR A 69 3.64 -1.82 -7.05
N PRO A 70 2.83 -0.76 -7.24
CA PRO A 70 1.93 -0.28 -6.19
C PRO A 70 0.81 -1.27 -5.92
N ARG A 71 0.37 -1.93 -6.99
CA ARG A 71 -0.69 -2.92 -6.87
C ARG A 71 -0.24 -4.06 -5.96
N ALA A 72 1.08 -4.27 -5.88
CA ALA A 72 1.63 -5.33 -5.04
C ALA A 72 1.33 -5.03 -3.58
N LEU A 73 1.76 -3.84 -3.15
CA LEU A 73 1.53 -3.42 -1.76
C LEU A 73 0.03 -3.41 -1.46
N ILE A 74 -0.74 -2.82 -2.37
CA ILE A 74 -2.19 -2.76 -2.21
C ILE A 74 -2.76 -4.18 -2.14
N GLU A 75 -2.22 -5.06 -2.97
CA GLU A 75 -2.67 -6.45 -2.98
C GLU A 75 -2.30 -7.14 -1.68
N MET A 76 -1.05 -6.97 -1.28
CA MET A 76 -0.57 -7.57 -0.04
C MET A 76 -1.34 -6.98 1.13
N THR A 77 -1.63 -5.68 1.04
CA THR A 77 -2.37 -5.00 2.09
C THR A 77 -3.82 -5.48 2.09
N ASN A 78 -4.48 -5.37 0.95
CA ASN A 78 -5.87 -5.81 0.82
C ASN A 78 -6.02 -7.25 1.26
N ALA A 79 -4.99 -8.03 1.00
CA ALA A 79 -4.97 -9.45 1.39
C ALA A 79 -4.92 -9.55 2.91
N SER A 80 -4.22 -8.61 3.52
CA SER A 80 -4.09 -8.59 4.97
C SER A 80 -5.37 -8.09 5.61
N LEU A 81 -5.91 -7.00 5.05
CA LEU A 81 -7.15 -6.43 5.55
C LEU A 81 -8.30 -7.44 5.41
N THR A 82 -8.45 -7.98 4.20
CA THR A 82 -9.52 -8.95 3.96
C THR A 82 -9.34 -10.18 4.86
N GLY A 83 -8.09 -10.52 5.14
CA GLY A 83 -7.79 -11.67 5.98
C GLY A 83 -8.34 -11.46 7.40
N ALA A 84 -8.14 -10.25 7.91
CA ALA A 84 -8.62 -9.93 9.26
C ALA A 84 -10.14 -10.06 9.33
N SER A 85 -10.80 -9.76 8.21
CA SER A 85 -12.25 -9.85 8.16
C SER A 85 -12.68 -10.97 7.21
N PRO A 86 -12.83 -12.21 7.70
CA PRO A 86 -13.25 -13.34 6.86
C PRO A 86 -14.75 -13.39 6.64
N SER A 87 -15.24 -12.58 5.71
CA SER A 87 -16.66 -12.55 5.40
C SER A 87 -16.92 -13.02 3.97
N ALA A 88 -16.05 -12.60 3.06
CA ALA A 88 -16.18 -12.97 1.65
C ALA A 88 -17.51 -12.48 1.09
N GLY A 89 -17.46 -11.35 0.38
CA GLY A 89 -18.65 -10.78 -0.21
C GLY A 89 -19.53 -10.13 0.86
N GLY A 90 -19.31 -8.83 1.08
CA GLY A 90 -20.08 -8.11 2.08
C GLY A 90 -20.82 -6.93 1.45
N ALA A 91 -20.05 -5.90 1.06
CA ALA A 91 -20.63 -4.72 0.43
C ALA A 91 -21.62 -4.04 1.38
N ALA A 92 -22.03 -2.83 1.02
CA ALA A 92 -22.98 -2.08 1.85
C ALA A 92 -23.33 -0.76 1.19
N ARG A 93 -22.31 -0.12 0.61
CA ARG A 93 -22.52 1.17 -0.06
C ARG A 93 -23.28 0.97 -1.37
N ASP A 94 -24.61 0.86 -1.27
CA ASP A 94 -25.44 0.67 -2.45
C ASP A 94 -25.48 1.94 -3.29
N LYS A 95 -25.92 3.03 -2.67
CA LYS A 95 -26.00 4.31 -3.36
C LYS A 95 -25.59 5.45 -2.44
N MET A 1 -13.39 -4.68 8.66
CA MET A 1 -11.97 -4.20 8.53
C MET A 1 -11.84 -3.33 7.29
N THR A 2 -11.39 -2.10 7.50
CA THR A 2 -11.21 -1.17 6.38
C THR A 2 -10.04 -1.58 5.51
N LEU A 3 -10.32 -1.81 4.24
CA LEU A 3 -9.27 -2.22 3.30
C LEU A 3 -8.51 -1.00 2.78
N LEU A 4 -7.74 -1.19 1.71
CA LEU A 4 -6.97 -0.09 1.14
C LEU A 4 -7.18 -0.01 -0.36
N THR A 5 -6.97 1.18 -0.93
CA THR A 5 -7.16 1.36 -2.38
C THR A 5 -5.95 2.05 -3.00
N LEU A 6 -5.96 2.13 -4.33
CA LEU A 6 -4.86 2.78 -5.05
C LEU A 6 -4.76 4.25 -4.64
N SER A 7 -5.92 4.90 -4.61
CA SER A 7 -5.98 6.31 -4.23
C SER A 7 -5.30 6.54 -2.88
N ASP A 8 -5.37 5.52 -2.02
CA ASP A 8 -4.77 5.61 -0.70
C ASP A 8 -3.25 5.51 -0.81
N LEU A 9 -2.77 4.43 -1.42
CA LEU A 9 -1.32 4.26 -1.58
C LEU A 9 -0.72 5.45 -2.31
N LEU A 10 -1.44 5.94 -3.31
CA LEU A 10 -0.98 7.09 -4.10
C LEU A 10 -0.70 8.31 -3.21
N THR A 11 -1.77 8.89 -2.68
CA THR A 11 -1.66 10.08 -1.82
C THR A 11 -0.59 9.90 -0.74
N LEU A 12 -0.57 8.72 -0.14
CA LEU A 12 0.41 8.43 0.91
C LEU A 12 1.81 8.51 0.34
N LEU A 13 2.04 7.75 -0.72
CA LEU A 13 3.36 7.77 -1.37
C LEU A 13 3.66 9.19 -1.85
N ARG A 14 2.60 9.89 -2.26
CA ARG A 14 2.71 11.27 -2.70
C ARG A 14 3.16 12.13 -1.52
N GLU A 15 2.51 11.92 -0.38
CA GLU A 15 2.84 12.67 0.84
C GLU A 15 4.31 12.49 1.17
N CYS A 16 4.73 11.23 1.26
CA CYS A 16 6.13 10.91 1.56
C CYS A 16 7.02 11.46 0.46
N ALA A 17 6.57 11.28 -0.78
CA ALA A 17 7.32 11.74 -1.95
C ALA A 17 7.60 13.25 -1.87
N GLY A 18 6.79 13.97 -1.11
CA GLY A 18 6.98 15.41 -0.98
C GLY A 18 5.66 16.18 -1.13
N GLU A 19 4.57 15.47 -1.44
CA GLU A 19 3.25 16.10 -1.61
C GLU A 19 3.16 16.81 -2.96
N GLU A 20 3.05 16.02 -4.03
CA GLU A 20 2.95 16.56 -5.37
C GLU A 20 2.19 15.61 -6.28
N GLU A 21 0.86 15.66 -6.22
CA GLU A 21 0.02 14.80 -7.04
C GLU A 21 0.27 13.31 -6.75
N SER A 22 -0.78 12.50 -6.89
CA SER A 22 -0.69 11.06 -6.65
C SER A 22 0.49 10.46 -7.42
N ILE A 23 0.40 10.52 -8.74
CA ILE A 23 1.46 10.01 -9.60
C ILE A 23 1.93 11.09 -10.56
N ASP A 24 2.73 12.01 -10.04
CA ASP A 24 3.24 13.11 -10.84
C ASP A 24 4.17 12.57 -11.94
N LEU A 25 4.82 11.45 -11.65
CA LEU A 25 5.74 10.84 -12.61
C LEU A 25 4.95 10.25 -13.79
N GLY A 26 4.37 11.14 -14.59
CA GLY A 26 3.60 10.69 -15.76
C GLY A 26 2.11 10.67 -15.45
N GLY A 27 1.73 9.85 -14.47
CA GLY A 27 0.34 9.73 -14.08
C GLY A 27 -0.25 8.40 -14.55
N ASP A 28 0.59 7.38 -14.55
CA ASP A 28 0.16 6.05 -14.99
C ASP A 28 1.30 5.05 -14.83
N VAL A 29 1.46 4.53 -13.63
CA VAL A 29 2.53 3.57 -13.36
C VAL A 29 2.10 2.58 -12.28
N GLU A 30 0.83 2.21 -12.32
CA GLU A 30 0.28 1.26 -11.36
C GLU A 30 0.91 -0.12 -11.53
N ASP A 31 1.41 -0.39 -12.73
CA ASP A 31 2.04 -1.68 -13.00
C ASP A 31 3.54 -1.52 -13.29
N VAL A 32 4.12 -0.43 -12.80
CA VAL A 32 5.54 -0.19 -12.99
C VAL A 32 6.27 -0.31 -11.65
N ALA A 33 7.47 -0.87 -11.68
CA ALA A 33 8.25 -1.07 -10.45
C ALA A 33 8.53 0.27 -9.76
N PHE A 34 8.63 0.22 -8.44
CA PHE A 34 8.91 1.42 -7.64
C PHE A 34 10.16 2.12 -8.14
N ASP A 35 11.11 1.33 -8.66
CA ASP A 35 12.36 1.89 -9.16
C ASP A 35 12.09 2.86 -10.30
N ALA A 36 11.19 2.46 -11.19
CA ALA A 36 10.83 3.31 -12.32
C ALA A 36 10.17 4.59 -11.84
N LEU A 37 9.29 4.44 -10.85
CA LEU A 37 8.58 5.60 -10.29
C LEU A 37 9.58 6.60 -9.72
N GLY A 38 10.69 6.08 -9.19
CA GLY A 38 11.72 6.93 -8.61
C GLY A 38 11.78 6.77 -7.09
N TYR A 39 11.20 5.68 -6.58
CA TYR A 39 11.22 5.44 -5.14
C TYR A 39 12.40 4.55 -4.76
N ASP A 40 13.18 4.99 -3.78
CA ASP A 40 14.32 4.22 -3.33
C ASP A 40 13.86 3.05 -2.47
N SER A 41 13.29 3.40 -1.32
CA SER A 41 12.80 2.40 -0.38
C SER A 41 12.40 3.10 0.91
N LEU A 42 13.27 4.01 1.33
CA LEU A 42 13.03 4.78 2.56
C LEU A 42 11.67 5.47 2.51
N ALA A 43 11.27 5.87 1.31
CA ALA A 43 9.98 6.54 1.13
C ALA A 43 8.85 5.54 1.30
N LEU A 44 8.98 4.41 0.62
CA LEU A 44 7.95 3.36 0.72
C LEU A 44 7.89 2.84 2.14
N LEU A 45 9.05 2.80 2.79
CA LEU A 45 9.14 2.34 4.17
C LEU A 45 8.25 3.18 5.08
N ASN A 46 8.33 4.50 4.91
CA ASN A 46 7.54 5.41 5.71
C ASN A 46 6.07 5.33 5.31
N THR A 47 5.80 5.40 4.01
CA THR A 47 4.42 5.33 3.52
C THR A 47 3.71 4.09 4.03
N VAL A 48 4.37 2.94 3.90
CA VAL A 48 3.80 1.68 4.37
C VAL A 48 3.61 1.73 5.89
N GLY A 49 4.50 2.46 6.57
CA GLY A 49 4.42 2.59 8.02
C GLY A 49 3.08 3.19 8.44
N ARG A 50 2.63 4.17 7.66
CA ARG A 50 1.36 4.82 7.95
C ARG A 50 0.20 3.86 7.68
N ILE A 51 0.32 3.11 6.60
CA ILE A 51 -0.72 2.14 6.25
C ILE A 51 -0.75 1.00 7.26
N GLU A 52 0.42 0.40 7.51
CA GLU A 52 0.49 -0.70 8.46
C GLU A 52 0.14 -0.22 9.88
N ARG A 53 0.14 1.09 10.10
CA ARG A 53 -0.19 1.62 11.42
C ARG A 53 -1.64 2.09 11.46
N ASP A 54 -2.09 2.67 10.36
CA ASP A 54 -3.45 3.17 10.26
C ASP A 54 -4.42 2.02 9.98
N TYR A 55 -3.96 1.08 9.15
CA TYR A 55 -4.79 -0.07 8.80
C TYR A 55 -4.43 -1.30 9.62
N GLY A 56 -3.20 -1.32 10.16
CA GLY A 56 -2.78 -2.46 10.97
C GLY A 56 -2.58 -3.71 10.12
N VAL A 57 -2.02 -3.53 8.93
CA VAL A 57 -1.79 -4.66 8.04
C VAL A 57 -0.62 -5.51 8.55
N GLN A 58 -0.78 -6.83 8.47
CA GLN A 58 0.27 -7.74 8.93
C GLN A 58 0.05 -9.14 8.38
N LEU A 59 0.60 -9.40 7.19
CA LEU A 59 0.46 -10.71 6.57
C LEU A 59 1.82 -11.35 6.33
N GLY A 60 2.82 -10.52 6.02
CA GLY A 60 4.16 -11.03 5.78
C GLY A 60 5.16 -9.89 5.67
N ASP A 61 6.23 -9.98 6.48
CA ASP A 61 7.25 -8.95 6.48
C ASP A 61 7.90 -8.83 5.10
N ASP A 62 7.95 -9.96 4.39
CA ASP A 62 8.55 -9.97 3.05
C ASP A 62 7.60 -9.39 1.99
N ALA A 63 6.41 -8.97 2.41
CA ALA A 63 5.45 -8.39 1.48
C ALA A 63 6.06 -7.18 0.79
N VAL A 64 6.92 -6.47 1.52
CA VAL A 64 7.58 -5.30 0.97
C VAL A 64 8.61 -5.71 -0.08
N GLU A 65 9.15 -6.93 0.06
CA GLU A 65 10.15 -7.43 -0.87
C GLU A 65 9.50 -7.68 -2.23
N LYS A 66 8.50 -8.57 -2.25
CA LYS A 66 7.82 -8.90 -3.49
C LYS A 66 7.13 -7.66 -4.07
N ALA A 67 6.68 -6.78 -3.17
CA ALA A 67 6.00 -5.55 -3.59
C ALA A 67 6.92 -4.70 -4.45
N THR A 68 6.78 -4.85 -5.76
CA THR A 68 7.58 -4.06 -6.71
C THR A 68 6.75 -2.94 -7.30
N THR A 69 5.45 -3.20 -7.44
CA THR A 69 4.53 -2.21 -7.98
C THR A 69 3.59 -1.74 -6.87
N PRO A 70 2.82 -0.67 -7.10
CA PRO A 70 1.88 -0.18 -6.07
C PRO A 70 0.73 -1.16 -5.89
N ARG A 71 0.29 -1.75 -7.00
CA ARG A 71 -0.80 -2.73 -6.95
C ARG A 71 -0.40 -3.91 -6.07
N ALA A 72 0.91 -4.14 -5.92
CA ALA A 72 1.39 -5.23 -5.10
C ALA A 72 1.05 -4.98 -3.64
N LEU A 73 1.50 -3.83 -3.14
CA LEU A 73 1.25 -3.45 -1.75
C LEU A 73 -0.25 -3.43 -1.48
N ILE A 74 -1.00 -2.80 -2.39
CA ILE A 74 -2.46 -2.72 -2.24
C ILE A 74 -3.06 -4.13 -2.17
N GLU A 75 -2.46 -5.06 -2.91
CA GLU A 75 -2.95 -6.43 -2.90
C GLU A 75 -2.64 -7.11 -1.58
N MET A 76 -1.39 -7.04 -1.16
CA MET A 76 -0.97 -7.65 0.09
C MET A 76 -1.65 -6.97 1.28
N THR A 77 -1.78 -5.65 1.19
CA THR A 77 -2.41 -4.89 2.27
C THR A 77 -3.90 -5.22 2.37
N ASN A 78 -4.51 -5.51 1.22
CA ASN A 78 -5.93 -5.83 1.20
C ASN A 78 -6.15 -7.30 1.56
N ALA A 79 -5.20 -8.13 1.15
CA ALA A 79 -5.28 -9.57 1.41
C ALA A 79 -5.31 -9.83 2.91
N SER A 80 -4.54 -9.05 3.65
CA SER A 80 -4.48 -9.20 5.09
C SER A 80 -5.70 -8.56 5.73
N LEU A 81 -6.06 -7.38 5.23
CA LEU A 81 -7.22 -6.66 5.74
C LEU A 81 -8.49 -7.47 5.53
N THR A 82 -8.67 -7.94 4.29
CA THR A 82 -9.85 -8.73 3.96
C THR A 82 -9.88 -10.03 4.76
N GLY A 83 -8.69 -10.58 4.99
CA GLY A 83 -8.57 -11.83 5.74
C GLY A 83 -8.98 -11.63 7.20
N ALA A 84 -8.77 -10.41 7.70
CA ALA A 84 -9.13 -10.10 9.08
C ALA A 84 -10.61 -10.33 9.33
N SER A 85 -11.42 -10.17 8.29
CA SER A 85 -12.86 -10.37 8.40
C SER A 85 -13.46 -9.39 9.42
N PRO A 86 -14.79 -9.34 9.55
CA PRO A 86 -15.45 -8.43 10.50
C PRO A 86 -15.49 -8.99 11.92
N SER A 87 -16.23 -8.30 12.79
CA SER A 87 -16.35 -8.73 14.18
C SER A 87 -17.31 -7.82 14.94
N ALA A 88 -17.22 -6.53 14.67
CA ALA A 88 -18.09 -5.56 15.33
C ALA A 88 -17.86 -4.16 14.76
N GLY A 89 -18.65 -3.81 13.75
CA GLY A 89 -18.53 -2.50 13.11
C GLY A 89 -19.88 -1.79 13.06
N GLY A 90 -19.84 -0.46 13.02
CA GLY A 90 -21.06 0.33 12.97
C GLY A 90 -21.50 0.56 11.52
N ALA A 91 -20.62 1.20 10.76
CA ALA A 91 -20.92 1.47 9.35
C ALA A 91 -19.96 0.72 8.44
N ALA A 92 -18.71 1.18 8.40
CA ALA A 92 -17.70 0.54 7.57
C ALA A 92 -16.36 1.26 7.71
N ARG A 93 -16.42 2.59 7.78
CA ARG A 93 -15.21 3.39 7.92
C ARG A 93 -14.79 3.48 9.39
N ASP A 94 -14.22 2.40 9.89
CA ASP A 94 -13.78 2.37 11.29
C ASP A 94 -14.95 2.62 12.24
N LYS A 95 -15.60 1.53 12.66
CA LYS A 95 -16.74 1.64 13.58
C LYS A 95 -17.85 2.47 12.93
N MET A 1 -10.41 -4.65 8.94
CA MET A 1 -11.50 -3.66 8.72
C MET A 1 -11.04 -2.62 7.70
N THR A 2 -11.89 -2.38 6.70
CA THR A 2 -11.57 -1.41 5.65
C THR A 2 -10.35 -1.86 4.85
N LEU A 3 -10.52 -1.93 3.53
CA LEU A 3 -9.43 -2.35 2.65
C LEU A 3 -8.60 -1.14 2.23
N LEU A 4 -7.78 -1.32 1.19
CA LEU A 4 -6.94 -0.24 0.71
C LEU A 4 -7.09 -0.09 -0.81
N THR A 5 -6.91 1.14 -1.30
CA THR A 5 -7.03 1.39 -2.74
C THR A 5 -5.75 2.02 -3.28
N LEU A 6 -5.64 2.04 -4.61
CA LEU A 6 -4.46 2.62 -5.26
C LEU A 6 -4.36 4.10 -4.93
N SER A 7 -5.51 4.74 -4.86
CA SER A 7 -5.55 6.17 -4.54
C SER A 7 -5.00 6.41 -3.14
N ASP A 8 -5.21 5.44 -2.27
CA ASP A 8 -4.72 5.55 -0.90
C ASP A 8 -3.21 5.44 -0.86
N LEU A 9 -2.69 4.34 -1.42
CA LEU A 9 -1.25 4.12 -1.43
C LEU A 9 -0.53 5.20 -2.23
N LEU A 10 -1.15 5.66 -3.30
CA LEU A 10 -0.56 6.68 -4.16
C LEU A 10 -0.36 8.00 -3.42
N THR A 11 -1.44 8.55 -2.88
CA THR A 11 -1.38 9.83 -2.18
C THR A 11 -0.35 9.78 -1.05
N LEU A 12 -0.40 8.72 -0.26
CA LEU A 12 0.54 8.56 0.85
C LEU A 12 1.96 8.58 0.33
N LEU A 13 2.19 7.78 -0.71
CA LEU A 13 3.52 7.72 -1.33
C LEU A 13 3.89 9.11 -1.85
N ARG A 14 2.90 9.79 -2.39
CA ARG A 14 3.12 11.13 -2.89
C ARG A 14 3.43 12.07 -1.73
N GLU A 15 2.72 11.88 -0.62
CA GLU A 15 2.93 12.69 0.58
C GLU A 15 4.36 12.54 1.06
N CYS A 16 4.81 11.30 1.15
CA CYS A 16 6.18 11.01 1.57
C CYS A 16 7.16 11.62 0.58
N ALA A 17 6.80 11.51 -0.70
CA ALA A 17 7.64 12.06 -1.77
C ALA A 17 7.95 13.53 -1.52
N GLY A 18 7.03 14.22 -0.85
CA GLY A 18 7.23 15.64 -0.56
C GLY A 18 6.01 16.47 -0.93
N GLU A 19 5.62 16.40 -2.21
CA GLU A 19 4.46 17.15 -2.68
C GLU A 19 3.21 16.74 -1.94
N GLU A 20 2.08 17.35 -2.31
CA GLU A 20 0.81 17.05 -1.66
C GLU A 20 -0.29 16.81 -2.70
N GLU A 21 0.06 16.12 -3.78
CA GLU A 21 -0.90 15.82 -4.83
C GLU A 21 -1.16 14.32 -4.88
N SER A 22 -2.34 13.91 -4.37
CA SER A 22 -2.72 12.49 -4.34
C SER A 22 -2.34 11.75 -5.61
N ILE A 23 -2.72 12.30 -6.76
CA ILE A 23 -2.41 11.67 -8.03
C ILE A 23 -1.75 12.67 -8.98
N ASP A 24 -0.47 12.91 -8.76
CA ASP A 24 0.29 13.84 -9.59
C ASP A 24 1.02 13.10 -10.70
N LEU A 25 1.43 11.86 -10.40
CA LEU A 25 2.15 11.05 -11.37
C LEU A 25 1.31 10.85 -12.64
N GLY A 26 -0.01 10.81 -12.47
CA GLY A 26 -0.90 10.61 -13.60
C GLY A 26 -1.91 9.51 -13.30
N GLY A 27 -1.49 8.53 -12.51
CA GLY A 27 -2.37 7.43 -12.17
C GLY A 27 -2.02 6.18 -12.98
N ASP A 28 -1.45 6.39 -14.16
CA ASP A 28 -1.08 5.28 -15.03
C ASP A 28 0.27 4.70 -14.62
N VAL A 29 0.35 4.24 -13.37
CA VAL A 29 1.58 3.66 -12.86
C VAL A 29 1.28 2.63 -11.78
N GLU A 30 0.14 1.95 -11.93
CA GLU A 30 -0.27 0.94 -10.97
C GLU A 30 0.56 -0.34 -11.13
N ASP A 31 1.06 -0.57 -12.34
CA ASP A 31 1.87 -1.75 -12.61
C ASP A 31 3.30 -1.35 -12.96
N VAL A 32 3.72 -0.21 -12.43
CA VAL A 32 5.08 0.28 -12.67
C VAL A 32 5.88 0.18 -11.37
N ALA A 33 6.95 -0.62 -11.40
CA ALA A 33 7.80 -0.82 -10.22
C ALA A 33 8.19 0.51 -9.58
N PHE A 34 8.37 0.48 -8.25
CA PHE A 34 8.75 1.68 -7.51
C PHE A 34 10.00 2.33 -8.09
N ASP A 35 10.88 1.49 -8.64
CA ASP A 35 12.12 1.97 -9.23
C ASP A 35 11.82 2.88 -10.42
N ALA A 36 10.77 2.54 -11.15
CA ALA A 36 10.37 3.33 -12.32
C ALA A 36 9.67 4.62 -11.89
N LEU A 37 8.85 4.52 -10.86
CA LEU A 37 8.13 5.68 -10.36
C LEU A 37 9.11 6.76 -9.90
N GLY A 38 10.25 6.33 -9.38
CA GLY A 38 11.27 7.25 -8.91
C GLY A 38 11.45 7.18 -7.39
N TYR A 39 11.06 6.05 -6.81
CA TYR A 39 11.19 5.87 -5.36
C TYR A 39 12.50 5.17 -5.03
N ASP A 40 13.18 5.66 -4.01
CA ASP A 40 14.45 5.06 -3.59
C ASP A 40 14.18 3.85 -2.69
N SER A 41 13.61 4.13 -1.53
CA SER A 41 13.29 3.09 -0.57
C SER A 41 12.80 3.73 0.72
N LEU A 42 13.49 4.81 1.10
CA LEU A 42 13.15 5.54 2.32
C LEU A 42 11.70 5.99 2.30
N ALA A 43 11.24 6.45 1.14
CA ALA A 43 9.87 6.90 1.01
C ALA A 43 8.89 5.74 1.14
N LEU A 44 9.24 4.61 0.53
CA LEU A 44 8.38 3.44 0.58
C LEU A 44 8.22 2.93 2.01
N LEU A 45 9.35 2.72 2.71
CA LEU A 45 9.30 2.23 4.09
C LEU A 45 8.42 3.13 4.95
N ASN A 46 8.47 4.44 4.67
CA ASN A 46 7.66 5.39 5.42
C ASN A 46 6.18 5.21 5.13
N THR A 47 5.84 5.25 3.84
CA THR A 47 4.43 5.10 3.43
C THR A 47 3.87 3.77 3.94
N VAL A 48 4.72 2.74 3.94
CA VAL A 48 4.29 1.43 4.41
C VAL A 48 4.04 1.46 5.91
N GLY A 49 4.90 2.17 6.63
CA GLY A 49 4.78 2.29 8.08
C GLY A 49 3.46 2.94 8.47
N ARG A 50 3.04 3.91 7.66
CA ARG A 50 1.79 4.61 7.94
C ARG A 50 0.60 3.71 7.65
N ILE A 51 0.66 2.98 6.54
CA ILE A 51 -0.42 2.09 6.17
C ILE A 51 -0.50 0.91 7.14
N GLU A 52 0.65 0.29 7.40
CA GLU A 52 0.68 -0.85 8.31
C GLU A 52 0.24 -0.43 9.71
N ARG A 53 0.38 0.86 10.03
CA ARG A 53 -0.02 1.35 11.35
C ARG A 53 -1.45 1.87 11.33
N ASP A 54 -1.81 2.53 10.24
CA ASP A 54 -3.15 3.09 10.10
C ASP A 54 -4.15 1.99 9.78
N TYR A 55 -3.72 1.03 8.96
CA TYR A 55 -4.60 -0.07 8.57
C TYR A 55 -4.37 -1.28 9.47
N GLY A 56 -3.14 -1.40 10.00
CA GLY A 56 -2.83 -2.53 10.89
C GLY A 56 -2.65 -3.81 10.08
N VAL A 57 -2.05 -3.69 8.90
CA VAL A 57 -1.83 -4.86 8.05
C VAL A 57 -0.77 -5.77 8.66
N GLN A 58 -1.03 -7.07 8.59
CA GLN A 58 -0.08 -8.05 9.13
C GLN A 58 -0.32 -9.43 8.51
N LEU A 59 0.15 -9.60 7.28
CA LEU A 59 -0.02 -10.87 6.57
C LEU A 59 1.34 -11.51 6.28
N GLY A 60 2.34 -10.68 6.00
CA GLY A 60 3.68 -11.18 5.71
C GLY A 60 4.69 -10.05 5.70
N ASP A 61 5.73 -10.20 6.52
CA ASP A 61 6.78 -9.19 6.62
C ASP A 61 7.51 -9.05 5.28
N ASP A 62 7.59 -10.15 4.54
CA ASP A 62 8.27 -10.14 3.25
C ASP A 62 7.40 -9.51 2.15
N ALA A 63 6.18 -9.11 2.51
CA ALA A 63 5.28 -8.49 1.53
C ALA A 63 5.94 -7.25 0.93
N VAL A 64 6.74 -6.58 1.75
CA VAL A 64 7.46 -5.39 1.31
C VAL A 64 8.56 -5.76 0.32
N GLU A 65 9.07 -6.98 0.44
CA GLU A 65 10.13 -7.45 -0.46
C GLU A 65 9.58 -7.64 -1.86
N LYS A 66 8.63 -8.56 -2.01
CA LYS A 66 8.03 -8.84 -3.30
C LYS A 66 7.31 -7.60 -3.85
N ALA A 67 6.84 -6.75 -2.94
CA ALA A 67 6.12 -5.54 -3.33
C ALA A 67 7.00 -4.65 -4.19
N THR A 68 6.79 -4.72 -5.50
CA THR A 68 7.57 -3.90 -6.44
C THR A 68 6.68 -2.80 -7.01
N THR A 69 5.39 -3.11 -7.17
CA THR A 69 4.43 -2.14 -7.68
C THR A 69 3.48 -1.73 -6.56
N PRO A 70 2.68 -0.67 -6.75
CA PRO A 70 1.73 -0.24 -5.72
C PRO A 70 0.61 -1.25 -5.55
N ARG A 71 0.26 -1.90 -6.65
CA ARG A 71 -0.78 -2.93 -6.62
C ARG A 71 -0.35 -4.08 -5.71
N ALA A 72 0.96 -4.28 -5.60
CA ALA A 72 1.49 -5.34 -4.75
C ALA A 72 1.17 -5.03 -3.29
N LEU A 73 1.62 -3.87 -2.83
CA LEU A 73 1.37 -3.44 -1.45
C LEU A 73 -0.13 -3.46 -1.16
N ILE A 74 -0.90 -2.92 -2.10
CA ILE A 74 -2.36 -2.90 -1.94
C ILE A 74 -2.89 -4.34 -1.89
N GLU A 75 -2.29 -5.21 -2.69
CA GLU A 75 -2.71 -6.60 -2.72
C GLU A 75 -2.48 -7.24 -1.36
N MET A 76 -1.31 -6.99 -0.80
CA MET A 76 -0.97 -7.54 0.51
C MET A 76 -1.79 -6.85 1.61
N THR A 77 -2.00 -5.54 1.42
CA THR A 77 -2.77 -4.77 2.41
C THR A 77 -4.25 -5.14 2.33
N ASN A 78 -4.72 -5.47 1.14
CA ASN A 78 -6.12 -5.84 0.96
C ASN A 78 -6.34 -7.29 1.35
N ALA A 79 -5.34 -8.12 1.08
CA ALA A 79 -5.41 -9.54 1.38
C ALA A 79 -5.54 -9.78 2.88
N SER A 80 -4.83 -8.96 3.65
CA SER A 80 -4.87 -9.10 5.09
C SER A 80 -6.15 -8.47 5.64
N LEU A 81 -6.50 -7.30 5.10
CA LEU A 81 -7.71 -6.62 5.53
C LEU A 81 -8.95 -7.44 5.19
N THR A 82 -9.03 -7.90 3.94
CA THR A 82 -10.16 -8.70 3.51
C THR A 82 -10.25 -9.99 4.32
N GLY A 83 -9.09 -10.54 4.66
CA GLY A 83 -9.05 -11.78 5.44
C GLY A 83 -9.67 -11.58 6.82
N ALA A 84 -9.08 -10.69 7.61
CA ALA A 84 -9.58 -10.41 8.95
C ALA A 84 -11.00 -9.85 8.88
N SER A 85 -11.24 -9.04 7.86
CA SER A 85 -12.57 -8.44 7.68
C SER A 85 -13.24 -8.98 6.42
N PRO A 86 -14.06 -10.04 6.53
CA PRO A 86 -14.74 -10.62 5.36
C PRO A 86 -16.00 -9.84 4.98
N SER A 87 -16.61 -9.20 5.97
CA SER A 87 -17.82 -8.42 5.73
C SER A 87 -17.52 -7.25 4.82
N ALA A 88 -16.31 -6.71 4.94
CA ALA A 88 -15.90 -5.57 4.11
C ALA A 88 -16.81 -4.37 4.36
N GLY A 89 -16.30 -3.18 4.04
CA GLY A 89 -17.08 -1.96 4.24
C GLY A 89 -17.76 -1.54 2.94
N GLY A 90 -17.11 -1.84 1.82
CA GLY A 90 -17.66 -1.49 0.52
C GLY A 90 -18.76 -2.46 0.12
N ALA A 91 -18.38 -3.51 -0.60
CA ALA A 91 -19.34 -4.52 -1.03
C ALA A 91 -18.63 -5.71 -1.66
N ALA A 92 -19.21 -6.90 -1.49
CA ALA A 92 -18.61 -8.11 -2.03
C ALA A 92 -19.64 -9.24 -2.05
N ARG A 93 -19.41 -10.22 -2.92
CA ARG A 93 -20.32 -11.35 -3.04
C ARG A 93 -19.72 -12.59 -2.40
N ASP A 94 -20.01 -12.78 -1.11
CA ASP A 94 -19.50 -13.93 -0.38
C ASP A 94 -20.56 -15.03 -0.30
N LYS A 95 -21.80 -14.62 -0.07
CA LYS A 95 -22.90 -15.57 0.02
C LYS A 95 -24.21 -14.93 -0.43
N MET A 1 -11.71 -1.78 10.60
CA MET A 1 -11.10 -0.90 9.58
C MET A 1 -11.50 -1.38 8.19
N THR A 2 -11.27 -0.53 7.19
CA THR A 2 -11.62 -0.87 5.81
C THR A 2 -10.35 -1.05 4.98
N LEU A 3 -10.50 -1.69 3.82
CA LEU A 3 -9.37 -1.91 2.93
C LEU A 3 -8.89 -0.58 2.34
N LEU A 4 -7.88 -0.64 1.46
CA LEU A 4 -7.36 0.60 0.86
C LEU A 4 -7.44 0.52 -0.67
N THR A 5 -6.73 1.41 -1.35
CA THR A 5 -6.76 1.43 -2.80
C THR A 5 -5.49 2.05 -3.38
N LEU A 6 -5.45 2.12 -4.70
CA LEU A 6 -4.29 2.69 -5.40
C LEU A 6 -4.18 4.18 -5.09
N SER A 7 -5.32 4.82 -4.90
CA SER A 7 -5.33 6.24 -4.60
C SER A 7 -4.71 6.48 -3.23
N ASP A 8 -5.00 5.59 -2.30
CA ASP A 8 -4.47 5.71 -0.95
C ASP A 8 -2.95 5.54 -0.95
N LEU A 9 -2.47 4.63 -1.78
CA LEU A 9 -1.03 4.38 -1.88
C LEU A 9 -0.30 5.61 -2.40
N LEU A 10 -0.63 5.97 -3.63
CA LEU A 10 0.02 7.12 -4.29
C LEU A 10 -0.07 8.39 -3.44
N THR A 11 -1.25 8.66 -2.87
CA THR A 11 -1.45 9.85 -2.06
C THR A 11 -0.42 9.92 -0.92
N LEU A 12 -0.34 8.84 -0.15
CA LEU A 12 0.62 8.80 0.95
C LEU A 12 2.04 8.86 0.39
N LEU A 13 2.21 8.18 -0.73
CA LEU A 13 3.51 8.17 -1.39
C LEU A 13 3.91 9.58 -1.82
N ARG A 14 2.91 10.37 -2.24
CA ARG A 14 3.18 11.74 -2.66
C ARG A 14 3.66 12.57 -1.46
N GLU A 15 3.09 12.27 -0.30
CA GLU A 15 3.46 12.98 0.92
C GLU A 15 4.89 12.63 1.33
N CYS A 16 5.13 11.34 1.50
CA CYS A 16 6.46 10.87 1.87
C CYS A 16 7.49 11.27 0.83
N ALA A 17 7.16 10.99 -0.43
CA ALA A 17 8.06 11.32 -1.54
C ALA A 17 8.29 12.83 -1.60
N GLY A 18 7.24 13.60 -1.32
CA GLY A 18 7.34 15.05 -1.35
C GLY A 18 6.31 15.67 -2.31
N GLU A 19 5.87 14.88 -3.28
CA GLU A 19 4.89 15.36 -4.26
C GLU A 19 3.63 15.84 -3.57
N GLU A 20 2.96 16.80 -4.21
CA GLU A 20 1.73 17.36 -3.66
C GLU A 20 0.54 17.05 -4.56
N GLU A 21 0.49 15.81 -5.06
CA GLU A 21 -0.59 15.39 -5.93
C GLU A 21 -0.85 13.90 -5.78
N SER A 22 -2.12 13.54 -5.62
CA SER A 22 -2.52 12.14 -5.44
C SER A 22 -1.97 11.26 -6.55
N ILE A 23 -2.53 11.39 -7.74
CA ILE A 23 -2.09 10.57 -8.87
C ILE A 23 -1.59 11.45 -10.01
N ASP A 24 -0.38 11.97 -9.83
CA ASP A 24 0.23 12.84 -10.84
C ASP A 24 1.18 12.05 -11.75
N LEU A 25 1.63 10.89 -11.27
CA LEU A 25 2.56 10.05 -12.04
C LEU A 25 2.02 9.78 -13.46
N GLY A 26 0.70 9.85 -13.60
CA GLY A 26 0.08 9.61 -14.90
C GLY A 26 -1.23 8.85 -14.75
N GLY A 27 -1.33 8.06 -13.69
CA GLY A 27 -2.53 7.27 -13.46
C GLY A 27 -2.34 5.83 -13.91
N ASP A 28 -1.52 5.65 -14.93
CA ASP A 28 -1.25 4.32 -15.46
C ASP A 28 0.06 3.78 -14.91
N VAL A 29 0.32 4.07 -13.63
CA VAL A 29 1.55 3.62 -12.99
C VAL A 29 1.23 2.64 -11.87
N GLU A 30 0.12 1.91 -12.02
CA GLU A 30 -0.29 0.94 -11.03
C GLU A 30 0.46 -0.38 -11.21
N ASP A 31 0.89 -0.64 -12.44
CA ASP A 31 1.62 -1.86 -12.75
C ASP A 31 3.06 -1.54 -13.15
N VAL A 32 3.57 -0.42 -12.66
CA VAL A 32 4.94 -0.01 -12.96
C VAL A 32 5.80 -0.15 -11.70
N ALA A 33 6.99 -0.73 -11.87
CA ALA A 33 7.88 -0.92 -10.73
C ALA A 33 8.20 0.40 -10.03
N PHE A 34 8.38 0.32 -8.71
CA PHE A 34 8.69 1.52 -7.91
C PHE A 34 9.90 2.25 -8.48
N ASP A 35 10.86 1.48 -9.01
CA ASP A 35 12.07 2.07 -9.57
C ASP A 35 11.73 3.00 -10.73
N ALA A 36 10.79 2.56 -11.56
CA ALA A 36 10.37 3.36 -12.70
C ALA A 36 9.69 4.65 -12.23
N LEU A 37 8.93 4.55 -11.15
CA LEU A 37 8.23 5.71 -10.61
C LEU A 37 9.23 6.70 -10.00
N GLY A 38 10.32 6.16 -9.46
CA GLY A 38 11.34 7.01 -8.85
C GLY A 38 11.27 6.95 -7.33
N TYR A 39 10.79 5.83 -6.81
CA TYR A 39 10.68 5.65 -5.37
C TYR A 39 11.91 4.96 -4.80
N ASP A 40 12.01 4.93 -3.48
CA ASP A 40 13.13 4.27 -2.82
C ASP A 40 12.57 3.23 -1.85
N SER A 41 13.37 2.85 -0.87
CA SER A 41 12.93 1.87 0.12
C SER A 41 12.28 2.58 1.29
N LEU A 42 12.97 3.60 1.77
CA LEU A 42 12.50 4.37 2.92
C LEU A 42 11.14 5.01 2.64
N ALA A 43 11.03 5.67 1.49
CA ALA A 43 9.78 6.33 1.13
C ALA A 43 8.61 5.35 1.13
N LEU A 44 8.86 4.13 0.69
CA LEU A 44 7.81 3.12 0.65
C LEU A 44 7.67 2.47 2.03
N LEU A 45 8.80 2.33 2.71
CA LEU A 45 8.81 1.75 4.05
C LEU A 45 7.96 2.62 4.98
N ASN A 46 8.02 3.92 4.74
CA ASN A 46 7.26 4.88 5.54
C ASN A 46 5.78 4.78 5.18
N THR A 47 5.48 4.90 3.88
CA THR A 47 4.09 4.83 3.42
C THR A 47 3.40 3.55 3.94
N VAL A 48 4.03 2.41 3.65
CA VAL A 48 3.49 1.12 4.08
C VAL A 48 3.37 1.09 5.61
N GLY A 49 4.27 1.80 6.29
CA GLY A 49 4.24 1.85 7.74
C GLY A 49 2.93 2.44 8.24
N ARG A 50 2.43 3.45 7.53
CA ARG A 50 1.18 4.08 7.92
C ARG A 50 0.01 3.16 7.64
N ILE A 51 0.10 2.40 6.54
CA ILE A 51 -0.97 1.48 6.18
C ILE A 51 -1.05 0.34 7.19
N GLU A 52 0.11 -0.24 7.53
CA GLU A 52 0.14 -1.35 8.48
C GLU A 52 -0.41 -0.92 9.83
N ARG A 53 -0.21 0.34 10.18
CA ARG A 53 -0.69 0.84 11.47
C ARG A 53 -2.12 1.37 11.36
N ASP A 54 -2.40 2.06 10.26
CA ASP A 54 -3.73 2.63 10.04
C ASP A 54 -4.74 1.52 9.72
N TYR A 55 -4.31 0.55 8.92
CA TYR A 55 -5.19 -0.55 8.53
C TYR A 55 -4.96 -1.78 9.41
N GLY A 56 -3.77 -1.88 10.00
CA GLY A 56 -3.46 -3.01 10.87
C GLY A 56 -2.94 -4.20 10.05
N VAL A 57 -2.27 -3.89 8.95
CA VAL A 57 -1.73 -4.94 8.09
C VAL A 57 -0.46 -5.53 8.72
N GLN A 58 -0.29 -6.84 8.57
CA GLN A 58 0.89 -7.51 9.11
C GLN A 58 0.92 -8.99 8.70
N LEU A 59 1.02 -9.22 7.40
CA LEU A 59 1.07 -10.58 6.89
C LEU A 59 2.51 -11.09 6.86
N GLY A 60 3.39 -10.26 6.29
CA GLY A 60 4.80 -10.61 6.19
C GLY A 60 5.63 -9.37 5.91
N ASP A 61 6.64 -9.15 6.75
CA ASP A 61 7.53 -8.00 6.60
C ASP A 61 8.19 -7.98 5.22
N ASP A 62 8.25 -9.15 4.58
CA ASP A 62 8.86 -9.24 3.25
C ASP A 62 7.93 -8.73 2.15
N ALA A 63 6.72 -8.31 2.53
CA ALA A 63 5.77 -7.79 1.55
C ALA A 63 6.38 -6.60 0.81
N VAL A 64 7.22 -5.86 1.52
CA VAL A 64 7.89 -4.70 0.94
C VAL A 64 8.94 -5.15 -0.06
N GLU A 65 9.48 -6.35 0.15
CA GLU A 65 10.50 -6.89 -0.75
C GLU A 65 9.90 -7.20 -2.11
N LYS A 66 8.95 -8.14 -2.12
CA LYS A 66 8.30 -8.53 -3.36
C LYS A 66 7.53 -7.36 -3.96
N ALA A 67 7.07 -6.45 -3.10
CA ALA A 67 6.31 -5.29 -3.55
C ALA A 67 7.12 -4.45 -4.54
N THR A 68 6.83 -4.64 -5.82
CA THR A 68 7.52 -3.90 -6.87
C THR A 68 6.62 -2.79 -7.41
N THR A 69 5.31 -3.06 -7.36
CA THR A 69 4.33 -2.09 -7.83
C THR A 69 3.42 -1.68 -6.67
N PRO A 70 2.60 -0.63 -6.83
CA PRO A 70 1.69 -0.21 -5.76
C PRO A 70 0.57 -1.22 -5.54
N ARG A 71 0.19 -1.88 -6.64
CA ARG A 71 -0.84 -2.91 -6.57
C ARG A 71 -0.37 -4.09 -5.72
N ALA A 72 0.95 -4.26 -5.61
CA ALA A 72 1.51 -5.34 -4.82
C ALA A 72 1.27 -5.08 -3.35
N LEU A 73 1.73 -3.90 -2.90
CA LEU A 73 1.54 -3.51 -1.50
C LEU A 73 0.06 -3.53 -1.16
N ILE A 74 -0.72 -2.80 -1.96
CA ILE A 74 -2.18 -2.72 -1.78
C ILE A 74 -2.77 -4.12 -1.68
N GLU A 75 -2.25 -5.04 -2.49
CA GLU A 75 -2.74 -6.41 -2.47
C GLU A 75 -2.42 -7.05 -1.13
N MET A 76 -1.19 -6.89 -0.69
CA MET A 76 -0.76 -7.45 0.58
C MET A 76 -1.52 -6.79 1.74
N THR A 77 -1.76 -5.49 1.60
CA THR A 77 -2.48 -4.75 2.65
C THR A 77 -3.97 -5.08 2.63
N ASN A 78 -4.54 -5.11 1.43
CA ASN A 78 -5.96 -5.42 1.27
C ASN A 78 -6.23 -6.89 1.58
N ALA A 79 -5.26 -7.73 1.25
CA ALA A 79 -5.38 -9.16 1.47
C ALA A 79 -5.36 -9.48 2.96
N SER A 80 -4.56 -8.72 3.69
CA SER A 80 -4.45 -8.92 5.13
C SER A 80 -5.76 -8.53 5.81
N LEU A 81 -6.28 -7.38 5.42
CA LEU A 81 -7.52 -6.89 5.99
C LEU A 81 -8.69 -7.77 5.60
N THR A 82 -8.77 -8.12 4.32
CA THR A 82 -9.86 -8.98 3.86
C THR A 82 -9.64 -10.41 4.33
N GLY A 83 -8.38 -10.79 4.49
CA GLY A 83 -8.05 -12.14 4.95
C GLY A 83 -7.78 -12.17 6.46
N ALA A 84 -8.39 -11.22 7.17
CA ALA A 84 -8.20 -11.16 8.62
C ALA A 84 -8.69 -12.44 9.28
N SER A 85 -9.71 -13.05 8.68
CA SER A 85 -10.27 -14.29 9.21
C SER A 85 -11.12 -15.00 8.15
N PRO A 86 -10.48 -15.63 7.15
CA PRO A 86 -11.22 -16.32 6.08
C PRO A 86 -11.65 -17.73 6.48
N SER A 87 -10.80 -18.40 7.25
CA SER A 87 -11.09 -19.77 7.70
C SER A 87 -11.24 -20.70 6.51
N ALA A 88 -10.16 -21.38 6.16
CA ALA A 88 -10.17 -22.31 5.03
C ALA A 88 -11.15 -23.44 5.28
N GLY A 89 -11.50 -24.15 4.22
CA GLY A 89 -12.44 -25.26 4.33
C GLY A 89 -13.77 -24.91 3.67
N GLY A 90 -13.70 -24.52 2.40
CA GLY A 90 -14.91 -24.16 1.65
C GLY A 90 -15.52 -25.38 1.00
N ALA A 91 -15.98 -25.22 -0.25
CA ALA A 91 -16.59 -26.32 -0.98
C ALA A 91 -16.34 -26.18 -2.47
N ALA A 92 -16.58 -24.98 -2.98
CA ALA A 92 -16.38 -24.71 -4.40
C ALA A 92 -15.92 -23.26 -4.61
N ARG A 93 -16.76 -22.33 -4.19
CA ARG A 93 -16.45 -20.90 -4.33
C ARG A 93 -16.36 -20.50 -5.80
N ASP A 94 -15.24 -20.84 -6.43
CA ASP A 94 -15.04 -20.51 -7.84
C ASP A 94 -13.75 -21.13 -8.36
N LYS A 95 -13.85 -21.86 -9.46
CA LYS A 95 -12.67 -22.50 -10.05
C LYS A 95 -11.66 -21.45 -10.50
N MET A 1 -11.99 -0.40 10.08
CA MET A 1 -10.99 -1.21 9.32
C MET A 1 -11.52 -1.50 7.92
N THR A 2 -11.01 -0.75 6.94
CA THR A 2 -11.43 -0.92 5.56
C THR A 2 -10.24 -1.32 4.69
N LEU A 3 -10.54 -1.98 3.58
CA LEU A 3 -9.49 -2.41 2.66
C LEU A 3 -8.72 -1.21 2.12
N LEU A 4 -7.98 -1.40 1.03
CA LEU A 4 -7.20 -0.32 0.46
C LEU A 4 -7.44 -0.19 -1.05
N THR A 5 -6.97 0.90 -1.63
CA THR A 5 -7.15 1.11 -3.07
C THR A 5 -5.92 1.77 -3.68
N LEU A 6 -5.98 1.97 -5.00
CA LEU A 6 -4.90 2.59 -5.74
C LEU A 6 -4.67 4.01 -5.23
N SER A 7 -5.70 4.82 -5.37
CA SER A 7 -5.65 6.23 -4.94
C SER A 7 -5.15 6.36 -3.50
N ASP A 8 -5.39 5.32 -2.70
CA ASP A 8 -4.97 5.33 -1.30
C ASP A 8 -3.45 5.29 -1.21
N LEU A 9 -2.87 4.20 -1.70
CA LEU A 9 -1.41 4.03 -1.66
C LEU A 9 -0.70 5.17 -2.37
N LEU A 10 -1.34 5.70 -3.42
CA LEU A 10 -0.75 6.79 -4.20
C LEU A 10 -0.54 8.04 -3.33
N THR A 11 -1.63 8.60 -2.82
CA THR A 11 -1.54 9.82 -2.00
C THR A 11 -0.53 9.63 -0.87
N LEU A 12 -0.61 8.47 -0.21
CA LEU A 12 0.29 8.16 0.89
C LEU A 12 1.74 8.22 0.41
N LEU A 13 2.01 7.50 -0.67
CA LEU A 13 3.36 7.47 -1.25
C LEU A 13 3.82 8.89 -1.58
N ARG A 14 2.90 9.67 -2.15
CA ARG A 14 3.20 11.04 -2.52
C ARG A 14 3.44 11.89 -1.27
N GLU A 15 2.53 11.79 -0.32
CA GLU A 15 2.64 12.55 0.92
C GLU A 15 3.90 12.14 1.69
N CYS A 16 4.14 10.84 1.75
CA CYS A 16 5.29 10.31 2.46
C CYS A 16 6.57 10.57 1.67
N ALA A 17 6.45 10.54 0.35
CA ALA A 17 7.60 10.79 -0.52
C ALA A 17 8.20 12.16 -0.25
N GLY A 18 7.36 13.09 0.21
CA GLY A 18 7.83 14.44 0.50
C GLY A 18 6.97 15.48 -0.20
N GLU A 19 6.48 15.12 -1.39
CA GLU A 19 5.64 16.03 -2.16
C GLU A 19 4.36 16.37 -1.39
N GLU A 20 3.52 17.18 -2.02
CA GLU A 20 2.25 17.57 -1.39
C GLU A 20 1.10 17.44 -2.39
N GLU A 21 0.69 16.20 -2.64
CA GLU A 21 -0.39 15.94 -3.58
C GLU A 21 -0.78 14.46 -3.54
N SER A 22 -1.89 14.14 -4.21
CA SER A 22 -2.36 12.76 -4.27
C SER A 22 -1.93 12.11 -5.56
N ILE A 23 -2.38 12.67 -6.67
CA ILE A 23 -2.05 12.14 -7.99
C ILE A 23 -1.36 13.20 -8.83
N ASP A 24 -0.09 13.44 -8.56
CA ASP A 24 0.68 14.43 -9.29
C ASP A 24 1.59 13.77 -10.32
N LEU A 25 2.07 12.57 -9.99
CA LEU A 25 2.95 11.84 -10.89
C LEU A 25 2.23 11.52 -12.20
N GLY A 26 0.91 11.32 -12.10
CA GLY A 26 0.11 11.00 -13.28
C GLY A 26 -0.96 9.96 -12.95
N GLY A 27 -0.56 8.95 -12.19
CA GLY A 27 -1.49 7.90 -11.80
C GLY A 27 -1.41 6.70 -12.75
N ASP A 28 -0.92 6.94 -13.97
CA ASP A 28 -0.79 5.86 -14.95
C ASP A 28 0.49 5.07 -14.72
N VAL A 29 0.60 4.49 -13.54
CA VAL A 29 1.78 3.70 -13.19
C VAL A 29 1.43 2.66 -12.13
N GLU A 30 0.19 2.17 -12.17
CA GLU A 30 -0.28 1.17 -11.22
C GLU A 30 0.48 -0.16 -11.39
N ASP A 31 0.99 -0.38 -12.60
CA ASP A 31 1.72 -1.60 -12.89
C ASP A 31 3.19 -1.29 -13.20
N VAL A 32 3.68 -0.17 -12.68
CA VAL A 32 5.07 0.23 -12.89
C VAL A 32 5.84 0.05 -11.59
N ALA A 33 6.98 -0.66 -11.67
CA ALA A 33 7.80 -0.90 -10.49
C ALA A 33 8.19 0.41 -9.80
N PHE A 34 8.37 0.34 -8.49
CA PHE A 34 8.76 1.53 -7.71
C PHE A 34 10.04 2.14 -8.25
N ASP A 35 10.91 1.29 -8.80
CA ASP A 35 12.17 1.77 -9.35
C ASP A 35 11.92 2.72 -10.51
N ALA A 36 10.86 2.43 -11.27
CA ALA A 36 10.51 3.26 -12.42
C ALA A 36 9.86 4.57 -11.95
N LEU A 37 9.03 4.47 -10.91
CA LEU A 37 8.36 5.65 -10.37
C LEU A 37 9.38 6.66 -9.86
N GLY A 38 10.50 6.14 -9.34
CA GLY A 38 11.56 7.00 -8.83
C GLY A 38 11.67 6.88 -7.31
N TYR A 39 11.23 5.74 -6.77
CA TYR A 39 11.29 5.53 -5.33
C TYR A 39 12.52 4.70 -4.97
N ASP A 40 13.28 5.18 -3.99
CA ASP A 40 14.48 4.46 -3.55
C ASP A 40 14.08 3.28 -2.68
N SER A 41 13.56 3.61 -1.51
CA SER A 41 13.11 2.59 -0.55
C SER A 41 12.70 3.27 0.74
N LEU A 42 13.48 4.27 1.14
CA LEU A 42 13.20 5.01 2.36
C LEU A 42 11.80 5.64 2.30
N ALA A 43 11.38 6.00 1.09
CA ALA A 43 10.06 6.59 0.90
C ALA A 43 8.98 5.54 1.08
N LEU A 44 9.20 4.38 0.46
CA LEU A 44 8.22 3.31 0.56
C LEU A 44 8.17 2.78 1.99
N LEU A 45 9.35 2.71 2.61
CA LEU A 45 9.46 2.24 4.00
C LEU A 45 8.55 3.06 4.91
N ASN A 46 8.65 4.37 4.78
CA ASN A 46 7.84 5.28 5.59
C ASN A 46 6.37 5.14 5.24
N THR A 47 6.05 5.23 3.94
CA THR A 47 4.66 5.14 3.48
C THR A 47 4.03 3.84 3.98
N VAL A 48 4.71 2.72 3.73
CA VAL A 48 4.20 1.42 4.16
C VAL A 48 3.97 1.41 5.68
N GLY A 49 4.79 2.17 6.40
CA GLY A 49 4.65 2.26 7.85
C GLY A 49 3.27 2.81 8.22
N ARG A 50 2.85 3.83 7.48
CA ARG A 50 1.55 4.44 7.73
C ARG A 50 0.45 3.42 7.44
N ILE A 51 0.66 2.60 6.42
CA ILE A 51 -0.33 1.58 6.06
C ILE A 51 -0.47 0.57 7.20
N GLU A 52 0.65 -0.03 7.59
CA GLU A 52 0.63 -1.02 8.66
C GLU A 52 0.09 -0.44 9.97
N ARG A 53 0.10 0.89 10.10
CA ARG A 53 -0.41 1.52 11.32
C ARG A 53 -1.86 1.96 11.14
N ASP A 54 -2.14 2.59 10.01
CA ASP A 54 -3.48 3.07 9.73
C ASP A 54 -4.41 1.91 9.39
N TYR A 55 -3.88 0.90 8.71
CA TYR A 55 -4.66 -0.26 8.32
C TYR A 55 -4.46 -1.42 9.30
N GLY A 56 -3.30 -1.43 9.98
CA GLY A 56 -3.02 -2.50 10.94
C GLY A 56 -2.70 -3.81 10.21
N VAL A 57 -2.06 -3.68 9.04
CA VAL A 57 -1.69 -4.86 8.27
C VAL A 57 -0.35 -5.41 8.74
N GLN A 58 -0.23 -6.74 8.71
CA GLN A 58 1.00 -7.39 9.15
C GLN A 58 1.00 -8.87 8.77
N LEU A 59 0.81 -9.12 7.47
CA LEU A 59 0.80 -10.51 6.98
C LEU A 59 2.22 -11.04 6.84
N GLY A 60 3.15 -10.15 6.52
CA GLY A 60 4.54 -10.54 6.35
C GLY A 60 5.43 -9.32 6.11
N ASP A 61 6.50 -9.22 6.90
CA ASP A 61 7.42 -8.09 6.76
C ASP A 61 8.04 -8.06 5.36
N ASP A 62 8.09 -9.23 4.70
CA ASP A 62 8.66 -9.30 3.36
C ASP A 62 7.68 -8.79 2.29
N ALA A 63 6.49 -8.35 2.72
CA ALA A 63 5.51 -7.83 1.78
C ALA A 63 6.10 -6.66 1.00
N VAL A 64 6.96 -5.91 1.69
CA VAL A 64 7.62 -4.76 1.06
C VAL A 64 8.62 -5.23 0.01
N GLU A 65 9.16 -6.43 0.20
CA GLU A 65 10.13 -6.98 -0.74
C GLU A 65 9.47 -7.31 -2.07
N LYS A 66 8.50 -8.23 -2.03
CA LYS A 66 7.80 -8.63 -3.24
C LYS A 66 7.07 -7.44 -3.85
N ALA A 67 6.63 -6.53 -3.01
CA ALA A 67 5.93 -5.33 -3.48
C ALA A 67 6.82 -4.51 -4.41
N THR A 68 6.59 -4.68 -5.72
CA THR A 68 7.37 -3.94 -6.71
C THR A 68 6.52 -2.80 -7.29
N THR A 69 5.23 -3.07 -7.40
CA THR A 69 4.29 -2.07 -7.93
C THR A 69 3.36 -1.62 -6.79
N PRO A 70 2.56 -0.57 -7.00
CA PRO A 70 1.65 -0.09 -5.96
C PRO A 70 0.51 -1.08 -5.74
N ARG A 71 0.09 -1.72 -6.83
CA ARG A 71 -0.97 -2.72 -6.75
C ARG A 71 -0.54 -3.88 -5.85
N ALA A 72 0.77 -4.08 -5.73
CA ALA A 72 1.29 -5.16 -4.89
C ALA A 72 1.00 -4.87 -3.42
N LEU A 73 1.43 -3.68 -2.98
CA LEU A 73 1.21 -3.26 -1.59
C LEU A 73 -0.28 -3.29 -1.27
N ILE A 74 -1.08 -2.76 -2.20
CA ILE A 74 -2.52 -2.73 -2.02
C ILE A 74 -3.06 -4.16 -1.90
N GLU A 75 -2.52 -5.04 -2.74
CA GLU A 75 -2.94 -6.44 -2.73
C GLU A 75 -2.64 -7.08 -1.38
N MET A 76 -1.41 -6.87 -0.91
CA MET A 76 -1.00 -7.43 0.37
C MET A 76 -1.82 -6.81 1.48
N THR A 77 -2.11 -5.51 1.34
CA THR A 77 -2.91 -4.82 2.35
C THR A 77 -4.35 -5.32 2.34
N ASN A 78 -4.95 -5.32 1.15
CA ASN A 78 -6.32 -5.78 1.00
C ASN A 78 -6.46 -7.23 1.48
N ALA A 79 -5.41 -8.00 1.24
CA ALA A 79 -5.39 -9.39 1.66
C ALA A 79 -5.43 -9.49 3.17
N SER A 80 -4.78 -8.52 3.81
CA SER A 80 -4.75 -8.48 5.27
C SER A 80 -6.09 -8.05 5.82
N LEU A 81 -6.67 -7.01 5.21
CA LEU A 81 -7.96 -6.53 5.66
C LEU A 81 -9.05 -7.57 5.40
N THR A 82 -9.06 -8.11 4.19
CA THR A 82 -10.06 -9.12 3.84
C THR A 82 -9.87 -10.37 4.70
N GLY A 83 -8.61 -10.65 5.05
CA GLY A 83 -8.30 -11.83 5.86
C GLY A 83 -8.94 -11.71 7.24
N ALA A 84 -8.97 -10.49 7.77
CA ALA A 84 -9.56 -10.26 9.09
C ALA A 84 -11.04 -10.62 9.08
N SER A 85 -11.68 -10.42 7.94
CA SER A 85 -13.11 -10.74 7.81
C SER A 85 -13.44 -11.14 6.38
N PRO A 86 -13.32 -12.45 6.04
CA PRO A 86 -13.62 -12.93 4.69
C PRO A 86 -15.11 -13.15 4.46
N SER A 87 -15.45 -13.75 3.32
CA SER A 87 -16.84 -14.01 2.99
C SER A 87 -17.14 -15.51 3.11
N ALA A 88 -16.47 -16.16 4.05
CA ALA A 88 -16.66 -17.59 4.27
C ALA A 88 -17.20 -17.85 5.67
N GLY A 89 -18.51 -18.07 5.75
CA GLY A 89 -19.15 -18.33 7.04
C GLY A 89 -20.57 -18.85 6.85
N GLY A 90 -20.70 -19.88 6.01
CA GLY A 90 -22.01 -20.47 5.74
C GLY A 90 -22.22 -20.66 4.24
N ALA A 91 -21.71 -19.71 3.47
CA ALA A 91 -21.84 -19.77 2.01
C ALA A 91 -20.49 -19.58 1.34
N ALA A 92 -20.14 -20.52 0.46
CA ALA A 92 -18.87 -20.45 -0.25
C ALA A 92 -19.10 -20.42 -1.76
N ARG A 93 -20.21 -19.79 -2.16
CA ARG A 93 -20.54 -19.69 -3.58
C ARG A 93 -20.98 -18.27 -3.93
N ASP A 94 -20.07 -17.53 -4.57
CA ASP A 94 -20.35 -16.15 -4.97
C ASP A 94 -20.41 -15.24 -3.75
N LYS A 95 -21.42 -15.46 -2.91
CA LYS A 95 -21.58 -14.66 -1.70
C LYS A 95 -21.18 -15.46 -0.47
N MET A 1 -13.78 -3.07 8.90
CA MET A 1 -12.38 -2.98 8.40
C MET A 1 -12.40 -2.84 6.88
N THR A 2 -12.22 -1.61 6.41
CA THR A 2 -12.23 -1.34 4.98
C THR A 2 -10.97 -1.90 4.33
N LEU A 3 -10.83 -1.68 3.03
CA LEU A 3 -9.66 -2.16 2.30
C LEU A 3 -8.80 -0.98 1.83
N LEU A 4 -7.90 -1.23 0.88
CA LEU A 4 -7.02 -0.17 0.39
C LEU A 4 -7.14 -0.05 -1.12
N THR A 5 -6.67 1.07 -1.67
CA THR A 5 -6.75 1.30 -3.11
C THR A 5 -5.51 2.02 -3.63
N LEU A 6 -5.48 2.26 -4.94
CA LEU A 6 -4.35 2.94 -5.56
C LEU A 6 -4.32 4.41 -5.13
N SER A 7 -5.50 4.98 -4.95
CA SER A 7 -5.60 6.37 -4.52
C SER A 7 -5.01 6.54 -3.13
N ASP A 8 -5.14 5.50 -2.31
CA ASP A 8 -4.61 5.53 -0.96
C ASP A 8 -3.09 5.46 -0.99
N LEU A 9 -2.56 4.31 -1.40
CA LEU A 9 -1.12 4.11 -1.47
C LEU A 9 -0.42 5.26 -2.19
N LEU A 10 -1.13 5.88 -3.12
CA LEU A 10 -0.56 6.99 -3.89
C LEU A 10 -0.38 8.23 -3.03
N THR A 11 -1.46 8.68 -2.39
CA THR A 11 -1.40 9.88 -1.55
C THR A 11 -0.37 9.72 -0.44
N LEU A 12 -0.44 8.60 0.28
CA LEU A 12 0.50 8.35 1.37
C LEU A 12 1.93 8.36 0.83
N LEU A 13 2.09 7.85 -0.38
CA LEU A 13 3.40 7.86 -1.01
C LEU A 13 3.73 9.29 -1.40
N ARG A 14 2.69 10.02 -1.84
CA ARG A 14 2.85 11.41 -2.23
C ARG A 14 3.29 12.24 -1.02
N GLU A 15 2.68 11.96 0.13
CA GLU A 15 3.02 12.68 1.36
C GLU A 15 4.47 12.42 1.72
N CYS A 16 4.85 11.15 1.65
CA CYS A 16 6.22 10.74 1.96
C CYS A 16 7.19 11.39 0.99
N ALA A 17 6.80 11.40 -0.28
CA ALA A 17 7.62 11.99 -1.33
C ALA A 17 7.84 13.48 -1.06
N GLY A 18 6.78 14.14 -0.61
CA GLY A 18 6.84 15.58 -0.30
C GLY A 18 7.36 16.37 -1.49
N GLU A 19 7.07 15.87 -2.69
CA GLU A 19 7.50 16.54 -3.91
C GLU A 19 6.87 15.88 -5.13
N GLU A 20 5.61 15.49 -4.98
CA GLU A 20 4.87 14.84 -6.05
C GLU A 20 3.46 14.51 -5.56
N GLU A 21 2.48 15.27 -6.05
CA GLU A 21 1.08 15.10 -5.67
C GLU A 21 0.67 13.62 -5.67
N SER A 22 -0.53 13.36 -5.13
CA SER A 22 -1.07 11.99 -5.05
C SER A 22 -0.85 11.22 -6.35
N ILE A 23 -1.45 11.73 -7.42
CA ILE A 23 -1.32 11.09 -8.72
C ILE A 23 -0.76 12.10 -9.72
N ASP A 24 0.54 12.31 -9.65
CA ASP A 24 1.21 13.25 -10.54
C ASP A 24 1.94 12.50 -11.67
N LEU A 25 2.24 11.22 -11.43
CA LEU A 25 2.93 10.40 -12.43
C LEU A 25 2.20 10.42 -13.77
N GLY A 26 0.89 10.67 -13.71
CA GLY A 26 0.08 10.72 -14.93
C GLY A 26 -0.94 9.59 -14.98
N GLY A 27 -1.26 9.02 -13.81
CA GLY A 27 -2.23 7.92 -13.74
C GLY A 27 -1.83 6.77 -14.65
N ASP A 28 -0.74 6.09 -14.31
CA ASP A 28 -0.27 4.96 -15.11
C ASP A 28 0.95 4.32 -14.46
N VAL A 29 0.91 4.20 -13.13
CA VAL A 29 2.02 3.60 -12.40
C VAL A 29 1.52 2.49 -11.47
N GLU A 30 0.32 1.97 -11.74
CA GLU A 30 -0.24 0.91 -10.92
C GLU A 30 0.52 -0.40 -11.12
N ASP A 31 1.08 -0.58 -12.31
CA ASP A 31 1.82 -1.79 -12.61
C ASP A 31 3.26 -1.46 -13.01
N VAL A 32 3.76 -0.35 -12.48
CA VAL A 32 5.13 0.06 -12.76
C VAL A 32 5.97 -0.07 -11.49
N ALA A 33 7.18 -0.62 -11.64
CA ALA A 33 8.07 -0.80 -10.49
C ALA A 33 8.31 0.52 -9.78
N PHE A 34 8.40 0.45 -8.45
CA PHE A 34 8.63 1.66 -7.63
C PHE A 34 9.82 2.47 -8.17
N ASP A 35 10.89 1.76 -8.50
CA ASP A 35 12.09 2.42 -9.03
C ASP A 35 11.83 2.92 -10.45
N ALA A 36 10.86 2.32 -11.14
CA ALA A 36 10.55 2.71 -12.50
C ALA A 36 9.75 4.01 -12.55
N LEU A 37 9.03 4.31 -11.46
CA LEU A 37 8.23 5.53 -11.42
C LEU A 37 8.99 6.66 -10.73
N GLY A 38 9.90 6.30 -9.81
CA GLY A 38 10.67 7.32 -9.12
C GLY A 38 10.85 7.00 -7.62
N TYR A 39 10.19 5.96 -7.13
CA TYR A 39 10.31 5.61 -5.72
C TYR A 39 11.56 4.76 -5.49
N ASP A 40 12.27 5.03 -4.40
CA ASP A 40 13.48 4.27 -4.09
C ASP A 40 13.15 3.09 -3.20
N SER A 41 12.88 3.39 -1.94
CA SER A 41 12.55 2.35 -0.96
C SER A 41 12.36 3.01 0.41
N LEU A 42 13.26 3.95 0.71
CA LEU A 42 13.21 4.66 1.99
C LEU A 42 11.84 5.30 2.19
N ALA A 43 11.32 5.91 1.13
CA ALA A 43 10.01 6.55 1.21
C ALA A 43 8.93 5.49 1.37
N LEU A 44 9.06 4.41 0.61
CA LEU A 44 8.09 3.31 0.67
C LEU A 44 8.11 2.69 2.06
N LEU A 45 9.31 2.54 2.59
CA LEU A 45 9.48 1.96 3.93
C LEU A 45 8.66 2.74 4.96
N ASN A 46 8.70 4.06 4.84
CA ASN A 46 7.95 4.93 5.74
C ASN A 46 6.45 4.78 5.48
N THR A 47 6.08 4.91 4.20
CA THR A 47 4.66 4.81 3.83
C THR A 47 4.08 3.47 4.27
N VAL A 48 4.74 2.38 3.87
CA VAL A 48 4.28 1.03 4.23
C VAL A 48 4.04 0.91 5.74
N GLY A 49 4.95 1.47 6.52
CA GLY A 49 4.81 1.44 7.97
C GLY A 49 3.52 2.16 8.39
N ARG A 50 3.21 3.22 7.65
CA ARG A 50 2.01 3.99 7.92
C ARG A 50 0.77 3.18 7.61
N ILE A 51 0.85 2.35 6.57
CA ILE A 51 -0.29 1.52 6.20
C ILE A 51 -0.52 0.46 7.28
N GLU A 52 0.50 -0.31 7.57
CA GLU A 52 0.40 -1.35 8.59
C GLU A 52 -0.02 -0.77 9.94
N ARG A 53 0.19 0.53 10.13
CA ARG A 53 -0.17 1.16 11.39
C ARG A 53 -1.55 1.80 11.30
N ASP A 54 -1.80 2.50 10.20
CA ASP A 54 -3.07 3.17 10.00
C ASP A 54 -4.17 2.17 9.67
N TYR A 55 -3.82 1.14 8.91
CA TYR A 55 -4.79 0.12 8.53
C TYR A 55 -4.72 -1.07 9.48
N GLY A 56 -3.57 -1.24 10.15
CA GLY A 56 -3.41 -2.35 11.07
C GLY A 56 -3.50 -3.67 10.33
N VAL A 57 -2.86 -3.73 9.17
CA VAL A 57 -2.88 -4.94 8.35
C VAL A 57 -1.52 -5.21 7.71
N GLN A 58 -1.14 -6.49 7.68
CA GLN A 58 0.13 -6.88 7.10
C GLN A 58 0.28 -8.40 7.15
N LEU A 59 0.36 -9.03 5.98
CA LEU A 59 0.49 -10.48 5.91
C LEU A 59 1.93 -10.91 6.21
N GLY A 60 2.88 -10.05 5.87
CA GLY A 60 4.28 -10.35 6.10
C GLY A 60 5.16 -9.12 5.87
N ASP A 61 6.01 -8.83 6.84
CA ASP A 61 6.91 -7.68 6.75
C ASP A 61 7.75 -7.71 5.47
N ASP A 62 7.94 -8.91 4.92
CA ASP A 62 8.72 -9.05 3.69
C ASP A 62 7.90 -8.67 2.46
N ALA A 63 6.62 -8.32 2.65
CA ALA A 63 5.77 -7.91 1.53
C ALA A 63 6.41 -6.73 0.80
N VAL A 64 7.09 -5.89 1.57
CA VAL A 64 7.77 -4.74 1.01
C VAL A 64 8.93 -5.19 0.12
N GLU A 65 9.52 -6.33 0.47
CA GLU A 65 10.64 -6.87 -0.29
C GLU A 65 10.18 -7.25 -1.70
N LYS A 66 9.15 -8.10 -1.76
CA LYS A 66 8.61 -8.54 -3.04
C LYS A 66 7.80 -7.43 -3.70
N ALA A 67 7.23 -6.56 -2.87
CA ALA A 67 6.42 -5.45 -3.38
C ALA A 67 7.22 -4.58 -4.34
N THR A 68 7.02 -4.80 -5.63
CA THR A 68 7.72 -4.01 -6.65
C THR A 68 6.77 -2.97 -7.24
N THR A 69 5.48 -3.29 -7.27
CA THR A 69 4.47 -2.38 -7.80
C THR A 69 3.49 -2.03 -6.69
N PRO A 70 2.62 -1.04 -6.89
CA PRO A 70 1.64 -0.66 -5.86
C PRO A 70 0.62 -1.77 -5.61
N ARG A 71 0.17 -2.42 -6.69
CA ARG A 71 -0.78 -3.53 -6.53
C ARG A 71 -0.27 -4.53 -5.49
N ALA A 72 1.06 -4.64 -5.40
CA ALA A 72 1.68 -5.56 -4.45
C ALA A 72 1.33 -5.18 -3.02
N LEU A 73 1.80 -4.00 -2.62
CA LEU A 73 1.55 -3.50 -1.27
C LEU A 73 0.06 -3.43 -0.99
N ILE A 74 -0.68 -2.90 -1.94
CA ILE A 74 -2.12 -2.78 -1.80
C ILE A 74 -2.75 -4.18 -1.69
N GLU A 75 -2.21 -5.12 -2.48
CA GLU A 75 -2.72 -6.49 -2.44
C GLU A 75 -2.52 -7.08 -1.05
N MET A 76 -1.31 -6.92 -0.53
CA MET A 76 -1.00 -7.43 0.79
C MET A 76 -1.86 -6.75 1.84
N THR A 77 -2.03 -5.43 1.68
CA THR A 77 -2.84 -4.66 2.62
C THR A 77 -4.31 -5.04 2.49
N ASN A 78 -4.71 -5.37 1.27
CA ASN A 78 -6.10 -5.76 1.02
C ASN A 78 -6.34 -7.20 1.45
N ALA A 79 -5.30 -8.02 1.33
CA ALA A 79 -5.39 -9.42 1.69
C ALA A 79 -5.67 -9.58 3.18
N SER A 80 -5.04 -8.74 3.98
CA SER A 80 -5.25 -8.80 5.42
C SER A 80 -6.60 -8.17 5.78
N LEU A 81 -6.88 -7.02 5.18
CA LEU A 81 -8.13 -6.32 5.44
C LEU A 81 -9.33 -7.17 5.00
N THR A 82 -9.25 -7.71 3.79
CA THR A 82 -10.35 -8.53 3.27
C THR A 82 -10.53 -9.78 4.14
N GLY A 83 -9.42 -10.32 4.62
CA GLY A 83 -9.46 -11.51 5.46
C GLY A 83 -10.28 -11.26 6.73
N ALA A 84 -10.25 -10.02 7.20
CA ALA A 84 -11.00 -9.65 8.40
C ALA A 84 -12.15 -8.72 8.04
N SER A 85 -12.76 -8.97 6.89
CA SER A 85 -13.88 -8.15 6.44
C SER A 85 -15.20 -8.75 6.90
N PRO A 86 -16.27 -7.93 7.02
CA PRO A 86 -17.59 -8.42 7.46
C PRO A 86 -18.39 -9.06 6.33
N SER A 87 -18.63 -8.28 5.28
CA SER A 87 -19.38 -8.77 4.12
C SER A 87 -18.88 -8.11 2.85
N ALA A 88 -19.08 -6.80 2.75
CA ALA A 88 -18.65 -6.06 1.57
C ALA A 88 -17.69 -4.94 1.96
N GLY A 89 -18.23 -3.92 2.62
CA GLY A 89 -17.41 -2.78 3.05
C GLY A 89 -17.74 -1.54 2.23
N GLY A 90 -18.80 -0.84 2.63
CA GLY A 90 -19.22 0.36 1.94
C GLY A 90 -18.80 1.60 2.72
N ALA A 91 -17.66 2.17 2.34
CA ALA A 91 -17.15 3.37 3.02
C ALA A 91 -17.64 4.62 2.30
N ALA A 92 -17.15 4.80 1.08
CA ALA A 92 -17.52 5.97 0.27
C ALA A 92 -16.93 7.24 0.86
N ARG A 93 -17.44 7.63 2.02
CA ARG A 93 -16.95 8.85 2.69
C ARG A 93 -17.49 8.91 4.11
N ASP A 94 -18.77 8.60 4.27
CA ASP A 94 -19.39 8.63 5.59
C ASP A 94 -20.57 7.66 5.65
N LYS A 95 -20.25 6.38 5.87
CA LYS A 95 -21.28 5.34 5.95
C LYS A 95 -22.04 5.44 7.26
N MET A 1 -13.70 -2.45 10.01
CA MET A 1 -12.70 -3.08 9.11
C MET A 1 -12.81 -2.47 7.71
N THR A 2 -11.77 -2.65 6.91
CA THR A 2 -11.77 -2.13 5.55
C THR A 2 -10.54 -2.61 4.79
N LEU A 3 -10.50 -2.32 3.49
CA LEU A 3 -9.38 -2.73 2.66
C LEU A 3 -8.54 -1.51 2.26
N LEU A 4 -7.69 -1.67 1.25
CA LEU A 4 -6.84 -0.56 0.81
C LEU A 4 -7.16 -0.17 -0.64
N THR A 5 -6.68 1.00 -1.05
CA THR A 5 -6.93 1.46 -2.41
C THR A 5 -5.67 2.10 -3.01
N LEU A 6 -5.75 2.37 -4.32
CA LEU A 6 -4.64 2.99 -5.03
C LEU A 6 -4.38 4.38 -4.47
N SER A 7 -5.46 5.14 -4.33
CA SER A 7 -5.38 6.50 -3.81
C SER A 7 -4.72 6.52 -2.43
N ASP A 8 -4.86 5.43 -1.69
CA ASP A 8 -4.28 5.33 -0.37
C ASP A 8 -2.75 5.25 -0.46
N LEU A 9 -2.27 4.16 -1.05
CA LEU A 9 -0.83 3.96 -1.19
C LEU A 9 -0.18 5.10 -1.98
N LEU A 10 -0.92 5.66 -2.92
CA LEU A 10 -0.40 6.74 -3.75
C LEU A 10 -0.20 8.02 -2.96
N THR A 11 -1.25 8.48 -2.28
CA THR A 11 -1.17 9.71 -1.49
C THR A 11 -0.01 9.67 -0.49
N LEU A 12 0.11 8.53 0.20
CA LEU A 12 1.18 8.38 1.17
C LEU A 12 2.53 8.42 0.47
N LEU A 13 2.56 7.82 -0.71
CA LEU A 13 3.79 7.79 -1.49
C LEU A 13 4.17 9.19 -1.97
N ARG A 14 3.22 9.87 -2.60
CA ARG A 14 3.47 11.22 -3.09
C ARG A 14 3.64 12.18 -1.92
N GLU A 15 2.94 11.89 -0.82
CA GLU A 15 3.04 12.74 0.37
C GLU A 15 4.43 12.61 0.97
N CYS A 16 4.89 11.36 1.09
CA CYS A 16 6.20 11.09 1.65
C CYS A 16 7.27 11.63 0.71
N ALA A 17 7.03 11.47 -0.58
CA ALA A 17 7.98 11.94 -1.59
C ALA A 17 8.14 13.45 -1.50
N GLY A 18 7.05 14.13 -1.16
CA GLY A 18 7.07 15.59 -1.04
C GLY A 18 6.32 16.25 -2.19
N GLU A 19 5.32 15.54 -2.73
CA GLU A 19 4.53 16.06 -3.82
C GLU A 19 3.31 16.81 -3.30
N GLU A 20 2.45 17.23 -4.21
CA GLU A 20 1.24 17.96 -3.82
C GLU A 20 0.02 17.44 -4.58
N GLU A 21 -0.02 16.11 -4.74
CA GLU A 21 -1.14 15.49 -5.44
C GLU A 21 -1.09 13.96 -5.28
N SER A 22 -2.25 13.36 -5.08
CA SER A 22 -2.34 11.91 -4.91
C SER A 22 -1.76 11.20 -6.13
N ILE A 23 -2.00 11.78 -7.30
CA ILE A 23 -1.51 11.20 -8.54
C ILE A 23 -0.81 12.26 -9.39
N ASP A 24 0.44 12.54 -9.04
CA ASP A 24 1.21 13.55 -9.76
C ASP A 24 1.95 12.91 -10.92
N LEU A 25 2.32 11.63 -10.77
CA LEU A 25 3.04 10.91 -11.81
C LEU A 25 2.18 10.83 -13.08
N GLY A 26 0.87 10.76 -12.89
CA GLY A 26 -0.05 10.68 -14.03
C GLY A 26 -1.18 9.70 -13.75
N GLY A 27 -0.88 8.68 -12.94
CA GLY A 27 -1.88 7.68 -12.60
C GLY A 27 -1.63 6.37 -13.36
N ASP A 28 -1.05 6.49 -14.55
CA ASP A 28 -0.76 5.31 -15.36
C ASP A 28 0.58 4.70 -14.95
N VAL A 29 0.67 4.31 -13.67
CA VAL A 29 1.90 3.71 -13.16
C VAL A 29 1.58 2.72 -12.04
N GLU A 30 0.39 2.11 -12.12
CA GLU A 30 -0.03 1.15 -11.11
C GLU A 30 0.70 -0.19 -11.30
N ASP A 31 1.08 -0.46 -12.55
CA ASP A 31 1.78 -1.71 -12.86
C ASP A 31 3.24 -1.43 -13.22
N VAL A 32 3.77 -0.31 -12.72
CA VAL A 32 5.16 0.05 -12.98
C VAL A 32 5.96 -0.08 -11.68
N ALA A 33 7.08 -0.78 -11.74
CA ALA A 33 7.92 -0.98 -10.55
C ALA A 33 8.30 0.35 -9.91
N PHE A 34 8.53 0.31 -8.60
CA PHE A 34 8.90 1.51 -7.86
C PHE A 34 10.20 2.11 -8.40
N ASP A 35 11.07 1.24 -8.90
CA ASP A 35 12.34 1.69 -9.46
C ASP A 35 12.10 2.60 -10.67
N ALA A 36 11.06 2.27 -11.43
CA ALA A 36 10.71 3.04 -12.61
C ALA A 36 10.14 4.39 -12.21
N LEU A 37 9.28 4.38 -11.18
CA LEU A 37 8.67 5.62 -10.69
C LEU A 37 9.74 6.58 -10.19
N GLY A 38 10.80 6.01 -9.60
CA GLY A 38 11.88 6.82 -9.07
C GLY A 38 11.87 6.84 -7.55
N TYR A 39 11.31 5.79 -6.95
CA TYR A 39 11.24 5.70 -5.50
C TYR A 39 12.50 5.05 -4.94
N ASP A 40 13.00 5.61 -3.85
CA ASP A 40 14.20 5.07 -3.21
C ASP A 40 13.86 3.88 -2.33
N SER A 41 13.16 4.16 -1.24
CA SER A 41 12.76 3.13 -0.29
C SER A 41 12.09 3.77 0.92
N LEU A 42 12.66 4.90 1.33
CA LEU A 42 12.13 5.63 2.49
C LEU A 42 10.68 6.04 2.24
N ALA A 43 10.35 6.28 0.98
CA ALA A 43 8.98 6.68 0.62
C ALA A 43 8.03 5.50 0.71
N LEU A 44 8.51 4.34 0.25
CA LEU A 44 7.70 3.12 0.28
C LEU A 44 7.64 2.57 1.69
N LEU A 45 8.76 2.72 2.40
CA LEU A 45 8.85 2.23 3.77
C LEU A 45 7.85 2.95 4.67
N ASN A 46 7.89 4.28 4.61
CA ASN A 46 6.98 5.09 5.42
C ASN A 46 5.54 4.84 5.01
N THR A 47 5.30 4.77 3.71
CA THR A 47 3.96 4.54 3.18
C THR A 47 3.35 3.26 3.76
N VAL A 48 4.01 2.14 3.49
CA VAL A 48 3.54 0.84 3.99
C VAL A 48 3.46 0.85 5.50
N GLY A 49 4.45 1.47 6.14
CA GLY A 49 4.47 1.55 7.59
C GLY A 49 3.26 2.32 8.10
N ARG A 50 2.80 3.27 7.29
CA ARG A 50 1.65 4.08 7.65
C ARG A 50 0.39 3.24 7.59
N ILE A 51 0.33 2.33 6.62
CA ILE A 51 -0.83 1.46 6.48
C ILE A 51 -0.89 0.48 7.64
N GLU A 52 0.18 -0.28 7.81
CA GLU A 52 0.24 -1.25 8.91
C GLU A 52 0.07 -0.57 10.26
N ARG A 53 0.30 0.74 10.31
CA ARG A 53 0.16 1.47 11.58
C ARG A 53 -1.23 2.10 11.69
N ASP A 54 -1.67 2.73 10.61
CA ASP A 54 -2.98 3.38 10.60
C ASP A 54 -4.10 2.35 10.52
N TYR A 55 -3.85 1.29 9.75
CA TYR A 55 -4.84 0.24 9.60
C TYR A 55 -4.61 -0.87 10.64
N GLY A 56 -3.36 -0.97 11.12
CA GLY A 56 -3.04 -2.00 12.11
C GLY A 56 -3.26 -3.39 11.53
N VAL A 57 -2.87 -3.55 10.27
CA VAL A 57 -3.06 -4.83 9.59
C VAL A 57 -1.85 -5.18 8.72
N GLN A 58 -1.49 -6.47 8.71
CA GLN A 58 -0.36 -6.94 7.92
C GLN A 58 -0.12 -8.43 8.15
N LEU A 59 0.00 -9.19 7.05
CA LEU A 59 0.23 -10.63 7.17
C LEU A 59 1.46 -11.08 6.38
N GLY A 60 2.24 -10.12 5.85
CA GLY A 60 3.42 -10.48 5.09
C GLY A 60 4.54 -9.46 5.32
N ASP A 61 5.50 -9.82 6.16
CA ASP A 61 6.63 -8.94 6.44
C ASP A 61 7.43 -8.69 5.17
N ASP A 62 7.63 -9.75 4.40
CA ASP A 62 8.36 -9.64 3.15
C ASP A 62 7.49 -9.07 2.03
N ALA A 63 6.22 -8.78 2.33
CA ALA A 63 5.31 -8.20 1.34
C ALA A 63 5.90 -6.92 0.79
N VAL A 64 6.63 -6.20 1.64
CA VAL A 64 7.25 -4.95 1.23
C VAL A 64 8.42 -5.23 0.28
N GLU A 65 9.02 -6.42 0.41
CA GLU A 65 10.14 -6.78 -0.44
C GLU A 65 9.66 -7.07 -1.86
N LYS A 66 8.83 -8.09 -2.01
CA LYS A 66 8.31 -8.47 -3.32
C LYS A 66 7.54 -7.30 -3.95
N ALA A 67 6.98 -6.43 -3.10
CA ALA A 67 6.23 -5.27 -3.58
C ALA A 67 7.07 -4.42 -4.52
N THR A 68 6.86 -4.63 -5.82
CA THR A 68 7.58 -3.88 -6.84
C THR A 68 6.71 -2.75 -7.35
N THR A 69 5.42 -3.04 -7.45
CA THR A 69 4.46 -2.06 -7.93
C THR A 69 3.58 -1.61 -6.77
N PRO A 70 2.83 -0.52 -6.92
CA PRO A 70 1.94 -0.05 -5.85
C PRO A 70 0.80 -1.01 -5.63
N ARG A 71 0.38 -1.67 -6.71
CA ARG A 71 -0.69 -2.65 -6.63
C ARG A 71 -0.27 -3.80 -5.74
N ALA A 72 1.04 -4.10 -5.74
CA ALA A 72 1.56 -5.19 -4.92
C ALA A 72 1.27 -4.92 -3.45
N LEU A 73 1.67 -3.74 -2.99
CA LEU A 73 1.45 -3.34 -1.60
C LEU A 73 -0.05 -3.34 -1.30
N ILE A 74 -0.82 -2.85 -2.26
CA ILE A 74 -2.27 -2.81 -2.08
C ILE A 74 -2.80 -4.24 -2.01
N GLU A 75 -2.25 -5.11 -2.84
CA GLU A 75 -2.67 -6.51 -2.87
C GLU A 75 -2.31 -7.21 -1.56
N MET A 76 -1.03 -7.14 -1.19
CA MET A 76 -0.60 -7.79 0.05
C MET A 76 -1.31 -7.19 1.25
N THR A 77 -1.55 -5.88 1.20
CA THR A 77 -2.25 -5.21 2.30
C THR A 77 -3.72 -5.62 2.27
N ASN A 78 -4.34 -5.52 1.10
CA ASN A 78 -5.75 -5.91 0.96
C ASN A 78 -5.94 -7.35 1.40
N ALA A 79 -4.93 -8.17 1.12
CA ALA A 79 -4.95 -9.57 1.52
C ALA A 79 -4.99 -9.67 3.03
N SER A 80 -4.29 -8.74 3.68
CA SER A 80 -4.25 -8.69 5.13
C SER A 80 -5.60 -8.23 5.66
N LEU A 81 -6.11 -7.17 5.05
CA LEU A 81 -7.40 -6.64 5.46
C LEU A 81 -8.51 -7.66 5.20
N THR A 82 -8.56 -8.18 3.97
CA THR A 82 -9.57 -9.18 3.63
C THR A 82 -9.33 -10.48 4.39
N GLY A 83 -8.06 -10.76 4.67
CA GLY A 83 -7.70 -11.98 5.39
C GLY A 83 -7.98 -11.87 6.89
N ALA A 84 -8.46 -10.70 7.34
CA ALA A 84 -8.77 -10.51 8.75
C ALA A 84 -9.80 -11.52 9.24
N SER A 85 -10.72 -11.88 8.35
CA SER A 85 -11.76 -12.84 8.68
C SER A 85 -12.66 -13.14 7.47
N PRO A 86 -13.31 -12.13 6.88
CA PRO A 86 -14.18 -12.35 5.71
C PRO A 86 -13.39 -12.55 4.42
N SER A 87 -14.08 -12.46 3.29
CA SER A 87 -13.44 -12.62 1.99
C SER A 87 -13.68 -11.40 1.11
N ALA A 88 -14.92 -10.93 1.09
CA ALA A 88 -15.28 -9.77 0.29
C ALA A 88 -14.72 -8.50 0.94
N GLY A 89 -14.64 -7.44 0.13
CA GLY A 89 -14.12 -6.17 0.63
C GLY A 89 -15.26 -5.29 1.14
N GLY A 90 -14.91 -4.16 1.75
CA GLY A 90 -15.90 -3.24 2.28
C GLY A 90 -16.21 -2.14 1.26
N ALA A 91 -16.60 -2.55 0.07
CA ALA A 91 -16.93 -1.61 -0.99
C ALA A 91 -18.14 -2.08 -1.78
N ALA A 92 -19.33 -1.75 -1.27
CA ALA A 92 -20.56 -2.15 -1.94
C ALA A 92 -20.68 -1.47 -3.30
N ARG A 93 -20.35 -2.20 -4.36
CA ARG A 93 -20.42 -1.66 -5.71
C ARG A 93 -19.50 -0.45 -5.85
N ASP A 94 -18.39 -0.49 -5.12
CA ASP A 94 -17.42 0.61 -5.17
C ASP A 94 -18.08 1.93 -4.74
N LYS A 95 -17.73 2.38 -3.54
CA LYS A 95 -18.29 3.63 -3.02
C LYS A 95 -19.80 3.53 -2.90
N MET A 1 -12.49 -0.61 9.54
CA MET A 1 -11.49 -0.18 8.52
C MET A 1 -11.90 -0.70 7.14
N THR A 2 -11.09 -0.39 6.14
CA THR A 2 -11.38 -0.82 4.78
C THR A 2 -10.08 -1.23 4.06
N LEU A 3 -10.24 -1.86 2.91
CA LEU A 3 -9.08 -2.30 2.13
C LEU A 3 -8.32 -1.08 1.59
N LEU A 4 -7.25 -1.36 0.86
CA LEU A 4 -6.41 -0.32 0.29
C LEU A 4 -6.60 -0.24 -1.23
N THR A 5 -6.33 0.93 -1.79
CA THR A 5 -6.47 1.13 -3.23
C THR A 5 -5.26 1.85 -3.80
N LEU A 6 -5.23 1.97 -5.12
CA LEU A 6 -4.11 2.64 -5.80
C LEU A 6 -4.07 4.12 -5.42
N SER A 7 -5.25 4.68 -5.18
CA SER A 7 -5.33 6.09 -4.80
C SER A 7 -4.83 6.30 -3.38
N ASP A 8 -5.03 5.30 -2.53
CA ASP A 8 -4.60 5.39 -1.15
C ASP A 8 -3.08 5.41 -1.05
N LEU A 9 -2.44 4.37 -1.57
CA LEU A 9 -0.98 4.26 -1.53
C LEU A 9 -0.32 5.48 -2.15
N LEU A 10 -0.83 5.90 -3.30
CA LEU A 10 -0.28 7.06 -4.00
C LEU A 10 -0.31 8.30 -3.11
N THR A 11 -1.47 8.54 -2.49
CA THR A 11 -1.63 9.68 -1.60
C THR A 11 -0.55 9.69 -0.51
N LEU A 12 -0.42 8.57 0.18
CA LEU A 12 0.58 8.45 1.23
C LEU A 12 1.98 8.58 0.62
N LEU A 13 2.12 8.09 -0.61
CA LEU A 13 3.41 8.17 -1.30
C LEU A 13 3.78 9.62 -1.58
N ARG A 14 2.79 10.40 -2.01
CA ARG A 14 3.04 11.82 -2.30
C ARG A 14 3.53 12.54 -1.04
N GLU A 15 2.93 12.20 0.09
CA GLU A 15 3.28 12.81 1.37
C GLU A 15 4.73 12.49 1.70
N CYS A 16 5.02 11.20 1.81
CA CYS A 16 6.37 10.75 2.13
C CYS A 16 7.38 11.31 1.14
N ALA A 17 7.12 11.10 -0.15
CA ALA A 17 8.01 11.58 -1.19
C ALA A 17 8.19 13.09 -1.11
N GLY A 18 7.15 13.77 -0.66
CA GLY A 18 7.20 15.23 -0.53
C GLY A 18 6.25 15.90 -1.52
N GLU A 19 6.02 15.24 -2.65
CA GLU A 19 5.13 15.78 -3.67
C GLU A 19 3.73 15.99 -3.11
N GLU A 20 3.08 17.05 -3.58
CA GLU A 20 1.74 17.38 -3.11
C GLU A 20 0.72 17.04 -4.20
N GLU A 21 0.57 15.74 -4.47
CA GLU A 21 -0.38 15.29 -5.48
C GLU A 21 -0.63 13.79 -5.34
N SER A 22 -1.92 13.42 -5.33
CA SER A 22 -2.30 12.02 -5.21
C SER A 22 -1.96 11.25 -6.48
N ILE A 23 -2.75 11.48 -7.53
CA ILE A 23 -2.52 10.79 -8.79
C ILE A 23 -2.30 11.79 -9.92
N ASP A 24 -1.12 12.39 -9.92
CA ASP A 24 -0.77 13.36 -10.96
C ASP A 24 0.31 12.81 -11.90
N LEU A 25 1.08 11.84 -11.39
CA LEU A 25 2.15 11.24 -12.20
C LEU A 25 1.64 10.80 -13.57
N GLY A 26 0.35 10.49 -13.65
CA GLY A 26 -0.24 10.06 -14.92
C GLY A 26 -1.45 9.17 -14.67
N GLY A 27 -1.44 8.46 -13.55
CA GLY A 27 -2.54 7.57 -13.21
C GLY A 27 -2.61 6.39 -14.18
N ASP A 28 -1.50 5.69 -14.30
CA ASP A 28 -1.43 4.54 -15.21
C ASP A 28 -0.13 3.77 -14.99
N VAL A 29 0.28 3.68 -13.73
CA VAL A 29 1.51 2.98 -13.38
C VAL A 29 1.25 2.01 -12.23
N GLU A 30 0.05 1.47 -12.20
CA GLU A 30 -0.32 0.52 -11.15
C GLU A 30 0.49 -0.77 -11.25
N ASP A 31 0.94 -1.07 -12.46
CA ASP A 31 1.73 -2.27 -12.71
C ASP A 31 3.17 -1.91 -13.06
N VAL A 32 3.61 -0.73 -12.63
CA VAL A 32 4.97 -0.28 -12.89
C VAL A 32 5.79 -0.32 -11.61
N ALA A 33 7.00 -0.86 -11.68
CA ALA A 33 7.86 -0.97 -10.51
C ALA A 33 8.09 0.40 -9.86
N PHE A 34 8.27 0.39 -8.55
CA PHE A 34 8.50 1.64 -7.80
C PHE A 34 9.68 2.42 -8.38
N ASP A 35 10.65 1.68 -8.92
CA ASP A 35 11.83 2.31 -9.51
C ASP A 35 11.45 3.23 -10.65
N ALA A 36 10.52 2.76 -11.49
CA ALA A 36 10.07 3.56 -12.63
C ALA A 36 9.27 4.76 -12.16
N LEU A 37 8.48 4.57 -11.10
CA LEU A 37 7.67 5.66 -10.55
C LEU A 37 8.56 6.79 -10.06
N GLY A 38 9.72 6.42 -9.52
CA GLY A 38 10.66 7.41 -9.01
C GLY A 38 10.88 7.24 -7.50
N TYR A 39 10.47 6.09 -6.95
CA TYR A 39 10.65 5.85 -5.53
C TYR A 39 11.89 4.99 -5.29
N ASP A 40 12.58 5.26 -4.19
CA ASP A 40 13.78 4.49 -3.86
C ASP A 40 13.42 3.28 -3.03
N SER A 41 13.03 3.53 -1.79
CA SER A 41 12.65 2.46 -0.87
C SER A 41 12.42 3.05 0.51
N LEU A 42 13.32 3.95 0.90
CA LEU A 42 13.22 4.61 2.20
C LEU A 42 11.88 5.32 2.35
N ALA A 43 11.43 5.95 1.25
CA ALA A 43 10.16 6.65 1.26
C ALA A 43 9.01 5.66 1.36
N LEU A 44 9.13 4.56 0.61
CA LEU A 44 8.10 3.53 0.63
C LEU A 44 8.05 2.89 2.01
N LEU A 45 9.24 2.65 2.56
CA LEU A 45 9.36 2.03 3.89
C LEU A 45 8.52 2.80 4.92
N ASN A 46 8.65 4.13 4.90
CA ASN A 46 7.91 4.98 5.82
C ASN A 46 6.43 4.97 5.48
N THR A 47 6.12 5.25 4.21
CA THR A 47 4.72 5.29 3.76
C THR A 47 4.00 3.99 4.12
N VAL A 48 4.65 2.87 3.83
CA VAL A 48 4.06 1.56 4.15
C VAL A 48 3.87 1.43 5.65
N GLY A 49 4.78 2.05 6.40
CA GLY A 49 4.71 2.00 7.86
C GLY A 49 3.40 2.63 8.35
N ARG A 50 3.01 3.71 7.67
CA ARG A 50 1.79 4.42 8.03
C ARG A 50 0.57 3.56 7.72
N ILE A 51 0.64 2.80 6.62
CA ILE A 51 -0.46 1.94 6.22
C ILE A 51 -0.61 0.79 7.21
N GLU A 52 0.51 0.13 7.51
CA GLU A 52 0.48 -0.99 8.44
C GLU A 52 -0.02 -0.55 9.82
N ARG A 53 0.14 0.74 10.13
CA ARG A 53 -0.31 1.26 11.41
C ARG A 53 -1.73 1.83 11.31
N ASP A 54 -2.00 2.48 10.18
CA ASP A 54 -3.31 3.07 9.95
C ASP A 54 -4.34 2.00 9.62
N TYR A 55 -3.90 0.99 8.87
CA TYR A 55 -4.78 -0.10 8.48
C TYR A 55 -4.65 -1.26 9.46
N GLY A 56 -3.46 -1.39 10.06
CA GLY A 56 -3.22 -2.46 11.02
C GLY A 56 -3.03 -3.80 10.31
N VAL A 57 -2.32 -3.79 9.18
CA VAL A 57 -2.10 -5.02 8.43
C VAL A 57 -1.03 -5.88 9.10
N GLN A 58 -0.97 -7.14 8.70
CA GLN A 58 0.02 -8.07 9.26
C GLN A 58 -0.11 -9.44 8.60
N LEU A 59 0.34 -9.51 7.34
CA LEU A 59 0.25 -10.77 6.61
C LEU A 59 1.65 -11.32 6.31
N GLY A 60 2.62 -10.41 6.14
CA GLY A 60 3.99 -10.83 5.87
C GLY A 60 4.93 -9.63 5.86
N ASP A 61 5.95 -9.68 6.72
CA ASP A 61 6.92 -8.60 6.81
C ASP A 61 7.67 -8.45 5.49
N ASP A 62 7.81 -9.55 4.76
CA ASP A 62 8.51 -9.52 3.48
C ASP A 62 7.62 -8.97 2.36
N ALA A 63 6.38 -8.62 2.69
CA ALA A 63 5.47 -8.07 1.69
C ALA A 63 6.07 -6.82 1.07
N VAL A 64 6.83 -6.08 1.88
CA VAL A 64 7.48 -4.86 1.41
C VAL A 64 8.60 -5.20 0.43
N GLU A 65 9.17 -6.40 0.60
CA GLU A 65 10.26 -6.83 -0.29
C GLU A 65 9.73 -7.10 -1.69
N LYS A 66 8.85 -8.09 -1.79
CA LYS A 66 8.27 -8.45 -3.09
C LYS A 66 7.50 -7.27 -3.68
N ALA A 67 6.99 -6.40 -2.81
CA ALA A 67 6.22 -5.23 -3.26
C ALA A 67 7.06 -4.38 -4.23
N THR A 68 6.85 -4.61 -5.52
CA THR A 68 7.57 -3.85 -6.54
C THR A 68 6.63 -2.81 -7.15
N THR A 69 5.34 -3.13 -7.19
CA THR A 69 4.35 -2.21 -7.74
C THR A 69 3.41 -1.77 -6.61
N PRO A 70 2.59 -0.73 -6.84
CA PRO A 70 1.66 -0.27 -5.81
C PRO A 70 0.55 -1.29 -5.57
N ARG A 71 0.20 -2.02 -6.63
CA ARG A 71 -0.81 -3.05 -6.53
C ARG A 71 -0.36 -4.14 -5.55
N ALA A 72 0.96 -4.31 -5.44
CA ALA A 72 1.51 -5.31 -4.53
C ALA A 72 1.16 -4.95 -3.10
N LEU A 73 1.59 -3.77 -2.68
CA LEU A 73 1.31 -3.29 -1.33
C LEU A 73 -0.20 -3.24 -1.09
N ILE A 74 -0.92 -2.67 -2.06
CA ILE A 74 -2.37 -2.57 -1.97
C ILE A 74 -2.98 -3.96 -1.88
N GLU A 75 -2.41 -4.89 -2.63
CA GLU A 75 -2.93 -6.27 -2.63
C GLU A 75 -2.61 -6.95 -1.32
N MET A 76 -1.35 -6.83 -0.89
CA MET A 76 -0.92 -7.45 0.36
C MET A 76 -1.76 -6.92 1.53
N THR A 77 -2.04 -5.62 1.48
CA THR A 77 -2.85 -5.00 2.53
C THR A 77 -4.24 -5.58 2.54
N ASN A 78 -4.90 -5.54 1.38
CA ASN A 78 -6.25 -6.07 1.26
C ASN A 78 -6.28 -7.55 1.57
N ALA A 79 -5.31 -8.27 1.01
CA ALA A 79 -5.21 -9.72 1.22
C ALA A 79 -5.24 -10.05 2.71
N SER A 80 -4.68 -9.13 3.50
CA SER A 80 -4.65 -9.32 4.94
C SER A 80 -5.96 -8.87 5.56
N LEU A 81 -6.47 -7.75 5.08
CA LEU A 81 -7.73 -7.23 5.59
C LEU A 81 -8.88 -8.15 5.24
N THR A 82 -9.02 -8.46 3.95
CA THR A 82 -10.09 -9.35 3.50
C THR A 82 -9.81 -10.78 3.95
N GLY A 83 -8.53 -11.11 4.11
CA GLY A 83 -8.14 -12.46 4.55
C GLY A 83 -8.39 -12.64 6.04
N ALA A 84 -8.38 -11.54 6.79
CA ALA A 84 -8.60 -11.60 8.24
C ALA A 84 -9.93 -12.28 8.56
N SER A 85 -11.02 -11.62 8.17
CA SER A 85 -12.35 -12.15 8.41
C SER A 85 -13.39 -11.42 7.57
N PRO A 86 -13.62 -11.88 6.31
CA PRO A 86 -14.60 -11.24 5.42
C PRO A 86 -16.02 -11.72 5.68
N SER A 87 -16.92 -10.77 5.95
CA SER A 87 -18.32 -11.11 6.22
C SER A 87 -19.24 -9.99 5.74
N ALA A 88 -18.83 -9.35 4.65
CA ALA A 88 -19.63 -8.25 4.09
C ALA A 88 -19.94 -8.52 2.62
N GLY A 89 -20.09 -9.80 2.28
CA GLY A 89 -20.39 -10.18 0.90
C GLY A 89 -20.48 -11.70 0.78
N GLY A 90 -20.31 -12.19 -0.45
CA GLY A 90 -20.38 -13.62 -0.71
C GLY A 90 -20.82 -13.90 -2.14
N ALA A 91 -22.08 -13.56 -2.43
CA ALA A 91 -22.61 -13.78 -3.78
C ALA A 91 -22.65 -12.46 -4.55
N ALA A 92 -21.68 -11.59 -4.27
CA ALA A 92 -21.61 -10.30 -4.95
C ALA A 92 -22.86 -9.48 -4.68
N ARG A 93 -23.40 -9.62 -3.46
CA ARG A 93 -24.61 -8.90 -3.07
C ARG A 93 -25.83 -9.45 -3.82
N ASP A 94 -25.85 -9.23 -5.13
CA ASP A 94 -26.95 -9.71 -5.95
C ASP A 94 -26.45 -10.63 -7.07
N LYS A 95 -26.46 -11.92 -6.80
CA LYS A 95 -26.00 -12.90 -7.79
C LYS A 95 -26.98 -13.01 -8.94
N MET A 1 -11.77 -1.72 10.76
CA MET A 1 -10.74 -1.45 9.71
C MET A 1 -11.38 -1.58 8.33
N THR A 2 -10.57 -1.33 7.29
CA THR A 2 -11.07 -1.42 5.92
C THR A 2 -9.92 -1.71 4.97
N LEU A 3 -10.24 -2.32 3.83
CA LEU A 3 -9.23 -2.66 2.83
C LEU A 3 -8.50 -1.40 2.35
N LEU A 4 -7.80 -1.50 1.23
CA LEU A 4 -7.06 -0.35 0.71
C LEU A 4 -7.37 -0.13 -0.77
N THR A 5 -6.98 1.04 -1.28
CA THR A 5 -7.22 1.36 -2.68
C THR A 5 -6.01 2.07 -3.29
N LEU A 6 -6.04 2.21 -4.60
CA LEU A 6 -4.95 2.87 -5.31
C LEU A 6 -4.86 4.33 -4.88
N SER A 7 -6.01 4.96 -4.74
CA SER A 7 -6.08 6.35 -4.33
C SER A 7 -5.44 6.54 -2.95
N ASP A 8 -5.55 5.51 -2.12
CA ASP A 8 -4.99 5.57 -0.78
C ASP A 8 -3.47 5.61 -0.84
N LEU A 9 -2.88 4.56 -1.42
CA LEU A 9 -1.42 4.49 -1.53
C LEU A 9 -0.88 5.70 -2.31
N LEU A 10 -1.59 6.07 -3.36
CA LEU A 10 -1.20 7.20 -4.21
C LEU A 10 -0.92 8.45 -3.36
N THR A 11 -1.94 8.91 -2.65
CA THR A 11 -1.83 10.08 -1.81
C THR A 11 -0.69 9.94 -0.81
N LEU A 12 -0.68 8.81 -0.10
CA LEU A 12 0.37 8.56 0.89
C LEU A 12 1.75 8.65 0.26
N LEU A 13 1.92 7.92 -0.84
CA LEU A 13 3.19 7.92 -1.55
C LEU A 13 3.56 9.33 -2.02
N ARG A 14 2.58 10.06 -2.51
CA ARG A 14 2.82 11.42 -2.98
C ARG A 14 3.26 12.31 -1.79
N GLU A 15 2.61 12.09 -0.65
CA GLU A 15 2.92 12.86 0.55
C GLU A 15 4.37 12.60 0.98
N CYS A 16 4.71 11.32 1.10
CA CYS A 16 6.06 10.92 1.50
C CYS A 16 7.09 11.52 0.55
N ALA A 17 6.90 11.28 -0.74
CA ALA A 17 7.81 11.80 -1.75
C ALA A 17 7.84 13.32 -1.72
N GLY A 18 6.67 13.91 -1.49
CA GLY A 18 6.56 15.36 -1.44
C GLY A 18 5.93 15.91 -2.71
N GLU A 19 5.08 15.10 -3.34
CA GLU A 19 4.42 15.52 -4.57
C GLU A 19 3.15 16.31 -4.26
N GLU A 20 2.48 16.77 -5.31
CA GLU A 20 1.24 17.54 -5.14
C GLU A 20 0.11 16.91 -5.94
N GLU A 21 0.10 15.59 -5.98
CA GLU A 21 -0.93 14.85 -6.71
C GLU A 21 -0.73 13.35 -6.55
N SER A 22 -1.79 12.59 -6.82
CA SER A 22 -1.72 11.13 -6.70
C SER A 22 -0.64 10.57 -7.61
N ILE A 23 -0.88 10.64 -8.91
CA ILE A 23 0.07 10.15 -9.89
C ILE A 23 0.45 11.27 -10.86
N ASP A 24 1.29 12.17 -10.38
CA ASP A 24 1.74 13.28 -11.20
C ASP A 24 2.54 12.77 -12.42
N LEU A 25 3.11 11.58 -12.29
CA LEU A 25 3.90 10.99 -13.37
C LEU A 25 3.08 10.89 -14.65
N GLY A 26 1.77 10.73 -14.50
CA GLY A 26 0.89 10.63 -15.67
C GLY A 26 -0.29 9.72 -15.36
N GLY A 27 -0.02 8.61 -14.68
CA GLY A 27 -1.07 7.67 -14.32
C GLY A 27 -0.66 6.23 -14.64
N ASP A 28 0.21 6.07 -15.63
CA ASP A 28 0.65 4.74 -16.03
C ASP A 28 1.87 4.29 -15.22
N VAL A 29 1.74 4.35 -13.90
CA VAL A 29 2.85 3.93 -13.03
C VAL A 29 2.38 2.97 -11.92
N GLU A 30 1.08 2.64 -11.92
CA GLU A 30 0.55 1.73 -10.91
C GLU A 30 1.13 0.32 -11.11
N ASP A 31 1.48 0.02 -12.36
CA ASP A 31 2.05 -1.28 -12.69
C ASP A 31 3.52 -1.16 -13.02
N VAL A 32 4.17 -0.17 -12.41
CA VAL A 32 5.61 0.05 -12.62
C VAL A 32 6.34 -0.07 -11.29
N ALA A 33 7.53 -0.67 -11.33
CA ALA A 33 8.32 -0.85 -10.11
C ALA A 33 8.60 0.50 -9.46
N PHE A 34 8.69 0.51 -8.13
CA PHE A 34 8.96 1.75 -7.39
C PHE A 34 10.22 2.41 -7.90
N ASP A 35 11.27 1.61 -8.07
CA ASP A 35 12.54 2.13 -8.55
C ASP A 35 12.45 2.49 -10.04
N ALA A 36 11.47 1.92 -10.74
CA ALA A 36 11.30 2.18 -12.16
C ALA A 36 10.55 3.51 -12.39
N LEU A 37 9.72 3.89 -11.43
CA LEU A 37 8.95 5.13 -11.57
C LEU A 37 9.70 6.31 -10.97
N GLY A 38 10.59 6.04 -10.02
CA GLY A 38 11.37 7.12 -9.40
C GLY A 38 11.48 6.99 -7.88
N TYR A 39 10.80 6.00 -7.30
CA TYR A 39 10.86 5.81 -5.86
C TYR A 39 12.16 5.12 -5.46
N ASP A 40 12.56 5.29 -4.21
CA ASP A 40 13.79 4.68 -3.72
C ASP A 40 13.49 3.47 -2.84
N SER A 41 13.07 3.75 -1.61
CA SER A 41 12.75 2.70 -0.65
C SER A 41 12.38 3.34 0.67
N LEU A 42 13.25 4.25 1.10
CA LEU A 42 13.05 4.97 2.35
C LEU A 42 11.68 5.63 2.40
N ALA A 43 11.24 6.12 1.24
CA ALA A 43 9.94 6.76 1.16
C ALA A 43 8.83 5.73 1.35
N LEU A 44 8.95 4.62 0.64
CA LEU A 44 7.97 3.55 0.76
C LEU A 44 7.95 3.01 2.18
N LEU A 45 9.13 2.95 2.78
CA LEU A 45 9.27 2.46 4.15
C LEU A 45 8.39 3.28 5.09
N ASN A 46 8.40 4.59 4.89
CA ASN A 46 7.60 5.48 5.72
C ASN A 46 6.12 5.35 5.35
N THR A 47 5.84 5.44 4.05
CA THR A 47 4.46 5.33 3.57
C THR A 47 3.83 4.01 4.01
N VAL A 48 4.52 2.92 3.70
CA VAL A 48 4.04 1.59 4.08
C VAL A 48 3.89 1.49 5.60
N GLY A 49 4.76 2.22 6.31
CA GLY A 49 4.71 2.22 7.77
C GLY A 49 3.38 2.75 8.25
N ARG A 50 2.88 3.76 7.56
CA ARG A 50 1.60 4.36 7.92
C ARG A 50 0.47 3.36 7.65
N ILE A 51 0.64 2.58 6.60
CA ILE A 51 -0.36 1.58 6.25
C ILE A 51 -0.42 0.50 7.33
N GLU A 52 0.73 -0.10 7.61
CA GLU A 52 0.80 -1.15 8.61
C GLU A 52 0.31 -0.66 9.98
N ARG A 53 0.36 0.66 10.19
CA ARG A 53 -0.10 1.21 11.45
C ARG A 53 -1.57 1.62 11.38
N ASP A 54 -1.91 2.35 10.33
CA ASP A 54 -3.29 2.82 10.15
C ASP A 54 -4.22 1.64 9.84
N TYR A 55 -3.70 0.68 9.10
CA TYR A 55 -4.51 -0.49 8.72
C TYR A 55 -4.25 -1.66 9.67
N GLY A 56 -3.06 -1.69 10.26
CA GLY A 56 -2.71 -2.76 11.18
C GLY A 56 -2.41 -4.04 10.41
N VAL A 57 -1.74 -3.89 9.28
CA VAL A 57 -1.40 -5.04 8.44
C VAL A 57 -0.44 -5.98 9.18
N GLN A 58 -0.52 -7.26 8.84
CA GLN A 58 0.34 -8.26 9.47
C GLN A 58 0.07 -9.64 8.86
N LEU A 59 0.33 -9.76 7.57
CA LEU A 59 0.12 -11.02 6.86
C LEU A 59 1.46 -11.66 6.48
N GLY A 60 2.45 -10.82 6.25
CA GLY A 60 3.78 -11.31 5.88
C GLY A 60 4.80 -10.17 5.84
N ASP A 61 5.87 -10.33 6.61
CA ASP A 61 6.91 -9.32 6.66
C ASP A 61 7.59 -9.16 5.29
N ASP A 62 7.58 -10.25 4.51
CA ASP A 62 8.20 -10.21 3.19
C ASP A 62 7.29 -9.54 2.16
N ALA A 63 6.11 -9.07 2.59
CA ALA A 63 5.19 -8.40 1.68
C ALA A 63 5.87 -7.19 1.05
N VAL A 64 6.76 -6.57 1.81
CA VAL A 64 7.49 -5.41 1.32
C VAL A 64 8.49 -5.82 0.24
N GLU A 65 8.95 -7.07 0.32
CA GLU A 65 9.92 -7.57 -0.65
C GLU A 65 9.26 -7.76 -2.01
N LYS A 66 8.22 -8.59 -2.05
CA LYS A 66 7.51 -8.85 -3.29
C LYS A 66 6.89 -7.57 -3.85
N ALA A 67 6.48 -6.68 -2.95
CA ALA A 67 5.86 -5.42 -3.34
C ALA A 67 6.83 -4.59 -4.18
N THR A 68 6.73 -4.73 -5.51
CA THR A 68 7.59 -3.97 -6.41
C THR A 68 6.81 -2.77 -6.97
N THR A 69 5.51 -2.95 -7.12
CA THR A 69 4.64 -1.90 -7.63
C THR A 69 3.76 -1.40 -6.49
N PRO A 70 3.09 -0.24 -6.66
CA PRO A 70 2.22 0.29 -5.59
C PRO A 70 0.99 -0.59 -5.42
N ARG A 71 0.52 -1.15 -6.53
CA ARG A 71 -0.63 -2.04 -6.49
C ARG A 71 -0.31 -3.31 -5.71
N ALA A 72 0.98 -3.66 -5.67
CA ALA A 72 1.40 -4.86 -4.95
C ALA A 72 1.14 -4.67 -3.47
N LEU A 73 1.56 -3.53 -2.95
CA LEU A 73 1.35 -3.19 -1.55
C LEU A 73 -0.13 -3.22 -1.22
N ILE A 74 -0.93 -2.61 -2.10
CA ILE A 74 -2.38 -2.59 -1.93
C ILE A 74 -2.92 -4.01 -1.83
N GLU A 75 -2.39 -4.87 -2.70
CA GLU A 75 -2.82 -6.27 -2.71
C GLU A 75 -2.49 -6.95 -1.39
N MET A 76 -1.26 -6.73 -0.93
CA MET A 76 -0.82 -7.31 0.33
C MET A 76 -1.71 -6.84 1.48
N THR A 77 -2.12 -5.57 1.42
CA THR A 77 -2.99 -5.01 2.45
C THR A 77 -4.40 -5.57 2.30
N ASN A 78 -4.96 -5.40 1.10
CA ASN A 78 -6.31 -5.88 0.82
C ASN A 78 -6.44 -7.36 1.15
N ALA A 79 -5.33 -8.08 0.93
CA ALA A 79 -5.30 -9.51 1.22
C ALA A 79 -5.29 -9.75 2.72
N SER A 80 -4.65 -8.83 3.44
CA SER A 80 -4.56 -8.94 4.88
C SER A 80 -5.90 -8.54 5.52
N LEU A 81 -6.45 -7.42 5.06
CA LEU A 81 -7.72 -6.95 5.60
C LEU A 81 -8.82 -7.97 5.34
N THR A 82 -8.90 -8.45 4.09
CA THR A 82 -9.93 -9.42 3.74
C THR A 82 -9.74 -10.72 4.55
N GLY A 83 -8.48 -11.07 4.77
CA GLY A 83 -8.17 -12.28 5.52
C GLY A 83 -7.83 -11.95 6.98
N ALA A 84 -8.39 -10.85 7.48
CA ALA A 84 -8.13 -10.44 8.86
C ALA A 84 -8.93 -11.30 9.83
N SER A 85 -10.16 -11.63 9.43
CA SER A 85 -11.03 -12.45 10.27
C SER A 85 -12.37 -12.68 9.57
N PRO A 86 -13.06 -13.79 9.87
CA PRO A 86 -14.35 -14.11 9.25
C PRO A 86 -15.52 -13.38 9.93
N SER A 87 -15.50 -12.05 9.83
CA SER A 87 -16.55 -11.24 10.45
C SER A 87 -17.86 -11.43 9.70
N ALA A 88 -18.94 -10.91 10.28
CA ALA A 88 -20.27 -11.02 9.66
C ALA A 88 -20.35 -10.12 8.43
N GLY A 89 -21.22 -10.52 7.50
CA GLY A 89 -21.39 -9.74 6.26
C GLY A 89 -20.08 -9.68 5.47
N GLY A 90 -19.81 -10.75 4.73
CA GLY A 90 -18.59 -10.81 3.93
C GLY A 90 -18.04 -12.24 3.91
N ALA A 91 -16.82 -12.39 4.41
CA ALA A 91 -16.17 -13.70 4.45
C ALA A 91 -16.02 -14.25 3.04
N ALA A 92 -15.26 -15.35 2.93
CA ALA A 92 -15.03 -15.98 1.63
C ALA A 92 -15.90 -17.23 1.48
N ARG A 93 -16.95 -17.10 0.68
CA ARG A 93 -17.87 -18.22 0.45
C ARG A 93 -18.94 -17.84 -0.56
N ASP A 94 -19.44 -16.61 -0.44
CA ASP A 94 -20.48 -16.12 -1.35
C ASP A 94 -19.96 -14.92 -2.14
N LYS A 95 -18.70 -14.98 -2.52
CA LYS A 95 -18.09 -13.89 -3.29
C LYS A 95 -18.13 -12.59 -2.49
N MET A 1 -12.90 -1.77 10.17
CA MET A 1 -11.96 -2.57 9.33
C MET A 1 -12.31 -2.36 7.86
N THR A 2 -11.36 -1.79 7.12
CA THR A 2 -11.57 -1.54 5.69
C THR A 2 -10.37 -2.03 4.89
N LEU A 3 -10.49 -1.96 3.57
CA LEU A 3 -9.41 -2.39 2.69
C LEU A 3 -8.63 -1.19 2.17
N LEU A 4 -7.83 -1.39 1.13
CA LEU A 4 -7.03 -0.29 0.57
C LEU A 4 -7.35 -0.08 -0.91
N THR A 5 -6.94 1.07 -1.43
CA THR A 5 -7.18 1.38 -2.84
C THR A 5 -5.94 1.99 -3.47
N LEU A 6 -5.99 2.16 -4.80
CA LEU A 6 -4.88 2.74 -5.53
C LEU A 6 -4.61 4.17 -5.06
N SER A 7 -5.68 4.95 -4.95
CA SER A 7 -5.57 6.33 -4.51
C SER A 7 -4.97 6.40 -3.10
N ASP A 8 -5.31 5.43 -2.27
CA ASP A 8 -4.80 5.38 -0.91
C ASP A 8 -3.28 5.32 -0.90
N LEU A 9 -2.75 4.34 -1.63
CA LEU A 9 -1.30 4.16 -1.72
C LEU A 9 -0.63 5.41 -2.27
N LEU A 10 -0.99 5.74 -3.50
CA LEU A 10 -0.42 6.91 -4.19
C LEU A 10 -0.40 8.16 -3.31
N THR A 11 -1.52 8.46 -2.65
CA THR A 11 -1.61 9.63 -1.80
C THR A 11 -0.55 9.60 -0.70
N LEU A 12 -0.47 8.49 0.01
CA LEU A 12 0.51 8.36 1.08
C LEU A 12 1.91 8.38 0.47
N LEU A 13 2.02 7.77 -0.71
CA LEU A 13 3.29 7.71 -1.40
C LEU A 13 3.77 9.10 -1.84
N ARG A 14 2.90 9.83 -2.54
CA ARG A 14 3.27 11.16 -2.98
C ARG A 14 3.49 12.08 -1.78
N GLU A 15 2.76 11.79 -0.69
CA GLU A 15 2.90 12.57 0.53
C GLU A 15 4.31 12.45 1.06
N CYS A 16 4.75 11.20 1.23
CA CYS A 16 6.10 10.93 1.71
C CYS A 16 7.11 11.46 0.72
N ALA A 17 6.80 11.29 -0.56
CA ALA A 17 7.67 11.76 -1.63
C ALA A 17 7.87 13.27 -1.54
N GLY A 18 6.83 13.96 -1.09
CA GLY A 18 6.89 15.41 -0.95
C GLY A 18 6.15 16.10 -2.08
N GLU A 19 5.10 15.45 -2.57
CA GLU A 19 4.29 16.00 -3.65
C GLU A 19 2.95 16.48 -3.13
N GLU A 20 2.37 17.46 -3.81
CA GLU A 20 1.07 18.01 -3.41
C GLU A 20 -0.03 17.54 -4.36
N GLU A 21 -0.17 16.21 -4.46
CA GLU A 21 -1.19 15.63 -5.34
C GLU A 21 -1.14 14.11 -5.27
N SER A 22 -2.30 13.49 -5.13
CA SER A 22 -2.39 12.03 -5.04
C SER A 22 -1.71 11.36 -6.24
N ILE A 23 -1.99 11.87 -7.43
CA ILE A 23 -1.41 11.31 -8.64
C ILE A 23 -0.59 12.36 -9.39
N ASP A 24 0.62 12.59 -8.88
CA ASP A 24 1.52 13.57 -9.50
C ASP A 24 2.21 12.96 -10.71
N LEU A 25 2.52 11.67 -10.61
CA LEU A 25 3.19 10.97 -11.70
C LEU A 25 2.33 11.00 -12.97
N GLY A 26 1.02 11.01 -12.78
CA GLY A 26 0.09 11.04 -13.91
C GLY A 26 -1.06 10.07 -13.69
N GLY A 27 -0.72 8.83 -13.34
CA GLY A 27 -1.73 7.82 -13.10
C GLY A 27 -1.32 6.47 -13.71
N ASP A 28 -0.57 6.55 -14.81
CA ASP A 28 -0.12 5.34 -15.49
C ASP A 28 1.16 4.81 -14.84
N VAL A 29 1.06 4.49 -13.55
CA VAL A 29 2.22 3.97 -12.82
C VAL A 29 1.75 2.96 -11.76
N GLU A 30 0.60 2.33 -12.01
CA GLU A 30 0.07 1.35 -11.08
C GLU A 30 0.76 0.00 -11.25
N ASP A 31 1.24 -0.24 -12.47
CA ASP A 31 1.92 -1.50 -12.78
C ASP A 31 3.40 -1.22 -13.10
N VAL A 32 3.93 -0.16 -12.49
CA VAL A 32 5.32 0.22 -12.68
C VAL A 32 6.06 0.10 -11.35
N ALA A 33 7.21 -0.57 -11.37
CA ALA A 33 7.99 -0.74 -10.14
C ALA A 33 8.32 0.60 -9.50
N PHE A 34 8.48 0.58 -8.18
CA PHE A 34 8.80 1.81 -7.43
C PHE A 34 10.06 2.46 -7.98
N ASP A 35 11.07 1.65 -8.22
CA ASP A 35 12.33 2.16 -8.75
C ASP A 35 12.17 2.60 -10.21
N ALA A 36 11.13 2.11 -10.87
CA ALA A 36 10.89 2.47 -12.26
C ALA A 36 10.24 3.84 -12.39
N LEU A 37 9.41 4.20 -11.41
CA LEU A 37 8.73 5.49 -11.45
C LEU A 37 9.60 6.59 -10.84
N GLY A 38 10.54 6.20 -9.97
CA GLY A 38 11.43 7.18 -9.35
C GLY A 38 11.56 6.99 -7.84
N TYR A 39 10.90 5.99 -7.28
CA TYR A 39 10.97 5.75 -5.84
C TYR A 39 12.25 5.00 -5.49
N ASP A 40 12.67 5.11 -4.23
CA ASP A 40 13.89 4.43 -3.80
C ASP A 40 13.52 3.22 -2.94
N SER A 41 13.01 3.52 -1.74
CA SER A 41 12.61 2.47 -0.80
C SER A 41 12.33 3.11 0.55
N LEU A 42 13.22 4.02 0.95
CA LEU A 42 13.08 4.73 2.22
C LEU A 42 11.69 5.35 2.35
N ALA A 43 11.24 5.98 1.27
CA ALA A 43 9.93 6.60 1.27
C ALA A 43 8.84 5.55 1.45
N LEU A 44 8.99 4.45 0.73
CA LEU A 44 8.01 3.36 0.81
C LEU A 44 7.93 2.80 2.22
N LEU A 45 9.08 2.62 2.87
CA LEU A 45 9.08 2.09 4.24
C LEU A 45 8.21 2.95 5.14
N ASN A 46 8.42 4.27 5.05
CA ASN A 46 7.66 5.20 5.86
C ASN A 46 6.17 5.12 5.50
N THR A 47 5.87 5.27 4.21
CA THR A 47 4.49 5.22 3.74
C THR A 47 3.83 3.90 4.12
N VAL A 48 4.47 2.80 3.75
CA VAL A 48 3.94 1.47 4.06
C VAL A 48 3.83 1.28 5.57
N GLY A 49 4.74 1.91 6.31
CA GLY A 49 4.74 1.80 7.76
C GLY A 49 3.48 2.43 8.35
N ARG A 50 3.07 3.55 7.77
CA ARG A 50 1.89 4.25 8.25
C ARG A 50 0.63 3.45 7.94
N ILE A 51 0.63 2.77 6.80
CA ILE A 51 -0.53 1.97 6.40
C ILE A 51 -0.66 0.75 7.31
N GLU A 52 0.45 0.06 7.52
CA GLU A 52 0.42 -1.14 8.37
C GLU A 52 -0.02 -0.78 9.79
N ARG A 53 0.26 0.46 10.20
CA ARG A 53 -0.13 0.89 11.54
C ARG A 53 -1.53 1.50 11.53
N ASP A 54 -1.80 2.31 10.51
CA ASP A 54 -3.10 2.96 10.39
C ASP A 54 -4.19 1.93 10.06
N TYR A 55 -3.87 1.02 9.14
CA TYR A 55 -4.81 0.00 8.73
C TYR A 55 -4.65 -1.26 9.60
N GLY A 56 -3.45 -1.46 10.13
CA GLY A 56 -3.18 -2.62 10.98
C GLY A 56 -2.83 -3.84 10.12
N VAL A 57 -2.11 -3.60 9.04
CA VAL A 57 -1.72 -4.67 8.13
C VAL A 57 -0.62 -5.53 8.78
N GLN A 58 -0.71 -6.83 8.55
CA GLN A 58 0.29 -7.75 9.11
C GLN A 58 0.05 -9.16 8.59
N LEU A 59 0.47 -9.40 7.35
CA LEU A 59 0.30 -10.71 6.73
C LEU A 59 1.65 -11.34 6.37
N GLY A 60 2.60 -10.50 5.97
CA GLY A 60 3.93 -10.98 5.61
C GLY A 60 4.95 -9.85 5.68
N ASP A 61 5.98 -10.04 6.49
CA ASP A 61 7.02 -9.04 6.66
C ASP A 61 7.74 -8.80 5.34
N ASP A 62 7.94 -9.88 4.57
CA ASP A 62 8.62 -9.77 3.29
C ASP A 62 7.71 -9.23 2.19
N ALA A 63 6.45 -8.93 2.54
CA ALA A 63 5.51 -8.40 1.57
C ALA A 63 6.06 -7.09 0.97
N VAL A 64 6.79 -6.36 1.81
CA VAL A 64 7.38 -5.10 1.36
C VAL A 64 8.49 -5.36 0.34
N GLU A 65 9.12 -6.54 0.45
CA GLU A 65 10.19 -6.90 -0.46
C GLU A 65 9.64 -7.15 -1.86
N LYS A 66 8.69 -8.08 -1.94
CA LYS A 66 8.08 -8.41 -3.23
C LYS A 66 7.33 -7.21 -3.80
N ALA A 67 6.81 -6.37 -2.90
CA ALA A 67 6.07 -5.18 -3.33
C ALA A 67 6.94 -4.28 -4.20
N THR A 68 6.75 -4.39 -5.51
CA THR A 68 7.51 -3.59 -6.46
C THR A 68 6.63 -2.48 -7.00
N THR A 69 5.34 -2.80 -7.17
CA THR A 69 4.39 -1.83 -7.68
C THR A 69 3.43 -1.42 -6.56
N PRO A 70 2.62 -0.36 -6.76
CA PRO A 70 1.66 0.07 -5.74
C PRO A 70 0.55 -0.96 -5.58
N ARG A 71 0.18 -1.59 -6.69
CA ARG A 71 -0.85 -2.63 -6.65
C ARG A 71 -0.41 -3.78 -5.74
N ALA A 72 0.91 -3.96 -5.62
CA ALA A 72 1.45 -5.03 -4.77
C ALA A 72 1.12 -4.73 -3.31
N LEU A 73 1.54 -3.56 -2.86
CA LEU A 73 1.29 -3.14 -1.47
C LEU A 73 -0.20 -3.20 -1.17
N ILE A 74 -1.00 -2.74 -2.13
CA ILE A 74 -2.45 -2.76 -1.97
C ILE A 74 -2.93 -4.21 -1.87
N GLU A 75 -2.29 -5.08 -2.65
CA GLU A 75 -2.66 -6.49 -2.64
C GLU A 75 -2.43 -7.10 -1.26
N MET A 76 -1.23 -6.89 -0.73
CA MET A 76 -0.87 -7.42 0.57
C MET A 76 -1.69 -6.74 1.67
N THR A 77 -1.98 -5.45 1.46
CA THR A 77 -2.76 -4.69 2.44
C THR A 77 -4.23 -5.08 2.36
N ASN A 78 -4.69 -5.40 1.16
CA ASN A 78 -6.08 -5.80 0.97
C ASN A 78 -6.28 -7.25 1.38
N ALA A 79 -5.26 -8.06 1.16
CA ALA A 79 -5.32 -9.47 1.48
C ALA A 79 -5.36 -9.69 2.99
N SER A 80 -4.64 -8.86 3.72
CA SER A 80 -4.60 -8.98 5.17
C SER A 80 -5.88 -8.41 5.77
N LEU A 81 -6.31 -7.27 5.24
CA LEU A 81 -7.54 -6.65 5.71
C LEU A 81 -8.74 -7.53 5.43
N THR A 82 -8.85 -7.98 4.18
CA THR A 82 -9.97 -8.84 3.79
C THR A 82 -9.95 -10.14 4.60
N GLY A 83 -8.75 -10.60 4.95
CA GLY A 83 -8.60 -11.83 5.71
C GLY A 83 -9.41 -11.79 7.02
N ALA A 84 -9.68 -10.58 7.50
CA ALA A 84 -10.44 -10.42 8.75
C ALA A 84 -11.81 -11.08 8.64
N SER A 85 -12.35 -11.10 7.42
CA SER A 85 -13.66 -11.70 7.19
C SER A 85 -13.60 -12.64 5.97
N PRO A 86 -14.40 -13.72 5.97
CA PRO A 86 -14.40 -14.68 4.85
C PRO A 86 -15.28 -14.21 3.68
N SER A 87 -16.56 -13.98 3.98
CA SER A 87 -17.50 -13.53 2.95
C SER A 87 -18.66 -12.78 3.58
N ALA A 88 -18.74 -11.49 3.28
CA ALA A 88 -19.79 -10.63 3.83
C ALA A 88 -19.71 -10.60 5.35
N GLY A 89 -19.13 -9.52 5.86
CA GLY A 89 -18.99 -9.37 7.31
C GLY A 89 -18.62 -7.93 7.67
N GLY A 90 -19.47 -7.00 7.24
CA GLY A 90 -19.24 -5.59 7.52
C GLY A 90 -19.41 -4.74 6.26
N ALA A 91 -18.49 -3.80 6.05
CA ALA A 91 -18.54 -2.93 4.88
C ALA A 91 -19.84 -2.13 4.88
N ALA A 92 -20.31 -1.79 6.07
CA ALA A 92 -21.54 -1.01 6.20
C ALA A 92 -21.71 -0.52 7.63
N ARG A 93 -21.18 0.66 7.91
CA ARG A 93 -21.27 1.24 9.24
C ARG A 93 -21.57 2.74 9.16
N ASP A 94 -22.84 3.08 9.32
CA ASP A 94 -23.25 4.48 9.26
C ASP A 94 -22.62 5.27 10.39
N LYS A 95 -22.82 4.79 11.61
CA LYS A 95 -22.27 5.46 12.80
C LYS A 95 -22.81 6.88 12.91
N MET A 1 -13.03 -5.76 7.29
CA MET A 1 -12.43 -4.59 7.99
C MET A 1 -11.79 -3.66 6.97
N THR A 2 -12.63 -2.84 6.31
CA THR A 2 -12.15 -1.88 5.29
C THR A 2 -11.12 -2.52 4.35
N LEU A 3 -10.38 -1.69 3.63
CA LEU A 3 -9.35 -2.19 2.72
C LEU A 3 -8.55 -1.04 2.12
N LEU A 4 -7.75 -1.32 1.11
CA LEU A 4 -6.94 -0.27 0.49
C LEU A 4 -7.25 -0.13 -0.99
N THR A 5 -6.84 1.00 -1.57
CA THR A 5 -7.09 1.24 -2.99
C THR A 5 -5.90 1.93 -3.64
N LEU A 6 -5.97 2.05 -4.96
CA LEU A 6 -4.91 2.70 -5.72
C LEU A 6 -4.71 4.13 -5.23
N SER A 7 -5.77 4.92 -5.29
CA SER A 7 -5.74 6.32 -4.86
C SER A 7 -5.14 6.45 -3.46
N ASP A 8 -5.44 5.50 -2.59
CA ASP A 8 -4.92 5.53 -1.22
C ASP A 8 -3.40 5.55 -1.23
N LEU A 9 -2.81 4.59 -1.94
CA LEU A 9 -1.35 4.51 -2.02
C LEU A 9 -0.75 5.80 -2.60
N LEU A 10 -1.41 6.35 -3.61
CA LEU A 10 -0.92 7.59 -4.24
C LEU A 10 -0.65 8.68 -3.21
N THR A 11 -1.67 9.01 -2.44
CA THR A 11 -1.57 10.04 -1.42
C THR A 11 -0.46 9.73 -0.42
N LEU A 12 -0.48 8.52 0.13
CA LEU A 12 0.52 8.12 1.12
C LEU A 12 1.93 8.27 0.55
N LEU A 13 2.13 7.67 -0.61
CA LEU A 13 3.44 7.76 -1.27
C LEU A 13 3.72 9.22 -1.62
N ARG A 14 2.67 9.93 -2.00
CA ARG A 14 2.78 11.35 -2.34
C ARG A 14 3.27 12.12 -1.11
N GLU A 15 2.58 11.93 0.02
CA GLU A 15 2.94 12.60 1.25
C GLU A 15 4.38 12.31 1.63
N CYS A 16 4.74 11.02 1.53
CA CYS A 16 6.11 10.59 1.86
C CYS A 16 7.13 11.38 1.03
N ALA A 17 6.92 11.38 -0.28
CA ALA A 17 7.81 12.09 -1.19
C ALA A 17 7.72 13.60 -0.96
N GLY A 18 6.50 14.06 -0.71
CA GLY A 18 6.28 15.49 -0.47
C GLY A 18 5.79 16.18 -1.74
N GLU A 19 5.05 15.44 -2.56
CA GLU A 19 4.52 15.99 -3.81
C GLU A 19 3.21 16.71 -3.56
N GLU A 20 2.65 17.27 -4.63
CA GLU A 20 1.38 17.99 -4.53
C GLU A 20 0.38 17.43 -5.51
N GLU A 21 0.28 16.10 -5.55
CA GLU A 21 -0.64 15.43 -6.45
C GLU A 21 -0.59 13.92 -6.23
N SER A 22 -1.76 13.27 -6.27
CA SER A 22 -1.84 11.83 -6.07
C SER A 22 -0.82 11.08 -6.95
N ILE A 23 -1.19 10.80 -8.20
CA ILE A 23 -0.31 10.10 -9.10
C ILE A 23 -0.16 10.85 -10.44
N ASP A 24 0.07 12.15 -10.33
CA ASP A 24 0.23 12.99 -11.52
C ASP A 24 1.32 12.46 -12.46
N LEU A 25 2.21 11.61 -11.92
CA LEU A 25 3.31 11.01 -12.72
C LEU A 25 2.87 10.58 -14.11
N GLY A 26 1.60 10.22 -14.26
CA GLY A 26 1.09 9.80 -15.56
C GLY A 26 -0.29 9.17 -15.43
N GLY A 27 -0.56 8.57 -14.28
CA GLY A 27 -1.84 7.93 -14.06
C GLY A 27 -1.75 6.42 -14.26
N ASP A 28 -1.19 6.02 -15.40
CA ASP A 28 -1.04 4.60 -15.71
C ASP A 28 0.24 4.05 -15.09
N VAL A 29 0.34 4.16 -13.77
CA VAL A 29 1.51 3.67 -13.05
C VAL A 29 1.08 2.79 -11.88
N GLU A 30 0.19 1.87 -12.15
CA GLU A 30 -0.30 0.95 -11.13
C GLU A 30 0.44 -0.39 -11.21
N ASP A 31 0.99 -0.68 -12.40
CA ASP A 31 1.72 -1.92 -12.61
C ASP A 31 3.17 -1.61 -13.01
N VAL A 32 3.66 -0.45 -12.57
CA VAL A 32 5.04 -0.06 -12.85
C VAL A 32 5.86 -0.13 -11.56
N ALA A 33 7.04 -0.75 -11.64
CA ALA A 33 7.89 -0.90 -10.47
C ALA A 33 8.23 0.44 -9.84
N PHE A 34 8.44 0.43 -8.52
CA PHE A 34 8.77 1.65 -7.79
C PHE A 34 10.00 2.33 -8.38
N ASP A 35 10.96 1.51 -8.81
CA ASP A 35 12.19 2.04 -9.40
C ASP A 35 11.89 2.80 -10.69
N ALA A 36 11.00 2.24 -11.50
CA ALA A 36 10.63 2.87 -12.76
C ALA A 36 10.01 4.25 -12.50
N LEU A 37 9.29 4.36 -11.40
CA LEU A 37 8.65 5.63 -11.04
C LEU A 37 9.70 6.63 -10.56
N GLY A 38 10.71 6.12 -9.85
CA GLY A 38 11.77 6.98 -9.35
C GLY A 38 11.91 6.88 -7.82
N TYR A 39 11.20 5.94 -7.20
CA TYR A 39 11.29 5.77 -5.76
C TYR A 39 12.59 5.06 -5.39
N ASP A 40 12.96 5.15 -4.12
CA ASP A 40 14.18 4.50 -3.65
C ASP A 40 13.83 3.26 -2.84
N SER A 41 13.28 3.51 -1.66
CA SER A 41 12.87 2.42 -0.76
C SER A 41 12.55 3.02 0.60
N LEU A 42 13.43 3.91 1.06
CA LEU A 42 13.25 4.58 2.36
C LEU A 42 11.87 5.21 2.46
N ALA A 43 11.44 5.84 1.37
CA ALA A 43 10.13 6.48 1.35
C ALA A 43 9.04 5.43 1.44
N LEU A 44 9.22 4.35 0.69
CA LEU A 44 8.24 3.27 0.69
C LEU A 44 8.07 2.68 2.09
N LEU A 45 9.19 2.47 2.78
CA LEU A 45 9.13 1.92 4.15
C LEU A 45 8.26 2.80 5.03
N ASN A 46 8.48 4.11 4.92
CA ASN A 46 7.72 5.08 5.72
C ASN A 46 6.24 5.00 5.33
N THR A 47 5.97 5.07 4.03
CA THR A 47 4.60 5.02 3.54
C THR A 47 3.92 3.74 3.99
N VAL A 48 4.58 2.61 3.74
CA VAL A 48 4.06 1.31 4.13
C VAL A 48 3.89 1.24 5.64
N GLY A 49 4.79 1.90 6.35
CA GLY A 49 4.74 1.92 7.82
C GLY A 49 3.45 2.54 8.31
N ARG A 50 3.06 3.64 7.69
CA ARG A 50 1.83 4.34 8.07
C ARG A 50 0.62 3.46 7.79
N ILE A 51 0.68 2.70 6.70
CA ILE A 51 -0.43 1.83 6.33
C ILE A 51 -0.57 0.69 7.33
N GLU A 52 0.55 0.01 7.61
CA GLU A 52 0.53 -1.10 8.56
C GLU A 52 0.07 -0.64 9.94
N ARG A 53 0.23 0.66 10.22
CA ARG A 53 -0.18 1.19 11.53
C ARG A 53 -1.58 1.76 11.46
N ASP A 54 -1.88 2.47 10.36
CA ASP A 54 -3.18 3.07 10.19
C ASP A 54 -4.23 2.02 9.86
N TYR A 55 -3.85 1.05 9.05
CA TYR A 55 -4.76 -0.02 8.66
C TYR A 55 -4.58 -1.25 9.55
N GLY A 56 -3.39 -1.39 10.15
CA GLY A 56 -3.12 -2.53 11.01
C GLY A 56 -2.90 -3.78 10.16
N VAL A 57 -2.32 -3.58 8.99
CA VAL A 57 -2.05 -4.70 8.08
C VAL A 57 -0.64 -5.25 8.31
N GLN A 58 -0.53 -6.57 8.28
CA GLN A 58 0.77 -7.22 8.49
C GLN A 58 0.64 -8.73 8.40
N LEU A 59 0.56 -9.25 7.17
CA LEU A 59 0.44 -10.69 6.95
C LEU A 59 1.66 -11.22 6.21
N GLY A 60 2.80 -10.56 6.39
CA GLY A 60 4.03 -10.97 5.72
C GLY A 60 5.08 -9.86 5.78
N ASP A 61 6.16 -10.12 6.52
CA ASP A 61 7.23 -9.14 6.66
C ASP A 61 7.92 -8.90 5.32
N ASP A 62 8.01 -9.96 4.52
CA ASP A 62 8.65 -9.85 3.21
C ASP A 62 7.72 -9.22 2.17
N ALA A 63 6.50 -8.87 2.57
CA ALA A 63 5.56 -8.24 1.65
C ALA A 63 6.15 -6.96 1.08
N VAL A 64 6.97 -6.29 1.90
CA VAL A 64 7.61 -5.06 1.47
C VAL A 64 8.70 -5.35 0.45
N GLU A 65 9.26 -6.56 0.52
CA GLU A 65 10.33 -6.94 -0.41
C GLU A 65 9.75 -7.20 -1.79
N LYS A 66 8.83 -8.16 -1.87
CA LYS A 66 8.20 -8.50 -3.14
C LYS A 66 7.46 -7.30 -3.72
N ALA A 67 6.98 -6.42 -2.84
CA ALA A 67 6.25 -5.24 -3.28
C ALA A 67 7.10 -4.38 -4.21
N THR A 68 6.89 -4.55 -5.51
CA THR A 68 7.63 -3.79 -6.51
C THR A 68 6.72 -2.74 -7.14
N THR A 69 5.43 -3.05 -7.21
CA THR A 69 4.45 -2.13 -7.77
C THR A 69 3.50 -1.65 -6.67
N PRO A 70 2.65 -0.66 -6.94
CA PRO A 70 1.70 -0.17 -5.92
C PRO A 70 0.62 -1.21 -5.65
N ARG A 71 0.19 -1.88 -6.70
CA ARG A 71 -0.82 -2.93 -6.56
C ARG A 71 -0.34 -4.01 -5.58
N ALA A 72 0.99 -4.13 -5.45
CA ALA A 72 1.55 -5.12 -4.54
C ALA A 72 1.24 -4.74 -3.10
N LEU A 73 1.70 -3.56 -2.70
CA LEU A 73 1.45 -3.07 -1.33
C LEU A 73 -0.05 -3.03 -1.05
N ILE A 74 -0.81 -2.57 -2.03
CA ILE A 74 -2.26 -2.49 -1.89
C ILE A 74 -2.82 -3.91 -1.77
N GLU A 75 -2.25 -4.82 -2.54
CA GLU A 75 -2.70 -6.21 -2.53
C GLU A 75 -2.48 -6.85 -1.17
N MET A 76 -1.25 -6.73 -0.64
CA MET A 76 -0.95 -7.31 0.65
C MET A 76 -1.82 -6.70 1.74
N THR A 77 -2.13 -5.42 1.58
CA THR A 77 -2.96 -4.72 2.53
C THR A 77 -4.39 -5.25 2.48
N ASN A 78 -4.96 -5.27 1.28
CA ASN A 78 -6.33 -5.76 1.09
C ASN A 78 -6.43 -7.22 1.53
N ALA A 79 -5.36 -7.95 1.28
CA ALA A 79 -5.30 -9.36 1.65
C ALA A 79 -5.40 -9.52 3.15
N SER A 80 -4.83 -8.55 3.85
CA SER A 80 -4.84 -8.56 5.31
C SER A 80 -6.24 -8.20 5.82
N LEU A 81 -6.82 -7.16 5.23
CA LEU A 81 -8.14 -6.73 5.63
C LEU A 81 -9.17 -7.81 5.29
N THR A 82 -9.14 -8.27 4.04
CA THR A 82 -10.08 -9.30 3.61
C THR A 82 -9.89 -10.58 4.43
N GLY A 83 -8.64 -10.83 4.84
CA GLY A 83 -8.33 -12.01 5.62
C GLY A 83 -9.01 -11.95 6.98
N ALA A 84 -8.93 -10.78 7.62
CA ALA A 84 -9.54 -10.60 8.94
C ALA A 84 -8.94 -11.56 9.96
N SER A 85 -7.67 -11.88 9.78
CA SER A 85 -6.99 -12.81 10.69
C SER A 85 -5.50 -12.47 10.77
N PRO A 86 -4.89 -12.50 11.97
CA PRO A 86 -3.45 -12.19 12.13
C PRO A 86 -2.56 -13.40 11.84
N SER A 87 -1.25 -13.15 11.81
CA SER A 87 -0.29 -14.21 11.55
C SER A 87 0.21 -14.81 12.86
N ALA A 88 0.57 -13.93 13.79
CA ALA A 88 1.07 -14.37 15.10
C ALA A 88 2.31 -15.24 14.93
N GLY A 89 3.47 -14.63 15.20
CA GLY A 89 4.74 -15.35 15.09
C GLY A 89 5.68 -14.97 16.22
N GLY A 90 5.10 -14.67 17.39
CA GLY A 90 5.89 -14.31 18.55
C GLY A 90 5.35 -14.97 19.82
N ALA A 91 6.26 -15.36 20.69
CA ALA A 91 5.86 -16.01 21.94
C ALA A 91 5.66 -14.97 23.04
N ALA A 92 6.44 -13.90 22.98
CA ALA A 92 6.34 -12.83 23.97
C ALA A 92 7.08 -11.59 23.49
N ARG A 93 6.84 -10.48 24.19
CA ARG A 93 7.49 -9.22 23.83
C ARG A 93 7.18 -8.14 24.88
N ASP A 94 5.94 -8.11 25.32
CA ASP A 94 5.53 -7.13 26.32
C ASP A 94 6.09 -7.50 27.69
N LYS A 95 6.02 -8.79 28.01
CA LYS A 95 6.52 -9.26 29.30
C LYS A 95 6.39 -10.78 29.40
N MET A 1 -10.13 -2.72 9.94
CA MET A 1 -10.19 -1.44 9.17
C MET A 1 -10.59 -1.72 7.73
N THR A 2 -10.98 -0.67 7.02
CA THR A 2 -11.39 -0.82 5.62
C THR A 2 -10.20 -1.23 4.77
N LEU A 3 -10.49 -1.86 3.63
CA LEU A 3 -9.43 -2.31 2.73
C LEU A 3 -8.62 -1.12 2.23
N LEU A 4 -7.81 -1.35 1.20
CA LEU A 4 -6.96 -0.29 0.65
C LEU A 4 -7.32 -0.05 -0.82
N THR A 5 -6.76 1.02 -1.38
CA THR A 5 -7.01 1.35 -2.78
C THR A 5 -5.82 2.05 -3.41
N LEU A 6 -5.88 2.22 -4.72
CA LEU A 6 -4.80 2.88 -5.45
C LEU A 6 -4.71 4.34 -5.03
N SER A 7 -5.87 4.97 -4.87
CA SER A 7 -5.92 6.36 -4.45
C SER A 7 -5.28 6.54 -3.08
N ASP A 8 -5.39 5.51 -2.25
CA ASP A 8 -4.83 5.55 -0.91
C ASP A 8 -3.31 5.60 -0.99
N LEU A 9 -2.72 4.53 -1.52
CA LEU A 9 -1.26 4.45 -1.65
C LEU A 9 -0.68 5.66 -2.38
N LEU A 10 -1.43 6.16 -3.36
CA LEU A 10 -0.99 7.32 -4.13
C LEU A 10 -0.75 8.52 -3.21
N THR A 11 -1.78 8.89 -2.46
CA THR A 11 -1.71 10.01 -1.54
C THR A 11 -0.57 9.82 -0.54
N LEU A 12 -0.55 8.65 0.11
CA LEU A 12 0.49 8.35 1.09
C LEU A 12 1.88 8.50 0.48
N LEU A 13 2.06 7.88 -0.68
CA LEU A 13 3.34 7.97 -1.38
C LEU A 13 3.62 9.43 -1.75
N ARG A 14 2.55 10.12 -2.14
CA ARG A 14 2.65 11.53 -2.50
C ARG A 14 3.12 12.34 -1.28
N GLU A 15 2.40 12.17 -0.17
CA GLU A 15 2.74 12.87 1.07
C GLU A 15 4.18 12.60 1.46
N CYS A 16 4.58 11.34 1.29
CA CYS A 16 5.95 10.93 1.62
C CYS A 16 6.95 11.68 0.75
N ALA A 17 6.69 11.66 -0.56
CA ALA A 17 7.57 12.34 -1.50
C ALA A 17 7.62 13.83 -1.22
N GLY A 18 6.50 14.37 -0.75
CA GLY A 18 6.41 15.79 -0.43
C GLY A 18 5.12 16.39 -1.00
N GLU A 19 4.99 16.31 -2.31
CA GLU A 19 3.80 16.85 -2.99
C GLU A 19 3.93 16.70 -4.51
N GLU A 20 3.04 15.91 -5.09
CA GLU A 20 3.07 15.69 -6.53
C GLU A 20 1.79 14.98 -6.98
N GLU A 21 0.66 15.39 -6.39
CA GLU A 21 -0.62 14.79 -6.74
C GLU A 21 -0.61 13.28 -6.47
N SER A 22 -1.71 12.61 -6.79
CA SER A 22 -1.82 11.17 -6.58
C SER A 22 -0.64 10.43 -7.22
N ILE A 23 -0.71 10.24 -8.55
CA ILE A 23 0.35 9.54 -9.25
C ILE A 23 0.88 10.39 -10.41
N ASP A 24 0.95 11.70 -10.17
CA ASP A 24 1.43 12.63 -11.18
C ASP A 24 2.86 12.28 -11.61
N LEU A 25 3.62 11.71 -10.68
CA LEU A 25 5.00 11.33 -10.98
C LEU A 25 5.05 9.96 -11.63
N GLY A 26 4.39 9.84 -12.77
CA GLY A 26 4.36 8.57 -13.51
C GLY A 26 3.17 8.53 -14.46
N GLY A 27 2.03 9.02 -13.99
CA GLY A 27 0.82 9.04 -14.81
C GLY A 27 0.08 7.71 -14.70
N ASP A 28 0.78 6.63 -15.05
CA ASP A 28 0.20 5.30 -15.00
C ASP A 28 1.27 4.25 -14.70
N VAL A 29 1.75 4.26 -13.46
CA VAL A 29 2.79 3.30 -13.06
C VAL A 29 2.26 2.35 -11.99
N GLU A 30 0.97 2.04 -12.09
CA GLU A 30 0.35 1.13 -11.14
C GLU A 30 0.93 -0.28 -11.26
N ASP A 31 1.41 -0.61 -12.45
CA ASP A 31 1.99 -1.92 -12.70
C ASP A 31 3.48 -1.80 -13.04
N VAL A 32 4.10 -0.74 -12.52
CA VAL A 32 5.53 -0.52 -12.76
C VAL A 32 6.26 -0.53 -11.41
N ALA A 33 7.45 -1.12 -11.40
CA ALA A 33 8.24 -1.19 -10.17
C ALA A 33 8.47 0.21 -9.58
N PHE A 34 8.60 0.27 -8.26
CA PHE A 34 8.83 1.55 -7.58
C PHE A 34 10.06 2.25 -8.14
N ASP A 35 11.16 1.50 -8.25
CA ASP A 35 12.39 2.05 -8.77
C ASP A 35 12.23 2.46 -10.25
N ALA A 36 11.20 1.92 -10.90
CA ALA A 36 10.97 2.24 -12.31
C ALA A 36 10.17 3.52 -12.47
N LEU A 37 9.38 3.88 -11.45
CA LEU A 37 8.57 5.10 -11.53
C LEU A 37 9.34 6.30 -10.96
N GLY A 38 10.29 6.03 -10.07
CA GLY A 38 11.08 7.12 -9.48
C GLY A 38 11.24 6.98 -7.96
N TYR A 39 10.66 5.94 -7.36
CA TYR A 39 10.77 5.75 -5.92
C TYR A 39 12.06 5.01 -5.59
N ASP A 40 12.57 5.24 -4.37
CA ASP A 40 13.80 4.58 -3.95
C ASP A 40 13.49 3.40 -3.03
N SER A 41 13.14 3.73 -1.79
CA SER A 41 12.83 2.72 -0.79
C SER A 41 12.53 3.41 0.53
N LEU A 42 13.41 4.33 0.88
CA LEU A 42 13.28 5.10 2.12
C LEU A 42 11.89 5.73 2.22
N ALA A 43 11.43 6.28 1.10
CA ALA A 43 10.10 6.90 1.07
C ALA A 43 9.02 5.84 1.26
N LEU A 44 9.17 4.74 0.53
CA LEU A 44 8.21 3.65 0.63
C LEU A 44 8.19 3.10 2.04
N LEU A 45 9.38 3.00 2.63
CA LEU A 45 9.52 2.50 4.00
C LEU A 45 8.62 3.30 4.95
N ASN A 46 8.66 4.62 4.79
CA ASN A 46 7.85 5.50 5.64
C ASN A 46 6.38 5.37 5.28
N THR A 47 6.08 5.49 3.99
CA THR A 47 4.69 5.38 3.51
C THR A 47 4.08 4.06 3.93
N VAL A 48 4.77 2.97 3.61
CA VAL A 48 4.28 1.64 3.95
C VAL A 48 4.14 1.49 5.47
N GLY A 49 5.05 2.14 6.20
CA GLY A 49 5.02 2.09 7.66
C GLY A 49 3.71 2.64 8.20
N ARG A 50 3.24 3.73 7.58
CA ARG A 50 2.00 4.35 8.00
C ARG A 50 0.81 3.44 7.71
N ILE A 51 0.89 2.73 6.59
CA ILE A 51 -0.19 1.82 6.20
C ILE A 51 -0.25 0.63 7.16
N GLU A 52 0.91 0.02 7.40
CA GLU A 52 0.96 -1.13 8.29
C GLU A 52 0.49 -0.76 9.70
N ARG A 53 0.60 0.53 10.04
CA ARG A 53 0.17 0.98 11.37
C ARG A 53 -1.26 1.51 11.33
N ASP A 54 -1.60 2.18 10.23
CA ASP A 54 -2.94 2.73 10.08
C ASP A 54 -3.94 1.64 9.74
N TYR A 55 -3.50 0.68 8.93
CA TYR A 55 -4.37 -0.42 8.53
C TYR A 55 -4.14 -1.64 9.43
N GLY A 56 -2.93 -1.74 9.98
CA GLY A 56 -2.61 -2.87 10.85
C GLY A 56 -2.46 -4.15 10.05
N VAL A 57 -1.81 -4.05 8.90
CA VAL A 57 -1.61 -5.22 8.05
C VAL A 57 -0.80 -6.30 8.79
N GLN A 58 -1.09 -7.55 8.50
CA GLN A 58 -0.39 -8.66 9.14
C GLN A 58 -0.55 -9.95 8.34
N LEU A 59 0.00 -9.96 7.13
CA LEU A 59 -0.08 -11.14 6.27
C LEU A 59 1.31 -11.70 5.98
N GLY A 60 2.30 -10.82 5.88
CA GLY A 60 3.66 -11.25 5.61
C GLY A 60 4.63 -10.07 5.73
N ASP A 61 5.62 -10.22 6.61
CA ASP A 61 6.61 -9.18 6.81
C ASP A 61 7.40 -8.92 5.53
N ASP A 62 7.58 -9.99 4.74
CA ASP A 62 8.31 -9.86 3.48
C ASP A 62 7.45 -9.25 2.38
N ALA A 63 6.19 -8.93 2.69
CA ALA A 63 5.30 -8.32 1.70
C ALA A 63 5.92 -7.02 1.19
N VAL A 64 6.64 -6.35 2.07
CA VAL A 64 7.30 -5.09 1.71
C VAL A 64 8.43 -5.36 0.72
N GLU A 65 9.01 -6.55 0.80
CA GLU A 65 10.10 -6.92 -0.08
C GLU A 65 9.58 -7.17 -1.50
N LYS A 66 8.67 -8.13 -1.61
CA LYS A 66 8.09 -8.47 -2.90
C LYS A 66 7.36 -7.27 -3.51
N ALA A 67 6.87 -6.38 -2.64
CA ALA A 67 6.15 -5.20 -3.10
C ALA A 67 7.03 -4.36 -4.03
N THR A 68 6.86 -4.56 -5.34
CA THR A 68 7.62 -3.82 -6.33
C THR A 68 6.74 -2.74 -6.93
N THR A 69 5.46 -3.05 -7.07
CA THR A 69 4.51 -2.10 -7.62
C THR A 69 3.57 -1.60 -6.52
N PRO A 70 2.79 -0.55 -6.78
CA PRO A 70 1.84 -0.03 -5.78
C PRO A 70 0.71 -1.03 -5.54
N ARG A 71 0.30 -1.70 -6.62
CA ARG A 71 -0.75 -2.70 -6.53
C ARG A 71 -0.33 -3.81 -5.57
N ALA A 72 0.98 -4.01 -5.43
CA ALA A 72 1.50 -5.03 -4.52
C ALA A 72 1.18 -4.68 -3.09
N LEU A 73 1.63 -3.50 -2.66
CA LEU A 73 1.38 -3.03 -1.30
C LEU A 73 -0.12 -3.01 -1.02
N ILE A 74 -0.88 -2.62 -2.03
CA ILE A 74 -2.33 -2.58 -1.89
C ILE A 74 -2.87 -4.00 -1.82
N GLU A 75 -2.25 -4.89 -2.61
CA GLU A 75 -2.66 -6.29 -2.64
C GLU A 75 -2.48 -6.95 -1.27
N MET A 76 -1.33 -6.70 -0.66
CA MET A 76 -1.04 -7.29 0.64
C MET A 76 -1.93 -6.70 1.72
N THR A 77 -2.29 -5.43 1.57
CA THR A 77 -3.14 -4.77 2.54
C THR A 77 -4.60 -5.21 2.38
N ASN A 78 -5.00 -5.43 1.12
CA ASN A 78 -6.37 -5.87 0.85
C ASN A 78 -6.53 -7.36 1.12
N ALA A 79 -5.48 -8.11 0.79
CA ALA A 79 -5.51 -9.55 0.97
C ALA A 79 -5.58 -9.92 2.44
N SER A 80 -4.87 -9.18 3.26
CA SER A 80 -4.87 -9.44 4.69
C SER A 80 -6.19 -9.00 5.31
N LEU A 81 -6.66 -7.82 4.89
CA LEU A 81 -7.91 -7.31 5.41
C LEU A 81 -9.07 -8.15 4.90
N THR A 82 -9.10 -8.40 3.59
CA THR A 82 -10.17 -9.19 3.00
C THR A 82 -10.15 -10.62 3.58
N GLY A 83 -8.96 -11.08 3.97
CA GLY A 83 -8.82 -12.42 4.52
C GLY A 83 -8.87 -12.41 6.04
N ALA A 84 -9.54 -11.41 6.61
CA ALA A 84 -9.66 -11.31 8.06
C ALA A 84 -10.38 -12.53 8.62
N SER A 85 -11.31 -13.07 7.83
CA SER A 85 -12.08 -14.24 8.25
C SER A 85 -12.54 -15.03 7.02
N PRO A 86 -11.71 -15.93 6.48
CA PRO A 86 -12.07 -16.73 5.30
C PRO A 86 -12.87 -17.99 5.64
N SER A 87 -13.31 -18.09 6.90
CA SER A 87 -14.10 -19.26 7.32
C SER A 87 -15.58 -18.88 7.43
N ALA A 88 -15.83 -17.64 7.82
CA ALA A 88 -17.21 -17.17 7.97
C ALA A 88 -17.26 -15.64 7.89
N GLY A 89 -17.69 -15.14 6.73
CA GLY A 89 -17.78 -13.70 6.54
C GLY A 89 -18.06 -13.37 5.07
N GLY A 90 -19.09 -14.02 4.52
CA GLY A 90 -19.45 -13.80 3.12
C GLY A 90 -20.82 -13.12 3.03
N ALA A 91 -21.00 -12.06 3.81
CA ALA A 91 -22.27 -11.33 3.81
C ALA A 91 -22.03 -9.84 3.58
N ALA A 92 -23.11 -9.08 3.59
CA ALA A 92 -23.01 -7.63 3.39
C ALA A 92 -22.57 -6.95 4.68
N ARG A 93 -22.50 -5.61 4.64
CA ARG A 93 -22.10 -4.85 5.81
C ARG A 93 -20.67 -5.22 6.23
N ASP A 94 -19.70 -4.52 5.67
CA ASP A 94 -18.30 -4.78 5.99
C ASP A 94 -17.47 -3.52 5.86
N LYS A 95 -18.08 -2.39 6.20
CA LYS A 95 -17.38 -1.10 6.12
C LYS A 95 -16.19 -1.08 7.06
N MET A 1 -11.51 -2.57 9.85
CA MET A 1 -10.81 -1.57 8.99
C MET A 1 -11.25 -1.77 7.54
N THR A 2 -11.06 -0.72 6.74
CA THR A 2 -11.44 -0.77 5.32
C THR A 2 -10.24 -1.19 4.47
N LEU A 3 -10.53 -1.83 3.34
CA LEU A 3 -9.47 -2.27 2.44
C LEU A 3 -8.64 -1.07 1.95
N LEU A 4 -7.87 -1.26 0.89
CA LEU A 4 -7.03 -0.18 0.36
C LEU A 4 -7.25 0.00 -1.14
N THR A 5 -6.71 1.10 -1.67
CA THR A 5 -6.83 1.38 -3.09
C THR A 5 -5.56 2.03 -3.63
N LEU A 6 -5.49 2.12 -4.95
CA LEU A 6 -4.33 2.74 -5.60
C LEU A 6 -4.21 4.20 -5.22
N SER A 7 -5.37 4.85 -5.07
CA SER A 7 -5.41 6.26 -4.70
C SER A 7 -4.85 6.45 -3.29
N ASP A 8 -5.03 5.43 -2.45
CA ASP A 8 -4.55 5.50 -1.08
C ASP A 8 -3.02 5.44 -1.03
N LEU A 9 -2.48 4.32 -1.48
CA LEU A 9 -1.02 4.12 -1.48
C LEU A 9 -0.31 5.23 -2.23
N LEU A 10 -0.96 5.77 -3.25
CA LEU A 10 -0.36 6.82 -4.07
C LEU A 10 -0.23 8.13 -3.28
N THR A 11 -1.33 8.55 -2.66
CA THR A 11 -1.31 9.80 -1.90
C THR A 11 -0.30 9.73 -0.74
N LEU A 12 -0.40 8.66 0.05
CA LEU A 12 0.52 8.49 1.17
C LEU A 12 1.96 8.45 0.69
N LEU A 13 2.15 7.95 -0.53
CA LEU A 13 3.49 7.89 -1.11
C LEU A 13 3.91 9.29 -1.53
N ARG A 14 2.96 10.03 -2.12
CA ARG A 14 3.23 11.39 -2.57
C ARG A 14 3.54 12.29 -1.38
N GLU A 15 2.73 12.17 -0.32
CA GLU A 15 2.94 12.97 0.89
C GLU A 15 4.33 12.68 1.44
N CYS A 16 4.69 11.40 1.36
CA CYS A 16 6.00 10.96 1.85
C CYS A 16 7.11 11.53 0.97
N ALA A 17 6.89 11.46 -0.34
CA ALA A 17 7.87 11.98 -1.31
C ALA A 17 8.13 13.46 -1.07
N GLY A 18 7.11 14.17 -0.60
CA GLY A 18 7.23 15.59 -0.33
C GLY A 18 5.99 16.35 -0.78
N GLU A 19 5.59 16.12 -2.02
CA GLU A 19 4.41 16.79 -2.57
C GLU A 19 3.18 16.42 -1.77
N GLU A 20 2.47 17.44 -1.29
CA GLU A 20 1.26 17.23 -0.51
C GLU A 20 0.05 17.07 -1.43
N GLU A 21 0.13 16.07 -2.32
CA GLU A 21 -0.95 15.80 -3.24
C GLU A 21 -1.24 14.30 -3.32
N SER A 22 -2.27 13.94 -4.08
CA SER A 22 -2.63 12.54 -4.24
C SER A 22 -2.10 11.99 -5.56
N ILE A 23 -2.52 12.60 -6.65
CA ILE A 23 -2.08 12.18 -7.97
C ILE A 23 -1.52 13.36 -8.76
N ASP A 24 -0.28 13.73 -8.42
CA ASP A 24 0.37 14.85 -9.07
C ASP A 24 1.31 14.37 -10.19
N LEU A 25 1.68 13.09 -10.15
CA LEU A 25 2.56 12.54 -11.17
C LEU A 25 1.77 11.85 -12.29
N GLY A 26 0.59 12.38 -12.58
CA GLY A 26 -0.26 11.81 -13.63
C GLY A 26 -1.09 10.65 -13.09
N GLY A 27 -0.40 9.64 -12.56
CA GLY A 27 -1.09 8.47 -12.02
C GLY A 27 -1.31 7.43 -13.11
N ASP A 28 -0.23 6.75 -13.50
CA ASP A 28 -0.31 5.73 -14.53
C ASP A 28 0.86 4.76 -14.40
N VAL A 29 1.22 4.46 -13.15
CA VAL A 29 2.31 3.54 -12.88
C VAL A 29 1.87 2.49 -11.86
N GLU A 30 0.62 2.05 -11.98
CA GLU A 30 0.07 1.06 -11.07
C GLU A 30 0.75 -0.29 -11.25
N ASP A 31 1.27 -0.53 -12.46
CA ASP A 31 1.93 -1.79 -12.77
C ASP A 31 3.42 -1.57 -13.07
N VAL A 32 3.96 -0.47 -12.55
CA VAL A 32 5.37 -0.16 -12.76
C VAL A 32 6.11 -0.20 -11.43
N ALA A 33 7.30 -0.80 -11.43
CA ALA A 33 8.09 -0.92 -10.20
C ALA A 33 8.31 0.45 -9.56
N PHE A 34 8.42 0.46 -8.24
CA PHE A 34 8.64 1.71 -7.50
C PHE A 34 9.85 2.47 -8.05
N ASP A 35 10.94 1.74 -8.27
CA ASP A 35 12.15 2.34 -8.79
C ASP A 35 11.98 2.74 -10.26
N ALA A 36 11.02 2.09 -10.93
CA ALA A 36 10.78 2.37 -12.34
C ALA A 36 9.87 3.59 -12.53
N LEU A 37 9.08 3.92 -11.51
CA LEU A 37 8.18 5.07 -11.61
C LEU A 37 8.83 6.32 -11.01
N GLY A 38 9.74 6.13 -10.06
CA GLY A 38 10.42 7.28 -9.45
C GLY A 38 10.61 7.12 -7.94
N TYR A 39 10.01 6.09 -7.35
CA TYR A 39 10.16 5.88 -5.91
C TYR A 39 11.51 5.24 -5.61
N ASP A 40 12.05 5.52 -4.42
CA ASP A 40 13.33 4.96 -4.04
C ASP A 40 13.13 3.75 -3.14
N SER A 41 12.75 4.02 -1.89
CA SER A 41 12.53 2.97 -0.91
C SER A 41 12.29 3.61 0.45
N LEU A 42 13.13 4.58 0.77
CA LEU A 42 13.02 5.31 2.04
C LEU A 42 11.61 5.86 2.23
N ALA A 43 11.04 6.39 1.14
CA ALA A 43 9.69 6.93 1.21
C ALA A 43 8.70 5.81 1.42
N LEU A 44 8.87 4.73 0.65
CA LEU A 44 7.99 3.56 0.76
C LEU A 44 8.06 3.00 2.17
N LEU A 45 9.28 2.86 2.67
CA LEU A 45 9.52 2.33 4.02
C LEU A 45 8.63 3.05 5.05
N ASN A 46 8.69 4.38 5.02
CA ASN A 46 7.89 5.18 5.94
C ASN A 46 6.40 4.95 5.69
N THR A 47 6.01 5.08 4.42
CA THR A 47 4.60 4.89 4.06
C THR A 47 4.09 3.51 4.48
N VAL A 48 4.92 2.49 4.25
CA VAL A 48 4.54 1.12 4.62
C VAL A 48 4.29 1.04 6.13
N GLY A 49 5.04 1.83 6.89
CA GLY A 49 4.88 1.84 8.35
C GLY A 49 3.54 2.45 8.74
N ARG A 50 3.17 3.53 8.06
CA ARG A 50 1.91 4.21 8.35
C ARG A 50 0.73 3.32 7.97
N ILE A 51 0.86 2.62 6.85
CA ILE A 51 -0.21 1.75 6.38
C ILE A 51 -0.41 0.58 7.34
N GLU A 52 0.70 -0.06 7.73
CA GLU A 52 0.60 -1.21 8.64
C GLU A 52 -0.02 -0.77 9.97
N ARG A 53 0.14 0.49 10.33
CA ARG A 53 -0.43 0.99 11.58
C ARG A 53 -1.84 1.52 11.37
N ASP A 54 -2.04 2.25 10.29
CA ASP A 54 -3.34 2.82 9.98
C ASP A 54 -4.32 1.72 9.57
N TYR A 55 -3.84 0.79 8.75
CA TYR A 55 -4.69 -0.31 8.29
C TYR A 55 -4.58 -1.51 9.23
N GLY A 56 -3.46 -1.63 9.92
CA GLY A 56 -3.27 -2.74 10.85
C GLY A 56 -2.95 -4.04 10.10
N VAL A 57 -2.27 -3.90 8.97
CA VAL A 57 -1.92 -5.07 8.16
C VAL A 57 -0.58 -5.65 8.64
N GLN A 58 -0.47 -6.98 8.56
CA GLN A 58 0.74 -7.66 8.99
C GLN A 58 0.70 -9.13 8.59
N LEU A 59 0.50 -9.38 7.30
CA LEU A 59 0.45 -10.75 6.80
C LEU A 59 1.85 -11.33 6.64
N GLY A 60 2.80 -10.45 6.33
CA GLY A 60 4.19 -10.88 6.16
C GLY A 60 5.12 -9.68 5.99
N ASP A 61 6.16 -9.65 6.80
CA ASP A 61 7.13 -8.56 6.76
C ASP A 61 7.83 -8.50 5.39
N ASP A 62 7.89 -9.65 4.72
CA ASP A 62 8.54 -9.72 3.41
C ASP A 62 7.62 -9.18 2.31
N ALA A 63 6.41 -8.77 2.66
CA ALA A 63 5.48 -8.22 1.68
C ALA A 63 6.11 -7.02 0.98
N VAL A 64 6.93 -6.29 1.73
CA VAL A 64 7.60 -5.12 1.18
C VAL A 64 8.67 -5.57 0.16
N GLU A 65 9.21 -6.76 0.37
CA GLU A 65 10.23 -7.30 -0.54
C GLU A 65 9.64 -7.56 -1.91
N LYS A 66 8.66 -8.47 -1.95
CA LYS A 66 8.01 -8.82 -3.21
C LYS A 66 7.29 -7.60 -3.79
N ALA A 67 6.81 -6.73 -2.91
CA ALA A 67 6.10 -5.53 -3.32
C ALA A 67 6.99 -4.65 -4.19
N THR A 68 6.79 -4.74 -5.50
CA THR A 68 7.57 -3.94 -6.44
C THR A 68 6.69 -2.82 -7.02
N THR A 69 5.41 -3.15 -7.19
CA THR A 69 4.46 -2.18 -7.73
C THR A 69 3.49 -1.77 -6.61
N PRO A 70 2.68 -0.73 -6.83
CA PRO A 70 1.72 -0.29 -5.80
C PRO A 70 0.61 -1.31 -5.62
N ARG A 71 0.22 -1.94 -6.72
CA ARG A 71 -0.82 -2.97 -6.67
C ARG A 71 -0.38 -4.12 -5.76
N ALA A 72 0.95 -4.28 -5.61
CA ALA A 72 1.47 -5.35 -4.76
C ALA A 72 1.14 -5.05 -3.31
N LEU A 73 1.58 -3.89 -2.84
CA LEU A 73 1.32 -3.47 -1.46
C LEU A 73 -0.17 -3.43 -1.19
N ILE A 74 -0.89 -2.83 -2.13
CA ILE A 74 -2.35 -2.72 -2.01
C ILE A 74 -2.96 -4.12 -1.96
N GLU A 75 -2.44 -5.01 -2.80
CA GLU A 75 -2.94 -6.37 -2.84
C GLU A 75 -2.70 -7.06 -1.50
N MET A 76 -1.48 -6.90 -0.99
CA MET A 76 -1.12 -7.49 0.28
C MET A 76 -1.95 -6.86 1.38
N THR A 77 -2.20 -5.57 1.26
CA THR A 77 -3.00 -4.85 2.25
C THR A 77 -4.44 -5.31 2.18
N ASN A 78 -5.02 -5.26 0.98
CA ASN A 78 -6.41 -5.67 0.78
C ASN A 78 -6.61 -7.11 1.22
N ALA A 79 -5.58 -7.91 1.01
CA ALA A 79 -5.63 -9.32 1.40
C ALA A 79 -5.69 -9.44 2.91
N SER A 80 -5.02 -8.52 3.59
CA SER A 80 -5.01 -8.51 5.04
C SER A 80 -6.35 -8.05 5.59
N LEU A 81 -6.88 -6.99 4.99
CA LEU A 81 -8.18 -6.46 5.43
C LEU A 81 -9.28 -7.48 5.14
N THR A 82 -9.29 -8.00 3.91
CA THR A 82 -10.31 -8.97 3.54
C THR A 82 -10.14 -10.25 4.35
N GLY A 83 -8.89 -10.58 4.67
CA GLY A 83 -8.59 -11.78 5.44
C GLY A 83 -8.34 -11.42 6.90
N ALA A 84 -9.05 -10.41 7.38
CA ALA A 84 -8.91 -9.97 8.76
C ALA A 84 -10.01 -10.57 9.64
N SER A 85 -10.47 -11.76 9.27
CA SER A 85 -11.51 -12.44 10.03
C SER A 85 -12.80 -11.60 10.04
N PRO A 86 -13.92 -12.17 10.52
CA PRO A 86 -15.19 -11.43 10.57
C PRO A 86 -15.31 -10.53 11.79
N SER A 87 -16.14 -9.50 11.67
CA SER A 87 -16.34 -8.57 12.78
C SER A 87 -17.69 -7.86 12.64
N ALA A 88 -17.90 -7.25 11.48
CA ALA A 88 -19.17 -6.53 11.23
C ALA A 88 -19.34 -5.40 12.23
N GLY A 89 -19.20 -4.18 11.74
CA GLY A 89 -19.36 -3.00 12.60
C GLY A 89 -18.40 -1.89 12.17
N GLY A 90 -18.70 -1.27 11.04
CA GLY A 90 -17.86 -0.20 10.53
C GLY A 90 -17.92 1.02 11.44
N ALA A 91 -16.76 1.45 11.93
CA ALA A 91 -16.71 2.61 12.81
C ALA A 91 -17.19 3.86 12.09
N ALA A 92 -16.53 4.18 10.99
CA ALA A 92 -16.91 5.35 10.20
C ALA A 92 -16.02 5.46 8.96
N ARG A 93 -16.50 6.22 7.97
CA ARG A 93 -15.76 6.41 6.74
C ARG A 93 -15.30 7.85 6.61
N ASP A 94 -16.22 8.78 6.80
CA ASP A 94 -15.90 10.20 6.69
C ASP A 94 -16.99 11.04 7.36
N LYS A 95 -17.57 10.48 8.42
CA LYS A 95 -18.63 11.20 9.14
C LYS A 95 -18.15 11.59 10.53
N MET A 1 -12.51 -2.08 9.80
CA MET A 1 -11.34 -2.47 8.96
C MET A 1 -11.75 -2.45 7.49
N THR A 2 -11.14 -1.56 6.73
CA THR A 2 -11.44 -1.45 5.31
C THR A 2 -10.21 -1.76 4.46
N LEU A 3 -10.44 -2.25 3.26
CA LEU A 3 -9.34 -2.61 2.36
C LEU A 3 -8.54 -1.35 1.99
N LEU A 4 -7.70 -1.46 0.96
CA LEU A 4 -6.88 -0.33 0.54
C LEU A 4 -7.06 -0.07 -0.95
N THR A 5 -6.59 1.09 -1.41
CA THR A 5 -6.71 1.42 -2.82
C THR A 5 -5.43 2.09 -3.33
N LEU A 6 -5.34 2.22 -4.66
CA LEU A 6 -4.17 2.83 -5.27
C LEU A 6 -4.10 4.30 -4.89
N SER A 7 -5.27 4.92 -4.81
CA SER A 7 -5.35 6.32 -4.43
C SER A 7 -4.80 6.53 -3.02
N ASP A 8 -4.95 5.50 -2.19
CA ASP A 8 -4.47 5.55 -0.82
C ASP A 8 -2.95 5.53 -0.80
N LEU A 9 -2.38 4.41 -1.23
CA LEU A 9 -0.92 4.24 -1.24
C LEU A 9 -0.23 5.41 -1.93
N LEU A 10 -0.82 5.86 -3.04
CA LEU A 10 -0.24 6.98 -3.79
C LEU A 10 -0.13 8.23 -2.93
N THR A 11 -1.25 8.63 -2.33
CA THR A 11 -1.29 9.80 -1.48
C THR A 11 -0.30 9.66 -0.33
N LEU A 12 -0.40 8.56 0.42
CA LEU A 12 0.52 8.33 1.53
C LEU A 12 1.96 8.42 1.04
N LEU A 13 2.16 7.92 -0.17
CA LEU A 13 3.48 7.99 -0.80
C LEU A 13 3.78 9.45 -1.14
N ARG A 14 2.75 10.16 -1.58
CA ARG A 14 2.87 11.56 -1.93
C ARG A 14 3.37 12.36 -0.73
N GLU A 15 2.75 12.13 0.41
CA GLU A 15 3.14 12.82 1.64
C GLU A 15 4.53 12.37 2.05
N CYS A 16 4.79 11.08 1.89
CA CYS A 16 6.07 10.49 2.25
C CYS A 16 7.20 11.05 1.39
N ALA A 17 7.07 10.86 0.08
CA ALA A 17 8.10 11.33 -0.85
C ALA A 17 8.01 12.84 -1.06
N GLY A 18 6.80 13.33 -1.23
CA GLY A 18 6.59 14.75 -1.45
C GLY A 18 6.48 15.05 -2.94
N GLU A 19 5.95 14.09 -3.69
CA GLU A 19 5.80 14.25 -5.13
C GLU A 19 4.86 15.42 -5.44
N GLU A 20 4.34 15.46 -6.67
CA GLU A 20 3.44 16.53 -7.07
C GLU A 20 2.00 16.03 -7.07
N GLU A 21 1.46 15.85 -5.86
CA GLU A 21 0.07 15.38 -5.66
C GLU A 21 -0.01 13.86 -5.67
N SER A 22 -1.14 13.35 -5.18
CA SER A 22 -1.38 11.90 -5.10
C SER A 22 -1.12 11.20 -6.43
N ILE A 23 -2.00 11.43 -7.41
CA ILE A 23 -1.87 10.79 -8.71
C ILE A 23 -1.79 11.85 -9.81
N ASP A 24 -0.62 12.47 -9.90
CA ASP A 24 -0.39 13.49 -10.93
C ASP A 24 0.61 12.99 -11.97
N LEU A 25 1.39 11.95 -11.62
CA LEU A 25 2.38 11.39 -12.54
C LEU A 25 1.80 11.12 -13.92
N GLY A 26 0.49 10.88 -13.97
CA GLY A 26 -0.18 10.61 -15.24
C GLY A 26 -1.40 9.73 -15.04
N GLY A 27 -1.36 8.89 -14.00
CA GLY A 27 -2.48 8.00 -13.71
C GLY A 27 -2.41 6.75 -14.59
N ASP A 28 -1.24 6.09 -14.57
CA ASP A 28 -1.05 4.89 -15.36
C ASP A 28 0.30 4.26 -15.02
N VAL A 29 0.65 4.31 -13.73
CA VAL A 29 1.92 3.75 -13.27
C VAL A 29 1.66 2.76 -12.14
N GLU A 30 0.51 2.09 -12.21
CA GLU A 30 0.13 1.12 -11.19
C GLU A 30 0.81 -0.22 -11.42
N ASP A 31 1.22 -0.47 -12.66
CA ASP A 31 1.88 -1.73 -13.01
C ASP A 31 3.36 -1.49 -13.34
N VAL A 32 3.89 -0.36 -12.89
CA VAL A 32 5.31 -0.05 -13.13
C VAL A 32 6.08 -0.19 -11.84
N ALA A 33 7.30 -0.72 -11.94
CA ALA A 33 8.13 -0.92 -10.75
C ALA A 33 8.39 0.42 -10.06
N PHE A 34 8.59 0.34 -8.73
CA PHE A 34 8.84 1.55 -7.94
C PHE A 34 10.03 2.33 -8.50
N ASP A 35 11.13 1.63 -8.71
CA ASP A 35 12.33 2.26 -9.25
C ASP A 35 12.11 2.73 -10.69
N ALA A 36 11.10 2.16 -11.35
CA ALA A 36 10.81 2.53 -12.73
C ALA A 36 10.08 3.87 -12.81
N LEU A 37 9.33 4.20 -11.76
CA LEU A 37 8.58 5.45 -11.77
C LEU A 37 9.32 6.53 -10.97
N GLY A 38 10.12 6.11 -9.99
CA GLY A 38 10.87 7.07 -9.19
C GLY A 38 10.95 6.66 -7.71
N TYR A 39 10.13 5.68 -7.31
CA TYR A 39 10.14 5.22 -5.93
C TYR A 39 11.37 4.38 -5.66
N ASP A 40 11.93 4.52 -4.45
CA ASP A 40 13.12 3.76 -4.09
C ASP A 40 12.75 2.57 -3.21
N SER A 41 12.41 2.87 -1.96
CA SER A 41 12.03 1.84 -1.00
C SER A 41 11.83 2.47 0.36
N LEU A 42 12.75 3.38 0.70
CA LEU A 42 12.68 4.08 1.99
C LEU A 42 11.32 4.75 2.19
N ALA A 43 10.81 5.33 1.10
CA ALA A 43 9.51 5.99 1.16
C ALA A 43 8.41 4.94 1.32
N LEU A 44 8.51 3.87 0.54
CA LEU A 44 7.54 2.79 0.60
C LEU A 44 7.56 2.14 1.97
N LEU A 45 8.75 2.06 2.54
CA LEU A 45 8.92 1.47 3.87
C LEU A 45 8.09 2.25 4.89
N ASN A 46 8.17 3.57 4.80
CA ASN A 46 7.42 4.44 5.72
C ASN A 46 5.93 4.34 5.44
N THR A 47 5.55 4.46 4.16
CA THR A 47 4.13 4.39 3.79
C THR A 47 3.50 3.09 4.29
N VAL A 48 4.17 1.98 4.03
CA VAL A 48 3.67 0.67 4.48
C VAL A 48 3.53 0.65 6.00
N GLY A 49 4.45 1.35 6.67
CA GLY A 49 4.42 1.41 8.12
C GLY A 49 3.19 2.18 8.59
N ARG A 50 2.85 3.22 7.83
CA ARG A 50 1.69 4.05 8.17
C ARG A 50 0.40 3.27 8.00
N ILE A 51 0.35 2.44 6.96
CA ILE A 51 -0.84 1.64 6.71
C ILE A 51 -1.02 0.59 7.81
N GLU A 52 0.04 -0.15 8.09
CA GLU A 52 -0.03 -1.17 9.13
C GLU A 52 -0.40 -0.55 10.49
N ARG A 53 -0.12 0.74 10.64
CA ARG A 53 -0.44 1.42 11.90
C ARG A 53 -1.82 2.05 11.82
N ASP A 54 -2.11 2.69 10.70
CA ASP A 54 -3.40 3.35 10.50
C ASP A 54 -4.51 2.32 10.32
N TYR A 55 -4.23 1.28 9.55
CA TYR A 55 -5.21 0.22 9.32
C TYR A 55 -5.09 -0.86 10.39
N GLY A 56 -3.90 -0.97 10.99
CA GLY A 56 -3.68 -1.96 12.04
C GLY A 56 -3.68 -3.37 11.47
N VAL A 57 -3.11 -3.52 10.27
CA VAL A 57 -3.06 -4.82 9.62
C VAL A 57 -1.70 -5.05 8.96
N GLN A 58 -1.38 -6.33 8.73
CA GLN A 58 -0.11 -6.68 8.10
C GLN A 58 0.02 -8.20 7.99
N LEU A 59 0.77 -8.65 6.99
CA LEU A 59 0.97 -10.09 6.78
C LEU A 59 2.46 -10.45 6.88
N GLY A 60 3.30 -9.60 6.31
CA GLY A 60 4.73 -9.84 6.33
C GLY A 60 5.51 -8.59 5.95
N ASP A 61 6.46 -8.22 6.81
CA ASP A 61 7.28 -7.03 6.57
C ASP A 61 8.02 -7.12 5.25
N ASP A 62 8.18 -8.35 4.72
CA ASP A 62 8.89 -8.53 3.46
C ASP A 62 8.02 -8.18 2.26
N ALA A 63 6.76 -7.78 2.51
CA ALA A 63 5.87 -7.40 1.42
C ALA A 63 6.48 -6.26 0.61
N VAL A 64 7.22 -5.41 1.32
CA VAL A 64 7.88 -4.28 0.67
C VAL A 64 9.00 -4.78 -0.24
N GLU A 65 9.58 -5.93 0.11
CA GLU A 65 10.65 -6.50 -0.68
C GLU A 65 10.12 -6.93 -2.06
N LYS A 66 9.15 -7.84 -2.04
CA LYS A 66 8.56 -8.32 -3.28
C LYS A 66 7.76 -7.21 -3.95
N ALA A 67 7.25 -6.28 -3.15
CA ALA A 67 6.46 -5.17 -3.68
C ALA A 67 7.26 -4.36 -4.68
N THR A 68 7.01 -4.60 -5.96
CA THR A 68 7.69 -3.88 -7.02
C THR A 68 6.80 -2.76 -7.53
N THR A 69 5.51 -3.04 -7.57
CA THR A 69 4.53 -2.06 -8.02
C THR A 69 3.64 -1.65 -6.86
N PRO A 70 2.85 -0.58 -7.01
CA PRO A 70 1.94 -0.14 -5.93
C PRO A 70 0.81 -1.15 -5.74
N ARG A 71 0.42 -1.79 -6.84
CA ARG A 71 -0.63 -2.79 -6.79
C ARG A 71 -0.19 -3.96 -5.91
N ALA A 72 1.13 -4.19 -5.85
CA ALA A 72 1.67 -5.27 -5.03
C ALA A 72 1.35 -5.02 -3.57
N LEU A 73 1.80 -3.85 -3.09
CA LEU A 73 1.56 -3.47 -1.69
C LEU A 73 0.06 -3.47 -1.40
N ILE A 74 -0.70 -2.83 -2.29
CA ILE A 74 -2.15 -2.76 -2.15
C ILE A 74 -2.73 -4.17 -2.13
N GLU A 75 -2.19 -5.04 -2.96
CA GLU A 75 -2.67 -6.42 -3.02
C GLU A 75 -2.40 -7.12 -1.69
N MET A 76 -1.18 -6.95 -1.19
CA MET A 76 -0.81 -7.56 0.08
C MET A 76 -1.59 -6.91 1.22
N THR A 77 -1.86 -5.61 1.07
CA THR A 77 -2.62 -4.90 2.10
C THR A 77 -4.08 -5.30 2.05
N ASN A 78 -4.66 -5.30 0.86
CA ASN A 78 -6.06 -5.68 0.69
C ASN A 78 -6.26 -7.12 1.15
N ALA A 79 -5.26 -7.94 0.90
CA ALA A 79 -5.30 -9.35 1.30
C ALA A 79 -5.26 -9.46 2.81
N SER A 80 -4.52 -8.55 3.42
CA SER A 80 -4.38 -8.53 4.87
C SER A 80 -5.64 -7.95 5.50
N LEU A 81 -6.10 -6.83 4.94
CA LEU A 81 -7.29 -6.16 5.44
C LEU A 81 -8.50 -7.08 5.31
N THR A 82 -8.68 -7.64 4.12
CA THR A 82 -9.81 -8.53 3.88
C THR A 82 -9.74 -9.74 4.82
N GLY A 83 -8.52 -10.20 5.06
CA GLY A 83 -8.30 -11.35 5.94
C GLY A 83 -7.87 -10.89 7.33
N ALA A 84 -8.33 -9.71 7.73
CA ALA A 84 -8.00 -9.16 9.02
C ALA A 84 -8.77 -9.85 10.16
N SER A 85 -9.69 -10.76 9.81
CA SER A 85 -10.46 -11.45 10.82
C SER A 85 -10.13 -12.95 10.83
N PRO A 86 -9.07 -13.36 11.53
CA PRO A 86 -8.67 -14.77 11.59
C PRO A 86 -9.48 -15.57 12.62
N SER A 87 -10.01 -14.86 13.61
CA SER A 87 -10.80 -15.51 14.65
C SER A 87 -9.97 -16.55 15.40
N ALA A 88 -9.34 -16.11 16.49
CA ALA A 88 -8.51 -17.00 17.30
C ALA A 88 -8.00 -16.28 18.54
N GLY A 89 -8.82 -16.29 19.59
CA GLY A 89 -8.44 -15.63 20.84
C GLY A 89 -9.64 -15.55 21.78
N GLY A 90 -9.85 -16.63 22.53
CA GLY A 90 -10.96 -16.67 23.48
C GLY A 90 -10.46 -16.61 24.92
N ALA A 91 -9.27 -17.16 25.14
CA ALA A 91 -8.68 -17.17 26.47
C ALA A 91 -8.45 -15.74 26.96
N ALA A 92 -7.77 -15.61 28.09
CA ALA A 92 -7.48 -14.30 28.67
C ALA A 92 -8.78 -13.56 28.98
N ARG A 93 -8.64 -12.31 29.43
CA ARG A 93 -9.80 -11.49 29.77
C ARG A 93 -9.39 -10.05 30.00
N ASP A 94 -10.03 -9.14 29.27
CA ASP A 94 -9.73 -7.71 29.40
C ASP A 94 -8.26 -7.44 29.04
N LYS A 95 -8.04 -6.96 27.83
CA LYS A 95 -6.68 -6.66 27.37
C LYS A 95 -5.82 -7.92 27.39
N MET A 1 -9.43 -3.69 10.15
CA MET A 1 -10.63 -3.66 9.26
C MET A 1 -10.40 -2.71 8.10
N THR A 2 -11.46 -2.37 7.38
CA THR A 2 -11.33 -1.45 6.23
C THR A 2 -10.45 -2.11 5.17
N LEU A 3 -9.91 -1.30 4.27
CA LEU A 3 -9.04 -1.82 3.21
C LEU A 3 -8.34 -0.66 2.51
N LEU A 4 -7.70 -0.95 1.38
CA LEU A 4 -6.97 0.10 0.66
C LEU A 4 -7.41 0.18 -0.80
N THR A 5 -6.91 1.19 -1.49
CA THR A 5 -7.24 1.37 -2.90
C THR A 5 -6.10 2.04 -3.65
N LEU A 6 -6.29 2.17 -4.97
CA LEU A 6 -5.27 2.79 -5.81
C LEU A 6 -5.01 4.23 -5.37
N SER A 7 -6.08 5.01 -5.30
CA SER A 7 -5.97 6.41 -4.88
C SER A 7 -5.26 6.54 -3.54
N ASP A 8 -5.47 5.56 -2.67
CA ASP A 8 -4.84 5.58 -1.36
C ASP A 8 -3.32 5.55 -1.49
N LEU A 9 -2.84 4.61 -2.32
CA LEU A 9 -1.40 4.46 -2.54
C LEU A 9 -0.78 5.78 -2.99
N LEU A 10 -1.28 6.27 -4.12
CA LEU A 10 -0.78 7.53 -4.70
C LEU A 10 -0.62 8.63 -3.64
N THR A 11 -1.72 8.93 -2.95
CA THR A 11 -1.75 9.95 -1.92
C THR A 11 -0.69 9.70 -0.84
N LEU A 12 -0.70 8.50 -0.28
CA LEU A 12 0.27 8.16 0.77
C LEU A 12 1.68 8.34 0.27
N LEU A 13 1.99 7.67 -0.83
CA LEU A 13 3.32 7.79 -1.44
C LEU A 13 3.60 9.26 -1.78
N ARG A 14 2.52 9.97 -2.13
CA ARG A 14 2.62 11.37 -2.47
C ARG A 14 2.94 12.19 -1.20
N GLU A 15 2.36 11.75 -0.08
CA GLU A 15 2.59 12.44 1.18
C GLU A 15 4.02 12.20 1.64
N CYS A 16 4.46 10.96 1.47
CA CYS A 16 5.82 10.57 1.88
C CYS A 16 6.88 11.22 0.99
N ALA A 17 6.78 10.95 -0.30
CA ALA A 17 7.76 11.49 -1.26
C ALA A 17 7.43 12.93 -1.64
N GLY A 18 6.17 13.17 -1.97
CA GLY A 18 5.75 14.51 -2.35
C GLY A 18 4.87 14.44 -3.60
N GLU A 19 5.45 14.00 -4.71
CA GLU A 19 4.73 13.87 -5.97
C GLU A 19 3.92 15.14 -6.28
N GLU A 20 2.95 15.02 -7.19
CA GLU A 20 2.13 16.15 -7.56
C GLU A 20 0.84 15.68 -8.23
N GLU A 21 -0.23 15.64 -7.44
CA GLU A 21 -1.56 15.21 -7.93
C GLU A 21 -1.66 13.69 -7.96
N SER A 22 -1.19 13.04 -6.90
CA SER A 22 -1.24 11.57 -6.78
C SER A 22 -0.22 10.91 -7.69
N ILE A 23 -0.36 11.14 -8.99
CA ILE A 23 0.54 10.55 -9.96
C ILE A 23 1.13 11.60 -10.89
N ASP A 24 2.11 12.34 -10.38
CA ASP A 24 2.77 13.37 -11.19
C ASP A 24 3.52 12.72 -12.34
N LEU A 25 3.94 11.46 -12.15
CA LEU A 25 4.68 10.74 -13.17
C LEU A 25 3.92 10.73 -14.51
N GLY A 26 2.60 10.83 -14.43
CA GLY A 26 1.78 10.84 -15.64
C GLY A 26 0.49 10.08 -15.41
N GLY A 27 0.60 8.91 -14.79
CA GLY A 27 -0.58 8.08 -14.53
C GLY A 27 -0.28 6.60 -14.76
N ASP A 28 0.63 6.33 -15.67
CA ASP A 28 1.00 4.95 -15.99
C ASP A 28 2.02 4.41 -14.99
N VAL A 29 1.65 4.42 -13.72
CA VAL A 29 2.55 3.94 -12.67
C VAL A 29 1.87 2.86 -11.79
N GLU A 30 0.61 2.54 -12.08
CA GLU A 30 -0.10 1.54 -11.30
C GLU A 30 0.56 0.15 -11.47
N ASP A 31 1.21 -0.04 -12.61
CA ASP A 31 1.86 -1.31 -12.90
C ASP A 31 3.34 -1.09 -13.22
N VAL A 32 3.91 -0.03 -12.62
CA VAL A 32 5.32 0.27 -12.83
C VAL A 32 6.07 0.08 -11.52
N ALA A 33 7.21 -0.63 -11.59
CA ALA A 33 8.00 -0.89 -10.40
C ALA A 33 8.44 0.42 -9.73
N PHE A 34 8.54 0.38 -8.40
CA PHE A 34 8.94 1.56 -7.64
C PHE A 34 10.27 2.11 -8.15
N ASP A 35 11.17 1.21 -8.51
CA ASP A 35 12.48 1.62 -9.02
C ASP A 35 12.33 2.40 -10.32
N ALA A 36 11.39 1.97 -11.15
CA ALA A 36 11.15 2.64 -12.43
C ALA A 36 10.66 4.07 -12.19
N LEU A 37 9.91 4.24 -11.11
CA LEU A 37 9.37 5.57 -10.78
C LEU A 37 10.48 6.46 -10.22
N GLY A 38 11.37 5.86 -9.44
CA GLY A 38 12.47 6.61 -8.85
C GLY A 38 12.47 6.51 -7.32
N TYR A 39 11.60 5.67 -6.75
CA TYR A 39 11.54 5.52 -5.30
C TYR A 39 12.75 4.74 -4.81
N ASP A 40 13.22 5.08 -3.62
CA ASP A 40 14.37 4.40 -3.04
C ASP A 40 13.91 3.19 -2.24
N SER A 41 13.30 3.47 -1.10
CA SER A 41 12.79 2.42 -0.21
C SER A 41 12.34 3.05 1.09
N LEU A 42 13.16 3.96 1.60
CA LEU A 42 12.85 4.66 2.85
C LEU A 42 11.50 5.36 2.75
N ALA A 43 11.16 5.80 1.54
CA ALA A 43 9.89 6.47 1.32
C ALA A 43 8.74 5.47 1.44
N LEU A 44 8.89 4.35 0.75
CA LEU A 44 7.86 3.32 0.80
C LEU A 44 7.76 2.74 2.20
N LEU A 45 8.90 2.69 2.89
CA LEU A 45 8.93 2.19 4.26
C LEU A 45 8.02 3.01 5.16
N ASN A 46 8.20 4.32 5.12
CA ASN A 46 7.39 5.22 5.93
C ASN A 46 5.93 5.15 5.49
N THR A 47 5.71 5.27 4.18
CA THR A 47 4.35 5.21 3.62
C THR A 47 3.68 3.91 4.01
N VAL A 48 4.29 2.80 3.60
CA VAL A 48 3.74 1.48 3.91
C VAL A 48 3.70 1.27 5.42
N GLY A 49 4.67 1.88 6.12
CA GLY A 49 4.74 1.76 7.57
C GLY A 49 3.49 2.37 8.22
N ARG A 50 3.00 3.45 7.64
CA ARG A 50 1.82 4.11 8.16
C ARG A 50 0.59 3.25 7.95
N ILE A 51 0.53 2.60 6.79
CA ILE A 51 -0.62 1.74 6.49
C ILE A 51 -0.63 0.52 7.40
N GLU A 52 0.53 -0.13 7.53
CA GLU A 52 0.60 -1.32 8.38
C GLU A 52 0.23 -0.98 9.82
N ARG A 53 0.47 0.27 10.21
CA ARG A 53 0.15 0.69 11.58
C ARG A 53 -1.28 1.22 11.66
N ASP A 54 -1.67 1.99 10.66
CA ASP A 54 -3.01 2.56 10.63
C ASP A 54 -4.05 1.48 10.35
N TYR A 55 -3.75 0.61 9.41
CA TYR A 55 -4.67 -0.47 9.05
C TYR A 55 -4.36 -1.74 9.85
N GLY A 56 -3.13 -1.85 10.35
CA GLY A 56 -2.74 -3.02 11.14
C GLY A 56 -2.35 -4.18 10.23
N VAL A 57 -1.80 -3.86 9.07
CA VAL A 57 -1.39 -4.89 8.12
C VAL A 57 -0.12 -5.58 8.64
N GLN A 58 -0.10 -6.92 8.56
CA GLN A 58 1.05 -7.68 9.02
C GLN A 58 0.97 -9.13 8.52
N LEU A 59 0.87 -9.28 7.20
CA LEU A 59 0.80 -10.61 6.60
C LEU A 59 2.19 -11.23 6.53
N GLY A 60 3.18 -10.39 6.23
CA GLY A 60 4.55 -10.83 6.12
C GLY A 60 5.49 -9.65 5.95
N ASP A 61 6.54 -9.62 6.77
CA ASP A 61 7.52 -8.53 6.70
C ASP A 61 8.14 -8.43 5.31
N ASP A 62 8.21 -9.57 4.62
CA ASP A 62 8.79 -9.59 3.27
C ASP A 62 7.80 -9.07 2.22
N ALA A 63 6.59 -8.69 2.65
CA ALA A 63 5.59 -8.16 1.72
C ALA A 63 6.15 -6.94 1.01
N VAL A 64 6.99 -6.20 1.73
CA VAL A 64 7.60 -5.00 1.16
C VAL A 64 8.58 -5.39 0.06
N GLU A 65 9.16 -6.58 0.18
CA GLU A 65 10.11 -7.07 -0.82
C GLU A 65 9.40 -7.38 -2.13
N LYS A 66 8.38 -8.24 -2.05
CA LYS A 66 7.61 -8.61 -3.23
C LYS A 66 6.93 -7.38 -3.84
N ALA A 67 6.50 -6.47 -2.97
CA ALA A 67 5.84 -5.26 -3.42
C ALA A 67 6.76 -4.44 -4.32
N THR A 68 6.57 -4.57 -5.62
CA THR A 68 7.39 -3.83 -6.59
C THR A 68 6.54 -2.72 -7.22
N THR A 69 5.26 -2.99 -7.38
CA THR A 69 4.34 -2.02 -7.97
C THR A 69 3.38 -1.53 -6.89
N PRO A 70 2.56 -0.50 -7.17
CA PRO A 70 1.61 0.01 -6.16
C PRO A 70 0.50 -0.99 -5.91
N ARG A 71 0.02 -1.61 -7.00
CA ARG A 71 -1.03 -2.62 -6.88
C ARG A 71 -0.60 -3.74 -5.94
N ALA A 72 0.72 -3.91 -5.76
CA ALA A 72 1.23 -4.94 -4.88
C ALA A 72 0.94 -4.59 -3.43
N LEU A 73 1.41 -3.42 -3.01
CA LEU A 73 1.19 -2.96 -1.63
C LEU A 73 -0.30 -2.94 -1.31
N ILE A 74 -1.09 -2.46 -2.26
CA ILE A 74 -2.54 -2.39 -2.07
C ILE A 74 -3.09 -3.81 -1.90
N GLU A 75 -2.51 -4.75 -2.64
CA GLU A 75 -2.97 -6.14 -2.58
C GLU A 75 -2.68 -6.75 -1.22
N MET A 76 -1.43 -6.63 -0.77
CA MET A 76 -1.05 -7.19 0.53
C MET A 76 -1.85 -6.53 1.64
N THR A 77 -2.21 -5.26 1.45
CA THR A 77 -2.98 -4.53 2.44
C THR A 77 -4.43 -5.02 2.47
N ASN A 78 -5.07 -5.02 1.31
CA ASN A 78 -6.46 -5.46 1.21
C ASN A 78 -6.59 -6.91 1.64
N ALA A 79 -5.57 -7.69 1.30
CA ALA A 79 -5.54 -9.10 1.63
C ALA A 79 -5.45 -9.28 3.14
N SER A 80 -4.75 -8.36 3.79
CA SER A 80 -4.57 -8.42 5.22
C SER A 80 -5.87 -8.06 5.94
N LEU A 81 -6.54 -7.02 5.47
CA LEU A 81 -7.79 -6.61 6.07
C LEU A 81 -8.87 -7.66 5.82
N THR A 82 -8.99 -8.07 4.55
CA THR A 82 -9.99 -9.07 4.20
C THR A 82 -9.65 -10.41 4.85
N GLY A 83 -8.36 -10.67 5.02
CA GLY A 83 -7.91 -11.91 5.63
C GLY A 83 -8.44 -12.07 7.05
N ALA A 84 -8.77 -10.94 7.68
CA ALA A 84 -9.29 -10.96 9.05
C ALA A 84 -10.54 -11.84 9.15
N SER A 85 -11.32 -11.85 8.08
CA SER A 85 -12.54 -12.65 8.04
C SER A 85 -13.24 -12.51 6.68
N PRO A 86 -13.96 -13.55 6.24
CA PRO A 86 -14.66 -13.52 4.95
C PRO A 86 -16.02 -12.82 5.04
N SER A 87 -16.67 -12.67 3.89
CA SER A 87 -17.98 -12.02 3.86
C SER A 87 -18.83 -12.59 2.73
N ALA A 88 -18.38 -12.38 1.49
CA ALA A 88 -19.10 -12.88 0.33
C ALA A 88 -18.16 -13.10 -0.85
N GLY A 89 -16.91 -13.47 -0.53
CA GLY A 89 -15.91 -13.70 -1.57
C GLY A 89 -14.59 -13.04 -1.19
N GLY A 90 -14.48 -11.74 -1.48
CA GLY A 90 -13.26 -11.01 -1.17
C GLY A 90 -12.13 -11.41 -2.10
N ALA A 91 -12.50 -11.75 -3.34
CA ALA A 91 -11.50 -12.15 -4.33
C ALA A 91 -12.06 -11.95 -5.74
N ALA A 92 -12.88 -10.92 -5.90
CA ALA A 92 -13.47 -10.62 -7.20
C ALA A 92 -14.31 -11.78 -7.70
N ARG A 93 -14.93 -12.49 -6.75
CA ARG A 93 -15.78 -13.63 -7.09
C ARG A 93 -16.97 -13.72 -6.15
N ASP A 94 -18.14 -13.40 -6.67
CA ASP A 94 -19.36 -13.45 -5.86
C ASP A 94 -20.46 -14.21 -6.60
N LYS A 95 -20.45 -15.53 -6.45
CA LYS A 95 -21.45 -16.37 -7.11
C LYS A 95 -21.86 -17.52 -6.20
N MET A 1 -10.99 -1.44 10.06
CA MET A 1 -10.32 -2.21 8.98
C MET A 1 -11.15 -2.15 7.71
N THR A 2 -10.49 -1.79 6.61
CA THR A 2 -11.19 -1.69 5.33
C THR A 2 -10.20 -1.80 4.18
N LEU A 3 -10.69 -2.27 3.03
CA LEU A 3 -9.85 -2.44 1.84
C LEU A 3 -8.98 -1.23 1.56
N LEU A 4 -8.01 -1.43 0.68
CA LEU A 4 -7.10 -0.34 0.30
C LEU A 4 -7.20 -0.08 -1.20
N THR A 5 -6.69 1.07 -1.63
CA THR A 5 -6.74 1.43 -3.05
C THR A 5 -5.44 2.07 -3.50
N LEU A 6 -5.33 2.30 -4.81
CA LEU A 6 -4.14 2.92 -5.38
C LEU A 6 -4.02 4.36 -4.90
N SER A 7 -5.17 5.03 -4.81
CA SER A 7 -5.19 6.42 -4.36
C SER A 7 -4.64 6.52 -2.94
N ASP A 8 -4.86 5.46 -2.16
CA ASP A 8 -4.39 5.42 -0.78
C ASP A 8 -2.86 5.30 -0.74
N LEU A 9 -2.34 4.23 -1.34
CA LEU A 9 -0.90 4.00 -1.36
C LEU A 9 -0.17 5.17 -2.02
N LEU A 10 -0.78 5.72 -3.06
CA LEU A 10 -0.16 6.84 -3.79
C LEU A 10 -0.01 8.08 -2.92
N THR A 11 -1.11 8.61 -2.41
CA THR A 11 -1.07 9.82 -1.56
C THR A 11 -0.08 9.65 -0.41
N LEU A 12 -0.15 8.50 0.23
CA LEU A 12 0.77 8.21 1.34
C LEU A 12 2.19 8.24 0.84
N LEU A 13 2.39 7.63 -0.33
CA LEU A 13 3.71 7.62 -0.95
C LEU A 13 4.11 9.06 -1.26
N ARG A 14 3.12 9.84 -1.68
CA ARG A 14 3.34 11.25 -2.00
C ARG A 14 3.73 11.99 -0.71
N GLU A 15 2.94 11.79 0.33
CA GLU A 15 3.20 12.43 1.63
C GLU A 15 4.63 12.12 2.07
N CYS A 16 5.03 10.88 1.85
CA CYS A 16 6.38 10.45 2.19
C CYS A 16 7.38 11.17 1.31
N ALA A 17 7.08 11.20 0.01
CA ALA A 17 7.95 11.86 -0.95
C ALA A 17 8.09 13.35 -0.62
N GLY A 18 6.95 13.97 -0.27
CA GLY A 18 6.96 15.38 0.08
C GLY A 18 5.74 16.10 -0.50
N GLU A 19 5.45 15.86 -1.77
CA GLU A 19 4.33 16.51 -2.43
C GLU A 19 4.15 15.96 -3.85
N GLU A 20 3.46 16.75 -4.71
CA GLU A 20 3.19 16.38 -6.12
C GLU A 20 1.82 15.72 -6.27
N GLU A 21 0.86 16.21 -5.48
CA GLU A 21 -0.51 15.69 -5.53
C GLU A 21 -0.55 14.19 -5.23
N SER A 22 -1.72 13.74 -4.76
CA SER A 22 -1.91 12.33 -4.43
C SER A 22 -1.70 11.46 -5.67
N ILE A 23 -2.33 11.85 -6.78
CA ILE A 23 -2.21 11.09 -8.01
C ILE A 23 -1.78 11.97 -9.18
N ASP A 24 -0.50 12.30 -9.22
CA ASP A 24 0.04 13.12 -10.29
C ASP A 24 0.81 12.24 -11.27
N LEU A 25 1.49 11.25 -10.72
CA LEU A 25 2.26 10.31 -11.53
C LEU A 25 1.73 8.90 -11.33
N GLY A 26 0.44 8.79 -11.02
CA GLY A 26 -0.18 7.48 -10.79
C GLY A 26 -1.42 7.30 -11.68
N GLY A 27 -1.50 8.08 -12.75
CA GLY A 27 -2.64 8.00 -13.66
C GLY A 27 -2.62 6.70 -14.45
N ASP A 28 -1.41 6.17 -14.69
CA ASP A 28 -1.28 4.93 -15.44
C ASP A 28 0.09 4.28 -15.19
N VAL A 29 0.29 3.81 -13.98
CA VAL A 29 1.54 3.15 -13.62
C VAL A 29 1.33 2.19 -12.44
N GLU A 30 0.11 1.66 -12.35
CA GLU A 30 -0.22 0.73 -11.28
C GLU A 30 0.55 -0.59 -11.44
N ASP A 31 0.91 -0.90 -12.68
CA ASP A 31 1.64 -2.13 -12.96
C ASP A 31 3.10 -1.82 -13.31
N VAL A 32 3.58 -0.66 -12.88
CA VAL A 32 4.96 -0.26 -13.14
C VAL A 32 5.76 -0.34 -11.84
N ALA A 33 6.94 -0.94 -11.91
CA ALA A 33 7.78 -1.09 -10.72
C ALA A 33 8.07 0.26 -10.08
N PHE A 34 8.31 0.23 -8.77
CA PHE A 34 8.60 1.46 -8.03
C PHE A 34 9.84 2.16 -8.58
N ASP A 35 10.76 1.37 -9.14
CA ASP A 35 11.98 1.93 -9.70
C ASP A 35 11.66 2.89 -10.84
N ALA A 36 10.57 2.58 -11.55
CA ALA A 36 10.15 3.41 -12.68
C ALA A 36 9.39 4.63 -12.18
N LEU A 37 8.59 4.44 -11.14
CA LEU A 37 7.79 5.53 -10.57
C LEU A 37 8.72 6.64 -10.07
N GLY A 38 9.88 6.23 -9.56
CA GLY A 38 10.85 7.19 -9.05
C GLY A 38 11.05 7.05 -7.54
N TYR A 39 10.72 5.87 -7.01
CA TYR A 39 10.87 5.63 -5.57
C TYR A 39 12.16 4.85 -5.31
N ASP A 40 12.75 5.09 -4.14
CA ASP A 40 13.98 4.40 -3.77
C ASP A 40 13.66 3.12 -3.00
N SER A 41 13.17 3.31 -1.77
CA SER A 41 12.81 2.19 -0.91
C SER A 41 12.49 2.71 0.47
N LEU A 42 13.33 3.64 0.94
CA LEU A 42 13.14 4.23 2.26
C LEU A 42 11.75 4.86 2.38
N ALA A 43 11.29 5.44 1.29
CA ALA A 43 9.97 6.07 1.27
C ALA A 43 8.89 5.00 1.30
N LEU A 44 9.08 3.96 0.50
CA LEU A 44 8.11 2.86 0.44
C LEU A 44 8.00 2.19 1.80
N LEU A 45 9.14 2.01 2.44
CA LEU A 45 9.18 1.41 3.77
C LEU A 45 8.32 2.22 4.74
N ASN A 46 8.45 3.54 4.64
CA ASN A 46 7.68 4.44 5.50
C ASN A 46 6.20 4.36 5.16
N THR A 47 5.88 4.41 3.86
CA THR A 47 4.48 4.34 3.43
C THR A 47 3.80 3.08 3.97
N VAL A 48 4.50 1.95 3.86
CA VAL A 48 3.97 0.68 4.35
C VAL A 48 3.70 0.78 5.85
N GLY A 49 4.57 1.48 6.56
CA GLY A 49 4.40 1.65 7.99
C GLY A 49 3.10 2.41 8.28
N ARG A 50 2.75 3.31 7.36
CA ARG A 50 1.53 4.10 7.50
C ARG A 50 0.32 3.20 7.30
N ILE A 51 0.45 2.21 6.42
CA ILE A 51 -0.66 1.29 6.17
C ILE A 51 -0.89 0.43 7.39
N GLU A 52 0.15 -0.29 7.80
CA GLU A 52 0.04 -1.16 8.97
C GLU A 52 -0.40 -0.38 10.20
N ARG A 53 -0.20 0.95 10.20
CA ARG A 53 -0.59 1.77 11.32
C ARG A 53 -2.00 2.33 11.13
N ASP A 54 -2.24 2.89 9.95
CA ASP A 54 -3.55 3.47 9.64
C ASP A 54 -4.60 2.37 9.48
N TYR A 55 -4.19 1.25 8.89
CA TYR A 55 -5.11 0.14 8.68
C TYR A 55 -5.05 -0.81 9.87
N GLY A 56 -3.89 -0.85 10.55
CA GLY A 56 -3.73 -1.71 11.71
C GLY A 56 -3.70 -3.18 11.28
N VAL A 57 -3.09 -3.44 10.13
CA VAL A 57 -3.02 -4.80 9.62
C VAL A 57 -1.64 -5.07 9.01
N GLN A 58 -1.30 -6.35 8.85
CA GLN A 58 -0.01 -6.71 8.27
C GLN A 58 0.13 -8.23 8.16
N LEU A 59 0.82 -8.68 7.12
CA LEU A 59 1.03 -10.11 6.91
C LEU A 59 2.51 -10.47 7.03
N GLY A 60 3.35 -9.59 6.48
CA GLY A 60 4.80 -9.82 6.52
C GLY A 60 5.54 -8.54 6.14
N ASP A 61 6.49 -8.16 6.99
CA ASP A 61 7.29 -6.97 6.75
C ASP A 61 8.02 -7.04 5.40
N ASP A 62 8.19 -8.26 4.88
CA ASP A 62 8.88 -8.41 3.61
C ASP A 62 7.96 -8.09 2.42
N ALA A 63 6.71 -7.73 2.70
CA ALA A 63 5.77 -7.38 1.63
C ALA A 63 6.33 -6.22 0.81
N VAL A 64 7.07 -5.34 1.50
CA VAL A 64 7.69 -4.20 0.83
C VAL A 64 8.79 -4.68 -0.11
N GLU A 65 9.41 -5.82 0.22
CA GLU A 65 10.48 -6.36 -0.60
C GLU A 65 9.91 -6.82 -1.94
N LYS A 66 8.98 -7.77 -1.89
CA LYS A 66 8.35 -8.28 -3.11
C LYS A 66 7.55 -7.19 -3.80
N ALA A 67 7.02 -6.27 -3.00
CA ALA A 67 6.22 -5.16 -3.54
C ALA A 67 7.02 -4.34 -4.55
N THR A 68 6.80 -4.63 -5.82
CA THR A 68 7.48 -3.93 -6.89
C THR A 68 6.57 -2.84 -7.44
N THR A 69 5.29 -3.15 -7.50
CA THR A 69 4.30 -2.21 -8.00
C THR A 69 3.41 -1.76 -6.84
N PRO A 70 2.64 -0.67 -7.02
CA PRO A 70 1.74 -0.19 -5.96
C PRO A 70 0.60 -1.18 -5.74
N ARG A 71 0.23 -1.87 -6.82
CA ARG A 71 -0.83 -2.87 -6.72
C ARG A 71 -0.40 -4.00 -5.80
N ALA A 72 0.92 -4.27 -5.75
CA ALA A 72 1.44 -5.32 -4.91
C ALA A 72 1.12 -5.04 -3.45
N LEU A 73 1.54 -3.85 -3.00
CA LEU A 73 1.28 -3.42 -1.62
C LEU A 73 -0.22 -3.39 -1.35
N ILE A 74 -0.96 -2.81 -2.29
CA ILE A 74 -2.41 -2.72 -2.15
C ILE A 74 -3.02 -4.12 -2.06
N GLU A 75 -2.51 -5.03 -2.89
CA GLU A 75 -3.01 -6.39 -2.89
C GLU A 75 -2.64 -7.09 -1.59
N MET A 76 -1.36 -6.97 -1.21
CA MET A 76 -0.90 -7.58 0.03
C MET A 76 -1.69 -7.04 1.22
N THR A 77 -2.09 -5.78 1.11
CA THR A 77 -2.87 -5.15 2.18
C THR A 77 -4.27 -5.74 2.21
N ASN A 78 -4.98 -5.63 1.08
CA ASN A 78 -6.34 -6.17 0.98
C ASN A 78 -6.38 -7.63 1.43
N ALA A 79 -5.30 -8.34 1.10
CA ALA A 79 -5.17 -9.73 1.47
C ALA A 79 -5.04 -9.84 2.99
N SER A 80 -4.37 -8.85 3.57
CA SER A 80 -4.17 -8.81 5.01
C SER A 80 -5.49 -8.49 5.71
N LEU A 81 -6.21 -7.50 5.17
CA LEU A 81 -7.48 -7.10 5.75
C LEU A 81 -8.47 -8.26 5.69
N THR A 82 -8.53 -8.92 4.53
CA THR A 82 -9.45 -10.04 4.34
C THR A 82 -8.89 -11.30 5.01
N GLY A 83 -7.57 -11.40 5.07
CA GLY A 83 -6.91 -12.56 5.68
C GLY A 83 -7.38 -12.76 7.11
N ALA A 84 -7.67 -11.66 7.80
CA ALA A 84 -8.13 -11.74 9.19
C ALA A 84 -8.44 -10.35 9.73
N SER A 85 -7.42 -9.52 9.85
CA SER A 85 -7.59 -8.16 10.35
C SER A 85 -8.16 -8.18 11.78
N PRO A 86 -7.33 -8.53 12.79
CA PRO A 86 -7.78 -8.59 14.18
C PRO A 86 -7.78 -7.21 14.86
N SER A 87 -8.48 -6.26 14.25
CA SER A 87 -8.55 -4.91 14.79
C SER A 87 -9.76 -4.18 14.24
N ALA A 88 -10.69 -3.83 15.13
CA ALA A 88 -11.89 -3.12 14.73
C ALA A 88 -12.24 -2.02 15.74
N GLY A 89 -12.40 -0.80 15.24
CA GLY A 89 -12.73 0.33 16.11
C GLY A 89 -11.48 1.11 16.47
N GLY A 90 -10.47 0.41 16.98
CA GLY A 90 -9.22 1.05 17.36
C GLY A 90 -8.05 0.45 16.59
N ALA A 91 -6.96 1.21 16.51
CA ALA A 91 -5.77 0.75 15.80
C ALA A 91 -4.50 1.12 16.57
N ALA A 92 -3.59 0.16 16.69
CA ALA A 92 -2.34 0.40 17.40
C ALA A 92 -2.61 0.78 18.85
N ARG A 93 -2.29 -0.15 19.75
CA ARG A 93 -2.51 0.08 21.18
C ARG A 93 -1.29 0.76 21.80
N ASP A 94 -0.15 0.08 21.73
CA ASP A 94 1.08 0.63 22.28
C ASP A 94 2.26 -0.30 21.97
N LYS A 95 3.24 0.24 21.24
CA LYS A 95 4.42 -0.54 20.88
C LYS A 95 5.46 -0.48 21.99
N MET A 1 -14.04 -1.99 9.58
CA MET A 1 -12.72 -2.12 8.90
C MET A 1 -12.89 -1.87 7.39
N THR A 2 -11.98 -1.10 6.82
CA THR A 2 -12.04 -0.79 5.40
C THR A 2 -10.76 -1.23 4.70
N LEU A 3 -10.89 -1.57 3.42
CA LEU A 3 -9.74 -2.01 2.63
C LEU A 3 -8.93 -0.80 2.14
N LEU A 4 -8.03 -1.04 1.18
CA LEU A 4 -7.20 0.04 0.65
C LEU A 4 -7.27 0.05 -0.89
N THR A 5 -6.84 1.16 -1.49
CA THR A 5 -6.88 1.27 -2.94
C THR A 5 -5.67 2.02 -3.49
N LEU A 6 -5.64 2.15 -4.82
CA LEU A 6 -4.56 2.86 -5.51
C LEU A 6 -4.45 4.28 -4.98
N SER A 7 -5.53 5.02 -5.17
CA SER A 7 -5.62 6.43 -4.73
C SER A 7 -5.02 6.62 -3.35
N ASP A 8 -5.43 5.73 -2.43
CA ASP A 8 -4.96 5.78 -1.06
C ASP A 8 -3.44 5.68 -0.98
N LEU A 9 -2.90 4.65 -1.62
CA LEU A 9 -1.45 4.44 -1.59
C LEU A 9 -0.72 5.63 -2.21
N LEU A 10 -1.23 6.12 -3.33
CA LEU A 10 -0.61 7.24 -4.03
C LEU A 10 -0.44 8.46 -3.12
N THR A 11 -1.55 8.96 -2.58
CA THR A 11 -1.52 10.15 -1.71
C THR A 11 -0.50 9.94 -0.57
N LEU A 12 -0.52 8.75 0.00
CA LEU A 12 0.40 8.43 1.08
C LEU A 12 1.83 8.45 0.55
N LEU A 13 2.00 7.81 -0.60
CA LEU A 13 3.32 7.75 -1.22
C LEU A 13 3.82 9.14 -1.59
N ARG A 14 2.96 9.93 -2.24
CA ARG A 14 3.36 11.28 -2.63
C ARG A 14 3.49 12.17 -1.39
N GLU A 15 2.69 11.88 -0.36
CA GLU A 15 2.75 12.66 0.88
C GLU A 15 4.12 12.51 1.51
N CYS A 16 4.55 11.27 1.70
CA CYS A 16 5.86 11.00 2.29
C CYS A 16 6.96 11.36 1.31
N ALA A 17 6.70 11.12 0.03
CA ALA A 17 7.67 11.42 -1.02
C ALA A 17 8.04 12.90 -1.00
N GLY A 18 7.10 13.74 -0.58
CA GLY A 18 7.33 15.18 -0.51
C GLY A 18 6.79 15.88 -1.75
N GLU A 19 5.70 15.33 -2.30
CA GLU A 19 5.08 15.91 -3.49
C GLU A 19 3.74 16.52 -3.14
N GLU A 20 3.30 17.47 -3.96
CA GLU A 20 2.02 18.13 -3.73
C GLU A 20 1.01 17.69 -4.79
N GLU A 21 0.61 16.42 -4.72
CA GLU A 21 -0.35 15.86 -5.67
C GLU A 21 -0.62 14.39 -5.35
N SER A 22 -1.90 14.03 -5.36
CA SER A 22 -2.31 12.66 -5.07
C SER A 22 -1.96 11.73 -6.22
N ILE A 23 -2.61 11.94 -7.36
CA ILE A 23 -2.37 11.10 -8.52
C ILE A 23 -1.80 11.91 -9.68
N ASP A 24 -0.52 12.25 -9.57
CA ASP A 24 0.16 13.01 -10.61
C ASP A 24 1.04 12.07 -11.42
N LEU A 25 1.64 11.11 -10.73
CA LEU A 25 2.50 10.12 -11.37
C LEU A 25 1.95 8.72 -11.16
N GLY A 26 0.63 8.62 -11.07
CA GLY A 26 -0.02 7.34 -10.85
C GLY A 26 -1.20 7.15 -11.81
N GLY A 27 -1.20 7.88 -12.92
CA GLY A 27 -2.28 7.78 -13.89
C GLY A 27 -2.17 6.47 -14.67
N ASP A 28 -0.95 5.98 -14.84
CA ASP A 28 -0.73 4.73 -15.57
C ASP A 28 0.62 4.12 -15.19
N VAL A 29 0.80 3.90 -13.88
CA VAL A 29 2.05 3.32 -13.37
C VAL A 29 1.76 2.46 -12.15
N GLU A 30 0.56 1.88 -12.12
CA GLU A 30 0.16 1.03 -11.01
C GLU A 30 0.82 -0.35 -11.12
N ASP A 31 1.08 -0.76 -12.35
CA ASP A 31 1.71 -2.05 -12.58
C ASP A 31 3.17 -1.88 -13.00
N VAL A 32 3.77 -0.75 -12.62
CA VAL A 32 5.16 -0.49 -12.95
C VAL A 32 5.99 -0.50 -11.67
N ALA A 33 7.20 -1.07 -11.76
CA ALA A 33 8.08 -1.16 -10.59
C ALA A 33 8.31 0.21 -9.95
N PHE A 34 8.51 0.21 -8.63
CA PHE A 34 8.75 1.45 -7.89
C PHE A 34 9.95 2.21 -8.47
N ASP A 35 10.90 1.46 -9.03
CA ASP A 35 12.10 2.08 -9.61
C ASP A 35 11.71 3.01 -10.75
N ALA A 36 10.73 2.59 -11.54
CA ALA A 36 10.27 3.41 -12.66
C ALA A 36 9.49 4.62 -12.15
N LEU A 37 8.67 4.40 -11.13
CA LEU A 37 7.86 5.48 -10.56
C LEU A 37 8.77 6.60 -10.05
N GLY A 38 9.92 6.23 -9.54
CA GLY A 38 10.88 7.21 -9.03
C GLY A 38 11.04 7.10 -7.52
N TYR A 39 10.71 5.93 -6.97
CA TYR A 39 10.84 5.72 -5.52
C TYR A 39 12.13 4.97 -5.20
N ASP A 40 12.79 5.39 -4.14
CA ASP A 40 14.03 4.74 -3.72
C ASP A 40 13.72 3.51 -2.88
N SER A 41 13.27 3.76 -1.67
CA SER A 41 12.91 2.69 -0.73
C SER A 41 12.53 3.29 0.60
N LEU A 42 13.32 4.27 1.03
CA LEU A 42 13.08 4.96 2.30
C LEU A 42 11.68 5.57 2.31
N ALA A 43 11.23 6.02 1.15
CA ALA A 43 9.91 6.62 1.03
C ALA A 43 8.84 5.55 1.18
N LEU A 44 9.04 4.43 0.49
CA LEU A 44 8.08 3.33 0.55
C LEU A 44 8.03 2.77 1.96
N LEU A 45 9.20 2.66 2.58
CA LEU A 45 9.31 2.15 3.94
C LEU A 45 8.40 2.95 4.89
N ASN A 46 8.47 4.26 4.75
CA ASN A 46 7.67 5.15 5.59
C ASN A 46 6.19 5.00 5.27
N THR A 47 5.84 5.18 3.99
CA THR A 47 4.45 5.08 3.56
C THR A 47 3.83 3.75 3.97
N VAL A 48 4.53 2.66 3.67
CA VAL A 48 4.04 1.32 4.02
C VAL A 48 3.84 1.22 5.54
N GLY A 49 4.67 1.92 6.29
CA GLY A 49 4.56 1.91 7.74
C GLY A 49 3.21 2.47 8.17
N ARG A 50 2.77 3.50 7.45
CA ARG A 50 1.49 4.14 7.75
C ARG A 50 0.35 3.16 7.45
N ILE A 51 0.51 2.40 6.38
CA ILE A 51 -0.51 1.42 6.00
C ILE A 51 -0.66 0.35 7.07
N GLU A 52 0.47 -0.27 7.41
CA GLU A 52 0.46 -1.32 8.40
C GLU A 52 -0.07 -0.82 9.75
N ARG A 53 0.03 0.48 9.99
CA ARG A 53 -0.45 1.04 11.24
C ARG A 53 -1.90 1.53 11.13
N ASP A 54 -2.17 2.25 10.05
CA ASP A 54 -3.50 2.80 9.83
C ASP A 54 -4.48 1.68 9.45
N TYR A 55 -4.00 0.71 8.70
CA TYR A 55 -4.84 -0.41 8.27
C TYR A 55 -4.66 -1.63 9.17
N GLY A 56 -3.51 -1.71 9.84
CA GLY A 56 -3.24 -2.85 10.72
C GLY A 56 -2.96 -4.11 9.90
N VAL A 57 -2.19 -3.94 8.83
CA VAL A 57 -1.84 -5.07 7.96
C VAL A 57 -0.44 -5.58 8.29
N GLN A 58 -0.29 -6.90 8.27
CA GLN A 58 1.01 -7.50 8.57
C GLN A 58 0.97 -9.03 8.43
N LEU A 59 0.69 -9.50 7.21
CA LEU A 59 0.64 -10.94 6.96
C LEU A 59 2.04 -11.50 6.80
N GLY A 60 2.92 -10.68 6.23
CA GLY A 60 4.31 -11.10 6.02
C GLY A 60 5.23 -9.89 5.92
N ASP A 61 6.21 -9.84 6.80
CA ASP A 61 7.16 -8.73 6.82
C ASP A 61 7.92 -8.63 5.50
N ASP A 62 8.10 -9.78 4.85
CA ASP A 62 8.83 -9.79 3.58
C ASP A 62 7.95 -9.34 2.41
N ALA A 63 6.70 -9.00 2.69
CA ALA A 63 5.80 -8.52 1.65
C ALA A 63 6.38 -7.28 0.99
N VAL A 64 7.09 -6.49 1.79
CA VAL A 64 7.73 -5.28 1.29
C VAL A 64 8.80 -5.65 0.27
N GLU A 65 9.41 -6.82 0.46
CA GLU A 65 10.46 -7.27 -0.46
C GLU A 65 9.84 -7.62 -1.81
N LYS A 66 8.70 -8.29 -1.78
CA LYS A 66 8.01 -8.68 -3.01
C LYS A 66 7.32 -7.48 -3.63
N ALA A 67 6.87 -6.55 -2.79
CA ALA A 67 6.18 -5.35 -3.27
C ALA A 67 7.08 -4.56 -4.22
N THR A 68 6.94 -4.83 -5.51
CA THR A 68 7.71 -4.13 -6.54
C THR A 68 6.85 -3.05 -7.19
N THR A 69 5.54 -3.30 -7.22
CA THR A 69 4.59 -2.35 -7.78
C THR A 69 3.78 -1.75 -6.64
N PRO A 70 3.13 -0.59 -6.83
CA PRO A 70 2.32 0.01 -5.78
C PRO A 70 1.08 -0.84 -5.49
N ARG A 71 0.60 -1.52 -6.51
CA ARG A 71 -0.56 -2.39 -6.37
C ARG A 71 -0.21 -3.57 -5.46
N ALA A 72 1.06 -3.96 -5.46
CA ALA A 72 1.51 -5.07 -4.61
C ALA A 72 1.24 -4.74 -3.15
N LEU A 73 1.70 -3.56 -2.73
CA LEU A 73 1.48 -3.11 -1.36
C LEU A 73 -0.01 -3.07 -1.05
N ILE A 74 -0.79 -2.56 -2.01
CA ILE A 74 -2.24 -2.49 -1.84
C ILE A 74 -2.81 -3.90 -1.71
N GLU A 75 -2.25 -4.82 -2.50
CA GLU A 75 -2.70 -6.21 -2.46
C GLU A 75 -2.49 -6.79 -1.08
N MET A 76 -1.29 -6.60 -0.56
CA MET A 76 -0.94 -7.10 0.77
C MET A 76 -1.84 -6.42 1.82
N THR A 77 -2.04 -5.12 1.63
CA THR A 77 -2.86 -4.35 2.56
C THR A 77 -4.30 -4.88 2.55
N ASN A 78 -4.82 -5.14 1.35
CA ASN A 78 -6.19 -5.62 1.22
C ASN A 78 -6.29 -7.09 1.61
N ALA A 79 -5.26 -7.84 1.28
CA ALA A 79 -5.21 -9.27 1.58
C ALA A 79 -5.36 -9.53 3.07
N SER A 80 -4.82 -8.61 3.85
CA SER A 80 -4.88 -8.74 5.30
C SER A 80 -6.24 -8.27 5.81
N LEU A 81 -6.70 -7.15 5.26
CA LEU A 81 -7.98 -6.59 5.67
C LEU A 81 -9.14 -7.49 5.23
N THR A 82 -9.13 -7.87 3.96
CA THR A 82 -10.19 -8.74 3.44
C THR A 82 -9.95 -10.19 3.87
N GLY A 83 -8.68 -10.53 4.10
CA GLY A 83 -8.32 -11.89 4.52
C GLY A 83 -8.98 -12.24 5.86
N ALA A 84 -9.27 -11.22 6.65
CA ALA A 84 -9.89 -11.44 7.96
C ALA A 84 -11.22 -12.18 7.81
N SER A 85 -12.19 -11.51 7.21
CA SER A 85 -13.51 -12.12 6.99
C SER A 85 -14.50 -11.08 6.43
N PRO A 86 -14.68 -9.93 7.12
CA PRO A 86 -15.61 -8.89 6.64
C PRO A 86 -15.02 -8.04 5.52
N SER A 87 -15.89 -7.33 4.81
CA SER A 87 -15.45 -6.47 3.72
C SER A 87 -16.23 -5.16 3.73
N ALA A 88 -15.58 -4.12 4.26
CA ALA A 88 -16.21 -2.79 4.33
C ALA A 88 -17.44 -2.83 5.25
N GLY A 89 -17.54 -1.83 6.12
CA GLY A 89 -18.66 -1.77 7.06
C GLY A 89 -19.92 -1.24 6.35
N GLY A 90 -21.02 -1.23 7.09
CA GLY A 90 -22.28 -0.74 6.53
C GLY A 90 -22.52 0.72 6.89
N ALA A 91 -22.32 1.04 8.16
CA ALA A 91 -22.50 2.42 8.63
C ALA A 91 -21.53 3.35 7.92
N ALA A 92 -20.26 3.22 8.27
CA ALA A 92 -19.22 4.06 7.68
C ALA A 92 -18.38 3.24 6.70
N ARG A 93 -18.55 3.54 5.41
CA ARG A 93 -17.81 2.84 4.37
C ARG A 93 -17.32 3.85 3.33
N ASP A 94 -17.07 3.40 2.11
CA ASP A 94 -16.59 4.29 1.05
C ASP A 94 -17.60 4.33 -0.09
N LYS A 95 -18.53 5.28 -0.01
CA LYS A 95 -19.56 5.43 -1.04
C LYS A 95 -20.40 4.16 -1.15
N MET A 1 -9.91 -3.23 9.84
CA MET A 1 -9.93 -1.93 9.11
C MET A 1 -10.37 -2.16 7.66
N THR A 2 -10.84 -1.10 7.03
CA THR A 2 -11.29 -1.19 5.64
C THR A 2 -10.12 -1.50 4.73
N LEU A 3 -10.41 -2.13 3.59
CA LEU A 3 -9.37 -2.48 2.62
C LEU A 3 -8.64 -1.22 2.14
N LEU A 4 -7.88 -1.35 1.05
CA LEU A 4 -7.13 -0.22 0.52
C LEU A 4 -7.45 0.00 -0.95
N THR A 5 -6.86 1.05 -1.53
CA THR A 5 -7.09 1.34 -2.94
C THR A 5 -5.94 2.14 -3.53
N LEU A 6 -6.01 2.35 -4.84
CA LEU A 6 -4.98 3.11 -5.55
C LEU A 6 -4.86 4.50 -4.97
N SER A 7 -5.99 5.22 -4.97
CA SER A 7 -6.05 6.59 -4.44
C SER A 7 -5.37 6.69 -3.07
N ASP A 8 -5.55 5.66 -2.27
CA ASP A 8 -4.95 5.63 -0.93
C ASP A 8 -3.44 5.70 -1.02
N LEU A 9 -2.85 4.79 -1.79
CA LEU A 9 -1.38 4.75 -1.94
C LEU A 9 -0.85 6.08 -2.45
N LEU A 10 -1.55 6.67 -3.43
CA LEU A 10 -1.11 7.94 -4.02
C LEU A 10 -0.89 9.00 -2.94
N THR A 11 -1.95 9.29 -2.18
CA THR A 11 -1.88 10.28 -1.11
C THR A 11 -0.76 9.97 -0.13
N LEU A 12 -0.70 8.72 0.32
CA LEU A 12 0.34 8.30 1.26
C LEU A 12 1.72 8.53 0.65
N LEU A 13 1.90 8.02 -0.56
CA LEU A 13 3.16 8.19 -1.28
C LEU A 13 3.43 9.67 -1.49
N ARG A 14 2.35 10.42 -1.72
CA ARG A 14 2.45 11.86 -1.93
C ARG A 14 2.98 12.51 -0.66
N GLU A 15 2.50 12.02 0.48
CA GLU A 15 2.94 12.54 1.77
C GLU A 15 4.39 12.16 2.00
N CYS A 16 4.70 10.89 1.75
CA CYS A 16 6.06 10.38 1.91
C CYS A 16 7.05 11.19 1.07
N ALA A 17 6.82 11.18 -0.23
CA ALA A 17 7.68 11.91 -1.15
C ALA A 17 7.65 13.40 -0.85
N GLY A 18 6.44 13.90 -0.57
CA GLY A 18 6.28 15.33 -0.26
C GLY A 18 5.89 16.13 -1.49
N GLU A 19 5.42 15.46 -2.54
CA GLU A 19 5.01 16.14 -3.75
C GLU A 19 3.70 16.90 -3.52
N GLU A 20 3.18 17.49 -4.60
CA GLU A 20 1.93 18.25 -4.49
C GLU A 20 0.83 17.61 -5.34
N GLU A 21 0.69 16.29 -5.23
CA GLU A 21 -0.33 15.58 -5.98
C GLU A 21 -0.25 14.07 -5.69
N SER A 22 -1.29 13.35 -6.07
CA SER A 22 -1.34 11.90 -5.85
C SER A 22 -0.17 11.23 -6.57
N ILE A 23 -0.31 11.06 -7.87
CA ILE A 23 0.74 10.43 -8.67
C ILE A 23 1.09 11.32 -9.86
N ASP A 24 1.79 12.40 -9.57
CA ASP A 24 2.18 13.34 -10.61
C ASP A 24 3.27 12.74 -11.51
N LEU A 25 4.02 11.79 -10.97
CA LEU A 25 5.09 11.16 -11.75
C LEU A 25 4.85 9.65 -11.88
N GLY A 26 3.61 9.27 -12.14
CA GLY A 26 3.27 7.86 -12.30
C GLY A 26 1.85 7.69 -12.80
N GLY A 27 1.43 8.57 -13.72
CA GLY A 27 0.08 8.51 -14.28
C GLY A 27 -0.29 7.09 -14.71
N ASP A 28 0.56 6.48 -15.52
CA ASP A 28 0.31 5.12 -16.01
C ASP A 28 1.50 4.21 -15.69
N VAL A 29 1.61 3.81 -14.42
CA VAL A 29 2.69 2.94 -14.00
C VAL A 29 2.31 2.14 -12.75
N GLU A 30 1.01 1.89 -12.61
CA GLU A 30 0.52 1.13 -11.46
C GLU A 30 1.10 -0.30 -11.45
N ASP A 31 1.55 -0.74 -12.61
CA ASP A 31 2.13 -2.08 -12.74
C ASP A 31 3.61 -2.00 -13.11
N VAL A 32 4.24 -0.86 -12.79
CA VAL A 32 5.67 -0.68 -13.07
C VAL A 32 6.44 -0.69 -11.76
N ALA A 33 7.65 -1.24 -11.79
CA ALA A 33 8.47 -1.32 -10.58
C ALA A 33 8.67 0.07 -9.96
N PHE A 34 8.83 0.08 -8.64
CA PHE A 34 9.04 1.32 -7.89
C PHE A 34 10.19 2.14 -8.48
N ASP A 35 11.25 1.45 -8.91
CA ASP A 35 12.41 2.12 -9.49
C ASP A 35 12.00 2.97 -10.69
N ALA A 36 10.97 2.54 -11.39
CA ALA A 36 10.49 3.27 -12.56
C ALA A 36 9.65 4.47 -12.14
N LEU A 37 8.80 4.26 -11.13
CA LEU A 37 7.94 5.34 -10.64
C LEU A 37 8.79 6.46 -10.05
N GLY A 38 9.92 6.10 -9.46
CA GLY A 38 10.81 7.08 -8.86
C GLY A 38 11.12 6.73 -7.40
N TYR A 39 10.53 5.64 -6.89
CA TYR A 39 10.77 5.24 -5.50
C TYR A 39 11.91 4.23 -5.45
N ASP A 40 12.44 4.02 -4.25
CA ASP A 40 13.53 3.07 -4.07
C ASP A 40 13.13 1.97 -3.09
N SER A 41 12.76 2.39 -1.89
CA SER A 41 12.34 1.46 -0.84
C SER A 41 12.19 2.21 0.47
N LEU A 42 13.08 3.18 0.69
CA LEU A 42 13.06 4.00 1.90
C LEU A 42 11.69 4.69 2.02
N ALA A 43 11.28 5.37 0.96
CA ALA A 43 9.99 6.05 0.97
C ALA A 43 8.87 5.04 1.06
N LEU A 44 9.09 3.86 0.47
CA LEU A 44 8.10 2.80 0.50
C LEU A 44 7.90 2.34 1.94
N LEU A 45 9.00 2.18 2.64
CA LEU A 45 8.97 1.74 4.05
C LEU A 45 8.13 2.72 4.88
N ASN A 46 8.31 4.01 4.60
CA ASN A 46 7.58 5.04 5.33
C ASN A 46 6.09 4.96 5.01
N THR A 47 5.77 4.97 3.73
CA THR A 47 4.36 4.89 3.30
C THR A 47 3.71 3.61 3.82
N VAL A 48 4.37 2.49 3.57
CA VAL A 48 3.86 1.18 4.02
C VAL A 48 3.73 1.17 5.54
N GLY A 49 4.63 1.89 6.21
CA GLY A 49 4.59 1.97 7.66
C GLY A 49 3.27 2.58 8.13
N ARG A 50 2.82 3.57 7.37
CA ARG A 50 1.57 4.24 7.68
C ARG A 50 0.40 3.28 7.48
N ILE A 51 0.54 2.40 6.49
CA ILE A 51 -0.50 1.42 6.21
C ILE A 51 -0.61 0.43 7.36
N GLU A 52 0.51 -0.21 7.68
CA GLU A 52 0.52 -1.18 8.77
C GLU A 52 0.04 -0.57 10.08
N ARG A 53 0.15 0.75 10.20
CA ARG A 53 -0.28 1.42 11.41
C ARG A 53 -1.73 1.90 11.30
N ASP A 54 -2.04 2.56 10.19
CA ASP A 54 -3.40 3.07 9.97
C ASP A 54 -4.38 1.93 9.73
N TYR A 55 -3.91 0.89 9.05
CA TYR A 55 -4.76 -0.26 8.76
C TYR A 55 -4.59 -1.34 9.82
N GLY A 56 -3.41 -1.37 10.45
CA GLY A 56 -3.14 -2.36 11.49
C GLY A 56 -3.02 -3.75 10.88
N VAL A 57 -2.38 -3.82 9.71
CA VAL A 57 -2.21 -5.09 9.02
C VAL A 57 -0.73 -5.49 8.99
N GLN A 58 -0.48 -6.77 8.72
CA GLN A 58 0.89 -7.28 8.67
C GLN A 58 0.91 -8.76 8.35
N LEU A 59 0.93 -9.08 7.05
CA LEU A 59 0.96 -10.48 6.62
C LEU A 59 2.38 -11.03 6.73
N GLY A 60 3.35 -10.17 6.51
CA GLY A 60 4.75 -10.57 6.58
C GLY A 60 5.68 -9.39 6.33
N ASP A 61 6.69 -9.25 7.18
CA ASP A 61 7.65 -8.15 7.05
C ASP A 61 8.29 -8.13 5.66
N ASP A 62 8.34 -9.30 5.02
CA ASP A 62 8.92 -9.39 3.69
C ASP A 62 7.95 -8.90 2.61
N ALA A 63 6.76 -8.47 3.01
CA ALA A 63 5.78 -7.96 2.05
C ALA A 63 6.37 -6.79 1.28
N VAL A 64 7.22 -6.02 1.97
CA VAL A 64 7.88 -4.88 1.34
C VAL A 64 8.85 -5.35 0.26
N GLU A 65 9.39 -6.56 0.46
CA GLU A 65 10.34 -7.12 -0.51
C GLU A 65 9.62 -7.45 -1.82
N LYS A 66 8.59 -8.29 -1.71
CA LYS A 66 7.82 -8.69 -2.89
C LYS A 66 7.18 -7.48 -3.55
N ALA A 67 6.76 -6.52 -2.72
CA ALA A 67 6.12 -5.31 -3.22
C ALA A 67 7.07 -4.54 -4.13
N THR A 68 6.90 -4.74 -5.44
CA THR A 68 7.73 -4.05 -6.42
C THR A 68 6.94 -2.95 -7.12
N THR A 69 5.62 -3.13 -7.16
CA THR A 69 4.73 -2.15 -7.78
C THR A 69 3.79 -1.57 -6.72
N PRO A 70 3.05 -0.50 -7.04
CA PRO A 70 2.10 0.09 -6.09
C PRO A 70 0.92 -0.85 -5.86
N ARG A 71 0.52 -1.51 -6.93
CA ARG A 71 -0.57 -2.48 -6.85
C ARG A 71 -0.20 -3.61 -5.90
N ALA A 72 1.11 -3.85 -5.74
CA ALA A 72 1.59 -4.91 -4.84
C ALA A 72 1.21 -4.57 -3.41
N LEU A 73 1.67 -3.41 -2.95
CA LEU A 73 1.37 -2.96 -1.59
C LEU A 73 -0.14 -2.94 -1.36
N ILE A 74 -0.85 -2.36 -2.30
CA ILE A 74 -2.31 -2.29 -2.21
C ILE A 74 -2.89 -3.70 -2.19
N GLU A 75 -2.32 -4.58 -3.00
CA GLU A 75 -2.79 -5.96 -3.05
C GLU A 75 -2.48 -6.68 -1.75
N MET A 76 -1.26 -6.52 -1.27
CA MET A 76 -0.85 -7.16 -0.02
C MET A 76 -1.68 -6.62 1.14
N THR A 77 -2.02 -5.34 1.07
CA THR A 77 -2.81 -4.71 2.11
C THR A 77 -4.24 -5.24 2.06
N ASN A 78 -4.86 -5.17 0.88
CA ASN A 78 -6.23 -5.65 0.72
C ASN A 78 -6.33 -7.11 1.12
N ALA A 79 -5.25 -7.84 0.85
CA ALA A 79 -5.19 -9.26 1.19
C ALA A 79 -5.18 -9.44 2.70
N SER A 80 -4.56 -8.47 3.37
CA SER A 80 -4.48 -8.51 4.82
C SER A 80 -5.82 -8.14 5.44
N LEU A 81 -6.45 -7.11 4.89
CA LEU A 81 -7.75 -6.68 5.40
C LEU A 81 -8.81 -7.74 5.12
N THR A 82 -8.84 -8.23 3.88
CA THR A 82 -9.82 -9.25 3.51
C THR A 82 -9.58 -10.53 4.29
N GLY A 83 -8.31 -10.78 4.64
CA GLY A 83 -7.95 -11.98 5.39
C GLY A 83 -8.72 -12.06 6.71
N ALA A 84 -9.08 -10.90 7.24
CA ALA A 84 -9.83 -10.84 8.49
C ALA A 84 -10.90 -9.75 8.43
N SER A 85 -11.86 -9.95 7.53
CA SER A 85 -12.94 -8.98 7.37
C SER A 85 -13.87 -9.01 8.60
N PRO A 86 -13.92 -7.92 9.39
CA PRO A 86 -14.78 -7.87 10.59
C PRO A 86 -16.23 -7.53 10.26
N SER A 87 -16.41 -6.54 9.38
CA SER A 87 -17.75 -6.11 8.99
C SER A 87 -18.47 -7.24 8.26
N ALA A 88 -19.79 -7.12 8.17
CA ALA A 88 -20.59 -8.14 7.49
C ALA A 88 -21.67 -7.48 6.64
N GLY A 89 -22.57 -8.30 6.10
CA GLY A 89 -23.65 -7.81 5.27
C GLY A 89 -24.69 -7.08 6.12
N GLY A 90 -25.38 -7.84 6.96
CA GLY A 90 -26.41 -7.27 7.83
C GLY A 90 -27.59 -8.21 7.97
N ALA A 91 -28.32 -8.07 9.07
CA ALA A 91 -29.48 -8.93 9.32
C ALA A 91 -30.22 -8.48 10.58
N ALA A 92 -30.26 -7.15 10.79
CA ALA A 92 -30.93 -6.60 11.96
C ALA A 92 -30.27 -7.10 13.25
N ARG A 93 -28.94 -7.24 13.19
CA ARG A 93 -28.19 -7.72 14.35
C ARG A 93 -28.35 -6.75 15.52
N ASP A 94 -28.14 -5.46 15.25
CA ASP A 94 -28.26 -4.44 16.28
C ASP A 94 -28.19 -3.04 15.67
N LYS A 95 -27.06 -2.74 15.04
CA LYS A 95 -26.88 -1.44 14.41
C LYS A 95 -26.60 -1.60 12.92
N MET A 1 -9.29 -4.90 8.79
CA MET A 1 -10.10 -3.71 9.20
C MET A 1 -10.22 -2.74 8.04
N THR A 2 -11.21 -2.97 7.18
CA THR A 2 -11.43 -2.12 6.02
C THR A 2 -10.24 -2.18 5.06
N LEU A 3 -10.55 -2.29 3.77
CA LEU A 3 -9.49 -2.37 2.75
C LEU A 3 -9.10 -0.96 2.30
N LEU A 4 -8.29 -0.88 1.25
CA LEU A 4 -7.84 0.41 0.75
C LEU A 4 -8.04 0.51 -0.76
N THR A 5 -7.32 1.45 -1.40
CA THR A 5 -7.43 1.64 -2.83
C THR A 5 -6.16 2.24 -3.41
N LEU A 6 -6.14 2.36 -4.73
CA LEU A 6 -4.98 2.93 -5.42
C LEU A 6 -4.76 4.37 -5.00
N SER A 7 -5.86 5.13 -4.94
CA SER A 7 -5.80 6.53 -4.54
C SER A 7 -5.20 6.69 -3.15
N ASP A 8 -5.42 5.67 -2.32
CA ASP A 8 -4.89 5.70 -0.95
C ASP A 8 -3.38 5.58 -0.95
N LEU A 9 -2.88 4.43 -1.40
CA LEU A 9 -1.43 4.20 -1.44
C LEU A 9 -0.73 5.28 -2.25
N LEU A 10 -1.43 5.83 -3.23
CA LEU A 10 -0.86 6.87 -4.09
C LEU A 10 -0.50 8.12 -3.29
N THR A 11 -1.52 8.74 -2.69
CA THR A 11 -1.31 9.96 -1.90
C THR A 11 -0.23 9.77 -0.83
N LEU A 12 -0.29 8.63 -0.14
CA LEU A 12 0.69 8.34 0.90
C LEU A 12 2.09 8.28 0.30
N LEU A 13 2.17 7.65 -0.87
CA LEU A 13 3.45 7.51 -1.55
C LEU A 13 3.97 8.89 -1.94
N ARG A 14 3.16 9.64 -2.68
CA ARG A 14 3.57 10.98 -3.10
C ARG A 14 3.78 11.87 -1.88
N GLU A 15 3.02 11.60 -0.81
CA GLU A 15 3.16 12.37 0.42
C GLU A 15 4.57 12.20 0.97
N CYS A 16 4.99 10.95 1.07
CA CYS A 16 6.33 10.65 1.57
C CYS A 16 7.37 11.12 0.57
N ALA A 17 7.03 10.96 -0.71
CA ALA A 17 7.93 11.37 -1.79
C ALA A 17 8.34 12.82 -1.64
N GLY A 18 7.47 13.62 -1.01
CA GLY A 18 7.75 15.03 -0.81
C GLY A 18 6.98 15.90 -1.81
N GLU A 19 5.83 15.39 -2.25
CA GLU A 19 5.01 16.12 -3.20
C GLU A 19 3.53 15.95 -2.87
N GLU A 20 2.68 16.69 -3.57
CA GLU A 20 1.25 16.62 -3.33
C GLU A 20 0.50 16.31 -4.64
N GLU A 21 0.57 15.05 -5.05
CA GLU A 21 -0.09 14.63 -6.28
C GLU A 21 -0.07 13.10 -6.39
N SER A 22 -1.25 12.52 -6.63
CA SER A 22 -1.35 11.06 -6.75
C SER A 22 -0.50 10.57 -7.92
N ILE A 23 -1.02 10.71 -9.14
CA ILE A 23 -0.31 10.28 -10.33
C ILE A 23 -0.08 11.47 -11.27
N ASP A 24 0.85 12.33 -10.89
CA ASP A 24 1.16 13.50 -11.69
C ASP A 24 2.55 13.41 -12.32
N LEU A 25 3.41 12.57 -11.73
CA LEU A 25 4.76 12.40 -12.25
C LEU A 25 4.85 11.21 -13.20
N GLY A 26 3.84 11.06 -14.05
CA GLY A 26 3.81 9.96 -15.01
C GLY A 26 2.40 9.70 -15.51
N GLY A 27 1.41 10.01 -14.68
CA GLY A 27 0.01 9.80 -15.05
C GLY A 27 -0.26 8.33 -15.37
N ASP A 28 0.60 7.44 -14.86
CA ASP A 28 0.44 6.01 -15.10
C ASP A 28 1.59 5.25 -14.46
N VAL A 29 1.37 4.77 -13.24
CA VAL A 29 2.40 4.03 -12.52
C VAL A 29 1.78 3.03 -11.55
N GLU A 30 0.64 2.47 -11.94
CA GLU A 30 -0.04 1.49 -11.10
C GLU A 30 0.57 0.10 -11.27
N ASP A 31 1.13 -0.15 -12.46
CA ASP A 31 1.74 -1.43 -12.76
C ASP A 31 3.22 -1.26 -13.08
N VAL A 32 3.82 -0.20 -12.54
CA VAL A 32 5.24 0.05 -12.76
C VAL A 32 5.97 -0.03 -11.42
N ALA A 33 7.14 -0.67 -11.42
CA ALA A 33 7.92 -0.83 -10.20
C ALA A 33 8.24 0.53 -9.58
N PHE A 34 8.32 0.54 -8.24
CA PHE A 34 8.62 1.78 -7.51
C PHE A 34 9.93 2.40 -8.00
N ASP A 35 10.89 1.56 -8.33
CA ASP A 35 12.19 2.04 -8.81
C ASP A 35 12.01 2.81 -10.12
N ALA A 36 11.13 2.30 -10.97
CA ALA A 36 10.88 2.95 -12.26
C ALA A 36 10.25 4.33 -12.04
N LEU A 37 9.40 4.43 -11.03
CA LEU A 37 8.75 5.70 -10.73
C LEU A 37 9.77 6.71 -10.23
N GLY A 38 10.73 6.22 -9.46
CA GLY A 38 11.78 7.09 -8.92
C GLY A 38 11.94 6.92 -7.41
N TYR A 39 11.14 6.03 -6.80
CA TYR A 39 11.24 5.82 -5.36
C TYR A 39 12.51 5.04 -5.02
N ASP A 40 13.05 5.29 -3.83
CA ASP A 40 14.26 4.60 -3.41
C ASP A 40 13.89 3.35 -2.63
N SER A 41 13.30 3.57 -1.46
CA SER A 41 12.87 2.48 -0.59
C SER A 41 12.49 3.05 0.77
N LEU A 42 13.34 3.95 1.26
CA LEU A 42 13.11 4.60 2.55
C LEU A 42 11.72 5.22 2.62
N ALA A 43 11.35 5.91 1.55
CA ALA A 43 10.04 6.55 1.50
C ALA A 43 8.94 5.50 1.56
N LEU A 44 9.14 4.42 0.81
CA LEU A 44 8.15 3.34 0.79
C LEU A 44 7.97 2.75 2.18
N LEU A 45 9.07 2.44 2.86
CA LEU A 45 8.98 1.85 4.21
C LEU A 45 8.08 2.71 5.10
N ASN A 46 8.30 4.02 5.05
CA ASN A 46 7.50 4.96 5.83
C ASN A 46 6.04 4.88 5.40
N THR A 47 5.81 5.03 4.10
CA THR A 47 4.44 4.98 3.56
C THR A 47 3.77 3.65 3.94
N VAL A 48 4.39 2.55 3.51
CA VAL A 48 3.87 1.21 3.79
C VAL A 48 3.65 1.02 5.29
N GLY A 49 4.49 1.69 6.08
CA GLY A 49 4.38 1.59 7.54
C GLY A 49 3.10 2.24 8.03
N ARG A 50 2.69 3.31 7.34
CA ARG A 50 1.48 4.03 7.71
C ARG A 50 0.25 3.18 7.45
N ILE A 51 0.18 2.58 6.26
CA ILE A 51 -0.98 1.74 5.92
C ILE A 51 -1.09 0.55 6.87
N GLU A 52 0.03 -0.15 7.07
CA GLU A 52 0.02 -1.30 7.96
C GLU A 52 -0.43 -0.90 9.37
N ARG A 53 -0.17 0.35 9.73
CA ARG A 53 -0.55 0.84 11.06
C ARG A 53 -1.99 1.33 11.05
N ASP A 54 -2.30 2.20 10.09
CA ASP A 54 -3.65 2.76 9.98
C ASP A 54 -4.66 1.66 9.68
N TYR A 55 -4.30 0.76 8.76
CA TYR A 55 -5.19 -0.33 8.39
C TYR A 55 -4.98 -1.53 9.32
N GLY A 56 -3.76 -1.67 9.84
CA GLY A 56 -3.46 -2.76 10.76
C GLY A 56 -3.01 -4.02 10.03
N VAL A 57 -2.30 -3.82 8.92
CA VAL A 57 -1.82 -4.96 8.13
C VAL A 57 -0.53 -5.50 8.73
N GLN A 58 -0.38 -6.82 8.70
CA GLN A 58 0.82 -7.46 9.25
C GLN A 58 0.93 -8.91 8.79
N LEU A 59 1.09 -9.09 7.48
CA LEU A 59 1.21 -10.44 6.92
C LEU A 59 2.66 -10.91 6.98
N GLY A 60 3.56 -10.04 6.56
CA GLY A 60 4.99 -10.37 6.57
C GLY A 60 5.82 -9.17 6.16
N ASP A 61 6.88 -8.91 6.93
CA ASP A 61 7.77 -7.79 6.66
C ASP A 61 8.34 -7.86 5.24
N ASP A 62 8.35 -9.06 4.66
CA ASP A 62 8.88 -9.23 3.31
C ASP A 62 7.89 -8.78 2.24
N ALA A 63 6.71 -8.31 2.67
CA ALA A 63 5.71 -7.82 1.71
C ALA A 63 6.29 -6.71 0.87
N VAL A 64 7.17 -5.93 1.50
CA VAL A 64 7.83 -4.82 0.80
C VAL A 64 8.76 -5.37 -0.28
N GLU A 65 9.30 -6.56 -0.05
CA GLU A 65 10.20 -7.18 -1.01
C GLU A 65 9.44 -7.53 -2.29
N LYS A 66 8.41 -8.36 -2.14
CA LYS A 66 7.60 -8.75 -3.29
C LYS A 66 6.87 -7.54 -3.87
N ALA A 67 6.50 -6.62 -2.98
CA ALA A 67 5.78 -5.42 -3.41
C ALA A 67 6.70 -4.53 -4.26
N THR A 68 6.52 -4.62 -5.57
CA THR A 68 7.32 -3.80 -6.49
C THR A 68 6.46 -2.68 -7.06
N THR A 69 5.17 -2.97 -7.24
CA THR A 69 4.23 -2.00 -7.77
C THR A 69 3.27 -1.56 -6.66
N PRO A 70 2.46 -0.52 -6.88
CA PRO A 70 1.51 -0.07 -5.85
C PRO A 70 0.39 -1.08 -5.66
N ARG A 71 -0.07 -1.67 -6.77
CA ARG A 71 -1.12 -2.68 -6.70
C ARG A 71 -0.66 -3.86 -5.83
N ALA A 72 0.66 -4.01 -5.67
CA ALA A 72 1.20 -5.10 -4.86
C ALA A 72 0.90 -4.83 -3.39
N LEU A 73 1.36 -3.67 -2.91
CA LEU A 73 1.14 -3.28 -1.52
C LEU A 73 -0.35 -3.26 -1.20
N ILE A 74 -1.13 -2.65 -2.08
CA ILE A 74 -2.58 -2.57 -1.89
C ILE A 74 -3.16 -3.98 -1.76
N GLU A 75 -2.59 -4.91 -2.50
CA GLU A 75 -3.07 -6.29 -2.47
C GLU A 75 -2.66 -6.97 -1.16
N MET A 76 -1.40 -6.82 -0.79
CA MET A 76 -0.91 -7.41 0.44
C MET A 76 -1.61 -6.77 1.63
N THR A 77 -1.80 -5.45 1.55
CA THR A 77 -2.46 -4.71 2.61
C THR A 77 -3.91 -5.18 2.76
N ASN A 78 -4.63 -5.20 1.65
CA ASN A 78 -6.02 -5.62 1.66
C ASN A 78 -6.14 -7.10 1.93
N ALA A 79 -5.20 -7.86 1.40
CA ALA A 79 -5.17 -9.31 1.58
C ALA A 79 -5.16 -9.66 3.06
N SER A 80 -4.50 -8.80 3.84
CA SER A 80 -4.42 -9.00 5.27
C SER A 80 -5.74 -8.60 5.92
N LEU A 81 -6.31 -7.50 5.44
CA LEU A 81 -7.58 -7.01 5.97
C LEU A 81 -8.69 -7.99 5.64
N THR A 82 -8.78 -8.35 4.36
CA THR A 82 -9.82 -9.29 3.92
C THR A 82 -9.64 -10.63 4.60
N GLY A 83 -8.39 -10.98 4.88
CA GLY A 83 -8.09 -12.26 5.53
C GLY A 83 -7.87 -12.07 7.02
N ALA A 84 -8.53 -11.05 7.58
CA ALA A 84 -8.40 -10.77 9.01
C ALA A 84 -9.59 -11.32 9.78
N SER A 85 -10.14 -12.43 9.28
CA SER A 85 -11.29 -13.05 9.92
C SER A 85 -10.93 -14.46 10.41
N PRO A 86 -10.32 -14.57 11.61
CA PRO A 86 -9.93 -15.88 12.17
C PRO A 86 -11.09 -16.58 12.88
N SER A 87 -11.57 -17.67 12.27
CA SER A 87 -12.67 -18.42 12.85
C SER A 87 -12.15 -19.64 13.59
N ALA A 88 -11.01 -19.48 14.26
CA ALA A 88 -10.41 -20.58 15.02
C ALA A 88 -10.05 -21.73 14.08
N GLY A 89 -8.75 -21.95 13.90
CA GLY A 89 -8.28 -23.02 13.03
C GLY A 89 -8.75 -24.38 13.53
N GLY A 90 -8.00 -24.96 14.46
CA GLY A 90 -8.35 -26.26 15.01
C GLY A 90 -8.00 -26.33 16.50
N ALA A 91 -8.17 -25.20 17.19
CA ALA A 91 -7.87 -25.14 18.62
C ALA A 91 -6.39 -25.44 18.85
N ALA A 92 -5.91 -25.06 20.04
CA ALA A 92 -4.51 -25.29 20.39
C ALA A 92 -4.38 -26.55 21.25
N ARG A 93 -5.40 -26.81 22.05
CA ARG A 93 -5.39 -27.99 22.92
C ARG A 93 -6.55 -28.92 22.57
N ASP A 94 -6.35 -29.72 21.53
CA ASP A 94 -7.38 -30.65 21.08
C ASP A 94 -7.18 -32.02 21.75
N LYS A 95 -6.07 -32.66 21.42
CA LYS A 95 -5.75 -33.96 21.99
C LYS A 95 -5.60 -33.86 23.50
N MET A 1 -11.19 -1.06 10.46
CA MET A 1 -10.23 -1.89 9.66
C MET A 1 -10.81 -2.17 8.28
N THR A 2 -10.55 -1.24 7.35
CA THR A 2 -11.05 -1.39 6.00
C THR A 2 -9.89 -1.44 5.01
N LEU A 3 -10.13 -2.08 3.86
CA LEU A 3 -9.10 -2.19 2.83
C LEU A 3 -8.66 -0.81 2.35
N LEU A 4 -7.84 -0.78 1.31
CA LEU A 4 -7.36 0.47 0.76
C LEU A 4 -7.57 0.52 -0.76
N THR A 5 -6.82 1.39 -1.43
CA THR A 5 -6.95 1.52 -2.88
C THR A 5 -5.68 2.09 -3.49
N LEU A 6 -5.68 2.22 -4.82
CA LEU A 6 -4.53 2.76 -5.53
C LEU A 6 -4.33 4.22 -5.17
N SER A 7 -5.45 4.94 -5.03
CA SER A 7 -5.40 6.35 -4.69
C SER A 7 -4.76 6.54 -3.32
N ASP A 8 -5.07 5.63 -2.40
CA ASP A 8 -4.53 5.69 -1.05
C ASP A 8 -3.00 5.55 -1.07
N LEU A 9 -2.53 4.54 -1.80
CA LEU A 9 -1.10 4.28 -1.90
C LEU A 9 -0.38 5.48 -2.51
N LEU A 10 -0.75 5.78 -3.76
CA LEU A 10 -0.15 6.89 -4.51
C LEU A 10 -0.06 8.17 -3.68
N THR A 11 -1.16 8.56 -3.05
CA THR A 11 -1.20 9.76 -2.25
C THR A 11 -0.17 9.72 -1.14
N LEU A 12 -0.23 8.66 -0.32
CA LEU A 12 0.71 8.50 0.79
C LEU A 12 2.14 8.54 0.31
N LEU A 13 2.41 7.73 -0.71
CA LEU A 13 3.76 7.67 -1.29
C LEU A 13 4.17 9.05 -1.80
N ARG A 14 3.19 9.80 -2.29
CA ARG A 14 3.44 11.13 -2.80
C ARG A 14 3.75 12.10 -1.67
N GLU A 15 2.83 12.20 -0.71
CA GLU A 15 3.03 13.09 0.43
C GLU A 15 4.32 12.72 1.17
N CYS A 16 4.69 11.45 1.08
CA CYS A 16 5.92 10.98 1.72
C CYS A 16 7.12 11.54 0.97
N ALA A 17 7.06 11.43 -0.35
CA ALA A 17 8.13 11.92 -1.21
C ALA A 17 8.33 13.42 -0.99
N GLY A 18 7.22 14.16 -0.97
CA GLY A 18 7.28 15.61 -0.76
C GLY A 18 6.10 16.31 -1.41
N GLU A 19 5.90 16.05 -2.70
CA GLU A 19 4.79 16.68 -3.43
C GLU A 19 3.45 16.26 -2.85
N GLU A 20 2.37 16.72 -3.49
CA GLU A 20 1.03 16.40 -3.04
C GLU A 20 0.15 16.05 -4.24
N GLU A 21 0.24 14.80 -4.67
CA GLU A 21 -0.54 14.31 -5.81
C GLU A 21 -0.48 12.78 -5.86
N SER A 22 -0.77 12.22 -7.03
CA SER A 22 -0.73 10.76 -7.17
C SER A 22 0.50 10.34 -7.98
N ILE A 23 0.39 10.37 -9.30
CA ILE A 23 1.50 10.02 -10.15
C ILE A 23 1.68 11.08 -11.23
N ASP A 24 2.15 12.23 -10.81
CA ASP A 24 2.37 13.35 -11.73
C ASP A 24 3.69 13.22 -12.49
N LEU A 25 4.60 12.38 -11.98
CA LEU A 25 5.89 12.21 -12.64
C LEU A 25 5.78 11.26 -13.83
N GLY A 26 4.81 10.36 -13.78
CA GLY A 26 4.63 9.38 -14.86
C GLY A 26 3.20 9.32 -15.37
N GLY A 27 2.24 9.59 -14.50
CA GLY A 27 0.84 9.55 -14.89
C GLY A 27 0.40 8.12 -15.15
N ASP A 28 -0.36 7.56 -14.21
CA ASP A 28 -0.84 6.18 -14.34
C ASP A 28 0.33 5.21 -14.37
N VAL A 29 0.59 4.57 -13.23
CA VAL A 29 1.68 3.61 -13.12
C VAL A 29 1.40 2.59 -12.02
N GLU A 30 0.19 2.03 -12.06
CA GLU A 30 -0.21 1.04 -11.07
C GLU A 30 0.52 -0.28 -11.27
N ASP A 31 0.98 -0.52 -12.50
CA ASP A 31 1.70 -1.76 -12.82
C ASP A 31 3.18 -1.50 -13.08
N VAL A 32 3.67 -0.33 -12.67
CA VAL A 32 5.08 0.00 -12.86
C VAL A 32 5.82 -0.11 -11.54
N ALA A 33 6.99 -0.75 -11.57
CA ALA A 33 7.78 -0.92 -10.34
C ALA A 33 8.14 0.42 -9.73
N PHE A 34 8.26 0.44 -8.40
CA PHE A 34 8.60 1.67 -7.67
C PHE A 34 9.91 2.27 -8.20
N ASP A 35 10.81 1.40 -8.62
CA ASP A 35 12.10 1.85 -9.15
C ASP A 35 11.91 2.72 -10.38
N ALA A 36 10.86 2.43 -11.15
CA ALA A 36 10.57 3.18 -12.35
C ALA A 36 9.84 4.48 -12.02
N LEU A 37 8.94 4.41 -11.03
CA LEU A 37 8.18 5.59 -10.62
C LEU A 37 9.13 6.69 -10.14
N GLY A 38 10.25 6.28 -9.55
CA GLY A 38 11.23 7.23 -9.04
C GLY A 38 11.34 7.16 -7.52
N TYR A 39 10.94 6.03 -6.94
CA TYR A 39 11.01 5.87 -5.49
C TYR A 39 12.31 5.20 -5.10
N ASP A 40 12.87 5.61 -3.96
CA ASP A 40 14.12 5.03 -3.49
C ASP A 40 13.84 3.79 -2.66
N SER A 41 13.27 4.02 -1.49
CA SER A 41 12.92 2.94 -0.57
C SER A 41 12.48 3.54 0.76
N LEU A 42 13.24 4.54 1.22
CA LEU A 42 12.92 5.23 2.47
C LEU A 42 11.49 5.73 2.48
N ALA A 43 11.03 6.16 1.30
CA ALA A 43 9.66 6.66 1.18
C ALA A 43 8.67 5.52 1.34
N LEU A 44 8.90 4.44 0.60
CA LEU A 44 8.04 3.27 0.67
C LEU A 44 8.01 2.71 2.08
N LEU A 45 9.20 2.66 2.68
CA LEU A 45 9.34 2.15 4.05
C LEU A 45 8.39 2.89 5.00
N ASN A 46 8.35 4.21 4.86
CA ASN A 46 7.48 5.03 5.70
C ASN A 46 6.02 4.80 5.33
N THR A 47 5.71 4.90 4.04
CA THR A 47 4.34 4.72 3.56
C THR A 47 3.79 3.36 4.01
N VAL A 48 4.63 2.34 3.95
CA VAL A 48 4.21 1.00 4.37
C VAL A 48 3.94 0.99 5.86
N GLY A 49 4.74 1.78 6.60
CA GLY A 49 4.58 1.86 8.04
C GLY A 49 3.25 2.52 8.41
N ARG A 50 2.84 3.49 7.58
CA ARG A 50 1.59 4.18 7.82
C ARG A 50 0.41 3.27 7.53
N ILE A 51 0.50 2.51 6.44
CA ILE A 51 -0.58 1.60 6.07
C ILE A 51 -0.69 0.47 7.10
N GLU A 52 0.44 -0.17 7.40
CA GLU A 52 0.44 -1.25 8.36
C GLU A 52 -0.01 -0.77 9.74
N ARG A 53 0.11 0.53 9.99
CA ARG A 53 -0.29 1.08 11.28
C ARG A 53 -1.72 1.61 11.23
N ASP A 54 -2.06 2.26 10.12
CA ASP A 54 -3.39 2.82 9.96
C ASP A 54 -4.40 1.72 9.63
N TYR A 55 -3.95 0.73 8.86
CA TYR A 55 -4.81 -0.38 8.48
C TYR A 55 -4.61 -1.58 9.41
N GLY A 56 -3.40 -1.69 9.97
CA GLY A 56 -3.11 -2.79 10.89
C GLY A 56 -2.89 -4.10 10.14
N VAL A 57 -2.25 -4.01 8.97
CA VAL A 57 -1.99 -5.22 8.18
C VAL A 57 -0.73 -5.92 8.69
N GLN A 58 -0.76 -7.25 8.69
CA GLN A 58 0.39 -8.03 9.16
C GLN A 58 0.37 -9.44 8.56
N LEU A 59 0.27 -9.50 7.24
CA LEU A 59 0.26 -10.79 6.54
C LEU A 59 1.67 -11.30 6.31
N GLY A 60 2.62 -10.37 6.17
CA GLY A 60 4.01 -10.75 5.95
C GLY A 60 4.91 -9.52 5.89
N ASP A 61 5.91 -9.49 6.77
CA ASP A 61 6.84 -8.36 6.82
C ASP A 61 7.57 -8.23 5.48
N ASP A 62 7.77 -9.35 4.80
CA ASP A 62 8.46 -9.34 3.51
C ASP A 62 7.53 -8.88 2.39
N ALA A 63 6.27 -8.59 2.71
CA ALA A 63 5.32 -8.12 1.70
C ALA A 63 5.86 -6.86 1.02
N VAL A 64 6.59 -6.07 1.80
CA VAL A 64 7.18 -4.84 1.27
C VAL A 64 8.31 -5.17 0.30
N GLU A 65 8.94 -6.33 0.51
CA GLU A 65 10.04 -6.75 -0.36
C GLU A 65 9.52 -7.09 -1.75
N LYS A 66 8.65 -8.10 -1.82
CA LYS A 66 8.08 -8.52 -3.09
C LYS A 66 7.32 -7.37 -3.75
N ALA A 67 6.73 -6.52 -2.91
CA ALA A 67 5.96 -5.37 -3.41
C ALA A 67 6.82 -4.49 -4.31
N THR A 68 6.67 -4.68 -5.62
CA THR A 68 7.41 -3.87 -6.59
C THR A 68 6.53 -2.77 -7.14
N THR A 69 5.24 -3.08 -7.27
CA THR A 69 4.27 -2.11 -7.77
C THR A 69 3.34 -1.69 -6.63
N PRO A 70 2.54 -0.64 -6.82
CA PRO A 70 1.61 -0.19 -5.77
C PRO A 70 0.48 -1.20 -5.58
N ARG A 71 0.09 -1.84 -6.68
CA ARG A 71 -0.94 -2.86 -6.63
C ARG A 71 -0.49 -4.02 -5.76
N ALA A 72 0.82 -4.21 -5.66
CA ALA A 72 1.37 -5.30 -4.84
C ALA A 72 1.04 -5.05 -3.38
N LEU A 73 1.47 -3.88 -2.88
CA LEU A 73 1.22 -3.52 -1.49
C LEU A 73 -0.28 -3.50 -1.22
N ILE A 74 -1.02 -2.86 -2.12
CA ILE A 74 -2.47 -2.78 -1.99
C ILE A 74 -3.08 -4.18 -1.87
N GLU A 75 -2.51 -5.13 -2.58
CA GLU A 75 -3.01 -6.50 -2.56
C GLU A 75 -2.61 -7.21 -1.27
N MET A 76 -1.33 -7.17 -0.95
CA MET A 76 -0.84 -7.82 0.26
C MET A 76 -1.49 -7.20 1.48
N THR A 77 -1.60 -5.88 1.46
CA THR A 77 -2.20 -5.15 2.58
C THR A 77 -3.69 -5.49 2.71
N ASN A 78 -4.42 -5.39 1.60
CA ASN A 78 -5.84 -5.69 1.61
C ASN A 78 -6.10 -7.16 1.83
N ALA A 79 -5.23 -7.98 1.26
CA ALA A 79 -5.34 -9.44 1.39
C ALA A 79 -5.33 -9.84 2.86
N SER A 80 -4.56 -9.09 3.64
CA SER A 80 -4.48 -9.36 5.07
C SER A 80 -5.75 -8.92 5.75
N LEU A 81 -6.22 -7.74 5.37
CA LEU A 81 -7.44 -7.18 5.95
C LEU A 81 -8.64 -8.03 5.56
N THR A 82 -8.76 -8.31 4.26
CA THR A 82 -9.87 -9.11 3.77
C THR A 82 -9.70 -10.58 4.13
N GLY A 83 -8.43 -11.01 4.25
CA GLY A 83 -8.14 -12.39 4.61
C GLY A 83 -8.52 -12.67 6.06
N ALA A 84 -8.20 -11.71 6.94
CA ALA A 84 -8.49 -11.84 8.38
C ALA A 84 -7.39 -12.59 9.13
N SER A 85 -6.89 -13.66 8.52
CA SER A 85 -5.84 -14.46 9.14
C SER A 85 -6.33 -15.08 10.45
N PRO A 86 -7.06 -16.21 10.40
CA PRO A 86 -7.59 -16.86 11.59
C PRO A 86 -6.55 -17.76 12.27
N SER A 87 -5.40 -17.17 12.60
CA SER A 87 -4.33 -17.93 13.26
C SER A 87 -3.18 -16.99 13.65
N ALA A 88 -2.59 -17.27 14.81
CA ALA A 88 -1.48 -16.45 15.28
C ALA A 88 -0.16 -17.20 15.13
N GLY A 89 -0.08 -18.02 14.10
CA GLY A 89 1.14 -18.81 13.85
C GLY A 89 1.41 -19.76 15.01
N GLY A 90 2.61 -19.67 15.57
CA GLY A 90 2.99 -20.52 16.69
C GLY A 90 2.97 -21.99 16.26
N ALA A 91 4.13 -22.49 15.84
CA ALA A 91 4.24 -23.88 15.41
C ALA A 91 4.65 -24.77 16.58
N ALA A 92 3.65 -25.30 17.28
CA ALA A 92 3.92 -26.16 18.44
C ALA A 92 4.70 -25.41 19.50
N ARG A 93 4.74 -25.98 20.71
CA ARG A 93 5.45 -25.34 21.81
C ARG A 93 6.95 -25.28 21.51
N ASP A 94 7.43 -26.26 20.75
CA ASP A 94 8.85 -26.30 20.40
C ASP A 94 9.72 -26.39 21.65
N LYS A 95 10.22 -27.60 21.92
CA LYS A 95 11.06 -27.81 23.10
C LYS A 95 12.34 -27.00 22.99
N MET A 1 -10.77 -4.49 9.61
CA MET A 1 -10.48 -3.16 9.01
C MET A 1 -10.86 -3.18 7.52
N THR A 2 -11.42 -2.07 7.06
CA THR A 2 -11.83 -1.97 5.66
C THR A 2 -10.60 -2.07 4.75
N LEU A 3 -10.82 -2.57 3.55
CA LEU A 3 -9.73 -2.71 2.59
C LEU A 3 -9.24 -1.33 2.15
N LEU A 4 -8.35 -1.28 1.15
CA LEU A 4 -7.85 0.01 0.68
C LEU A 4 -7.94 0.11 -0.84
N THR A 5 -7.24 1.08 -1.41
CA THR A 5 -7.27 1.27 -2.85
C THR A 5 -6.00 1.95 -3.36
N LEU A 6 -5.96 2.18 -4.66
CA LEU A 6 -4.81 2.83 -5.29
C LEU A 6 -4.68 4.27 -4.81
N SER A 7 -5.78 5.00 -4.91
CA SER A 7 -5.81 6.40 -4.48
C SER A 7 -5.26 6.56 -3.06
N ASP A 8 -5.48 5.52 -2.26
CA ASP A 8 -5.00 5.53 -0.88
C ASP A 8 -3.48 5.43 -0.85
N LEU A 9 -2.95 4.41 -1.54
CA LEU A 9 -1.50 4.20 -1.58
C LEU A 9 -0.79 5.42 -2.17
N LEU A 10 -1.36 5.95 -3.26
CA LEU A 10 -0.76 7.11 -3.92
C LEU A 10 -0.60 8.28 -2.93
N THR A 11 -1.65 8.52 -2.17
CA THR A 11 -1.65 9.58 -1.17
C THR A 11 -0.50 9.39 -0.18
N LEU A 12 -0.42 8.19 0.39
CA LEU A 12 0.64 7.89 1.35
C LEU A 12 2.00 8.09 0.72
N LEU A 13 2.17 7.52 -0.47
CA LEU A 13 3.43 7.67 -1.20
C LEU A 13 3.64 9.14 -1.54
N ARG A 14 2.54 9.85 -1.75
CA ARG A 14 2.59 11.27 -2.05
C ARG A 14 3.08 12.03 -0.82
N GLU A 15 2.55 11.64 0.35
CA GLU A 15 2.94 12.28 1.60
C GLU A 15 4.44 12.10 1.82
N CYS A 16 4.89 10.86 1.69
CA CYS A 16 6.30 10.54 1.87
C CYS A 16 7.10 11.20 0.74
N ALA A 17 6.53 11.14 -0.46
CA ALA A 17 7.16 11.72 -1.65
C ALA A 17 7.44 13.20 -1.44
N GLY A 18 6.54 13.87 -0.73
CA GLY A 18 6.69 15.29 -0.46
C GLY A 18 5.56 16.10 -1.10
N GLU A 19 4.37 15.46 -1.21
CA GLU A 19 3.19 16.12 -1.80
C GLU A 19 3.25 16.09 -3.33
N GLU A 20 2.37 16.88 -3.95
CA GLU A 20 2.26 16.98 -5.42
C GLU A 20 1.32 15.92 -5.99
N GLU A 21 0.06 15.98 -5.55
CA GLU A 21 -0.96 15.04 -6.03
C GLU A 21 -0.56 13.59 -5.76
N SER A 22 -1.54 12.69 -5.87
CA SER A 22 -1.32 11.25 -5.65
C SER A 22 -0.13 10.76 -6.48
N ILE A 23 -0.39 10.45 -7.75
CA ILE A 23 0.66 9.96 -8.64
C ILE A 23 0.80 10.87 -9.86
N ASP A 24 0.62 12.16 -9.65
CA ASP A 24 0.73 13.14 -10.74
C ASP A 24 2.17 13.24 -11.22
N LEU A 25 3.11 13.06 -10.29
CA LEU A 25 4.52 13.13 -10.63
C LEU A 25 4.88 12.06 -11.65
N GLY A 26 4.21 10.92 -11.56
CA GLY A 26 4.45 9.82 -12.48
C GLY A 26 3.48 9.85 -13.65
N GLY A 27 2.20 10.05 -13.33
CA GLY A 27 1.16 10.11 -14.36
C GLY A 27 0.49 8.76 -14.53
N ASP A 28 1.30 7.69 -14.52
CA ASP A 28 0.76 6.35 -14.68
C ASP A 28 1.86 5.32 -14.43
N VAL A 29 1.87 4.76 -13.21
CA VAL A 29 2.86 3.76 -12.85
C VAL A 29 2.26 2.74 -11.89
N GLU A 30 0.98 2.44 -12.09
CA GLU A 30 0.29 1.47 -11.25
C GLU A 30 0.88 0.08 -11.42
N ASP A 31 1.44 -0.19 -12.61
CA ASP A 31 2.03 -1.48 -12.90
C ASP A 31 3.51 -1.33 -13.23
N VAL A 32 4.13 -0.26 -12.70
CA VAL A 32 5.55 -0.02 -12.93
C VAL A 32 6.30 -0.12 -11.61
N ALA A 33 7.50 -0.68 -11.65
CA ALA A 33 8.29 -0.84 -10.43
C ALA A 33 8.53 0.52 -9.76
N PHE A 34 8.61 0.49 -8.43
CA PHE A 34 8.83 1.72 -7.65
C PHE A 34 10.09 2.44 -8.13
N ASP A 35 11.13 1.67 -8.42
CA ASP A 35 12.38 2.24 -8.89
C ASP A 35 12.23 2.77 -10.33
N ALA A 36 11.22 2.27 -11.04
CA ALA A 36 10.99 2.69 -12.41
C ALA A 36 10.21 4.00 -12.49
N LEU A 37 9.45 4.31 -11.44
CA LEU A 37 8.66 5.55 -11.44
C LEU A 37 9.43 6.68 -10.76
N GLY A 38 10.33 6.32 -9.84
CA GLY A 38 11.12 7.35 -9.14
C GLY A 38 11.27 7.06 -7.64
N TYR A 39 10.58 6.04 -7.14
CA TYR A 39 10.68 5.72 -5.71
C TYR A 39 11.93 4.89 -5.44
N ASP A 40 12.49 5.04 -4.25
CA ASP A 40 13.69 4.31 -3.88
C ASP A 40 13.35 3.08 -3.04
N SER A 41 13.04 3.33 -1.78
CA SER A 41 12.70 2.25 -0.85
C SER A 41 12.44 2.85 0.52
N LEU A 42 13.37 3.70 0.92
CA LEU A 42 13.29 4.38 2.22
C LEU A 42 11.93 5.09 2.37
N ALA A 43 11.49 5.71 1.28
CA ALA A 43 10.19 6.41 1.30
C ALA A 43 9.07 5.40 1.40
N LEU A 44 9.18 4.33 0.62
CA LEU A 44 8.17 3.28 0.63
C LEU A 44 8.11 2.64 2.02
N LEU A 45 9.28 2.45 2.60
CA LEU A 45 9.38 1.87 3.94
C LEU A 45 8.53 2.69 4.92
N ASN A 46 8.62 4.00 4.79
CA ASN A 46 7.85 4.90 5.64
C ASN A 46 6.37 4.81 5.29
N THR A 47 6.08 4.88 3.98
CA THR A 47 4.70 4.79 3.51
C THR A 47 4.03 3.51 4.01
N VAL A 48 4.74 2.40 3.85
CA VAL A 48 4.21 1.10 4.30
C VAL A 48 3.93 1.14 5.80
N GLY A 49 4.80 1.85 6.52
CA GLY A 49 4.64 1.97 7.97
C GLY A 49 3.33 2.70 8.27
N ARG A 50 2.98 3.65 7.41
CA ARG A 50 1.76 4.41 7.58
C ARG A 50 0.53 3.55 7.35
N ILE A 51 0.65 2.59 6.43
CA ILE A 51 -0.47 1.71 6.14
C ILE A 51 -0.68 0.74 7.30
N GLU A 52 0.39 0.07 7.70
CA GLU A 52 0.31 -0.88 8.80
C GLU A 52 -0.18 -0.19 10.08
N ARG A 53 0.02 1.13 10.16
CA ARG A 53 -0.41 1.87 11.34
C ARG A 53 -1.79 2.47 11.12
N ASP A 54 -2.03 2.98 9.91
CA ASP A 54 -3.30 3.59 9.59
C ASP A 54 -4.39 2.52 9.42
N TYR A 55 -4.02 1.41 8.78
CA TYR A 55 -4.96 0.33 8.56
C TYR A 55 -4.87 -0.69 9.70
N GLY A 56 -3.72 -0.72 10.37
CA GLY A 56 -3.52 -1.64 11.49
C GLY A 56 -3.46 -3.09 11.01
N VAL A 57 -2.74 -3.31 9.92
CA VAL A 57 -2.62 -4.66 9.37
C VAL A 57 -1.19 -4.98 8.97
N GLN A 58 -0.86 -6.27 8.96
CA GLN A 58 0.48 -6.73 8.59
C GLN A 58 0.57 -8.24 8.73
N LEU A 59 0.69 -8.94 7.60
CA LEU A 59 0.80 -10.40 7.63
C LEU A 59 1.94 -10.91 6.74
N GLY A 60 2.72 -9.99 6.17
CA GLY A 60 3.82 -10.39 5.32
C GLY A 60 5.00 -9.44 5.48
N ASP A 61 5.98 -9.85 6.29
CA ASP A 61 7.16 -9.03 6.51
C ASP A 61 7.91 -8.81 5.21
N ASP A 62 8.12 -9.90 4.48
CA ASP A 62 8.81 -9.83 3.21
C ASP A 62 7.88 -9.33 2.09
N ALA A 63 6.61 -9.10 2.42
CA ALA A 63 5.64 -8.62 1.44
C ALA A 63 6.15 -7.32 0.82
N VAL A 64 6.85 -6.54 1.63
CA VAL A 64 7.41 -5.27 1.16
C VAL A 64 8.51 -5.55 0.13
N GLU A 65 9.18 -6.70 0.28
CA GLU A 65 10.25 -7.07 -0.65
C GLU A 65 9.68 -7.36 -2.03
N LYS A 66 8.75 -8.31 -2.09
CA LYS A 66 8.12 -8.67 -3.37
C LYS A 66 7.40 -7.46 -3.97
N ALA A 67 6.85 -6.62 -3.10
CA ALA A 67 6.14 -5.43 -3.54
C ALA A 67 7.04 -4.55 -4.42
N THR A 68 6.87 -4.67 -5.73
CA THR A 68 7.66 -3.88 -6.66
C THR A 68 6.81 -2.76 -7.26
N THR A 69 5.52 -3.04 -7.40
CA THR A 69 4.57 -2.08 -7.94
C THR A 69 3.61 -1.63 -6.84
N PRO A 70 2.80 -0.58 -7.06
CA PRO A 70 1.85 -0.12 -6.05
C PRO A 70 0.73 -1.12 -5.85
N ARG A 71 0.29 -1.70 -6.96
CA ARG A 71 -0.76 -2.72 -6.91
C ARG A 71 -0.32 -3.90 -6.04
N ALA A 72 0.99 -4.08 -5.90
CA ALA A 72 1.53 -5.17 -5.08
C ALA A 72 1.24 -4.90 -3.61
N LEU A 73 1.68 -3.74 -3.14
CA LEU A 73 1.46 -3.35 -1.75
C LEU A 73 -0.03 -3.39 -1.41
N ILE A 74 -0.83 -2.79 -2.30
CA ILE A 74 -2.28 -2.75 -2.09
C ILE A 74 -2.82 -4.18 -2.01
N GLU A 75 -2.23 -5.07 -2.80
CA GLU A 75 -2.65 -6.47 -2.80
C GLU A 75 -2.37 -7.12 -1.46
N MET A 76 -1.12 -7.06 -1.04
CA MET A 76 -0.71 -7.65 0.23
C MET A 76 -1.45 -6.97 1.39
N THR A 77 -1.64 -5.66 1.27
CA THR A 77 -2.33 -4.92 2.32
C THR A 77 -3.81 -5.26 2.31
N ASN A 78 -4.38 -5.40 1.11
CA ASN A 78 -5.79 -5.75 1.01
C ASN A 78 -5.99 -7.18 1.50
N ALA A 79 -4.98 -8.01 1.29
CA ALA A 79 -5.02 -9.41 1.73
C ALA A 79 -5.13 -9.45 3.25
N SER A 80 -4.43 -8.52 3.91
CA SER A 80 -4.45 -8.42 5.34
C SER A 80 -5.78 -7.82 5.80
N LEU A 81 -6.21 -6.80 5.06
CA LEU A 81 -7.47 -6.13 5.34
C LEU A 81 -8.64 -7.10 5.25
N THR A 82 -8.67 -7.84 4.13
CA THR A 82 -9.73 -8.81 3.91
C THR A 82 -9.55 -10.04 4.81
N GLY A 83 -8.28 -10.35 5.10
CA GLY A 83 -7.97 -11.50 5.95
C GLY A 83 -8.60 -11.33 7.33
N ALA A 84 -8.72 -10.07 7.76
CA ALA A 84 -9.30 -9.78 9.08
C ALA A 84 -8.45 -10.42 10.18
N SER A 85 -7.20 -9.96 10.28
CA SER A 85 -6.29 -10.49 11.30
C SER A 85 -5.80 -9.34 12.20
N PRO A 86 -6.63 -8.89 13.16
CA PRO A 86 -6.24 -7.80 14.08
C PRO A 86 -5.40 -8.29 15.25
N SER A 87 -5.13 -7.39 16.19
CA SER A 87 -4.33 -7.73 17.35
C SER A 87 -4.92 -7.09 18.61
N ALA A 88 -5.07 -5.77 18.58
CA ALA A 88 -5.62 -5.05 19.72
C ALA A 88 -5.72 -3.56 19.40
N GLY A 89 -4.65 -3.01 18.84
CA GLY A 89 -4.61 -1.59 18.49
C GLY A 89 -5.59 -1.30 17.36
N GLY A 90 -5.69 -0.02 17.01
CA GLY A 90 -6.59 0.40 15.93
C GLY A 90 -8.05 0.28 16.37
N ALA A 91 -8.76 1.40 16.36
CA ALA A 91 -10.16 1.41 16.75
C ALA A 91 -10.97 2.30 15.81
N ALA A 92 -10.77 3.61 15.93
CA ALA A 92 -11.47 4.56 15.09
C ALA A 92 -10.75 5.90 15.08
N ARG A 93 -11.27 6.84 14.28
CA ARG A 93 -10.67 8.16 14.18
C ARG A 93 -11.53 9.07 13.31
N ASP A 94 -12.02 10.15 13.90
CA ASP A 94 -12.85 11.09 13.17
C ASP A 94 -12.07 12.36 12.85
N LYS A 95 -11.58 13.02 13.89
CA LYS A 95 -10.81 14.25 13.71
C LYS A 95 -9.42 14.10 14.34
#